data_7F0G
#
_entry.id   7F0G
#
_cell.length_a   52.080
_cell.length_b   117.860
_cell.length_c   136.470
_cell.angle_alpha   111.339
_cell.angle_beta   90.617
_cell.angle_gamma   91.592
#
_symmetry.space_group_name_H-M   'P 1'
#
loop_
_entity.id
_entity.type
_entity.pdbx_description
1 polymer EnPKS1
2 non-polymer 'SULFATE ION'
3 water water
#
_entity_poly.entity_id   1
_entity_poly.type   'polypeptide(L)'
_entity_poly.pdbx_seq_one_letter_code
;MNGTVKKMNGARRPHGLASILAIGTANPSNCFNQDEFPDYSFRVTKSEHLTSLKDKFKRICERSTVRKRYLHLTEELLQE
YPSIATYDAPSLDARQEIEVAEVPKLAARAASRAIEEWGQPKNKITHLIFSSTSGIEKPGVDCHLVHLLGLPLSVNRVML
YTIGCHAGGTVLRIAKDLAENNVGSRVLVVCSELTVMTFRGPSETDLANLIRMGIFGDGAAALIIGADPDLSIEKPIFEI
FSASQTLVPNTSKAIRGRVKEMGLTFYVDKMVPTLVASNIEQCLDKAFSPLGINDWNSIFWIPHPGGPAILAEIEAKLEL
KPGKLRATRHVLSEYGNMSGATVLFILDEMRRRSKKEGKGTTGDGLEWGVLMGFGPGVTVETIVLRAISVVTE
;
_entity_poly.pdbx_strand_id   A,B,C,D,E,F,G,H
#
loop_
_chem_comp.id
_chem_comp.type
_chem_comp.name
_chem_comp.formula
SO4 non-polymer 'SULFATE ION' 'O4 S -2'
#
# COMPACT_ATOMS: atom_id res chain seq x y z
N GLY A 16 -38.71 28.90 9.00
CA GLY A 16 -37.63 29.76 9.46
C GLY A 16 -36.36 29.44 8.72
N LEU A 17 -35.25 29.74 9.37
CA LEU A 17 -33.96 29.60 8.69
C LEU A 17 -33.37 28.21 8.82
N ALA A 18 -32.71 27.75 7.78
CA ALA A 18 -31.96 26.47 7.75
C ALA A 18 -30.96 26.48 8.90
N SER A 19 -31.04 25.47 9.76
CA SER A 19 -30.26 25.41 11.02
C SER A 19 -29.37 24.16 11.03
N ILE A 20 -28.11 24.32 11.41
CA ILE A 20 -27.18 23.19 11.72
C ILE A 20 -27.65 22.55 13.03
N LEU A 21 -28.06 21.28 12.99
CA LEU A 21 -28.69 20.57 14.13
C LEU A 21 -27.69 19.62 14.80
N ALA A 22 -26.58 19.31 14.13
CA ALA A 22 -25.57 18.35 14.59
C ALA A 22 -24.31 18.47 13.74
N ILE A 23 -23.13 18.25 14.33
CA ILE A 23 -21.82 18.29 13.61
C ILE A 23 -20.99 17.10 14.07
N GLY A 24 -20.57 16.27 13.13
CA GLY A 24 -19.65 15.17 13.37
C GLY A 24 -18.40 15.34 12.55
N THR A 25 -17.28 14.83 13.02
CA THR A 25 -15.98 14.88 12.32
C THR A 25 -15.28 13.53 12.45
N ALA A 26 -14.37 13.25 11.55
CA ALA A 26 -13.55 12.03 11.53
C ALA A 26 -12.26 12.33 10.78
N ASN A 27 -11.18 11.65 11.16
CA ASN A 27 -9.87 11.76 10.49
C ASN A 27 -9.30 10.36 10.32
N PRO A 28 -8.41 10.14 9.33
CA PRO A 28 -7.62 8.92 9.28
C PRO A 28 -6.96 8.64 10.64
N SER A 29 -6.79 7.37 10.99
CA SER A 29 -6.29 6.96 12.32
C SER A 29 -4.80 7.25 12.48
N ASN A 30 -4.05 7.40 11.38
CA ASN A 30 -2.58 7.67 11.43
C ASN A 30 -2.32 9.17 11.63
N CYS A 31 -1.59 9.50 12.69
CA CYS A 31 -1.28 10.88 13.14
C CYS A 31 0.19 11.18 12.89
N PHE A 32 0.48 12.32 12.25
CA PHE A 32 1.86 12.75 11.91
C PHE A 32 2.16 14.07 12.62
N ASN A 33 3.09 14.01 13.59
CA ASN A 33 3.67 15.21 14.26
C ASN A 33 4.49 16.01 13.24
N GLN A 34 4.28 17.31 13.20
CA GLN A 34 4.97 18.23 12.24
C GLN A 34 6.48 18.21 12.49
N ASP A 35 6.90 18.10 13.74
CA ASP A 35 8.33 18.05 14.16
C ASP A 35 9.06 16.96 13.36
N GLU A 36 8.43 15.81 13.17
CA GLU A 36 9.03 14.58 12.59
C GLU A 36 8.67 14.45 11.11
N PHE A 37 7.85 15.35 10.55
CA PHE A 37 7.26 15.18 9.20
C PHE A 37 8.30 15.39 8.11
N PRO A 38 9.18 16.41 8.18
CA PRO A 38 10.25 16.55 7.19
C PRO A 38 11.11 15.29 7.04
N ASP A 39 11.52 14.66 8.16
CA ASP A 39 12.30 13.40 8.14
C ASP A 39 11.47 12.29 7.47
N TYR A 40 10.21 12.13 7.89
CA TYR A 40 9.28 11.08 7.40
C TYR A 40 9.02 11.24 5.89
N SER A 41 8.57 12.43 5.47
CA SER A 41 8.14 12.70 4.08
C SER A 41 9.33 12.55 3.12
N PHE A 42 10.51 13.05 3.49
CA PHE A 42 11.70 12.99 2.62
C PHE A 42 12.25 11.56 2.57
N ARG A 43 11.95 10.72 3.56
CA ARG A 43 12.41 9.30 3.57
C ARG A 43 11.54 8.45 2.65
N VAL A 44 10.21 8.56 2.78
CA VAL A 44 9.24 7.70 2.02
C VAL A 44 9.18 8.15 0.56
N THR A 45 9.60 9.37 0.23
CA THR A 45 9.71 9.86 -1.18
C THR A 45 11.16 9.72 -1.67
N LYS A 46 12.02 9.01 -0.92
CA LYS A 46 13.40 8.67 -1.35
C LYS A 46 14.15 9.95 -1.77
N SER A 47 14.10 10.99 -0.95
CA SER A 47 14.59 12.36 -1.23
C SER A 47 15.52 12.87 -0.11
N GLU A 48 16.05 11.99 0.75
CA GLU A 48 16.80 12.42 1.96
C GLU A 48 18.13 13.06 1.54
N HIS A 49 18.60 12.81 0.33
CA HIS A 49 19.87 13.37 -0.21
C HIS A 49 19.68 14.84 -0.65
N LEU A 50 18.43 15.32 -0.74
CA LEU A 50 18.13 16.72 -1.14
C LEU A 50 18.09 17.58 0.12
N THR A 51 19.25 17.70 0.78
CA THR A 51 19.40 18.30 2.14
C THR A 51 19.03 19.77 2.08
N SER A 52 19.42 20.49 1.03
CA SER A 52 19.03 21.92 0.81
C SER A 52 17.50 22.06 0.77
N LEU A 53 16.82 21.20 0.00
CA LEU A 53 15.33 21.22 -0.19
C LEU A 53 14.66 20.79 1.12
N LYS A 54 15.22 19.81 1.82
CA LYS A 54 14.66 19.31 3.10
C LYS A 54 14.71 20.43 4.16
N ASP A 55 15.78 21.22 4.16
CA ASP A 55 15.96 22.39 5.06
C ASP A 55 14.88 23.41 4.76
N LYS A 56 14.64 23.71 3.49
CA LYS A 56 13.57 24.65 3.03
C LYS A 56 12.21 24.14 3.56
N PHE A 57 11.98 22.84 3.61
CA PHE A 57 10.67 22.28 4.02
C PHE A 57 10.52 22.30 5.53
N LYS A 58 11.58 22.05 6.27
CA LYS A 58 11.54 22.16 7.75
C LYS A 58 11.11 23.59 8.07
N ARG A 59 11.73 24.57 7.45
CA ARG A 59 11.41 26.00 7.68
C ARG A 59 9.93 26.22 7.37
N ILE A 60 9.44 25.68 6.25
CA ILE A 60 7.99 25.76 5.86
C ILE A 60 7.15 25.17 6.99
N CYS A 61 7.55 24.00 7.51
CA CYS A 61 6.83 23.28 8.59
C CYS A 61 6.87 24.09 9.89
N GLU A 62 7.98 24.73 10.21
CA GLU A 62 8.09 25.54 11.46
C GLU A 62 7.17 26.77 11.39
N ARG A 63 7.02 27.37 10.22
CA ARG A 63 6.20 28.59 10.07
C ARG A 63 4.73 28.22 9.82
N SER A 64 4.40 26.94 9.61
CA SER A 64 3.04 26.48 9.22
C SER A 64 2.04 26.73 10.36
N THR A 65 2.50 26.71 11.61
CA THR A 65 1.68 26.69 12.86
C THR A 65 0.87 25.39 12.94
N VAL A 66 1.19 24.40 12.11
CA VAL A 66 0.57 23.05 12.14
C VAL A 66 1.42 22.16 13.04
N ARG A 67 0.82 21.56 14.07
CA ARG A 67 1.50 20.71 15.07
C ARG A 67 1.29 19.23 14.70
N LYS A 68 0.06 18.85 14.36
CA LYS A 68 -0.28 17.48 13.90
C LYS A 68 -1.18 17.54 12.66
N ARG A 69 -1.14 16.48 11.87
CA ARG A 69 -2.14 16.20 10.82
C ARG A 69 -2.46 14.70 10.86
N TYR A 70 -3.65 14.35 10.39
CA TYR A 70 -4.06 12.94 10.14
C TYR A 70 -4.01 12.73 8.63
N LEU A 71 -3.28 11.71 8.20
CA LEU A 71 -3.11 11.37 6.77
C LEU A 71 -3.46 9.90 6.57
N HIS A 72 -4.22 9.59 5.53
CA HIS A 72 -4.49 8.20 5.09
C HIS A 72 -3.22 7.60 4.48
N LEU A 73 -2.45 8.39 3.71
CA LEU A 73 -1.18 7.93 3.09
C LEU A 73 -0.17 7.59 4.18
N THR A 74 0.13 6.30 4.33
CA THR A 74 1.20 5.76 5.18
C THR A 74 2.37 5.31 4.28
N GLU A 75 3.52 5.05 4.86
CA GLU A 75 4.68 4.42 4.19
C GLU A 75 4.27 3.12 3.52
N GLU A 76 3.36 2.36 4.14
CA GLU A 76 2.89 1.03 3.63
C GLU A 76 2.19 1.21 2.29
N LEU A 77 1.26 2.17 2.21
CA LEU A 77 0.50 2.46 0.96
C LEU A 77 1.47 2.93 -0.14
N LEU A 78 2.48 3.74 0.20
CA LEU A 78 3.46 4.27 -0.78
C LEU A 78 4.31 3.11 -1.32
N GLN A 79 4.58 2.10 -0.49
CA GLN A 79 5.34 0.89 -0.89
C GLN A 79 4.48 0.04 -1.83
N GLU A 80 3.16 0.02 -1.62
CA GLU A 80 2.20 -0.74 -2.45
C GLU A 80 1.90 0.05 -3.74
N TYR A 81 2.01 1.37 -3.71
CA TYR A 81 1.73 2.27 -4.86
C TYR A 81 2.88 3.25 -5.04
N PRO A 82 4.10 2.77 -5.42
CA PRO A 82 5.29 3.60 -5.42
C PRO A 82 5.21 4.79 -6.39
N SER A 83 4.31 4.76 -7.36
CA SER A 83 4.07 5.87 -8.32
C SER A 83 3.65 7.14 -7.56
N ILE A 84 2.90 7.01 -6.46
CA ILE A 84 2.39 8.16 -5.66
C ILE A 84 3.57 8.87 -4.97
N ALA A 85 4.64 8.15 -4.65
CA ALA A 85 5.83 8.65 -3.90
C ALA A 85 6.76 9.45 -4.83
N THR A 86 6.50 9.41 -6.12
CA THR A 86 7.26 10.17 -7.12
C THR A 86 6.60 11.52 -7.34
N TYR A 87 7.10 12.30 -8.30
CA TYR A 87 6.43 13.59 -8.61
C TYR A 87 5.54 13.48 -9.85
N ASP A 88 6.07 12.96 -10.95
CA ASP A 88 5.32 13.05 -12.23
C ASP A 88 4.98 11.66 -12.77
N ALA A 89 5.27 10.59 -12.04
CA ALA A 89 4.96 9.29 -12.70
C ALA A 89 3.45 9.06 -12.75
N PRO A 90 2.93 8.34 -13.78
CA PRO A 90 1.50 8.05 -13.85
C PRO A 90 1.04 7.39 -12.55
N SER A 91 0.07 7.98 -11.85
CA SER A 91 -0.34 7.56 -10.49
C SER A 91 -1.85 7.69 -10.26
N LEU A 92 -2.61 8.24 -11.21
CA LEU A 92 -4.04 8.57 -10.98
C LEU A 92 -4.81 7.28 -10.67
N ASP A 93 -4.55 6.19 -11.40
CA ASP A 93 -5.29 4.91 -11.22
C ASP A 93 -5.12 4.43 -9.77
N ALA A 94 -3.89 4.43 -9.27
CA ALA A 94 -3.54 4.06 -7.87
C ALA A 94 -4.31 4.97 -6.90
N ARG A 95 -4.19 6.29 -7.05
CA ARG A 95 -4.86 7.28 -6.17
C ARG A 95 -6.36 7.03 -6.17
N GLN A 96 -6.96 6.88 -7.35
CA GLN A 96 -8.42 6.64 -7.53
C GLN A 96 -8.83 5.34 -6.80
N GLU A 97 -8.03 4.28 -6.93
CA GLU A 97 -8.30 2.96 -6.31
C GLU A 97 -8.39 3.15 -4.79
N ILE A 98 -7.53 3.98 -4.21
CA ILE A 98 -7.51 4.25 -2.74
C ILE A 98 -8.72 5.09 -2.35
N GLU A 99 -9.02 6.14 -3.10
CA GLU A 99 -9.91 7.24 -2.64
C GLU A 99 -11.38 6.91 -2.86
N VAL A 100 -11.73 6.19 -3.93
CA VAL A 100 -13.15 5.79 -4.18
C VAL A 100 -13.62 4.88 -3.04
N ALA A 101 -12.70 4.14 -2.42
CA ALA A 101 -12.96 3.31 -1.21
C ALA A 101 -12.98 4.20 0.04
N GLU A 102 -11.97 5.06 0.21
CA GLU A 102 -11.66 5.67 1.53
C GLU A 102 -12.48 6.95 1.75
N VAL A 103 -12.72 7.75 0.72
CA VAL A 103 -13.49 9.03 0.86
C VAL A 103 -14.86 8.72 1.44
N PRO A 104 -15.62 7.72 0.93
CA PRO A 104 -16.93 7.39 1.51
C PRO A 104 -16.83 6.85 2.94
N LYS A 105 -15.78 6.07 3.24
CA LYS A 105 -15.62 5.41 4.56
C LYS A 105 -15.39 6.48 5.63
N LEU A 106 -14.52 7.44 5.36
CA LEU A 106 -14.24 8.55 6.30
C LEU A 106 -15.49 9.41 6.41
N ALA A 107 -16.18 9.67 5.30
CA ALA A 107 -17.45 10.42 5.24
C ALA A 107 -18.48 9.72 6.15
N ALA A 108 -18.53 8.39 6.11
CA ALA A 108 -19.50 7.58 6.88
C ALA A 108 -19.23 7.73 8.37
N ARG A 109 -17.96 7.76 8.76
CA ARG A 109 -17.54 7.89 10.19
C ARG A 109 -18.03 9.25 10.71
N ALA A 110 -17.80 10.32 9.96
CA ALA A 110 -18.23 11.70 10.31
C ALA A 110 -19.75 11.78 10.31
N ALA A 111 -20.42 11.20 9.31
CA ALA A 111 -21.90 11.25 9.21
C ALA A 111 -22.52 10.48 10.38
N SER A 112 -21.94 9.34 10.78
CA SER A 112 -22.40 8.52 11.93
C SER A 112 -22.37 9.36 13.21
N ARG A 113 -21.29 10.09 13.46
CA ARG A 113 -21.16 10.97 14.65
C ARG A 113 -22.22 12.06 14.61
N ALA A 114 -22.44 12.66 13.43
CA ALA A 114 -23.45 13.73 13.22
C ALA A 114 -24.85 13.16 13.48
N ILE A 115 -25.15 11.99 12.93
CA ILE A 115 -26.49 11.35 13.06
C ILE A 115 -26.73 10.94 14.52
N GLU A 116 -25.70 10.49 15.24
CA GLU A 116 -25.81 10.07 16.67
C GLU A 116 -26.13 11.30 17.52
N GLU A 117 -25.41 12.41 17.33
CA GLU A 117 -25.67 13.68 18.05
C GLU A 117 -27.10 14.15 17.74
N TRP A 118 -27.47 14.17 16.46
CA TRP A 118 -28.82 14.54 15.98
C TRP A 118 -29.88 13.72 16.76
N GLY A 119 -29.66 12.41 16.85
CA GLY A 119 -30.45 11.49 17.68
C GLY A 119 -31.66 10.92 16.94
N GLN A 120 -31.91 11.34 15.70
CA GLN A 120 -33.10 10.93 14.92
C GLN A 120 -32.76 9.76 13.99
N PRO A 121 -33.78 9.00 13.52
CA PRO A 121 -33.54 7.89 12.60
C PRO A 121 -33.13 8.35 11.19
N LYS A 122 -32.32 7.55 10.51
CA LYS A 122 -31.81 7.90 9.16
C LYS A 122 -32.94 7.99 8.12
N ASN A 123 -34.12 7.45 8.42
CA ASN A 123 -35.31 7.52 7.53
C ASN A 123 -35.71 8.97 7.30
N LYS A 124 -35.36 9.85 8.23
CA LYS A 124 -35.76 11.26 8.17
C LYS A 124 -34.74 12.10 7.40
N ILE A 125 -33.63 11.52 6.99
CA ILE A 125 -32.67 12.22 6.08
C ILE A 125 -33.24 12.15 4.66
N THR A 126 -33.50 13.30 4.05
CA THR A 126 -34.18 13.44 2.74
C THR A 126 -33.21 13.90 1.65
N HIS A 127 -32.12 14.61 2.02
CA HIS A 127 -31.12 15.16 1.08
C HIS A 127 -29.71 14.81 1.57
N LEU A 128 -28.79 14.61 0.63
CA LEU A 128 -27.34 14.41 0.89
C LEU A 128 -26.56 15.34 -0.04
N ILE A 129 -25.82 16.28 0.55
CA ILE A 129 -24.79 17.08 -0.17
C ILE A 129 -23.42 16.52 0.22
N PHE A 130 -22.67 16.05 -0.76
CA PHE A 130 -21.34 15.43 -0.56
C PHE A 130 -20.33 16.19 -1.43
N SER A 131 -19.37 16.83 -0.78
CA SER A 131 -18.21 17.50 -1.41
C SER A 131 -16.96 16.65 -1.19
N SER A 132 -16.27 16.27 -2.27
CA SER A 132 -14.95 15.59 -2.23
C SER A 132 -14.06 16.11 -3.36
N THR A 133 -12.79 16.35 -3.05
CA THR A 133 -11.74 16.59 -4.08
C THR A 133 -11.54 15.30 -4.90
N SER A 134 -11.56 14.15 -4.21
CA SER A 134 -10.98 12.84 -4.63
C SER A 134 -12.08 11.85 -5.03
N GLY A 135 -11.67 10.72 -5.61
CA GLY A 135 -12.52 9.55 -5.90
C GLY A 135 -13.58 9.87 -6.96
N ILE A 136 -13.19 10.49 -8.09
CA ILE A 136 -14.14 10.83 -9.18
C ILE A 136 -14.49 9.53 -9.91
N GLU A 137 -15.75 9.12 -9.81
CA GLU A 137 -16.20 7.78 -10.26
C GLU A 137 -17.72 7.81 -10.45
N LYS A 138 -18.24 6.90 -11.26
CA LYS A 138 -19.69 6.67 -11.48
C LYS A 138 -19.98 5.22 -11.14
N PRO A 139 -20.96 4.93 -10.24
CA PRO A 139 -21.63 5.96 -9.45
C PRO A 139 -20.66 6.60 -8.45
N GLY A 140 -21.01 7.79 -7.96
CA GLY A 140 -20.12 8.65 -7.15
C GLY A 140 -20.04 8.19 -5.70
N VAL A 141 -19.12 8.80 -4.95
CA VAL A 141 -18.92 8.53 -3.49
C VAL A 141 -20.19 8.87 -2.72
N ASP A 142 -21.05 9.74 -3.25
CA ASP A 142 -22.40 10.02 -2.66
C ASP A 142 -23.22 8.72 -2.62
N CYS A 143 -23.25 7.94 -3.69
CA CYS A 143 -23.97 6.64 -3.75
C CYS A 143 -23.30 5.64 -2.81
N HIS A 144 -21.96 5.58 -2.81
CA HIS A 144 -21.18 4.68 -1.92
C HIS A 144 -21.58 4.98 -0.47
N LEU A 145 -21.68 6.27 -0.12
CA LEU A 145 -22.03 6.70 1.25
C LEU A 145 -23.44 6.24 1.60
N VAL A 146 -24.39 6.34 0.65
CA VAL A 146 -25.80 5.91 0.90
C VAL A 146 -25.79 4.45 1.34
N HIS A 147 -25.03 3.60 0.66
CA HIS A 147 -25.01 2.14 0.94
C HIS A 147 -24.24 1.87 2.24
N LEU A 148 -23.16 2.61 2.51
CA LEU A 148 -22.35 2.43 3.76
C LEU A 148 -23.18 2.80 4.99
N LEU A 149 -23.96 3.89 4.93
CA LEU A 149 -24.74 4.40 6.09
C LEU A 149 -26.10 3.72 6.16
N GLY A 150 -26.54 3.06 5.09
CA GLY A 150 -27.92 2.58 4.94
C GLY A 150 -28.91 3.73 4.97
N LEU A 151 -28.61 4.81 4.24
CA LEU A 151 -29.53 5.95 4.02
C LEU A 151 -30.67 5.49 3.11
N PRO A 152 -31.84 6.15 3.14
CA PRO A 152 -32.92 5.81 2.23
C PRO A 152 -32.43 5.95 0.78
N LEU A 153 -32.86 5.04 -0.09
CA LEU A 153 -32.54 5.03 -1.53
C LEU A 153 -33.17 6.25 -2.22
N SER A 154 -34.17 6.88 -1.59
CA SER A 154 -34.92 8.05 -2.13
C SER A 154 -34.24 9.37 -1.75
N VAL A 155 -33.08 9.33 -1.09
CA VAL A 155 -32.36 10.56 -0.66
C VAL A 155 -31.95 11.33 -1.92
N ASN A 156 -32.24 12.64 -1.96
CA ASN A 156 -31.88 13.58 -3.04
C ASN A 156 -30.41 13.97 -2.89
N ARG A 157 -29.58 13.60 -3.86
CA ARG A 157 -28.11 13.72 -3.75
C ARG A 157 -27.61 14.90 -4.59
N VAL A 158 -26.67 15.66 -4.03
CA VAL A 158 -25.85 16.66 -4.76
C VAL A 158 -24.39 16.28 -4.55
N MET A 159 -23.72 15.77 -5.59
CA MET A 159 -22.32 15.33 -5.57
C MET A 159 -21.45 16.43 -6.18
N LEU A 160 -20.61 17.05 -5.36
CA LEU A 160 -19.71 18.16 -5.78
C LEU A 160 -18.26 17.65 -5.74
N TYR A 161 -17.72 17.29 -6.90
CA TYR A 161 -16.32 16.86 -7.08
C TYR A 161 -15.45 18.08 -7.39
N THR A 162 -14.34 18.22 -6.64
CA THR A 162 -13.14 19.00 -7.03
C THR A 162 -13.45 20.48 -7.06
N ILE A 163 -13.81 21.08 -5.90
CA ILE A 163 -14.30 22.49 -5.82
C ILE A 163 -13.13 23.48 -5.72
N GLY A 164 -12.22 23.43 -4.71
CA GLY A 164 -12.22 22.58 -3.53
C GLY A 164 -12.20 23.39 -2.23
N CYS A 165 -11.23 24.27 -1.98
CA CYS A 165 -10.96 24.81 -0.60
C CYS A 165 -12.14 25.64 -0.05
N HIS A 166 -12.97 26.25 -0.90
CA HIS A 166 -14.15 27.05 -0.47
C HIS A 166 -15.40 26.17 -0.31
N ALA A 167 -15.30 24.86 -0.54
CA ALA A 167 -16.43 23.92 -0.57
C ALA A 167 -17.23 23.93 0.74
N GLY A 168 -16.58 24.23 1.87
CA GLY A 168 -17.26 24.35 3.16
C GLY A 168 -18.40 25.36 3.08
N GLY A 169 -18.14 26.51 2.47
CA GLY A 169 -19.14 27.57 2.24
C GLY A 169 -20.15 27.15 1.18
N THR A 170 -19.69 26.48 0.13
CA THR A 170 -20.53 26.01 -1.00
C THR A 170 -21.65 25.09 -0.47
N VAL A 171 -21.30 24.08 0.32
CA VAL A 171 -22.28 23.05 0.77
C VAL A 171 -23.29 23.70 1.72
N LEU A 172 -22.87 24.66 2.54
CA LEU A 172 -23.79 25.41 3.43
C LEU A 172 -24.74 26.27 2.60
N ARG A 173 -24.24 26.89 1.52
CA ARG A 173 -25.07 27.74 0.63
C ARG A 173 -26.16 26.87 -0.02
N ILE A 174 -25.80 25.67 -0.48
CA ILE A 174 -26.74 24.76 -1.19
C ILE A 174 -27.70 24.14 -0.16
N ALA A 175 -27.19 23.74 1.00
CA ALA A 175 -27.98 23.12 2.08
C ALA A 175 -29.10 24.08 2.51
N LYS A 176 -28.81 25.39 2.58
CA LYS A 176 -29.78 26.41 3.03
C LYS A 176 -31.02 26.34 2.11
N ASP A 177 -30.84 26.36 0.79
CA ASP A 177 -31.96 26.44 -0.19
C ASP A 177 -32.71 25.10 -0.21
N LEU A 178 -32.00 23.98 -0.11
CA LEU A 178 -32.65 22.63 -0.06
C LEU A 178 -33.50 22.53 1.22
N ALA A 179 -32.92 22.87 2.37
CA ALA A 179 -33.60 22.77 3.68
C ALA A 179 -34.82 23.70 3.72
N GLU A 180 -34.70 24.90 3.17
CA GLU A 180 -35.70 25.99 3.34
C GLU A 180 -36.83 25.85 2.31
N ASN A 181 -36.63 25.10 1.23
CA ASN A 181 -37.65 24.97 0.16
C ASN A 181 -38.46 23.66 0.30
N ASN A 182 -38.06 22.75 1.19
CA ASN A 182 -38.69 21.42 1.34
C ASN A 182 -39.09 21.21 2.80
N VAL A 183 -40.38 21.35 3.12
CA VAL A 183 -40.90 21.25 4.51
C VAL A 183 -40.58 19.86 5.05
N GLY A 184 -40.00 19.79 6.25
CA GLY A 184 -39.66 18.53 6.93
C GLY A 184 -38.34 17.95 6.46
N SER A 185 -37.67 18.59 5.49
CA SER A 185 -36.41 18.08 4.89
C SER A 185 -35.28 18.12 5.94
N ARG A 186 -34.42 17.11 5.94
CA ARG A 186 -33.21 17.05 6.79
C ARG A 186 -32.02 16.72 5.88
N VAL A 187 -31.07 17.65 5.76
CA VAL A 187 -29.96 17.58 4.79
C VAL A 187 -28.71 17.06 5.52
N LEU A 188 -28.26 15.87 5.17
CA LEU A 188 -26.91 15.38 5.54
C LEU A 188 -25.91 16.08 4.62
N VAL A 189 -25.03 16.91 5.19
CA VAL A 189 -23.94 17.60 4.44
C VAL A 189 -22.64 16.93 4.83
N VAL A 190 -21.80 16.59 3.87
CA VAL A 190 -20.49 15.92 4.15
C VAL A 190 -19.41 16.52 3.26
N CYS A 191 -18.32 16.97 3.86
CA CYS A 191 -17.05 17.29 3.18
C CYS A 191 -16.02 16.24 3.61
N SER A 192 -15.50 15.47 2.67
CA SER A 192 -14.56 14.35 2.93
C SER A 192 -13.31 14.56 2.09
N GLU A 193 -12.20 14.92 2.73
CA GLU A 193 -10.97 15.40 2.05
C GLU A 193 -9.80 14.51 2.46
N LEU A 194 -9.26 13.77 1.50
CA LEU A 194 -7.95 13.07 1.61
C LEU A 194 -6.96 13.76 0.70
N THR A 195 -5.68 13.77 1.08
CA THR A 195 -4.57 14.35 0.29
C THR A 195 -3.94 13.26 -0.59
N VAL A 196 -4.56 12.08 -0.71
CA VAL A 196 -4.00 10.95 -1.51
C VAL A 196 -3.86 11.41 -2.97
N MET A 197 -4.79 12.25 -3.45
CA MET A 197 -4.89 12.61 -4.88
C MET A 197 -3.81 13.63 -5.26
N THR A 198 -3.33 14.43 -4.29
CA THR A 198 -2.40 15.57 -4.53
C THR A 198 -0.98 15.27 -4.04
N PHE A 199 -0.81 14.31 -3.13
CA PHE A 199 0.52 14.03 -2.52
C PHE A 199 1.51 13.59 -3.59
N ARG A 200 2.68 14.21 -3.62
CA ARG A 200 3.79 13.81 -4.52
C ARG A 200 5.13 14.15 -3.87
N GLY A 201 6.21 13.54 -4.39
CA GLY A 201 7.59 13.75 -3.90
C GLY A 201 7.99 15.22 -4.01
N PRO A 202 8.95 15.68 -3.18
CA PRO A 202 9.36 17.08 -3.23
C PRO A 202 10.29 17.35 -4.42
N SER A 203 10.26 18.57 -4.95
CA SER A 203 11.10 19.04 -6.07
C SER A 203 11.38 20.53 -5.90
N GLU A 204 12.55 21.02 -6.30
CA GLU A 204 12.86 22.49 -6.28
C GLU A 204 12.04 23.18 -7.39
N THR A 205 11.48 22.41 -8.32
CA THR A 205 10.68 22.92 -9.47
C THR A 205 9.20 23.15 -9.09
N ASP A 206 8.81 22.83 -7.84
CA ASP A 206 7.41 23.00 -7.38
C ASP A 206 7.35 23.41 -5.90
N LEU A 207 7.49 24.70 -5.62
CA LEU A 207 7.39 25.29 -4.25
C LEU A 207 5.97 25.11 -3.70
N ALA A 208 4.94 25.37 -4.53
CA ALA A 208 3.53 25.32 -4.09
C ALA A 208 3.25 23.94 -3.46
N ASN A 209 3.81 22.87 -4.01
CA ASN A 209 3.59 21.48 -3.54
C ASN A 209 4.41 21.18 -2.28
N LEU A 210 5.57 21.82 -2.07
CA LEU A 210 6.28 21.78 -0.76
C LEU A 210 5.36 22.38 0.31
N ILE A 211 4.85 23.60 0.09
CA ILE A 211 3.90 24.25 1.03
C ILE A 211 2.75 23.26 1.28
N ARG A 212 2.14 22.75 0.22
CA ARG A 212 0.95 21.85 0.30
C ARG A 212 1.26 20.66 1.20
N MET A 213 2.41 20.01 1.00
CA MET A 213 2.77 18.78 1.74
C MET A 213 3.12 19.12 3.20
N GLY A 214 3.30 20.40 3.52
CA GLY A 214 3.48 20.92 4.89
C GLY A 214 2.17 21.25 5.60
N ILE A 215 1.18 21.80 4.88
CA ILE A 215 -0.01 22.47 5.49
C ILE A 215 -1.22 21.53 5.50
N PHE A 216 -1.44 20.78 4.42
CA PHE A 216 -2.73 20.07 4.16
C PHE A 216 -2.75 18.72 4.87
N GLY A 217 -3.87 18.48 5.57
CA GLY A 217 -4.17 17.19 6.23
C GLY A 217 -5.50 16.64 5.78
N ASP A 218 -5.81 15.42 6.22
CA ASP A 218 -7.04 14.68 5.84
C ASP A 218 -8.08 14.86 6.93
N GLY A 219 -9.35 14.84 6.55
CA GLY A 219 -10.47 14.97 7.48
C GLY A 219 -11.80 14.95 6.76
N ALA A 220 -12.85 14.57 7.48
CA ALA A 220 -14.24 14.62 6.99
C ALA A 220 -15.09 15.26 8.09
N ALA A 221 -15.97 16.19 7.70
CA ALA A 221 -16.94 16.82 8.61
C ALA A 221 -18.33 16.61 8.02
N ALA A 222 -19.28 16.19 8.84
CA ALA A 222 -20.69 15.99 8.45
C ALA A 222 -21.57 16.85 9.35
N LEU A 223 -22.65 17.38 8.80
CA LEU A 223 -23.66 18.04 9.65
C LEU A 223 -25.07 17.77 9.11
N ILE A 224 -26.06 17.90 10.00
CA ILE A 224 -27.51 17.76 9.69
C ILE A 224 -28.08 19.18 9.67
N ILE A 225 -28.64 19.61 8.54
CA ILE A 225 -29.33 20.92 8.40
C ILE A 225 -30.83 20.65 8.23
N GLY A 226 -31.65 21.40 8.95
CA GLY A 226 -33.10 21.46 8.75
C GLY A 226 -33.63 22.82 9.13
N ALA A 227 -34.66 23.30 8.45
CA ALA A 227 -35.46 24.46 8.87
C ALA A 227 -36.56 23.97 9.81
N ASP A 228 -37.05 24.83 10.70
CA ASP A 228 -38.16 24.51 11.64
C ASP A 228 -37.85 23.22 12.37
N PRO A 229 -36.79 23.17 13.19
CA PRO A 229 -36.52 21.97 13.98
C PRO A 229 -37.65 21.79 15.00
N ASP A 230 -37.90 20.55 15.41
CA ASP A 230 -38.77 20.22 16.57
C ASP A 230 -37.91 20.37 17.83
N LEU A 231 -38.11 21.46 18.59
CA LEU A 231 -37.24 21.82 19.73
C LEU A 231 -37.39 20.84 20.89
N SER A 232 -38.40 19.96 20.86
CA SER A 232 -38.58 18.85 21.82
C SER A 232 -37.49 17.78 21.64
N ILE A 233 -36.89 17.66 20.44
CA ILE A 233 -35.93 16.55 20.11
C ILE A 233 -34.70 17.08 19.36
N GLU A 234 -34.76 18.26 18.73
CA GLU A 234 -33.66 18.79 17.88
C GLU A 234 -33.16 20.10 18.49
N LYS A 235 -31.85 20.33 18.43
CA LYS A 235 -31.17 21.49 19.06
C LYS A 235 -30.41 22.26 17.98
N PRO A 236 -30.94 23.39 17.47
CA PRO A 236 -30.18 24.21 16.53
C PRO A 236 -28.89 24.69 17.20
N ILE A 237 -27.77 24.64 16.47
CA ILE A 237 -26.42 25.10 16.93
C ILE A 237 -26.12 26.45 16.28
N PHE A 238 -26.37 26.56 14.98
CA PHE A 238 -26.23 27.81 14.18
C PHE A 238 -27.37 27.87 13.16
N GLU A 239 -27.80 29.08 12.83
CA GLU A 239 -28.73 29.35 11.70
C GLU A 239 -27.91 29.90 10.55
N ILE A 240 -28.17 29.44 9.33
CA ILE A 240 -27.55 29.99 8.09
C ILE A 240 -28.45 31.14 7.62
N PHE A 241 -28.11 32.37 7.99
CA PHE A 241 -28.92 33.57 7.69
C PHE A 241 -28.87 33.86 6.18
N SER A 242 -27.67 33.94 5.61
CA SER A 242 -27.48 34.27 4.18
C SER A 242 -26.21 33.61 3.66
N ALA A 243 -26.13 33.41 2.34
CA ALA A 243 -24.99 32.77 1.68
C ALA A 243 -24.77 33.44 0.32
N SER A 244 -23.58 34.01 0.13
CA SER A 244 -23.15 34.67 -1.13
C SER A 244 -21.82 34.07 -1.59
N GLN A 245 -21.67 33.94 -2.90
CA GLN A 245 -20.41 33.55 -3.55
C GLN A 245 -19.96 34.73 -4.41
N THR A 246 -18.66 34.94 -4.56
CA THR A 246 -18.14 35.95 -5.51
C THR A 246 -16.80 35.47 -6.08
N LEU A 247 -16.50 35.89 -7.30
CA LEU A 247 -15.19 35.72 -7.96
C LEU A 247 -14.40 37.02 -7.78
N VAL A 248 -13.12 36.90 -7.41
CA VAL A 248 -12.18 38.05 -7.42
C VAL A 248 -11.72 38.23 -8.87
N PRO A 249 -11.89 39.42 -9.47
CA PRO A 249 -11.60 39.60 -10.89
C PRO A 249 -10.12 39.35 -11.19
N ASN A 250 -9.83 38.69 -12.31
CA ASN A 250 -8.47 38.50 -12.87
C ASN A 250 -7.58 37.76 -11.88
N THR A 251 -8.12 36.70 -11.24
CA THR A 251 -7.38 35.87 -10.26
C THR A 251 -7.59 34.37 -10.53
N SER A 252 -8.26 33.97 -11.62
CA SER A 252 -8.07 32.61 -12.17
C SER A 252 -6.56 32.47 -12.36
N LYS A 253 -5.99 31.30 -12.15
CA LYS A 253 -4.52 31.10 -12.27
C LYS A 253 -3.79 31.43 -10.97
N ALA A 254 -4.43 32.09 -10.01
CA ALA A 254 -3.87 32.31 -8.65
C ALA A 254 -4.02 31.02 -7.80
N ILE A 255 -5.12 30.28 -7.98
CA ILE A 255 -5.34 28.97 -7.31
C ILE A 255 -5.79 27.96 -8.38
N ARG A 256 -4.95 26.97 -8.67
CA ARG A 256 -5.04 26.09 -9.87
C ARG A 256 -4.89 24.64 -9.43
N GLY A 257 -5.63 23.75 -10.09
CA GLY A 257 -5.44 22.30 -9.99
C GLY A 257 -6.11 21.63 -11.17
N ARG A 258 -5.47 20.59 -11.71
CA ARG A 258 -6.09 19.78 -12.77
C ARG A 258 -5.92 18.30 -12.45
N VAL A 259 -6.98 17.51 -12.68
CA VAL A 259 -6.90 16.02 -12.62
C VAL A 259 -6.09 15.58 -13.84
N LYS A 260 -4.91 15.01 -13.60
CA LYS A 260 -3.97 14.57 -14.66
C LYS A 260 -3.54 13.13 -14.38
N GLU A 261 -2.76 12.55 -15.29
CA GLU A 261 -2.22 11.18 -15.16
C GLU A 261 -1.37 11.08 -13.89
N MET A 262 -0.79 12.20 -13.45
CA MET A 262 0.05 12.26 -12.22
C MET A 262 -0.82 12.56 -10.98
N GLY A 263 -2.15 12.56 -11.11
CA GLY A 263 -3.07 12.90 -10.02
C GLY A 263 -3.49 14.35 -10.11
N LEU A 264 -3.98 14.91 -9.00
CA LEU A 264 -4.42 16.33 -8.96
C LEU A 264 -3.19 17.21 -8.78
N THR A 265 -2.91 18.08 -9.75
CA THR A 265 -1.86 19.13 -9.61
C THR A 265 -2.39 20.21 -8.68
N PHE A 266 -1.51 21.07 -8.19
CA PHE A 266 -1.80 22.04 -7.10
C PHE A 266 -0.89 23.25 -7.26
N TYR A 267 -1.51 24.43 -7.37
CA TYR A 267 -0.78 25.72 -7.35
C TYR A 267 -1.60 26.74 -6.58
N VAL A 268 -0.98 27.32 -5.55
CA VAL A 268 -1.48 28.51 -4.82
C VAL A 268 -0.40 29.59 -4.95
N ASP A 269 -0.76 30.75 -5.50
CA ASP A 269 0.17 31.88 -5.71
C ASP A 269 0.52 32.48 -4.34
N LYS A 270 1.74 33.01 -4.22
CA LYS A 270 2.23 33.66 -2.97
C LYS A 270 1.38 34.90 -2.66
N MET A 271 0.65 35.44 -3.65
CA MET A 271 -0.14 36.70 -3.49
C MET A 271 -1.55 36.41 -2.97
N VAL A 272 -1.92 35.15 -2.75
CA VAL A 272 -3.32 34.77 -2.37
C VAL A 272 -3.69 35.44 -1.04
N PRO A 273 -2.82 35.43 0.01
CA PRO A 273 -3.12 36.16 1.24
C PRO A 273 -3.55 37.63 0.98
N THR A 274 -2.76 38.37 0.19
CA THR A 274 -3.02 39.78 -0.17
C THR A 274 -4.34 39.90 -0.95
N LEU A 275 -4.56 39.05 -1.96
CA LEU A 275 -5.78 39.03 -2.80
C LEU A 275 -7.02 38.89 -1.93
N VAL A 276 -7.00 37.95 -0.99
CA VAL A 276 -8.14 37.67 -0.07
C VAL A 276 -8.36 38.88 0.84
N ALA A 277 -7.32 39.33 1.53
CA ALA A 277 -7.38 40.49 2.45
C ALA A 277 -7.87 41.74 1.69
N SER A 278 -7.44 41.90 0.44
CA SER A 278 -7.80 43.05 -0.43
C SER A 278 -9.28 43.02 -0.83
N ASN A 279 -9.96 41.88 -0.75
CA ASN A 279 -11.35 41.69 -1.25
C ASN A 279 -12.34 41.41 -0.11
N ILE A 280 -11.86 41.09 1.09
CA ILE A 280 -12.71 40.54 2.18
C ILE A 280 -13.73 41.60 2.63
N GLU A 281 -13.32 42.87 2.67
CA GLU A 281 -14.13 44.04 3.12
C GLU A 281 -15.41 44.15 2.28
N GLN A 282 -15.32 44.04 0.94
CA GLN A 282 -16.50 44.12 0.03
C GLN A 282 -17.50 43.02 0.42
N CYS A 283 -17.02 41.79 0.56
CA CYS A 283 -17.83 40.58 0.90
C CYS A 283 -18.56 40.82 2.22
N LEU A 284 -17.81 41.28 3.23
CA LEU A 284 -18.30 41.59 4.59
C LEU A 284 -19.37 42.69 4.53
N ASP A 285 -19.14 43.72 3.71
CA ASP A 285 -20.05 44.88 3.57
C ASP A 285 -21.36 44.43 2.95
N LYS A 286 -21.30 43.66 1.87
CA LYS A 286 -22.50 43.10 1.18
C LYS A 286 -23.28 42.21 2.15
N ALA A 287 -22.59 41.37 2.93
CA ALA A 287 -23.20 40.38 3.84
C ALA A 287 -23.88 41.07 5.03
N PHE A 288 -23.27 42.12 5.60
CA PHE A 288 -23.63 42.63 6.96
C PHE A 288 -24.29 44.02 6.91
N SER A 289 -24.18 44.79 5.83
CA SER A 289 -24.90 46.08 5.67
C SER A 289 -26.40 45.89 5.90
N PRO A 290 -27.06 44.87 5.32
CA PRO A 290 -28.49 44.65 5.58
C PRO A 290 -28.82 44.50 7.08
N LEU A 291 -27.87 44.06 7.89
CA LEU A 291 -28.05 43.84 9.36
C LEU A 291 -27.62 45.10 10.12
N GLY A 292 -27.10 46.12 9.44
CA GLY A 292 -26.52 47.33 10.04
C GLY A 292 -25.32 47.00 10.91
N ILE A 293 -24.53 45.99 10.54
CA ILE A 293 -23.31 45.57 11.29
C ILE A 293 -22.07 45.99 10.49
N ASN A 294 -21.07 46.47 11.22
CA ASN A 294 -20.04 47.42 10.70
C ASN A 294 -18.71 47.09 11.39
N ASP A 295 -18.79 46.68 12.66
CA ASP A 295 -17.64 46.36 13.55
C ASP A 295 -17.33 44.86 13.45
N TRP A 296 -16.23 44.52 12.78
CA TRP A 296 -15.82 43.12 12.50
C TRP A 296 -15.32 42.44 13.76
N ASN A 297 -15.16 43.17 14.86
CA ASN A 297 -14.79 42.58 16.17
C ASN A 297 -16.07 42.22 16.94
N SER A 298 -17.26 42.58 16.45
CA SER A 298 -18.55 42.36 17.15
C SER A 298 -19.22 41.05 16.68
N ILE A 299 -18.63 40.34 15.73
CA ILE A 299 -19.15 39.06 15.16
C ILE A 299 -18.11 37.97 15.40
N PHE A 300 -18.53 36.71 15.52
CA PHE A 300 -17.58 35.57 15.63
C PHE A 300 -17.12 35.18 14.22
N TRP A 301 -15.93 34.58 14.13
CA TRP A 301 -15.17 34.42 12.87
C TRP A 301 -14.85 32.96 12.61
N ILE A 302 -15.22 32.48 11.41
CA ILE A 302 -14.83 31.14 10.87
C ILE A 302 -14.24 31.37 9.49
N PRO A 303 -13.02 31.95 9.37
CA PRO A 303 -12.37 32.09 8.06
C PRO A 303 -11.60 30.80 7.73
N HIS A 304 -11.68 30.36 6.48
CA HIS A 304 -10.90 29.18 6.00
C HIS A 304 -9.42 29.48 6.20
N PRO A 305 -8.71 28.69 7.02
CA PRO A 305 -7.29 28.92 7.26
C PRO A 305 -6.39 28.28 6.21
N GLY A 306 -6.37 28.84 5.00
CA GLY A 306 -5.50 28.38 3.90
C GLY A 306 -4.07 28.17 4.36
N GLY A 307 -3.57 29.10 5.18
CA GLY A 307 -2.29 29.01 5.89
C GLY A 307 -2.22 30.11 6.95
N PRO A 308 -1.10 30.23 7.70
CA PRO A 308 -0.95 31.30 8.68
C PRO A 308 -0.95 32.71 8.05
N ALA A 309 -0.41 32.87 6.85
CA ALA A 309 -0.30 34.17 6.13
C ALA A 309 -1.69 34.77 5.85
N ILE A 310 -2.64 33.96 5.41
CA ILE A 310 -4.03 34.42 5.09
C ILE A 310 -4.71 34.93 6.36
N LEU A 311 -4.50 34.22 7.49
CA LEU A 311 -5.08 34.60 8.81
C LEU A 311 -4.44 35.91 9.28
N ALA A 312 -3.10 36.01 9.17
CA ALA A 312 -2.32 37.22 9.49
C ALA A 312 -2.87 38.43 8.72
N GLU A 313 -3.08 38.28 7.41
CA GLU A 313 -3.50 39.38 6.50
C GLU A 313 -4.92 39.82 6.85
N ILE A 314 -5.81 38.88 7.17
CA ILE A 314 -7.22 39.20 7.56
C ILE A 314 -7.19 39.99 8.87
N GLU A 315 -6.47 39.49 9.89
CA GLU A 315 -6.31 40.15 11.20
C GLU A 315 -5.82 41.59 10.99
N ALA A 316 -4.73 41.75 10.24
CA ALA A 316 -4.09 43.05 9.96
C ALA A 316 -5.09 43.98 9.25
N LYS A 317 -5.70 43.51 8.16
CA LYS A 317 -6.57 44.34 7.28
C LYS A 317 -7.80 44.83 8.06
N LEU A 318 -8.45 43.95 8.82
CA LEU A 318 -9.72 44.26 9.53
C LEU A 318 -9.44 44.70 10.96
N GLU A 319 -8.18 44.71 11.38
CA GLU A 319 -7.72 45.04 12.76
C GLU A 319 -8.56 44.25 13.79
N LEU A 320 -8.58 42.94 13.66
CA LEU A 320 -9.29 42.01 14.59
C LEU A 320 -8.50 41.90 15.90
N LYS A 321 -9.19 41.83 17.04
CA LYS A 321 -8.59 41.62 18.38
C LYS A 321 -7.81 40.31 18.40
N PRO A 322 -6.92 40.09 19.39
CA PRO A 322 -6.02 38.94 19.34
C PRO A 322 -6.72 37.56 19.41
N GLY A 323 -7.90 37.47 20.03
CA GLY A 323 -8.57 36.18 20.27
C GLY A 323 -9.62 35.81 19.23
N LYS A 324 -9.89 36.66 18.22
CA LYS A 324 -11.02 36.44 17.26
C LYS A 324 -10.87 35.08 16.57
N LEU A 325 -9.64 34.71 16.19
CA LEU A 325 -9.35 33.55 15.32
C LEU A 325 -8.80 32.38 16.14
N ARG A 326 -9.03 32.35 17.47
CA ARG A 326 -8.54 31.29 18.38
C ARG A 326 -8.97 29.89 17.90
N ALA A 327 -10.28 29.75 17.65
CA ALA A 327 -10.89 28.47 17.21
C ALA A 327 -10.28 28.03 15.89
N THR A 328 -10.15 28.96 14.94
CA THR A 328 -9.60 28.70 13.58
C THR A 328 -8.15 28.23 13.70
N ARG A 329 -7.33 28.98 14.45
CA ARG A 329 -5.90 28.65 14.69
C ARG A 329 -5.78 27.29 15.36
N HIS A 330 -6.66 26.99 16.32
CA HIS A 330 -6.70 25.68 17.03
C HIS A 330 -6.83 24.54 16.00
N VAL A 331 -7.82 24.62 15.12
CA VAL A 331 -8.09 23.59 14.08
C VAL A 331 -6.89 23.52 13.12
N LEU A 332 -6.36 24.66 12.67
CA LEU A 332 -5.20 24.65 11.76
C LEU A 332 -4.03 23.94 12.46
N SER A 333 -3.84 24.20 13.75
CA SER A 333 -2.69 23.67 14.54
C SER A 333 -2.86 22.16 14.76
N GLU A 334 -4.10 21.70 14.97
CA GLU A 334 -4.41 20.34 15.49
C GLU A 334 -4.70 19.36 14.36
N TYR A 335 -5.09 19.85 13.17
CA TYR A 335 -5.50 18.98 12.04
C TYR A 335 -4.85 19.43 10.72
N GLY A 336 -4.27 20.63 10.67
CA GLY A 336 -3.82 21.26 9.42
C GLY A 336 -4.99 21.75 8.57
N ASN A 337 -4.71 22.09 7.33
CA ASN A 337 -5.70 22.54 6.32
C ASN A 337 -6.35 21.29 5.71
N MET A 338 -7.64 21.06 5.98
CA MET A 338 -8.39 19.89 5.45
C MET A 338 -9.35 20.38 4.36
N SER A 339 -8.91 21.37 3.60
CA SER A 339 -9.67 21.98 2.48
C SER A 339 -11.10 22.34 2.95
N GLY A 340 -12.13 22.01 2.16
CA GLY A 340 -13.54 22.40 2.43
C GLY A 340 -14.00 22.02 3.81
N ALA A 341 -13.50 20.91 4.36
CA ALA A 341 -13.92 20.35 5.66
C ALA A 341 -13.51 21.30 6.79
N THR A 342 -12.43 22.06 6.63
CA THR A 342 -11.76 22.80 7.72
C THR A 342 -12.77 23.71 8.44
N VAL A 343 -13.51 24.56 7.72
CA VAL A 343 -14.45 25.53 8.35
C VAL A 343 -15.52 24.79 9.15
N LEU A 344 -15.90 23.58 8.74
CA LEU A 344 -16.90 22.76 9.45
C LEU A 344 -16.29 22.21 10.75
N PHE A 345 -15.01 21.83 10.73
CA PHE A 345 -14.25 21.47 11.97
C PHE A 345 -14.26 22.67 12.92
N ILE A 346 -14.06 23.87 12.37
CA ILE A 346 -13.97 25.14 13.16
C ILE A 346 -15.33 25.48 13.77
N LEU A 347 -16.43 25.29 13.03
CA LEU A 347 -17.81 25.39 13.58
C LEU A 347 -17.92 24.50 14.81
N ASP A 348 -17.47 23.25 14.71
CA ASP A 348 -17.54 22.27 15.81
C ASP A 348 -16.70 22.80 16.99
N GLU A 349 -15.46 23.18 16.73
CA GLU A 349 -14.54 23.74 17.75
C GLU A 349 -15.20 24.95 18.40
N MET A 350 -15.84 25.83 17.63
CA MET A 350 -16.37 27.09 18.22
C MET A 350 -17.54 26.80 19.17
N ARG A 351 -18.50 25.97 18.76
CA ARG A 351 -19.65 25.62 19.63
C ARG A 351 -19.15 24.89 20.88
N ARG A 352 -18.14 24.02 20.76
CA ARG A 352 -17.63 23.18 21.88
C ARG A 352 -16.89 24.08 22.88
N ARG A 353 -16.00 24.93 22.38
CA ARG A 353 -15.28 25.92 23.22
C ARG A 353 -16.28 26.82 23.93
N SER A 354 -17.32 27.24 23.22
CA SER A 354 -18.37 28.14 23.75
C SER A 354 -19.04 27.48 24.96
N LYS A 355 -19.41 26.20 24.85
CA LYS A 355 -20.07 25.45 25.95
C LYS A 355 -19.08 25.28 27.10
N LYS A 356 -17.82 24.93 26.81
CA LYS A 356 -16.79 24.63 27.84
C LYS A 356 -16.45 25.89 28.64
N GLU A 357 -16.57 27.07 28.03
CA GLU A 357 -16.22 28.37 28.67
C GLU A 357 -17.50 29.10 29.12
N GLY A 358 -18.65 28.41 29.13
CA GLY A 358 -19.94 28.96 29.60
C GLY A 358 -20.27 30.30 28.97
N LYS A 359 -20.16 30.39 27.65
CA LYS A 359 -20.58 31.57 26.86
C LYS A 359 -22.10 31.54 26.68
N GLY A 360 -22.71 32.70 26.44
CA GLY A 360 -24.17 32.85 26.32
C GLY A 360 -24.73 32.33 25.01
N THR A 361 -23.89 32.15 24.00
CA THR A 361 -24.27 31.63 22.66
C THR A 361 -23.23 30.61 22.18
N THR A 362 -23.57 29.87 21.12
CA THR A 362 -22.72 28.86 20.45
C THR A 362 -21.60 29.56 19.67
N GLY A 363 -21.73 30.88 19.46
CA GLY A 363 -20.76 31.71 18.70
C GLY A 363 -19.96 32.61 19.64
N ASP A 364 -19.33 32.01 20.65
CA ASP A 364 -18.37 32.71 21.54
C ASP A 364 -19.10 33.82 22.32
N GLY A 365 -20.41 33.67 22.56
CA GLY A 365 -21.22 34.66 23.30
C GLY A 365 -21.83 35.73 22.40
N LEU A 366 -21.39 35.81 21.14
CA LEU A 366 -21.88 36.81 20.16
C LEU A 366 -23.08 36.24 19.40
N GLU A 367 -23.91 37.12 18.82
CA GLU A 367 -25.17 36.74 18.14
C GLU A 367 -24.87 36.39 16.67
N TRP A 368 -24.10 37.23 15.99
CA TRP A 368 -23.81 37.10 14.54
C TRP A 368 -22.38 36.64 14.30
N GLY A 369 -22.19 35.90 13.22
CA GLY A 369 -20.89 35.33 12.82
C GLY A 369 -20.77 35.27 11.32
N VAL A 370 -19.54 35.26 10.84
CA VAL A 370 -19.23 35.08 9.40
C VAL A 370 -18.42 33.80 9.27
N LEU A 371 -18.76 32.97 8.29
CA LEU A 371 -17.94 31.84 7.82
C LEU A 371 -17.56 32.15 6.37
N MET A 372 -16.27 32.00 6.05
CA MET A 372 -15.75 32.36 4.71
C MET A 372 -14.88 31.23 4.17
N GLY A 373 -15.17 30.82 2.93
CA GLY A 373 -14.32 29.92 2.14
C GLY A 373 -13.54 30.72 1.12
N PHE A 374 -12.25 30.39 0.97
CA PHE A 374 -11.35 30.94 -0.06
C PHE A 374 -10.85 29.78 -0.90
N GLY A 375 -11.03 29.83 -2.22
CA GLY A 375 -10.61 28.72 -3.10
C GLY A 375 -10.42 29.15 -4.54
N PRO A 376 -10.32 28.16 -5.45
CA PRO A 376 -10.09 28.44 -6.88
C PRO A 376 -11.14 29.41 -7.41
N GLY A 377 -10.72 30.35 -8.26
CA GLY A 377 -11.58 31.40 -8.83
C GLY A 377 -10.82 32.66 -9.20
N VAL A 378 -10.27 33.38 -8.20
CA VAL A 378 -10.36 33.05 -6.78
C VAL A 378 -11.79 33.31 -6.31
N THR A 379 -12.34 32.36 -5.55
CA THR A 379 -13.74 32.40 -5.05
C THR A 379 -13.74 32.68 -3.54
N VAL A 380 -14.62 33.58 -3.12
CA VAL A 380 -14.93 33.84 -1.68
C VAL A 380 -16.39 33.44 -1.46
N GLU A 381 -16.57 32.51 -0.54
CA GLU A 381 -17.91 32.08 -0.12
C GLU A 381 -18.15 32.77 1.23
N THR A 382 -19.15 33.64 1.31
CA THR A 382 -19.48 34.40 2.54
C THR A 382 -20.82 33.89 3.09
N ILE A 383 -20.79 33.29 4.27
CA ILE A 383 -22.00 32.79 4.98
C ILE A 383 -22.18 33.59 6.27
N VAL A 384 -23.34 34.25 6.43
CA VAL A 384 -23.73 34.91 7.70
C VAL A 384 -24.42 33.87 8.56
N LEU A 385 -23.84 33.60 9.73
CA LEU A 385 -24.37 32.63 10.72
C LEU A 385 -24.98 33.40 11.89
N ARG A 386 -26.06 32.87 12.44
CA ARG A 386 -26.65 33.33 13.70
C ARG A 386 -26.42 32.24 14.75
N ALA A 387 -25.76 32.59 15.86
CA ALA A 387 -25.54 31.68 17.01
C ALA A 387 -26.86 31.48 17.76
N ILE A 388 -26.93 30.43 18.56
CA ILE A 388 -28.12 30.06 19.37
C ILE A 388 -27.77 30.30 20.84
N SER A 389 -28.73 30.81 21.61
CA SER A 389 -28.59 31.12 23.06
C SER A 389 -28.50 29.81 23.84
N VAL A 390 -27.40 29.63 24.58
CA VAL A 390 -27.13 28.51 25.52
C VAL A 390 -27.61 28.95 26.92
N VAL A 391 -28.15 28.01 27.72
CA VAL A 391 -28.55 28.19 29.16
C VAL A 391 -28.24 26.90 29.92
N MET B 1 34.14 -32.27 38.84
CA MET B 1 35.08 -31.66 39.84
C MET B 1 34.84 -30.14 39.92
N ASN B 2 34.65 -29.62 41.13
CA ASN B 2 34.47 -28.18 41.44
C ASN B 2 35.51 -27.82 42.51
N GLY B 3 36.76 -27.56 42.10
CA GLY B 3 37.92 -27.54 43.02
C GLY B 3 38.36 -28.95 43.35
N THR B 4 38.21 -29.37 44.61
CA THR B 4 38.66 -30.71 45.12
C THR B 4 37.45 -31.62 45.42
N VAL B 5 36.23 -31.14 45.21
CA VAL B 5 34.96 -31.88 45.53
C VAL B 5 34.34 -32.42 44.24
N LYS B 6 34.18 -33.75 44.14
CA LYS B 6 33.43 -34.44 43.05
C LYS B 6 31.95 -34.13 43.26
N LYS B 7 31.26 -33.60 42.24
CA LYS B 7 29.82 -33.24 42.33
C LYS B 7 29.13 -33.67 41.05
N MET B 8 27.82 -33.91 41.17
CA MET B 8 26.96 -34.42 40.10
C MET B 8 26.77 -33.28 39.09
N ASN B 9 26.92 -33.59 37.81
CA ASN B 9 26.59 -32.67 36.69
C ASN B 9 25.08 -32.38 36.71
N GLY B 10 24.71 -31.29 36.03
CA GLY B 10 23.28 -31.04 35.82
C GLY B 10 22.88 -31.91 34.65
N ALA B 11 21.61 -32.29 34.56
CA ALA B 11 21.11 -33.19 33.49
C ALA B 11 21.45 -32.70 32.09
N ARG B 12 21.54 -33.63 31.13
CA ARG B 12 21.93 -33.25 29.75
C ARG B 12 21.03 -32.12 29.28
N ARG B 13 21.66 -31.10 28.71
CA ARG B 13 20.89 -29.93 28.29
C ARG B 13 20.75 -29.94 26.77
N PRO B 14 19.73 -29.30 26.12
CA PRO B 14 19.71 -29.21 24.67
C PRO B 14 20.83 -28.31 24.14
N HIS B 15 21.32 -28.58 22.95
CA HIS B 15 22.43 -27.84 22.27
C HIS B 15 21.99 -26.41 21.96
N GLY B 16 20.73 -26.24 21.51
CA GLY B 16 20.27 -25.05 20.78
C GLY B 16 19.55 -24.03 21.66
N LEU B 17 19.12 -22.94 21.03
CA LEU B 17 18.37 -21.83 21.67
C LEU B 17 16.90 -22.21 21.83
N ALA B 18 16.26 -21.67 22.86
CA ALA B 18 14.80 -21.78 23.08
C ALA B 18 14.08 -21.11 21.89
N SER B 19 13.23 -21.86 21.21
CA SER B 19 12.59 -21.43 19.95
C SER B 19 11.06 -21.39 20.13
N ILE B 20 10.43 -20.33 19.66
CA ILE B 20 8.95 -20.24 19.50
C ILE B 20 8.57 -21.14 18.33
N LEU B 21 7.77 -22.18 18.58
CA LEU B 21 7.43 -23.24 17.60
C LEU B 21 6.01 -23.04 17.06
N ALA B 22 5.20 -22.22 17.72
CA ALA B 22 3.79 -21.97 17.37
C ALA B 22 3.28 -20.74 18.12
N ILE B 23 2.38 -19.97 17.50
CA ILE B 23 1.73 -18.78 18.12
C ILE B 23 0.24 -18.83 17.83
N GLY B 24 -0.58 -18.83 18.87
CA GLY B 24 -2.03 -18.71 18.77
C GLY B 24 -2.50 -17.47 19.50
N THR B 25 -3.58 -16.85 19.03
CA THR B 25 -4.19 -15.67 19.66
C THR B 25 -5.70 -15.84 19.70
N ALA B 26 -6.34 -15.11 20.60
CA ALA B 26 -7.80 -15.09 20.78
C ALA B 26 -8.20 -13.74 21.38
N ASN B 27 -9.40 -13.28 21.07
CA ASN B 27 -9.97 -12.04 21.64
C ASN B 27 -11.42 -12.32 22.01
N PRO B 28 -11.99 -11.58 22.99
CA PRO B 28 -13.43 -11.60 23.22
C PRO B 28 -14.18 -11.35 21.89
N SER B 29 -15.36 -11.95 21.75
CA SER B 29 -16.14 -11.92 20.49
C SER B 29 -16.76 -10.54 20.27
N ASN B 30 -16.91 -9.71 21.30
CA ASN B 30 -17.52 -8.35 21.17
C ASN B 30 -16.48 -7.33 20.69
N CYS B 31 -16.77 -6.67 19.58
CA CYS B 31 -15.87 -5.72 18.89
C CYS B 31 -16.40 -4.30 19.05
N PHE B 32 -15.56 -3.36 19.49
CA PHE B 32 -15.91 -1.93 19.72
C PHE B 32 -15.11 -1.05 18.77
N ASN B 33 -15.81 -0.43 17.82
CA ASN B 33 -15.27 0.58 16.88
C ASN B 33 -14.92 1.83 17.69
N GLN B 34 -13.73 2.39 17.49
CA GLN B 34 -13.25 3.57 18.25
C GLN B 34 -14.15 4.79 17.96
N ASP B 35 -14.66 4.92 16.74
CA ASP B 35 -15.54 6.03 16.31
C ASP B 35 -16.74 6.12 17.26
N GLU B 36 -17.31 4.99 17.66
CA GLU B 36 -18.56 4.90 18.45
C GLU B 36 -18.26 4.75 19.94
N PHE B 37 -16.99 4.64 20.35
CA PHE B 37 -16.65 4.23 21.74
C PHE B 37 -16.91 5.37 22.73
N PRO B 38 -16.55 6.63 22.43
CA PRO B 38 -16.89 7.73 23.34
C PRO B 38 -18.39 7.80 23.68
N ASP B 39 -19.25 7.66 22.69
CA ASP B 39 -20.73 7.68 22.86
C ASP B 39 -21.13 6.48 23.74
N TYR B 40 -20.64 5.28 23.42
CA TYR B 40 -20.95 4.01 24.13
C TYR B 40 -20.49 4.12 25.60
N SER B 41 -19.21 4.40 25.82
CA SER B 41 -18.57 4.36 27.16
C SER B 41 -19.21 5.39 28.08
N PHE B 42 -19.48 6.60 27.58
CA PHE B 42 -20.07 7.69 28.40
C PHE B 42 -21.56 7.41 28.68
N ARG B 43 -22.22 6.59 27.86
CA ARG B 43 -23.65 6.23 28.07
C ARG B 43 -23.76 5.15 29.16
N VAL B 44 -22.97 4.07 29.06
CA VAL B 44 -23.07 2.91 29.98
C VAL B 44 -22.46 3.26 31.34
N THR B 45 -21.62 4.29 31.43
CA THR B 45 -21.09 4.81 32.71
C THR B 45 -21.91 6.02 33.19
N LYS B 46 -23.05 6.27 32.56
CA LYS B 46 -24.05 7.28 33.01
C LYS B 46 -23.35 8.64 33.20
N SER B 47 -22.58 9.07 32.20
CA SER B 47 -21.68 10.26 32.24
C SER B 47 -21.92 11.18 31.03
N GLU B 48 -23.07 11.10 30.38
CA GLU B 48 -23.34 11.85 29.13
C GLU B 48 -23.40 13.36 29.43
N HIS B 49 -23.65 13.74 30.68
CA HIS B 49 -23.77 15.15 31.13
C HIS B 49 -22.37 15.78 31.29
N LEU B 50 -21.29 14.99 31.27
CA LEU B 50 -19.91 15.50 31.40
C LEU B 50 -19.36 15.83 30.00
N THR B 51 -19.99 16.80 29.34
CA THR B 51 -19.81 17.11 27.89
C THR B 51 -18.36 17.56 27.65
N SER B 52 -17.81 18.37 28.54
CA SER B 52 -16.40 18.84 28.47
C SER B 52 -15.45 17.63 28.52
N LEU B 53 -15.67 16.71 29.44
CA LEU B 53 -14.83 15.48 29.64
C LEU B 53 -15.01 14.53 28.44
N LYS B 54 -16.23 14.40 27.92
CA LYS B 54 -16.54 13.51 26.77
C LYS B 54 -15.79 14.02 25.54
N ASP B 55 -15.72 15.34 25.36
CA ASP B 55 -15.00 16.02 24.24
C ASP B 55 -13.51 15.65 24.37
N LYS B 56 -12.94 15.79 25.57
CA LYS B 56 -11.53 15.44 25.85
C LYS B 56 -11.28 13.98 25.47
N PHE B 57 -12.24 13.09 25.76
CA PHE B 57 -12.12 11.63 25.51
C PHE B 57 -12.20 11.34 24.01
N LYS B 58 -12.99 12.10 23.25
CA LYS B 58 -13.11 11.92 21.78
C LYS B 58 -11.77 12.24 21.14
N ARG B 59 -11.15 13.33 21.56
CA ARG B 59 -9.83 13.74 21.02
C ARG B 59 -8.79 12.69 21.42
N ILE B 60 -8.86 12.15 22.62
CA ILE B 60 -7.94 11.04 23.04
C ILE B 60 -8.11 9.86 22.07
N CYS B 61 -9.35 9.49 21.74
CA CYS B 61 -9.63 8.33 20.85
C CYS B 61 -9.19 8.63 19.41
N GLU B 62 -9.27 9.88 19.00
CA GLU B 62 -8.83 10.28 17.65
C GLU B 62 -7.32 10.09 17.54
N ARG B 63 -6.57 10.54 18.53
CA ARG B 63 -5.10 10.47 18.45
C ARG B 63 -4.60 9.12 18.94
N SER B 64 -5.49 8.19 19.29
CA SER B 64 -5.08 6.87 19.85
C SER B 64 -4.43 6.01 18.77
N THR B 65 -4.83 6.21 17.52
CA THR B 65 -4.52 5.37 16.33
C THR B 65 -5.15 3.99 16.49
N VAL B 66 -6.05 3.82 17.47
CA VAL B 66 -6.80 2.55 17.70
C VAL B 66 -8.12 2.66 16.93
N ARG B 67 -8.38 1.70 16.04
CA ARG B 67 -9.58 1.69 15.17
C ARG B 67 -10.64 0.75 15.80
N LYS B 68 -10.21 -0.43 16.25
CA LYS B 68 -11.09 -1.40 16.95
C LYS B 68 -10.38 -1.94 18.20
N ARG B 69 -11.19 -2.39 19.16
CA ARG B 69 -10.73 -3.24 20.28
C ARG B 69 -11.79 -4.31 20.53
N TYR B 70 -11.35 -5.43 21.10
CA TYR B 70 -12.24 -6.51 21.59
C TYR B 70 -12.27 -6.42 23.10
N LEU B 71 -13.47 -6.35 23.67
CA LEU B 71 -13.68 -6.23 25.13
C LEU B 71 -14.66 -7.31 25.58
N HIS B 72 -14.34 -7.98 26.68
CA HIS B 72 -15.28 -8.93 27.36
C HIS B 72 -16.42 -8.14 28.00
N LEU B 73 -16.12 -7.00 28.62
CA LEU B 73 -17.13 -6.12 29.29
C LEU B 73 -18.12 -5.60 28.24
N THR B 74 -19.36 -6.10 28.29
CA THR B 74 -20.49 -5.62 27.45
C THR B 74 -21.42 -4.79 28.32
N GLU B 75 -22.36 -4.08 27.69
CA GLU B 75 -23.44 -3.35 28.38
C GLU B 75 -24.23 -4.32 29.28
N GLU B 76 -24.40 -5.57 28.85
CA GLU B 76 -25.18 -6.61 29.61
C GLU B 76 -24.48 -6.90 30.94
N LEU B 77 -23.17 -7.13 30.91
CA LEU B 77 -22.37 -7.39 32.14
C LEU B 77 -22.40 -6.18 33.08
N LEU B 78 -22.34 -4.96 32.55
CA LEU B 78 -22.36 -3.72 33.37
C LEU B 78 -23.74 -3.58 34.04
N GLN B 79 -24.80 -4.04 33.38
CA GLN B 79 -26.16 -3.95 33.96
C GLN B 79 -26.32 -5.06 35.02
N GLU B 80 -25.60 -6.18 34.90
CA GLU B 80 -25.58 -7.28 35.91
C GLU B 80 -24.66 -6.89 37.08
N TYR B 81 -23.63 -6.07 36.82
CA TYR B 81 -22.62 -5.64 37.82
C TYR B 81 -22.43 -4.13 37.77
N PRO B 82 -23.47 -3.34 38.14
CA PRO B 82 -23.44 -1.89 37.94
C PRO B 82 -22.32 -1.17 38.70
N SER B 83 -21.74 -1.81 39.73
CA SER B 83 -20.59 -1.26 40.50
C SER B 83 -19.39 -1.03 39.56
N ILE B 84 -19.20 -1.87 38.53
CA ILE B 84 -18.06 -1.77 37.58
C ILE B 84 -18.20 -0.50 36.73
N ALA B 85 -19.43 -0.04 36.45
CA ALA B 85 -19.66 1.12 35.55
C ALA B 85 -19.48 2.43 36.30
N THR B 86 -19.05 2.33 37.55
CA THR B 86 -18.81 3.52 38.39
C THR B 86 -17.32 3.78 38.47
N TYR B 87 -16.92 4.82 39.20
CA TYR B 87 -15.48 5.06 39.39
C TYR B 87 -14.93 4.37 40.64
N ASP B 88 -15.54 4.57 41.80
CA ASP B 88 -14.94 4.13 43.09
C ASP B 88 -15.81 3.15 43.85
N ALA B 89 -16.99 2.80 43.36
CA ALA B 89 -17.84 1.93 44.20
C ALA B 89 -17.23 0.53 44.32
N PRO B 90 -17.41 -0.17 45.47
CA PRO B 90 -16.77 -1.47 45.67
C PRO B 90 -17.20 -2.42 44.54
N SER B 91 -16.24 -2.95 43.80
CA SER B 91 -16.49 -3.71 42.54
C SER B 91 -15.55 -4.91 42.38
N LEU B 92 -14.57 -5.11 43.27
CA LEU B 92 -13.55 -6.15 43.07
C LEU B 92 -14.22 -7.53 43.01
N ASP B 93 -15.18 -7.80 43.89
CA ASP B 93 -15.85 -9.13 43.99
C ASP B 93 -16.49 -9.45 42.63
N ALA B 94 -17.23 -8.49 42.06
CA ALA B 94 -17.88 -8.60 40.74
C ALA B 94 -16.82 -8.88 39.67
N ARG B 95 -15.78 -8.04 39.59
CA ARG B 95 -14.68 -8.17 38.59
C ARG B 95 -14.06 -9.56 38.70
N GLN B 96 -13.73 -9.98 39.92
CA GLN B 96 -13.09 -11.30 40.21
C GLN B 96 -14.00 -12.44 39.73
N GLU B 97 -15.30 -12.34 40.00
CA GLU B 97 -16.30 -13.36 39.62
C GLU B 97 -16.26 -13.55 38.09
N ILE B 98 -16.12 -12.46 37.34
CA ILE B 98 -16.08 -12.48 35.85
C ILE B 98 -14.75 -13.08 35.38
N GLU B 99 -13.63 -12.65 35.97
CA GLU B 99 -12.28 -12.85 35.36
C GLU B 99 -11.71 -14.24 35.71
N VAL B 100 -11.98 -14.76 36.91
CA VAL B 100 -11.48 -16.12 37.31
C VAL B 100 -12.08 -17.15 36.34
N ALA B 101 -13.28 -16.90 35.81
CA ALA B 101 -13.93 -17.73 34.77
C ALA B 101 -13.35 -17.43 33.40
N GLU B 102 -13.23 -16.15 33.02
CA GLU B 102 -13.02 -15.74 31.61
C GLU B 102 -11.55 -15.76 31.22
N VAL B 103 -10.65 -15.38 32.11
CA VAL B 103 -9.19 -15.33 31.81
C VAL B 103 -8.73 -16.72 31.35
N PRO B 104 -9.06 -17.82 32.05
CA PRO B 104 -8.68 -19.15 31.59
C PRO B 104 -9.33 -19.55 30.26
N LYS B 105 -10.59 -19.16 30.04
CA LYS B 105 -11.36 -19.56 28.83
C LYS B 105 -10.73 -18.92 27.60
N LEU B 106 -10.40 -17.63 27.67
CA LEU B 106 -9.75 -16.90 26.54
C LEU B 106 -8.35 -17.48 26.35
N ALA B 107 -7.64 -17.76 27.44
CA ALA B 107 -6.31 -18.40 27.42
C ALA B 107 -6.40 -19.75 26.70
N ALA B 108 -7.45 -20.53 26.98
CA ALA B 108 -7.65 -21.88 26.40
C ALA B 108 -7.85 -21.75 24.89
N ARG B 109 -8.58 -20.74 24.42
CA ARG B 109 -8.85 -20.51 22.98
C ARG B 109 -7.52 -20.25 22.27
N ALA B 110 -6.69 -19.37 22.82
CA ALA B 110 -5.35 -19.02 22.28
C ALA B 110 -4.43 -20.24 22.35
N ALA B 111 -4.43 -20.97 23.47
CA ALA B 111 -3.54 -22.14 23.66
C ALA B 111 -3.93 -23.24 22.66
N SER B 112 -5.24 -23.46 22.43
CA SER B 112 -5.76 -24.46 21.46
C SER B 112 -5.22 -24.17 20.07
N ARG B 113 -5.25 -22.91 19.64
CA ARG B 113 -4.76 -22.49 18.30
C ARG B 113 -3.25 -22.73 18.23
N ALA B 114 -2.52 -22.41 19.30
CA ALA B 114 -1.05 -22.59 19.38
C ALA B 114 -0.73 -24.09 19.30
N ILE B 115 -1.44 -24.92 20.05
CA ILE B 115 -1.21 -26.39 20.10
C ILE B 115 -1.57 -27.02 18.74
N GLU B 116 -2.59 -26.53 18.06
CA GLU B 116 -3.02 -27.05 16.73
C GLU B 116 -1.95 -26.74 15.69
N GLU B 117 -1.43 -25.51 15.67
CA GLU B 117 -0.33 -25.10 14.76
C GLU B 117 0.89 -25.97 15.05
N TRP B 118 1.25 -26.08 16.32
CA TRP B 118 2.39 -26.93 16.80
C TRP B 118 2.23 -28.34 16.23
N GLY B 119 1.04 -28.91 16.34
CA GLY B 119 0.65 -30.18 15.71
C GLY B 119 0.93 -31.38 16.59
N GLN B 120 1.56 -31.19 17.75
CA GLN B 120 1.97 -32.29 18.66
C GLN B 120 0.92 -32.49 19.75
N PRO B 121 0.91 -33.66 20.43
CA PRO B 121 -0.06 -33.92 21.49
C PRO B 121 0.25 -33.14 22.77
N LYS B 122 -0.81 -32.75 23.50
CA LYS B 122 -0.75 -32.09 24.84
C LYS B 122 0.10 -32.88 25.82
N ASN B 123 0.13 -34.21 25.73
CA ASN B 123 1.03 -35.13 26.50
C ASN B 123 2.43 -34.56 26.65
N LYS B 124 2.95 -33.90 25.61
CA LYS B 124 4.38 -33.53 25.49
C LYS B 124 4.65 -32.13 26.05
N ILE B 125 3.61 -31.40 26.46
CA ILE B 125 3.74 -30.10 27.17
C ILE B 125 4.16 -30.40 28.61
N THR B 126 5.31 -29.88 29.04
CA THR B 126 5.96 -30.16 30.34
C THR B 126 5.89 -28.95 31.26
N HIS B 127 5.81 -27.73 30.72
CA HIS B 127 5.79 -26.46 31.50
C HIS B 127 4.65 -25.58 31.00
N LEU B 128 4.05 -24.81 31.91
CA LEU B 128 3.05 -23.77 31.60
C LEU B 128 3.47 -22.47 32.31
N ILE B 129 3.75 -21.43 31.54
CA ILE B 129 3.91 -20.04 32.05
C ILE B 129 2.64 -19.29 31.69
N PHE B 130 1.94 -18.78 32.69
CA PHE B 130 0.65 -18.07 32.53
C PHE B 130 0.77 -16.71 33.22
N SER B 131 0.68 -15.65 32.43
CA SER B 131 0.65 -14.24 32.88
C SER B 131 -0.78 -13.71 32.74
N SER B 132 -1.35 -13.20 33.82
CA SER B 132 -2.67 -12.51 33.82
C SER B 132 -2.63 -11.32 34.79
N THR B 133 -3.19 -10.19 34.37
CA THR B 133 -3.46 -9.05 35.27
C THR B 133 -4.54 -9.46 36.27
N SER B 134 -5.55 -10.21 35.80
CA SER B 134 -6.89 -10.41 36.41
C SER B 134 -7.03 -11.80 37.05
N GLY B 135 -8.12 -12.01 37.79
CA GLY B 135 -8.56 -13.31 38.32
C GLY B 135 -7.60 -13.86 39.35
N ILE B 136 -7.19 -13.05 40.33
CA ILE B 136 -6.24 -13.48 41.39
C ILE B 136 -7.01 -14.38 42.36
N GLU B 137 -6.64 -15.65 42.40
CA GLU B 137 -7.40 -16.69 43.12
C GLU B 137 -6.48 -17.89 43.36
N LYS B 138 -6.83 -18.71 44.35
CA LYS B 138 -6.18 -20.00 44.66
C LYS B 138 -7.24 -21.09 44.59
N PRO B 139 -7.02 -22.17 43.81
CA PRO B 139 -5.90 -22.27 42.88
C PRO B 139 -6.06 -21.24 41.74
N GLY B 140 -4.95 -20.95 41.06
CA GLY B 140 -4.86 -19.88 40.06
C GLY B 140 -5.43 -20.28 38.71
N VAL B 141 -5.54 -19.31 37.81
CA VAL B 141 -6.05 -19.48 36.42
C VAL B 141 -5.14 -20.46 35.66
N ASP B 142 -3.87 -20.62 36.08
CA ASP B 142 -2.96 -21.66 35.53
C ASP B 142 -3.57 -23.05 35.75
N CYS B 143 -4.06 -23.35 36.94
CA CYS B 143 -4.71 -24.65 37.27
C CYS B 143 -6.03 -24.77 36.48
N HIS B 144 -6.82 -23.70 36.42
CA HIS B 144 -8.10 -23.68 35.66
C HIS B 144 -7.79 -24.06 34.21
N LEU B 145 -6.72 -23.48 33.65
CA LEU B 145 -6.33 -23.72 32.23
C LEU B 145 -5.94 -25.19 32.06
N VAL B 146 -5.21 -25.79 33.02
CA VAL B 146 -4.80 -27.21 32.95
C VAL B 146 -6.05 -28.08 32.77
N HIS B 147 -7.11 -27.82 33.54
CA HIS B 147 -8.34 -28.64 33.50
C HIS B 147 -9.12 -28.34 32.22
N LEU B 148 -9.17 -27.08 31.76
CA LEU B 148 -9.89 -26.70 30.52
C LEU B 148 -9.24 -27.36 29.30
N LEU B 149 -7.91 -27.38 29.22
CA LEU B 149 -7.16 -27.89 28.03
C LEU B 149 -6.93 -29.40 28.16
N GLY B 150 -7.13 -29.98 29.35
CA GLY B 150 -6.74 -31.37 29.63
C GLY B 150 -5.23 -31.55 29.50
N LEU B 151 -4.45 -30.61 30.03
CA LEU B 151 -2.97 -30.69 30.08
C LEU B 151 -2.59 -31.74 31.12
N PRO B 152 -1.38 -32.33 31.05
CA PRO B 152 -0.94 -33.27 32.06
C PRO B 152 -0.98 -32.60 33.44
N LEU B 153 -1.37 -33.34 34.47
CA LEU B 153 -1.39 -32.84 35.87
C LEU B 153 0.03 -32.61 36.37
N SER B 154 1.04 -33.19 35.70
CA SER B 154 2.47 -33.09 36.07
C SER B 154 3.14 -31.87 35.45
N VAL B 155 2.38 -31.03 34.73
CA VAL B 155 2.94 -29.82 34.08
C VAL B 155 3.47 -28.87 35.17
N ASN B 156 4.71 -28.39 34.99
CA ASN B 156 5.39 -27.41 35.88
C ASN B 156 4.85 -26.02 35.58
N ARG B 157 4.17 -25.40 36.54
CA ARG B 157 3.43 -24.13 36.33
C ARG B 157 4.22 -22.96 36.92
N VAL B 158 4.24 -21.84 36.19
CA VAL B 158 4.67 -20.50 36.70
C VAL B 158 3.49 -19.55 36.48
N MET B 159 2.81 -19.16 37.55
CA MET B 159 1.63 -18.25 37.52
C MET B 159 2.10 -16.85 37.91
N LEU B 160 2.05 -15.92 36.96
CA LEU B 160 2.48 -14.52 37.14
C LEU B 160 1.25 -13.62 37.12
N TYR B 161 0.79 -13.20 38.29
CA TYR B 161 -0.34 -12.25 38.45
C TYR B 161 0.19 -10.81 38.51
N THR B 162 -0.40 -9.94 37.70
CA THR B 162 -0.40 -8.46 37.88
C THR B 162 1.01 -7.89 37.68
N ILE B 163 1.58 -8.02 36.47
CA ILE B 163 3.00 -7.64 36.19
C ILE B 163 3.14 -6.15 35.86
N GLY B 164 2.49 -5.56 34.83
CA GLY B 164 1.66 -6.20 33.82
C GLY B 164 2.16 -5.92 32.39
N CYS B 165 2.32 -4.67 31.94
CA CYS B 165 2.47 -4.35 30.49
C CYS B 165 3.75 -4.93 29.88
N HIS B 166 4.82 -5.15 30.66
CA HIS B 166 6.10 -5.73 30.17
C HIS B 166 6.07 -7.27 30.24
N ALA B 167 4.96 -7.87 30.67
CA ALA B 167 4.82 -9.34 30.93
C ALA B 167 5.13 -10.15 29.68
N GLY B 168 4.88 -9.61 28.49
CA GLY B 168 5.23 -10.29 27.22
C GLY B 168 6.70 -10.64 27.19
N GLY B 169 7.55 -9.70 27.57
CA GLY B 169 9.01 -9.92 27.68
C GLY B 169 9.35 -10.84 28.84
N THR B 170 8.67 -10.68 29.97
CA THR B 170 8.90 -11.48 31.20
C THR B 170 8.71 -12.97 30.91
N VAL B 171 7.59 -13.36 30.27
CA VAL B 171 7.26 -14.80 30.06
C VAL B 171 8.25 -15.40 29.05
N LEU B 172 8.71 -14.62 28.07
CA LEU B 172 9.75 -15.08 27.10
C LEU B 172 11.08 -15.28 27.83
N ARG B 173 11.42 -14.38 28.76
CA ARG B 173 12.68 -14.46 29.53
C ARG B 173 12.67 -15.74 30.38
N ILE B 174 11.54 -16.05 31.02
CA ILE B 174 11.42 -17.23 31.92
C ILE B 174 11.36 -18.49 31.05
N ALA B 175 10.60 -18.45 29.95
CA ALA B 175 10.42 -19.60 29.02
C ALA B 175 11.79 -20.03 28.48
N LYS B 176 12.68 -19.09 28.20
CA LYS B 176 14.01 -19.38 27.63
C LYS B 176 14.75 -20.31 28.59
N ASP B 177 14.83 -19.97 29.87
CA ASP B 177 15.63 -20.71 30.89
C ASP B 177 14.96 -22.07 31.18
N LEU B 178 13.63 -22.14 31.23
CA LEU B 178 12.90 -23.41 31.43
C LEU B 178 13.13 -24.34 30.23
N ALA B 179 12.97 -23.84 29.01
CA ALA B 179 13.13 -24.62 27.77
C ALA B 179 14.58 -25.11 27.64
N GLU B 180 15.55 -24.27 27.98
CA GLU B 180 16.99 -24.53 27.67
C GLU B 180 17.63 -25.39 28.77
N ASN B 181 17.01 -25.50 29.95
CA ASN B 181 17.60 -26.27 31.08
C ASN B 181 16.97 -27.66 31.19
N ASN B 182 15.91 -27.96 30.43
CA ASN B 182 15.16 -29.24 30.54
C ASN B 182 15.08 -29.87 29.15
N VAL B 183 15.91 -30.87 28.85
CA VAL B 183 15.99 -31.47 27.50
C VAL B 183 14.64 -32.11 27.17
N GLY B 184 14.08 -31.82 25.99
CA GLY B 184 12.79 -32.36 25.53
C GLY B 184 11.61 -31.60 26.10
N SER B 185 11.84 -30.57 26.92
CA SER B 185 10.76 -29.74 27.52
C SER B 185 10.05 -28.94 26.42
N ARG B 186 8.74 -28.80 26.55
CA ARG B 186 7.90 -27.95 25.66
C ARG B 186 7.05 -27.04 26.54
N VAL B 187 7.28 -25.73 26.45
CA VAL B 187 6.71 -24.70 27.36
C VAL B 187 5.50 -24.06 26.66
N LEU B 188 4.31 -24.30 27.18
CA LEU B 188 3.10 -23.50 26.83
C LEU B 188 3.22 -22.17 27.58
N VAL B 189 3.34 -21.07 26.84
CA VAL B 189 3.35 -19.70 27.40
C VAL B 189 2.01 -19.06 27.04
N VAL B 190 1.36 -18.42 28.01
CA VAL B 190 0.04 -17.75 27.78
C VAL B 190 0.05 -16.40 28.50
N CYS B 191 -0.26 -15.34 27.77
CA CYS B 191 -0.67 -14.02 28.32
C CYS B 191 -2.15 -13.83 28.02
N SER B 192 -2.98 -13.70 29.04
CA SER B 192 -4.45 -13.57 28.92
C SER B 192 -4.88 -12.31 29.66
N GLU B 193 -5.26 -11.28 28.90
CA GLU B 193 -5.46 -9.91 29.43
C GLU B 193 -6.89 -9.46 29.13
N LEU B 194 -7.70 -9.30 30.18
CA LEU B 194 -9.01 -8.62 30.13
C LEU B 194 -8.90 -7.30 30.88
N THR B 195 -9.63 -6.28 30.43
CA THR B 195 -9.69 -4.95 31.07
C THR B 195 -10.84 -4.91 32.08
N VAL B 196 -11.46 -6.05 32.40
CA VAL B 196 -12.60 -6.12 33.37
C VAL B 196 -12.13 -5.58 34.72
N MET B 197 -10.86 -5.79 35.10
CA MET B 197 -10.36 -5.45 36.46
C MET B 197 -10.09 -3.94 36.58
N THR B 198 -9.82 -3.25 35.48
CA THR B 198 -9.39 -1.82 35.47
C THR B 198 -10.48 -0.88 34.96
N PHE B 199 -11.47 -1.38 34.21
CA PHE B 199 -12.51 -0.52 33.59
C PHE B 199 -13.31 0.20 34.68
N ARG B 200 -13.45 1.52 34.56
CA ARG B 200 -14.30 2.34 35.46
C ARG B 200 -14.83 3.58 34.73
N GLY B 201 -15.85 4.22 35.31
CA GLY B 201 -16.45 5.47 34.82
C GLY B 201 -15.41 6.59 34.67
N PRO B 202 -15.62 7.56 33.77
CA PRO B 202 -14.68 8.64 33.55
C PRO B 202 -14.77 9.70 34.66
N SER B 203 -13.65 10.35 34.97
CA SER B 203 -13.55 11.41 36.00
C SER B 203 -12.51 12.44 35.56
N GLU B 204 -12.71 13.73 35.83
CA GLU B 204 -11.67 14.74 35.50
C GLU B 204 -10.56 14.66 36.55
N THR B 205 -10.75 13.88 37.63
CA THR B 205 -9.73 13.65 38.70
C THR B 205 -8.76 12.53 38.34
N ASP B 206 -8.97 11.86 37.20
CA ASP B 206 -8.16 10.71 36.73
C ASP B 206 -8.05 10.71 35.20
N LEU B 207 -7.12 11.50 34.65
CA LEU B 207 -6.87 11.56 33.19
C LEU B 207 -6.24 10.25 32.71
N ALA B 208 -5.35 9.65 33.51
CA ALA B 208 -4.68 8.37 33.15
C ALA B 208 -5.73 7.32 32.79
N ASN B 209 -6.86 7.26 33.50
CA ASN B 209 -7.95 6.27 33.25
C ASN B 209 -8.78 6.65 32.03
N LEU B 210 -8.92 7.93 31.67
CA LEU B 210 -9.48 8.32 30.34
C LEU B 210 -8.61 7.74 29.23
N ILE B 211 -7.29 7.99 29.28
CA ILE B 211 -6.32 7.45 28.29
C ILE B 211 -6.53 5.92 28.26
N ARG B 212 -6.51 5.26 29.42
CA ARG B 212 -6.59 3.78 29.54
C ARG B 212 -7.86 3.28 28.84
N MET B 213 -9.00 3.92 29.09
CA MET B 213 -10.31 3.45 28.57
C MET B 213 -10.38 3.73 27.05
N GLY B 214 -9.46 4.53 26.51
CA GLY B 214 -9.30 4.77 25.06
C GLY B 214 -8.39 3.77 24.36
N ILE B 215 -7.31 3.34 25.02
CA ILE B 215 -6.17 2.63 24.37
C ILE B 215 -6.29 1.11 24.56
N PHE B 216 -6.64 0.65 25.76
CA PHE B 216 -6.49 -0.75 26.20
C PHE B 216 -7.66 -1.62 25.73
N GLY B 217 -7.32 -2.76 25.12
CA GLY B 217 -8.26 -3.80 24.70
C GLY B 217 -7.91 -5.16 25.30
N ASP B 218 -8.78 -6.14 25.10
CA ASP B 218 -8.65 -7.51 25.64
C ASP B 218 -8.03 -8.40 24.57
N GLY B 219 -7.30 -9.43 25.00
CA GLY B 219 -6.69 -10.42 24.12
C GLY B 219 -5.89 -11.44 24.90
N ALA B 220 -5.68 -12.61 24.31
CA ALA B 220 -4.81 -13.67 24.85
C ALA B 220 -3.93 -14.17 23.71
N ALA B 221 -2.63 -14.33 23.98
CA ALA B 221 -1.66 -14.91 23.04
C ALA B 221 -0.99 -16.09 23.73
N ALA B 222 -0.92 -17.23 23.05
CA ALA B 222 -0.24 -18.45 23.55
C ALA B 222 0.86 -18.83 22.57
N LEU B 223 1.96 -19.35 23.07
CA LEU B 223 2.99 -19.91 22.18
C LEU B 223 3.65 -21.13 22.83
N ILE B 224 4.22 -22.00 21.99
CA ILE B 224 4.97 -23.24 22.39
C ILE B 224 6.44 -22.93 22.20
N ILE B 225 7.23 -22.98 23.28
CA ILE B 225 8.71 -22.83 23.23
C ILE B 225 9.34 -24.19 23.52
N GLY B 226 10.35 -24.54 22.72
CA GLY B 226 11.24 -25.68 22.99
C GLY B 226 12.60 -25.38 22.40
N ALA B 227 13.66 -25.89 23.03
CA ALA B 227 15.01 -25.94 22.44
C ALA B 227 15.11 -27.25 21.65
N ASP B 228 16.01 -27.30 20.66
CA ASP B 228 16.30 -28.51 19.84
C ASP B 228 14.99 -29.09 19.33
N PRO B 229 14.24 -28.35 18.48
CA PRO B 229 13.01 -28.89 17.91
C PRO B 229 13.38 -30.04 16.96
N ASP B 230 12.47 -31.00 16.77
CA ASP B 230 12.57 -32.05 15.72
C ASP B 230 12.06 -31.43 14.42
N LEU B 231 12.97 -31.09 13.51
CA LEU B 231 12.65 -30.31 12.28
C LEU B 231 11.80 -31.13 11.30
N SER B 232 11.66 -32.44 11.52
CA SER B 232 10.73 -33.29 10.75
C SER B 232 9.27 -32.96 11.07
N ILE B 233 8.97 -32.40 12.26
CA ILE B 233 7.56 -32.19 12.73
C ILE B 233 7.37 -30.80 13.34
N GLU B 234 8.43 -30.12 13.78
CA GLU B 234 8.33 -28.80 14.47
C GLU B 234 9.04 -27.74 13.62
N LYS B 235 8.46 -26.54 13.55
CA LYS B 235 8.98 -25.41 12.71
C LYS B 235 9.29 -24.21 13.60
N PRO B 236 10.57 -23.96 13.95
CA PRO B 236 10.91 -22.77 14.71
C PRO B 236 10.51 -21.52 13.92
N ILE B 237 9.93 -20.52 14.59
CA ILE B 237 9.51 -19.22 14.01
C ILE B 237 10.53 -18.14 14.41
N PHE B 238 10.89 -18.11 15.68
CA PHE B 238 11.93 -17.21 16.25
C PHE B 238 12.73 -17.97 17.31
N GLU B 239 14.00 -17.61 17.45
CA GLU B 239 14.86 -18.07 18.57
C GLU B 239 14.97 -16.91 19.57
N ILE B 240 14.89 -17.22 20.85
CA ILE B 240 15.15 -16.26 21.96
C ILE B 240 16.65 -16.32 22.24
N PHE B 241 17.42 -15.40 21.66
CA PHE B 241 18.91 -15.37 21.80
C PHE B 241 19.27 -14.96 23.24
N SER B 242 18.71 -13.86 23.74
CA SER B 242 19.02 -13.35 25.09
C SER B 242 17.80 -12.59 25.63
N ALA B 243 17.71 -12.45 26.95
CA ALA B 243 16.63 -11.73 27.65
C ALA B 243 17.22 -11.02 28.87
N SER B 244 17.09 -9.70 28.92
CA SER B 244 17.53 -8.83 30.03
C SER B 244 16.37 -7.97 30.50
N GLN B 245 16.31 -7.74 31.81
CA GLN B 245 15.32 -6.84 32.44
C GLN B 245 16.11 -5.70 33.09
N THR B 246 15.56 -4.49 33.12
CA THR B 246 16.19 -3.36 33.84
C THR B 246 15.10 -2.45 34.40
N LEU B 247 15.42 -1.79 35.51
CA LEU B 247 14.61 -0.72 36.12
C LEU B 247 15.19 0.62 35.67
N VAL B 248 14.33 1.54 35.25
CA VAL B 248 14.74 2.95 34.98
C VAL B 248 14.81 3.65 36.33
N PRO B 249 15.97 4.26 36.68
CA PRO B 249 16.16 4.82 38.02
C PRO B 249 15.13 5.92 38.31
N ASN B 250 14.58 5.93 39.54
CA ASN B 250 13.73 7.01 40.09
C ASN B 250 12.47 7.17 39.24
N THR B 251 11.78 6.07 38.94
CA THR B 251 10.56 6.10 38.09
C THR B 251 9.48 5.20 38.71
N SER B 252 9.50 5.00 40.02
CA SER B 252 8.58 4.08 40.73
C SER B 252 7.13 4.56 40.70
N LYS B 253 6.91 5.86 40.62
CA LYS B 253 5.53 6.35 40.69
C LYS B 253 5.06 6.70 39.28
N ALA B 254 5.82 6.35 38.25
CA ALA B 254 5.54 6.76 36.85
C ALA B 254 4.51 5.82 36.22
N ILE B 255 4.54 4.53 36.55
CA ILE B 255 3.49 3.53 36.14
C ILE B 255 3.06 2.78 37.40
N ARG B 256 1.81 2.96 37.82
CA ARG B 256 1.27 2.53 39.13
C ARG B 256 -0.06 1.80 38.93
N GLY B 257 -0.30 0.82 39.79
CA GLY B 257 -1.59 0.12 39.89
C GLY B 257 -1.66 -0.63 41.20
N ARG B 258 -2.81 -0.61 41.86
CA ARG B 258 -3.02 -1.41 43.08
C ARG B 258 -4.37 -2.14 42.98
N VAL B 259 -4.39 -3.41 43.39
CA VAL B 259 -5.66 -4.18 43.56
C VAL B 259 -6.35 -3.59 44.81
N LYS B 260 -7.50 -2.98 44.61
CA LYS B 260 -8.27 -2.29 45.68
C LYS B 260 -9.73 -2.76 45.62
N GLU B 261 -10.53 -2.32 46.57
CA GLU B 261 -11.98 -2.65 46.66
C GLU B 261 -12.68 -2.17 45.38
N MET B 262 -12.14 -1.14 44.73
CA MET B 262 -12.68 -0.57 43.46
C MET B 262 -12.08 -1.29 42.24
N GLY B 263 -11.32 -2.38 42.43
CA GLY B 263 -10.62 -3.09 41.35
C GLY B 263 -9.19 -2.63 41.22
N LEU B 264 -8.56 -2.88 40.08
CA LEU B 264 -7.16 -2.47 39.82
C LEU B 264 -7.14 -1.01 39.40
N THR B 265 -6.50 -0.15 40.19
CA THR B 265 -6.25 1.27 39.82
C THR B 265 -5.16 1.30 38.75
N PHE B 266 -5.02 2.44 38.08
CA PHE B 266 -4.16 2.60 36.89
C PHE B 266 -3.66 4.03 36.81
N TYR B 267 -2.35 4.20 36.76
CA TYR B 267 -1.70 5.51 36.51
C TYR B 267 -0.49 5.29 35.61
N VAL B 268 -0.46 5.99 34.48
CA VAL B 268 0.70 6.16 33.58
C VAL B 268 0.98 7.66 33.49
N ASP B 269 2.19 8.07 33.84
CA ASP B 269 2.61 9.49 33.83
C ASP B 269 2.75 9.94 32.37
N LYS B 270 2.49 11.21 32.10
CA LYS B 270 2.61 11.82 30.75
C LYS B 270 4.06 11.76 30.27
N MET B 271 5.04 11.57 31.18
CA MET B 271 6.48 11.59 30.86
C MET B 271 6.95 10.19 30.40
N VAL B 272 6.11 9.15 30.45
CA VAL B 272 6.53 7.75 30.21
C VAL B 272 7.14 7.61 28.81
N PRO B 273 6.52 8.16 27.73
CA PRO B 273 7.17 8.13 26.41
C PRO B 273 8.62 8.62 26.42
N THR B 274 8.87 9.79 27.01
CA THR B 274 10.22 10.41 27.15
C THR B 274 11.14 9.51 27.98
N LEU B 275 10.67 9.03 29.13
CA LEU B 275 11.45 8.16 30.05
C LEU B 275 11.95 6.94 29.30
N VAL B 276 11.07 6.27 28.56
CA VAL B 276 11.40 5.04 27.79
C VAL B 276 12.41 5.39 26.70
N ALA B 277 12.11 6.38 25.86
CA ALA B 277 12.96 6.81 24.73
C ALA B 277 14.33 7.25 25.28
N SER B 278 14.36 7.88 26.45
CA SER B 278 15.59 8.39 27.09
C SER B 278 16.48 7.24 27.60
N ASN B 279 15.94 6.04 27.77
CA ASN B 279 16.67 4.90 28.40
C ASN B 279 16.88 3.75 27.39
N ILE B 280 16.19 3.75 26.25
CA ILE B 280 16.10 2.59 25.33
C ILE B 280 17.48 2.27 24.75
N GLU B 281 18.28 3.30 24.45
CA GLU B 281 19.63 3.18 23.84
C GLU B 281 20.55 2.32 24.72
N GLN B 282 20.54 2.46 26.04
CA GLN B 282 21.42 1.67 26.94
C GLN B 282 20.99 0.21 26.92
N CYS B 283 19.70 -0.07 26.91
CA CYS B 283 19.12 -1.44 26.83
C CYS B 283 19.57 -2.11 25.52
N LEU B 284 19.41 -1.37 24.41
CA LEU B 284 19.78 -1.80 23.04
C LEU B 284 21.30 -2.08 22.97
N ASP B 285 22.10 -1.20 23.58
CA ASP B 285 23.59 -1.28 23.55
C ASP B 285 24.03 -2.54 24.32
N LYS B 286 23.48 -2.76 25.51
CA LYS B 286 23.80 -3.95 26.35
C LYS B 286 23.40 -5.23 25.60
N ALA B 287 22.23 -5.22 24.95
CA ALA B 287 21.67 -6.39 24.24
C ALA B 287 22.48 -6.74 22.98
N PHE B 288 22.95 -5.74 22.22
CA PHE B 288 23.43 -5.93 20.83
C PHE B 288 24.95 -5.73 20.68
N SER B 289 25.64 -5.08 21.63
CA SER B 289 27.11 -4.95 21.63
C SER B 289 27.77 -6.32 21.48
N PRO B 290 27.36 -7.37 22.22
CA PRO B 290 27.97 -8.70 22.04
C PRO B 290 27.86 -9.22 20.60
N LEU B 291 26.87 -8.77 19.82
CA LEU B 291 26.65 -9.18 18.41
C LEU B 291 27.37 -8.22 17.44
N GLY B 292 27.98 -7.16 17.97
CA GLY B 292 28.58 -6.07 17.16
C GLY B 292 27.53 -5.36 16.31
N ILE B 293 26.30 -5.23 16.81
CA ILE B 293 25.18 -4.54 16.10
C ILE B 293 24.92 -3.20 16.78
N ASN B 294 24.66 -2.20 15.96
CA ASN B 294 24.91 -0.76 16.21
C ASN B 294 23.78 0.03 15.53
N ASP B 295 23.35 -0.44 14.36
CA ASP B 295 22.37 0.19 13.46
C ASP B 295 20.99 -0.38 13.77
N TRP B 296 20.14 0.41 14.42
CA TRP B 296 18.80 0.00 14.89
C TRP B 296 17.83 -0.13 13.72
N ASN B 297 18.24 0.28 12.52
CA ASN B 297 17.43 0.07 11.29
C ASN B 297 17.77 -1.30 10.67
N SER B 298 18.80 -2.00 11.15
CA SER B 298 19.28 -3.29 10.58
C SER B 298 18.63 -4.49 11.29
N ILE B 299 17.81 -4.26 12.30
CA ILE B 299 17.11 -5.32 13.10
C ILE B 299 15.60 -5.08 12.98
N PHE B 300 14.79 -6.14 13.07
CA PHE B 300 13.30 -6.02 13.10
C PHE B 300 12.89 -5.65 14.53
N TRP B 301 11.73 -5.01 14.66
CA TRP B 301 11.30 -4.29 15.89
C TRP B 301 9.94 -4.81 16.37
N ILE B 302 9.90 -5.22 17.63
CA ILE B 302 8.65 -5.56 18.36
C ILE B 302 8.64 -4.76 19.67
N PRO B 303 8.44 -3.42 19.63
CA PRO B 303 8.31 -2.64 20.85
C PRO B 303 6.86 -2.69 21.34
N HIS B 304 6.68 -2.83 22.65
CA HIS B 304 5.34 -2.77 23.28
C HIS B 304 4.73 -1.42 22.95
N PRO B 305 3.58 -1.37 22.24
CA PRO B 305 2.95 -0.10 21.88
C PRO B 305 2.03 0.41 23.00
N GLY B 306 2.62 0.89 24.10
CA GLY B 306 1.89 1.49 25.24
C GLY B 306 0.88 2.51 24.75
N GLY B 307 1.29 3.33 23.78
CA GLY B 307 0.42 4.27 23.05
C GLY B 307 1.12 4.74 21.79
N PRO B 308 0.48 5.62 20.99
CA PRO B 308 1.15 6.20 19.81
C PRO B 308 2.37 7.06 20.19
N ALA B 309 2.35 7.74 21.34
CA ALA B 309 3.42 8.65 21.79
C ALA B 309 4.72 7.87 22.05
N ILE B 310 4.66 6.69 22.67
CA ILE B 310 5.85 5.84 22.95
C ILE B 310 6.49 5.43 21.61
N LEU B 311 5.68 5.07 20.61
CA LEU B 311 6.17 4.63 19.27
C LEU B 311 6.81 5.84 18.57
N ALA B 312 6.15 7.00 18.61
CA ALA B 312 6.65 8.28 18.07
C ALA B 312 8.03 8.59 18.65
N GLU B 313 8.17 8.50 19.98
CA GLU B 313 9.41 8.89 20.71
C GLU B 313 10.53 7.92 20.36
N ILE B 314 10.24 6.62 20.24
CA ILE B 314 11.26 5.59 19.87
C ILE B 314 11.74 5.87 18.45
N GLU B 315 10.82 6.05 17.50
CA GLU B 315 11.11 6.36 16.08
C GLU B 315 12.04 7.57 16.03
N ALA B 316 11.64 8.66 16.67
CA ALA B 316 12.38 9.94 16.70
C ALA B 316 13.77 9.74 17.30
N LYS B 317 13.85 9.13 18.48
CA LYS B 317 15.11 9.00 19.26
C LYS B 317 16.11 8.14 18.49
N LEU B 318 15.69 7.00 17.92
CA LEU B 318 16.58 6.01 17.26
C LEU B 318 16.63 6.27 15.76
N GLU B 319 15.88 7.28 15.27
CA GLU B 319 15.82 7.67 13.83
C GLU B 319 15.50 6.43 12.99
N LEU B 320 14.45 5.71 13.33
CA LEU B 320 14.00 4.48 12.61
C LEU B 320 13.31 4.89 11.31
N LYS B 321 13.55 4.13 10.23
CA LYS B 321 12.92 4.34 8.91
C LYS B 321 11.41 4.14 9.07
N PRO B 322 10.58 4.73 8.18
CA PRO B 322 9.14 4.70 8.32
C PRO B 322 8.45 3.34 8.46
N GLY B 323 8.99 2.26 7.92
CA GLY B 323 8.30 0.94 7.92
C GLY B 323 8.64 0.04 9.10
N LYS B 324 9.59 0.40 9.96
CA LYS B 324 10.14 -0.52 11.00
C LYS B 324 9.04 -1.00 11.93
N LEU B 325 8.11 -0.13 12.28
CA LEU B 325 7.06 -0.37 13.31
C LEU B 325 5.71 -0.67 12.66
N ARG B 326 5.68 -1.08 11.38
CA ARG B 326 4.42 -1.36 10.64
C ARG B 326 3.58 -2.43 11.34
N ALA B 327 4.21 -3.55 11.69
CA ALA B 327 3.55 -4.70 12.36
C ALA B 327 2.97 -4.23 13.70
N THR B 328 3.77 -3.49 14.48
CA THR B 328 3.39 -2.98 15.83
C THR B 328 2.19 -2.05 15.69
N ARG B 329 2.27 -1.07 14.79
CA ARG B 329 1.20 -0.08 14.51
C ARG B 329 -0.07 -0.83 14.08
N HIS B 330 0.06 -1.85 13.23
CA HIS B 330 -1.07 -2.68 12.76
C HIS B 330 -1.82 -3.27 13.97
N VAL B 331 -1.10 -3.92 14.88
CA VAL B 331 -1.71 -4.57 16.08
C VAL B 331 -2.33 -3.48 16.96
N LEU B 332 -1.63 -2.37 17.21
CA LEU B 332 -2.18 -1.28 18.05
C LEU B 332 -3.49 -0.79 17.42
N SER B 333 -3.53 -0.67 16.09
CA SER B 333 -4.70 -0.09 15.37
C SER B 333 -5.86 -1.08 15.40
N GLU B 334 -5.58 -2.39 15.32
CA GLU B 334 -6.58 -3.44 15.05
C GLU B 334 -7.09 -4.08 16.35
N TYR B 335 -6.35 -3.98 17.45
CA TYR B 335 -6.70 -4.66 18.73
C TYR B 335 -6.54 -3.71 19.93
N GLY B 336 -5.88 -2.57 19.75
CA GLY B 336 -5.48 -1.69 20.85
C GLY B 336 -4.32 -2.28 21.65
N ASN B 337 -4.07 -1.70 22.82
CA ASN B 337 -3.04 -2.16 23.79
C ASN B 337 -3.65 -3.30 24.62
N MET B 338 -3.15 -4.53 24.45
CA MET B 338 -3.63 -5.72 25.19
C MET B 338 -2.59 -6.11 26.24
N SER B 339 -1.93 -5.11 26.81
CA SER B 339 -0.89 -5.27 27.85
C SER B 339 0.15 -6.31 27.40
N GLY B 340 0.53 -7.25 28.28
CA GLY B 340 1.63 -8.21 28.04
C GLY B 340 1.43 -8.99 26.76
N ALA B 341 0.17 -9.26 26.38
CA ALA B 341 -0.18 -10.09 25.20
C ALA B 341 0.25 -9.39 23.91
N THR B 342 0.27 -8.05 23.89
CA THR B 342 0.39 -7.25 22.66
C THR B 342 1.64 -7.66 21.87
N VAL B 343 2.83 -7.71 22.47
CA VAL B 343 4.09 -8.02 21.75
C VAL B 343 4.00 -9.42 21.12
N LEU B 344 3.27 -10.34 21.74
CA LEU B 344 3.10 -11.72 21.22
C LEU B 344 2.16 -11.68 20.00
N PHE B 345 1.13 -10.84 20.02
CA PHE B 345 0.28 -10.58 18.82
C PHE B 345 1.15 -10.04 17.69
N ILE B 346 2.09 -9.14 18.03
CA ILE B 346 2.99 -8.47 17.04
C ILE B 346 3.95 -9.50 16.45
N LEU B 347 4.51 -10.40 17.27
CA LEU B 347 5.31 -11.56 16.78
C LEU B 347 4.51 -12.31 15.71
N ASP B 348 3.24 -12.60 15.99
CA ASP B 348 2.36 -13.36 15.07
C ASP B 348 2.20 -12.52 13.79
N GLU B 349 1.82 -11.25 13.93
CA GLU B 349 1.66 -10.33 12.79
C GLU B 349 2.94 -10.29 11.95
N MET B 350 4.11 -10.23 12.60
CA MET B 350 5.37 -10.05 11.84
C MET B 350 5.69 -11.30 11.01
N ARG B 351 5.60 -12.49 11.60
CA ARG B 351 5.89 -13.76 10.86
C ARG B 351 4.87 -13.92 9.72
N ARG B 352 3.60 -13.55 9.92
CA ARG B 352 2.51 -13.75 8.93
C ARG B 352 2.71 -12.78 7.77
N ARG B 353 2.96 -11.51 8.07
CA ARG B 353 3.27 -10.46 7.07
C ARG B 353 4.51 -10.90 6.25
N SER B 354 5.52 -11.43 6.94
CA SER B 354 6.79 -11.87 6.33
C SER B 354 6.49 -12.95 5.28
N LYS B 355 5.66 -13.94 5.61
CA LYS B 355 5.28 -15.03 4.67
C LYS B 355 4.47 -14.45 3.50
N LYS B 356 3.51 -13.55 3.78
CA LYS B 356 2.59 -12.98 2.77
C LYS B 356 3.37 -12.11 1.76
N GLU B 357 4.49 -11.51 2.18
CA GLU B 357 5.32 -10.63 1.33
C GLU B 357 6.56 -11.39 0.80
N GLY B 358 6.61 -12.72 0.99
CA GLY B 358 7.71 -13.58 0.50
C GLY B 358 9.08 -13.07 0.92
N LYS B 359 9.23 -12.73 2.20
CA LYS B 359 10.52 -12.27 2.78
C LYS B 359 11.36 -13.51 3.09
N GLY B 360 12.68 -13.37 3.18
CA GLY B 360 13.63 -14.47 3.35
C GLY B 360 13.63 -15.03 4.77
N THR B 361 13.13 -14.26 5.75
CA THR B 361 13.07 -14.66 7.17
C THR B 361 11.71 -14.30 7.77
N THR B 362 11.42 -14.84 8.95
CA THR B 362 10.18 -14.60 9.72
C THR B 362 10.20 -13.18 10.31
N GLY B 363 11.37 -12.53 10.31
CA GLY B 363 11.59 -11.19 10.86
C GLY B 363 11.79 -10.16 9.76
N ASP B 364 10.83 -10.10 8.82
CA ASP B 364 10.78 -9.04 7.78
C ASP B 364 11.99 -9.15 6.85
N GLY B 365 12.59 -10.34 6.72
CA GLY B 365 13.78 -10.58 5.88
C GLY B 365 15.09 -10.38 6.63
N LEU B 366 15.05 -9.81 7.84
CA LEU B 366 16.26 -9.54 8.66
C LEU B 366 16.55 -10.74 9.56
N GLU B 367 17.80 -10.86 10.02
CA GLU B 367 18.28 -11.99 10.85
C GLU B 367 17.98 -11.71 12.32
N TRP B 368 18.29 -10.50 12.80
CA TRP B 368 18.19 -10.14 14.24
C TRP B 368 17.03 -9.18 14.46
N GLY B 369 16.43 -9.28 15.65
CA GLY B 369 15.27 -8.48 16.08
C GLY B 369 15.34 -8.20 17.55
N VAL B 370 14.67 -7.14 17.98
CA VAL B 370 14.51 -6.79 19.41
C VAL B 370 13.01 -6.82 19.70
N LEU B 371 12.64 -7.43 20.82
CA LEU B 371 11.30 -7.32 21.43
C LEU B 371 11.48 -6.63 22.78
N MET B 372 10.68 -5.60 23.06
CA MET B 372 10.80 -4.80 24.29
C MET B 372 9.44 -4.66 24.95
N GLY B 373 9.40 -4.96 26.24
CA GLY B 373 8.27 -4.66 27.14
C GLY B 373 8.59 -3.42 27.97
N PHE B 374 7.61 -2.52 28.10
CA PHE B 374 7.66 -1.32 28.99
C PHE B 374 6.51 -1.44 29.98
N GLY B 375 6.81 -1.39 31.27
CA GLY B 375 5.76 -1.53 32.29
C GLY B 375 6.14 -0.94 33.64
N PRO B 376 5.39 -1.28 34.70
CA PRO B 376 5.64 -0.75 36.03
C PRO B 376 7.09 -0.99 36.45
N GLY B 377 7.71 0.00 37.10
CA GLY B 377 9.12 -0.06 37.53
C GLY B 377 9.76 1.32 37.65
N VAL B 378 9.93 2.04 36.54
CA VAL B 378 9.55 1.60 35.21
C VAL B 378 10.51 0.49 34.75
N THR B 379 9.97 -0.58 34.18
CA THR B 379 10.73 -1.77 33.75
C THR B 379 10.81 -1.82 32.22
N VAL B 380 12.00 -2.11 31.70
CA VAL B 380 12.24 -2.44 30.27
C VAL B 380 12.70 -3.90 30.20
N GLU B 381 11.90 -4.75 29.56
CA GLU B 381 12.30 -6.13 29.18
C GLU B 381 12.88 -6.04 27.76
N THR B 382 14.15 -6.40 27.58
CA THR B 382 14.83 -6.41 26.26
C THR B 382 15.14 -7.85 25.88
N ILE B 383 14.49 -8.36 24.83
CA ILE B 383 14.68 -9.72 24.29
C ILE B 383 15.28 -9.61 22.89
N VAL B 384 16.44 -10.23 22.67
CA VAL B 384 17.08 -10.36 21.34
C VAL B 384 16.50 -11.62 20.69
N LEU B 385 15.84 -11.44 19.55
CA LEU B 385 15.21 -12.53 18.76
C LEU B 385 16.05 -12.77 17.52
N ARG B 386 16.14 -14.03 17.12
CA ARG B 386 16.74 -14.44 15.85
C ARG B 386 15.63 -15.00 14.96
N ALA B 387 15.46 -14.44 13.77
CA ALA B 387 14.46 -14.91 12.78
C ALA B 387 14.94 -16.24 12.18
N ILE B 388 14.02 -16.96 11.56
CA ILE B 388 14.29 -18.26 10.89
C ILE B 388 14.15 -18.04 9.38
N SER B 389 15.01 -18.68 8.58
CA SER B 389 14.99 -18.63 7.10
C SER B 389 13.74 -19.35 6.58
N VAL B 390 12.92 -18.62 5.81
CA VAL B 390 11.72 -19.14 5.08
C VAL B 390 12.18 -19.50 3.66
N VAL B 391 11.54 -20.48 3.00
CA VAL B 391 11.79 -20.85 1.58
C VAL B 391 10.45 -21.04 0.88
N ARG C 12 -71.49 27.59 49.27
CA ARG C 12 -70.56 27.40 50.40
C ARG C 12 -69.19 27.00 49.87
N ARG C 13 -69.14 26.09 48.89
CA ARG C 13 -67.86 25.55 48.40
C ARG C 13 -67.79 25.69 46.88
N PRO C 14 -66.58 25.88 46.30
CA PRO C 14 -66.42 25.93 44.86
C PRO C 14 -66.81 24.61 44.17
N HIS C 15 -67.09 24.66 42.88
CA HIS C 15 -67.53 23.44 42.17
C HIS C 15 -66.34 22.73 41.54
N GLY C 16 -65.22 23.40 41.37
CA GLY C 16 -64.14 22.77 40.61
C GLY C 16 -62.91 22.35 41.38
N LEU C 17 -61.91 21.91 40.63
CA LEU C 17 -60.61 21.47 41.23
C LEU C 17 -59.74 22.70 41.53
N ALA C 18 -58.93 22.62 42.59
CA ALA C 18 -57.90 23.61 42.94
C ALA C 18 -56.91 23.68 41.78
N SER C 19 -56.71 24.87 41.21
CA SER C 19 -55.91 25.09 39.98
C SER C 19 -54.75 26.03 40.27
N ILE C 20 -53.55 25.67 39.80
CA ILE C 20 -52.35 26.56 39.80
C ILE C 20 -52.60 27.61 38.71
N LEU C 21 -52.66 28.89 39.07
CA LEU C 21 -53.05 30.00 38.18
C LEU C 21 -51.82 30.81 37.75
N ALA C 22 -50.70 30.64 38.43
CA ALA C 22 -49.45 31.41 38.20
C ALA C 22 -48.30 30.74 38.94
N ILE C 23 -47.09 30.79 38.39
CA ILE C 23 -45.86 30.24 39.02
C ILE C 23 -44.74 31.26 38.86
N GLY C 24 -44.17 31.70 39.98
CA GLY C 24 -42.98 32.56 40.02
C GLY C 24 -41.85 31.82 40.72
N THR C 25 -40.62 32.09 40.31
CA THR C 25 -39.41 31.52 40.95
C THR C 25 -38.38 32.63 41.13
N ALA C 26 -37.46 32.42 42.05
CA ALA C 26 -36.34 33.33 42.35
C ALA C 26 -35.21 32.49 42.92
N ASN C 27 -33.98 32.93 42.70
CA ASN C 27 -32.76 32.31 43.26
C ASN C 27 -31.87 33.44 43.77
N PRO C 28 -30.98 33.16 44.75
CA PRO C 28 -29.93 34.12 45.10
C PRO C 28 -29.18 34.54 43.84
N SER C 29 -28.69 35.78 43.79
CA SER C 29 -28.08 36.38 42.59
C SER C 29 -26.70 35.77 42.31
N ASN C 30 -26.04 35.17 43.31
CA ASN C 30 -24.69 34.56 43.16
C ASN C 30 -24.80 33.15 42.58
N CYS C 31 -24.13 32.93 41.47
CA CYS C 31 -24.15 31.68 40.66
C CYS C 31 -22.81 30.97 40.80
N PHE C 32 -22.82 29.68 41.13
CA PHE C 32 -21.61 28.84 41.32
C PHE C 32 -21.61 27.71 40.28
N ASN C 33 -20.67 27.76 39.35
CA ASN C 33 -20.44 26.70 38.32
C ASN C 33 -19.88 25.48 39.04
N GLN C 34 -20.42 24.30 38.76
CA GLN C 34 -20.02 23.05 39.45
C GLN C 34 -18.53 22.73 39.17
N ASP C 35 -18.04 23.04 37.98
CA ASP C 35 -16.62 22.77 37.60
C ASP C 35 -15.69 23.45 38.61
N GLU C 36 -16.00 24.66 39.07
CA GLU C 36 -15.14 25.48 39.96
C GLU C 36 -15.53 25.32 41.44
N PHE C 37 -16.57 24.55 41.75
CA PHE C 37 -17.14 24.52 43.13
C PHE C 37 -16.22 23.77 44.10
N PRO C 38 -15.65 22.60 43.73
CA PRO C 38 -14.69 21.93 44.61
C PRO C 38 -13.51 22.83 45.03
N ASP C 39 -12.94 23.59 44.09
CA ASP C 39 -11.83 24.54 44.36
C ASP C 39 -12.32 25.63 45.31
N TYR C 40 -13.48 26.22 45.01
CA TYR C 40 -14.09 27.33 45.82
C TYR C 40 -14.40 26.83 47.24
N SER C 41 -15.18 25.76 47.37
CA SER C 41 -15.71 25.28 48.66
C SER C 41 -14.55 24.86 49.57
N PHE C 42 -13.55 24.17 49.03
CA PHE C 42 -12.40 23.68 49.85
C PHE C 42 -11.47 24.85 50.23
N ARG C 43 -11.50 25.95 49.49
CA ARG C 43 -10.66 27.15 49.81
C ARG C 43 -11.32 27.94 50.96
N VAL C 44 -12.62 28.23 50.86
CA VAL C 44 -13.34 29.10 51.83
C VAL C 44 -13.58 28.33 53.14
N THR C 45 -13.53 26.99 53.12
CA THR C 45 -13.61 26.15 54.35
C THR C 45 -12.20 25.77 54.82
N LYS C 46 -11.16 26.38 54.24
CA LYS C 46 -9.75 26.23 54.71
C LYS C 46 -9.38 24.75 54.80
N SER C 47 -9.66 23.99 53.74
CA SER C 47 -9.55 22.50 53.67
C SER C 47 -8.73 22.06 52.45
N GLU C 48 -7.90 22.94 51.89
CA GLU C 48 -7.15 22.65 50.65
C GLU C 48 -6.10 21.58 50.90
N HIS C 49 -5.72 21.33 52.16
CA HIS C 49 -4.73 20.28 52.53
C HIS C 49 -5.35 18.87 52.48
N LEU C 50 -6.69 18.76 52.40
CA LEU C 50 -7.40 17.46 52.34
C LEU C 50 -7.56 17.07 50.87
N THR C 51 -6.45 16.85 50.17
CA THR C 51 -6.38 16.65 48.70
C THR C 51 -7.13 15.37 48.32
N SER C 52 -6.99 14.30 49.10
CA SER C 52 -7.71 13.03 48.89
C SER C 52 -9.23 13.27 48.95
N LEU C 53 -9.69 14.02 49.97
CA LEU C 53 -11.13 14.33 50.20
C LEU C 53 -11.64 15.26 49.10
N LYS C 54 -10.82 16.23 48.67
CA LYS C 54 -11.19 17.19 47.59
C LYS C 54 -11.43 16.44 46.29
N ASP C 55 -10.60 15.43 46.00
CA ASP C 55 -10.72 14.56 44.82
C ASP C 55 -12.06 13.81 44.88
N LYS C 56 -12.36 13.23 46.04
CA LYS C 56 -13.65 12.50 46.28
C LYS C 56 -14.81 13.47 46.01
N PHE C 57 -14.69 14.73 46.39
CA PHE C 57 -15.75 15.76 46.25
C PHE C 57 -15.90 16.16 44.78
N LYS C 58 -14.81 16.27 44.02
CA LYS C 58 -14.85 16.57 42.56
C LYS C 58 -15.67 15.48 41.86
N ARG C 59 -15.41 14.22 42.20
CA ARG C 59 -16.12 13.03 41.64
C ARG C 59 -17.61 13.14 42.00
N ILE C 60 -17.93 13.48 43.24
CA ILE C 60 -19.34 13.68 43.71
C ILE C 60 -20.00 14.75 42.84
N CYS C 61 -19.30 15.85 42.59
CA CYS C 61 -19.80 16.99 41.78
C CYS C 61 -20.00 16.54 40.32
N GLU C 62 -19.07 15.77 39.75
CA GLU C 62 -19.19 15.23 38.37
C GLU C 62 -20.46 14.38 38.25
N ARG C 63 -20.72 13.51 39.22
CA ARG C 63 -21.85 12.53 39.16
C ARG C 63 -23.17 13.17 39.57
N SER C 64 -23.15 14.41 40.09
CA SER C 64 -24.35 15.12 40.56
C SER C 64 -25.31 15.41 39.40
N THR C 65 -24.75 15.59 38.20
CA THR C 65 -25.42 16.10 36.97
C THR C 65 -25.83 17.56 37.17
N VAL C 66 -25.29 18.22 38.19
CA VAL C 66 -25.55 19.67 38.42
C VAL C 66 -24.46 20.48 37.71
N ARG C 67 -24.85 21.47 36.92
CA ARG C 67 -23.89 22.32 36.16
C ARG C 67 -23.73 23.64 36.88
N LYS C 68 -24.83 24.20 37.38
CA LYS C 68 -24.78 25.45 38.20
C LYS C 68 -25.71 25.30 39.42
N ARG C 69 -25.44 26.09 40.46
CA ARG C 69 -26.38 26.33 41.57
C ARG C 69 -26.31 27.81 41.92
N TYR C 70 -27.39 28.33 42.49
CA TYR C 70 -27.45 29.67 43.11
C TYR C 70 -27.41 29.48 44.62
N LEU C 71 -26.47 30.16 45.27
CA LEU C 71 -26.28 30.05 46.73
C LEU C 71 -26.26 31.45 47.33
N HIS C 72 -26.97 31.65 48.44
CA HIS C 72 -26.91 32.90 49.23
C HIS C 72 -25.54 33.01 49.93
N LEU C 73 -25.01 31.90 50.46
CA LEU C 73 -23.67 31.86 51.12
C LEU C 73 -22.58 32.24 50.11
N THR C 74 -21.99 33.41 50.27
CA THR C 74 -20.82 33.91 49.52
C THR C 74 -19.59 33.82 50.43
N GLU C 75 -18.40 33.96 49.85
CA GLU C 75 -17.12 34.08 50.60
C GLU C 75 -17.23 35.23 51.61
N GLU C 76 -17.91 36.32 51.26
CA GLU C 76 -18.06 37.53 52.12
C GLU C 76 -18.82 37.15 53.41
N LEU C 77 -19.95 36.44 53.27
CA LEU C 77 -20.78 36.01 54.43
C LEU C 77 -19.97 35.04 55.30
N LEU C 78 -19.17 34.15 54.72
CA LEU C 78 -18.37 33.16 55.48
C LEU C 78 -17.28 33.90 56.28
N GLN C 79 -16.77 35.01 55.74
CA GLN C 79 -15.75 35.85 56.43
C GLN C 79 -16.41 36.59 57.59
N GLU C 80 -17.68 36.97 57.44
CA GLU C 80 -18.47 37.66 58.50
C GLU C 80 -18.98 36.64 59.54
N TYR C 81 -19.17 35.38 59.14
CA TYR C 81 -19.70 34.29 59.99
C TYR C 81 -18.81 33.05 59.86
N PRO C 82 -17.54 33.12 60.32
CA PRO C 82 -16.58 32.05 60.07
C PRO C 82 -16.97 30.70 60.70
N SER C 83 -17.87 30.70 61.69
CA SER C 83 -18.37 29.45 62.32
C SER C 83 -19.06 28.56 61.28
N ILE C 84 -19.74 29.15 60.29
CA ILE C 84 -20.47 28.40 59.22
C ILE C 84 -19.48 27.64 58.33
N ALA C 85 -18.26 28.14 58.18
CA ALA C 85 -17.21 27.55 57.30
C ALA C 85 -16.53 26.34 57.97
N THR C 86 -16.71 26.15 59.27
CA THR C 86 -16.17 24.97 60.00
C THR C 86 -17.10 23.78 59.78
N TYR C 87 -16.72 22.61 60.28
CA TYR C 87 -17.56 21.39 60.21
C TYR C 87 -18.59 21.40 61.35
N ASP C 88 -18.16 21.79 62.54
CA ASP C 88 -18.65 21.24 63.84
C ASP C 88 -18.99 22.37 64.82
N ALA C 89 -18.41 23.57 64.64
CA ALA C 89 -18.44 24.66 65.65
C ALA C 89 -19.85 25.23 65.79
N PRO C 90 -20.22 25.74 66.99
CA PRO C 90 -21.53 26.36 67.18
C PRO C 90 -21.75 27.46 66.14
N SER C 91 -22.80 27.35 65.34
CA SER C 91 -23.05 28.23 64.17
C SER C 91 -24.54 28.56 63.99
N LEU C 92 -25.45 27.97 64.79
CA LEU C 92 -26.90 28.10 64.51
C LEU C 92 -27.31 29.58 64.60
N ASP C 93 -26.80 30.33 65.58
CA ASP C 93 -27.18 31.74 65.80
C ASP C 93 -26.85 32.54 64.53
N ALA C 94 -25.65 32.37 63.98
CA ALA C 94 -25.20 33.01 62.73
C ALA C 94 -26.15 32.62 61.58
N ARG C 95 -26.37 31.32 61.37
CA ARG C 95 -27.24 30.80 60.28
C ARG C 95 -28.63 31.43 60.41
N GLN C 96 -29.20 31.40 61.62
CA GLN C 96 -30.56 31.94 61.92
C GLN C 96 -30.61 33.44 61.58
N GLU C 97 -29.56 34.19 61.96
CA GLU C 97 -29.46 35.66 61.72
C GLU C 97 -29.57 35.92 60.22
N ILE C 98 -28.94 35.08 59.39
CA ILE C 98 -28.94 35.22 57.91
C ILE C 98 -30.33 34.85 57.36
N GLU C 99 -30.90 33.74 57.82
CA GLU C 99 -32.02 33.08 57.12
C GLU C 99 -33.37 33.70 57.49
N VAL C 100 -33.56 34.15 58.73
CA VAL C 100 -34.84 34.81 59.16
C VAL C 100 -35.03 36.08 58.31
N ALA C 101 -33.94 36.71 57.88
CA ALA C 101 -33.95 37.88 56.95
C ALA C 101 -34.16 37.41 55.51
N GLU C 102 -33.39 36.41 55.06
CA GLU C 102 -33.23 36.12 53.62
C GLU C 102 -34.31 35.18 53.09
N VAL C 103 -34.78 34.22 53.88
CA VAL C 103 -35.84 33.27 53.44
C VAL C 103 -37.08 34.08 53.01
N PRO C 104 -37.58 35.06 53.80
CA PRO C 104 -38.71 35.87 53.38
C PRO C 104 -38.43 36.73 52.15
N LYS C 105 -37.20 37.27 52.02
CA LYS C 105 -36.82 38.20 50.92
C LYS C 105 -36.85 37.42 49.59
N LEU C 106 -36.27 36.22 49.57
CA LEU C 106 -36.25 35.36 48.36
C LEU C 106 -37.69 34.93 48.06
N ALA C 107 -38.45 34.58 49.10
CA ALA C 107 -39.89 34.21 49.00
C ALA C 107 -40.65 35.36 48.34
N ALA C 108 -40.36 36.60 48.75
CA ALA C 108 -41.06 37.81 48.27
C ALA C 108 -40.77 38.00 46.77
N ARG C 109 -39.54 37.74 46.34
CA ARG C 109 -39.12 37.89 44.92
C ARG C 109 -39.96 36.91 44.08
N ALA C 110 -40.02 35.65 44.49
CA ALA C 110 -40.79 34.58 43.82
C ALA C 110 -42.30 34.90 43.87
N ALA C 111 -42.81 35.35 45.00
CA ALA C 111 -44.25 35.67 45.16
C ALA C 111 -44.64 36.85 44.27
N SER C 112 -43.76 37.87 44.16
CA SER C 112 -43.97 39.06 43.31
C SER C 112 -44.15 38.63 41.85
N ARG C 113 -43.28 37.74 41.37
CA ARG C 113 -43.33 37.22 39.98
C ARG C 113 -44.63 36.44 39.77
N ALA C 114 -45.02 35.64 40.75
CA ALA C 114 -46.26 34.82 40.72
C ALA C 114 -47.47 35.76 40.65
N ILE C 115 -47.49 36.78 41.51
CA ILE C 115 -48.64 37.75 41.60
C ILE C 115 -48.71 38.58 40.31
N GLU C 116 -47.58 38.93 39.70
CA GLU C 116 -47.55 39.72 38.45
C GLU C 116 -48.11 38.89 37.29
N GLU C 117 -47.70 37.63 37.17
CA GLU C 117 -48.24 36.69 36.14
C GLU C 117 -49.74 36.53 36.37
N TRP C 118 -50.15 36.27 37.60
CA TRP C 118 -51.57 36.13 38.01
C TRP C 118 -52.35 37.34 37.51
N GLY C 119 -51.82 38.54 37.75
CA GLY C 119 -52.35 39.82 37.23
C GLY C 119 -53.43 40.44 38.09
N GLN C 120 -53.80 39.79 39.20
CA GLN C 120 -54.84 40.26 40.15
C GLN C 120 -54.19 41.01 41.31
N PRO C 121 -54.96 41.85 42.05
CA PRO C 121 -54.42 42.53 43.22
C PRO C 121 -54.18 41.59 44.41
N LYS C 122 -53.12 41.84 45.17
CA LYS C 122 -52.74 41.02 46.37
C LYS C 122 -53.85 41.10 47.43
N ASN C 123 -54.70 42.13 47.44
CA ASN C 123 -55.95 42.22 48.24
C ASN C 123 -56.76 40.91 48.19
N LYS C 124 -56.72 40.17 47.10
CA LYS C 124 -57.60 39.00 46.84
C LYS C 124 -56.94 37.69 47.27
N ILE C 125 -55.69 37.73 47.74
CA ILE C 125 -54.99 36.58 48.38
C ILE C 125 -55.58 36.43 49.79
N THR C 126 -56.14 35.26 50.09
CA THR C 126 -56.87 34.94 51.35
C THR C 126 -56.07 33.98 52.23
N HIS C 127 -55.20 33.15 51.63
CA HIS C 127 -54.40 32.12 52.35
C HIS C 127 -52.94 32.21 51.89
N LEU C 128 -52.03 31.92 52.83
CA LEU C 128 -50.58 31.79 52.54
C LEU C 128 -50.09 30.46 53.16
N ILE C 129 -49.61 29.57 52.31
CA ILE C 129 -48.85 28.37 52.76
C ILE C 129 -47.38 28.63 52.47
N PHE C 130 -46.54 28.60 53.52
CA PHE C 130 -45.10 28.90 53.42
C PHE C 130 -44.35 27.72 54.03
N SER C 131 -43.56 27.05 53.20
CA SER C 131 -42.63 25.96 53.59
C SER C 131 -41.19 26.49 53.54
N SER C 132 -40.47 26.39 54.65
CA SER C 132 -39.01 26.70 54.73
C SER C 132 -38.33 25.69 55.63
N THR C 133 -37.14 25.22 55.23
CA THR C 133 -36.23 24.46 56.12
C THR C 133 -35.71 25.40 57.21
N SER C 134 -35.41 26.65 56.84
CA SER C 134 -34.53 27.61 57.56
C SER C 134 -35.34 28.70 58.26
N GLY C 135 -34.67 29.46 59.13
CA GLY C 135 -35.20 30.68 59.78
C GLY C 135 -36.33 30.36 60.74
N ILE C 136 -36.15 29.36 61.62
CA ILE C 136 -37.20 29.00 62.63
C ILE C 136 -37.23 30.08 63.70
N GLU C 137 -38.34 30.82 63.76
CA GLU C 137 -38.46 32.04 64.58
C GLU C 137 -39.95 32.33 64.79
N LYS C 138 -40.26 33.06 65.86
CA LYS C 138 -41.61 33.59 66.16
C LYS C 138 -41.49 35.11 66.27
N PRO C 139 -42.30 35.90 65.52
CA PRO C 139 -43.19 35.37 64.50
C PRO C 139 -42.38 34.77 63.32
N GLY C 140 -43.03 33.91 62.54
CA GLY C 140 -42.37 33.11 61.48
C GLY C 140 -42.15 33.92 60.22
N VAL C 141 -41.40 33.33 59.28
CA VAL C 141 -41.09 33.92 57.95
C VAL C 141 -42.39 34.15 57.17
N ASP C 142 -43.46 33.42 57.48
CA ASP C 142 -44.81 33.66 56.90
C ASP C 142 -45.27 35.09 57.24
N CYS C 143 -45.13 35.52 58.50
CA CYS C 143 -45.49 36.89 58.95
C CYS C 143 -44.55 37.91 58.28
N HIS C 144 -43.25 37.62 58.24
CA HIS C 144 -42.24 38.50 57.59
C HIS C 144 -42.67 38.73 56.15
N LEU C 145 -43.08 37.66 55.46
CA LEU C 145 -43.48 37.73 54.03
C LEU C 145 -44.72 38.63 53.90
N VAL C 146 -45.69 38.50 54.82
CA VAL C 146 -46.93 39.32 54.77
C VAL C 146 -46.54 40.80 54.76
N HIS C 147 -45.60 41.21 55.62
CA HIS C 147 -45.17 42.63 55.75
C HIS C 147 -44.33 43.04 54.54
N LEU C 148 -43.47 42.16 54.02
CA LEU C 148 -42.62 42.47 52.84
C LEU C 148 -43.49 42.68 51.59
N LEU C 149 -44.52 41.85 51.38
CA LEU C 149 -45.38 41.91 50.16
C LEU C 149 -46.50 42.91 50.36
N GLY C 150 -46.79 43.33 51.60
CA GLY C 150 -48.01 44.09 51.94
C GLY C 150 -49.25 43.29 51.64
N LEU C 151 -49.26 42.00 52.00
CA LEU C 151 -50.46 41.11 51.92
C LEU C 151 -51.46 41.57 52.97
N PRO C 152 -52.76 41.24 52.80
CA PRO C 152 -53.77 41.58 53.81
C PRO C 152 -53.35 40.96 55.15
N LEU C 153 -53.58 41.68 56.24
CA LEU C 153 -53.24 41.21 57.61
C LEU C 153 -54.19 40.06 58.00
N SER C 154 -55.31 39.89 57.29
CA SER C 154 -56.36 38.86 57.55
C SER C 154 -56.05 37.57 56.79
N VAL C 155 -54.91 37.48 56.11
CA VAL C 155 -54.50 36.26 55.36
C VAL C 155 -54.36 35.10 56.37
N ASN C 156 -54.97 33.95 56.03
CA ASN C 156 -54.88 32.67 56.78
C ASN C 156 -53.54 32.00 56.46
N ARG C 157 -52.65 31.89 57.43
CA ARG C 157 -51.26 31.43 57.21
C ARG C 157 -51.09 29.99 57.72
N VAL C 158 -50.37 29.17 56.94
CA VAL C 158 -49.88 27.84 57.36
C VAL C 158 -48.35 27.86 57.19
N MET C 159 -47.63 27.87 58.31
CA MET C 159 -46.15 27.95 58.33
C MET C 159 -45.61 26.54 58.60
N LEU C 160 -44.93 25.95 57.61
CA LEU C 160 -44.36 24.58 57.69
C LEU C 160 -42.84 24.70 57.72
N TYR C 161 -42.25 24.57 58.90
CA TYR C 161 -40.78 24.55 59.11
C TYR C 161 -40.26 23.11 59.04
N THR C 162 -39.22 22.89 58.23
CA THR C 162 -38.27 21.76 58.35
C THR C 162 -38.98 20.43 58.02
N ILE C 163 -39.46 20.25 56.79
CA ILE C 163 -40.28 19.07 56.38
C ILE C 163 -39.40 17.88 55.97
N GLY C 164 -38.48 17.95 54.98
CA GLY C 164 -38.23 19.05 54.07
C GLY C 164 -38.39 18.67 52.60
N CYS C 165 -37.67 17.67 52.06
CA CYS C 165 -37.51 17.49 50.59
C CYS C 165 -38.84 17.18 49.88
N HIS C 166 -39.83 16.58 50.56
CA HIS C 166 -41.16 16.26 49.97
C HIS C 166 -42.14 17.44 50.13
N ALA C 167 -41.70 18.57 50.70
CA ALA C 167 -42.56 19.72 51.06
C ALA C 167 -43.28 20.28 49.83
N GLY C 168 -42.69 20.16 48.63
CA GLY C 168 -43.34 20.57 47.38
C GLY C 168 -44.70 19.91 47.23
N GLY C 169 -44.76 18.60 47.48
CA GLY C 169 -46.01 17.82 47.45
C GLY C 169 -46.91 18.17 48.62
N THR C 170 -46.32 18.38 49.81
CA THR C 170 -47.07 18.72 51.04
C THR C 170 -47.87 20.01 50.84
N VAL C 171 -47.25 21.08 50.34
CA VAL C 171 -47.91 22.42 50.22
C VAL C 171 -49.02 22.34 49.16
N LEU C 172 -48.83 21.55 48.11
CA LEU C 172 -49.88 21.34 47.07
C LEU C 172 -51.05 20.54 47.67
N ARG C 173 -50.76 19.56 48.52
CA ARG C 173 -51.80 18.74 49.19
C ARG C 173 -52.65 19.64 50.09
N ILE C 174 -52.03 20.53 50.84
CA ILE C 174 -52.72 21.43 51.81
C ILE C 174 -53.45 22.51 51.02
N ALA C 175 -52.82 23.07 49.98
CA ALA C 175 -53.38 24.13 49.14
C ALA C 175 -54.69 23.64 48.51
N LYS C 176 -54.74 22.38 48.08
CA LYS C 176 -55.94 21.81 47.42
C LYS C 176 -57.14 21.95 48.36
N ASP C 177 -57.01 21.51 49.61
CA ASP C 177 -58.14 21.47 50.59
C ASP C 177 -58.53 22.90 51.00
N LEU C 178 -57.54 23.79 51.19
CA LEU C 178 -57.82 25.21 51.53
C LEU C 178 -58.55 25.88 50.36
N ALA C 179 -58.05 25.74 49.14
CA ALA C 179 -58.63 26.37 47.93
C ALA C 179 -60.04 25.83 47.69
N GLU C 180 -60.26 24.53 47.88
CA GLU C 180 -61.51 23.85 47.45
C GLU C 180 -62.60 23.98 48.51
N ASN C 181 -62.26 24.33 49.75
CA ASN C 181 -63.25 24.42 50.86
C ASN C 181 -63.69 25.88 51.09
N ASN C 182 -63.03 26.86 50.47
CA ASN C 182 -63.29 28.30 50.72
C ASN C 182 -63.57 28.99 49.37
N VAL C 183 -64.84 29.28 49.10
CA VAL C 183 -65.29 29.89 47.81
C VAL C 183 -64.61 31.25 47.68
N GLY C 184 -64.01 31.50 46.51
CA GLY C 184 -63.35 32.78 46.20
C GLY C 184 -61.93 32.84 46.74
N SER C 185 -61.47 31.80 47.45
CA SER C 185 -60.14 31.81 48.11
C SER C 185 -59.05 31.76 47.05
N ARG C 186 -57.95 32.48 47.29
CA ARG C 186 -56.74 32.46 46.43
C ARG C 186 -55.53 32.22 47.33
N VAL C 187 -54.86 31.08 47.15
CA VAL C 187 -53.78 30.58 48.06
C VAL C 187 -52.44 30.93 47.44
N LEU C 188 -51.70 31.84 48.08
CA LEU C 188 -50.26 32.04 47.80
C LEU C 188 -49.51 30.88 48.46
N VAL C 189 -48.87 30.05 47.65
CA VAL C 189 -48.03 28.91 48.12
C VAL C 189 -46.58 29.29 47.87
N VAL C 190 -45.71 29.14 48.88
CA VAL C 190 -44.27 29.52 48.74
C VAL C 190 -43.42 28.41 49.37
N CYS C 191 -42.46 27.89 48.61
CA CYS C 191 -41.31 27.12 49.15
C CYS C 191 -40.06 27.96 48.96
N SER C 192 -39.40 28.30 50.06
CA SER C 192 -38.19 29.18 50.06
C SER C 192 -37.07 28.43 50.76
N GLU C 193 -36.08 27.98 50.01
CA GLU C 193 -35.04 27.05 50.47
C GLU C 193 -33.66 27.66 50.29
N LEU C 194 -32.97 27.94 51.40
CA LEU C 194 -31.53 28.29 51.43
C LEU C 194 -30.79 27.14 52.10
N THR C 195 -29.55 26.89 51.67
CA THR C 195 -28.65 25.85 52.24
C THR C 195 -27.78 26.47 53.34
N VAL C 196 -28.07 27.69 53.77
CA VAL C 196 -27.27 28.40 54.82
C VAL C 196 -27.31 27.57 56.11
N MET C 197 -28.42 26.88 56.40
CA MET C 197 -28.62 26.15 57.69
C MET C 197 -27.84 24.84 57.72
N THR C 198 -27.54 24.24 56.56
CA THR C 198 -26.91 22.89 56.45
C THR C 198 -25.46 22.97 55.97
N PHE C 199 -25.04 24.07 55.35
CA PHE C 199 -23.68 24.19 54.74
C PHE C 199 -22.62 24.08 55.84
N ARG C 200 -21.63 23.21 55.65
CA ARG C 200 -20.48 23.08 56.59
C ARG C 200 -19.24 22.62 55.83
N GLY C 201 -18.08 22.81 56.46
CA GLY C 201 -16.78 22.35 55.94
C GLY C 201 -16.77 20.84 55.72
N PRO C 202 -15.90 20.35 54.81
CA PRO C 202 -15.84 18.91 54.52
C PRO C 202 -15.08 18.13 55.60
N SER C 203 -15.46 16.88 55.80
CA SER C 203 -14.82 15.93 56.74
C SER C 203 -14.81 14.53 56.12
N GLU C 204 -13.75 13.77 56.38
CA GLU C 204 -13.61 12.35 55.94
C GLU C 204 -14.64 11.49 56.69
N THR C 205 -15.18 11.99 57.80
CA THR C 205 -16.10 11.26 58.70
C THR C 205 -17.55 11.41 58.23
N ASP C 206 -17.84 12.19 57.19
CA ASP C 206 -19.23 12.57 56.81
C ASP C 206 -19.38 12.67 55.30
N LEU C 207 -19.59 11.51 54.64
CA LEU C 207 -19.83 11.40 53.19
C LEU C 207 -21.17 12.05 52.83
N ALA C 208 -22.22 11.83 53.63
CA ALA C 208 -23.59 12.31 53.34
C ALA C 208 -23.53 13.84 53.11
N ASN C 209 -22.72 14.55 53.91
CA ASN C 209 -22.63 16.04 53.85
C ASN C 209 -21.76 16.48 52.66
N LEU C 210 -20.78 15.67 52.22
CA LEU C 210 -20.05 15.91 50.93
C LEU C 210 -21.06 15.85 49.79
N ILE C 211 -21.85 14.79 49.71
CA ILE C 211 -22.91 14.62 48.67
C ILE C 211 -23.79 15.88 48.73
N ARG C 212 -24.29 16.23 49.92
CA ARG C 212 -25.22 17.37 50.11
C ARG C 212 -24.58 18.66 49.53
N MET C 213 -23.32 18.92 49.87
CA MET C 213 -22.63 20.19 49.49
C MET C 213 -22.37 20.19 47.98
N GLY C 214 -22.49 19.03 47.31
CA GLY C 214 -22.38 18.91 45.85
C GLY C 214 -23.70 19.12 45.14
N ILE C 215 -24.83 18.64 45.70
CA ILE C 215 -26.13 18.52 44.98
C ILE C 215 -27.06 19.72 45.27
N PHE C 216 -27.12 20.18 46.51
CA PHE C 216 -28.18 21.09 47.01
C PHE C 216 -27.85 22.55 46.67
N GLY C 217 -28.84 23.25 46.12
CA GLY C 217 -28.78 24.69 45.80
C GLY C 217 -29.95 25.43 46.41
N ASP C 218 -29.92 26.77 46.31
CA ASP C 218 -30.92 27.67 46.90
C ASP C 218 -31.94 28.04 45.82
N GLY C 219 -33.17 28.31 46.24
CA GLY C 219 -34.25 28.76 45.35
C GLY C 219 -35.56 28.92 46.10
N ALA C 220 -36.45 29.73 45.56
CA ALA C 220 -37.83 29.92 46.06
C ALA C 220 -38.79 29.84 44.88
N ALA C 221 -39.88 29.10 45.04
CA ALA C 221 -40.97 29.01 44.04
C ALA C 221 -42.27 29.40 44.74
N ALA C 222 -43.04 30.27 44.10
CA ALA C 222 -44.35 30.73 44.59
C ALA C 222 -45.39 30.39 43.53
N LEU C 223 -46.59 29.99 43.95
CA LEU C 223 -47.70 29.89 42.99
C LEU C 223 -49.01 30.32 43.63
N ILE C 224 -49.97 30.70 42.78
CA ILE C 224 -51.34 31.12 43.18
C ILE C 224 -52.27 29.96 42.83
N ILE C 225 -52.94 29.37 43.83
CA ILE C 225 -53.96 28.30 43.64
C ILE C 225 -55.33 28.89 43.96
N GLY C 226 -56.31 28.59 43.11
CA GLY C 226 -57.73 28.82 43.39
C GLY C 226 -58.57 27.78 42.68
N ALA C 227 -59.71 27.41 43.25
CA ALA C 227 -60.78 26.65 42.56
C ALA C 227 -61.70 27.66 41.87
N ASP C 228 -62.39 27.23 40.81
CA ASP C 228 -63.32 28.06 40.02
C ASP C 228 -62.64 29.37 39.65
N PRO C 229 -61.56 29.35 38.84
CA PRO C 229 -60.96 30.59 38.37
C PRO C 229 -61.96 31.30 37.46
N ASP C 230 -61.88 32.64 37.40
CA ASP C 230 -62.63 33.46 36.43
C ASP C 230 -61.83 33.45 35.12
N LEU C 231 -62.29 32.69 34.13
CA LEU C 231 -61.52 32.43 32.88
C LEU C 231 -61.41 33.70 32.03
N SER C 232 -62.16 34.76 32.35
CA SER C 232 -62.03 36.10 31.74
C SER C 232 -60.67 36.74 32.10
N ILE C 233 -60.09 36.40 33.26
CA ILE C 233 -58.90 37.11 33.83
C ILE C 233 -57.85 36.11 34.36
N GLU C 234 -58.22 34.87 34.66
CA GLU C 234 -57.30 33.87 35.26
C GLU C 234 -57.14 32.70 34.29
N LYS C 235 -55.92 32.17 34.16
CA LYS C 235 -55.58 31.03 33.29
C LYS C 235 -55.04 29.88 34.14
N PRO C 236 -55.84 28.81 34.35
CA PRO C 236 -55.34 27.62 35.00
C PRO C 236 -54.20 27.04 34.17
N ILE C 237 -53.12 26.59 34.84
CA ILE C 237 -51.93 25.96 34.21
C ILE C 237 -52.01 24.45 34.46
N PHE C 238 -52.32 24.07 35.70
CA PHE C 238 -52.54 22.66 36.14
C PHE C 238 -53.69 22.63 37.15
N GLU C 239 -54.43 21.53 37.16
CA GLU C 239 -55.44 21.23 38.20
C GLU C 239 -54.84 20.18 39.12
N ILE C 240 -55.00 20.34 40.44
CA ILE C 240 -54.58 19.33 41.45
C ILE C 240 -55.79 18.39 41.63
N PHE C 241 -55.77 17.25 40.92
CA PHE C 241 -56.87 16.26 40.94
C PHE C 241 -56.93 15.58 42.31
N SER C 242 -55.81 15.04 42.78
CA SER C 242 -55.75 14.31 44.07
C SER C 242 -54.36 14.45 44.69
N ALA C 243 -54.29 14.26 46.01
CA ALA C 243 -53.05 14.40 46.79
C ALA C 243 -53.04 13.37 47.91
N SER C 244 -52.04 12.51 47.94
CA SER C 244 -51.85 11.40 48.92
C SER C 244 -50.43 11.48 49.47
N GLN C 245 -50.28 11.19 50.76
CA GLN C 245 -48.97 11.01 51.41
C GLN C 245 -48.88 9.55 51.88
N THR C 246 -47.69 8.98 51.92
CA THR C 246 -47.47 7.65 52.55
C THR C 246 -46.08 7.60 53.19
N LEU C 247 -45.96 6.81 54.26
CA LEU C 247 -44.68 6.46 54.90
C LEU C 247 -44.26 5.08 54.39
N VAL C 248 -42.99 4.95 54.02
CA VAL C 248 -42.40 3.62 53.68
C VAL C 248 -42.04 2.94 54.99
N PRO C 249 -42.55 1.73 55.26
CA PRO C 249 -42.32 1.08 56.55
C PRO C 249 -40.83 0.84 56.81
N ASN C 250 -40.40 1.03 58.04
CA ASN C 250 -39.03 0.70 58.54
C ASN C 250 -37.96 1.46 57.73
N THR C 251 -38.19 2.74 57.46
CA THR C 251 -37.25 3.60 56.69
C THR C 251 -37.03 4.97 57.35
N SER C 252 -37.59 5.22 58.54
CA SER C 252 -37.06 6.28 59.43
C SER C 252 -35.58 5.95 59.58
N LYS C 253 -34.73 6.96 59.67
CA LYS C 253 -33.26 6.75 59.77
C LYS C 253 -32.59 6.60 58.40
N ALA C 254 -33.36 6.42 57.32
CA ALA C 254 -32.85 6.47 55.93
C ALA C 254 -32.61 7.92 55.49
N ILE C 255 -33.47 8.87 55.92
CA ILE C 255 -33.29 10.34 55.65
C ILE C 255 -33.47 11.07 56.97
N ARG C 256 -32.39 11.67 57.49
CA ARG C 256 -32.30 12.17 58.89
C ARG C 256 -31.74 13.59 58.88
N GLY C 257 -32.21 14.41 59.81
CA GLY C 257 -31.70 15.78 60.05
C GLY C 257 -32.20 16.30 61.37
N ARG C 258 -31.35 16.98 62.13
CA ARG C 258 -31.76 17.62 63.39
C ARG C 258 -31.22 19.05 63.43
N VAL C 259 -32.05 19.99 63.89
CA VAL C 259 -31.61 21.38 64.19
C VAL C 259 -30.75 21.30 65.45
N LYS C 260 -29.47 21.61 65.33
CA LYS C 260 -28.48 21.49 66.44
C LYS C 260 -27.69 22.80 66.55
N GLU C 261 -26.82 22.91 67.55
CA GLU C 261 -25.96 24.09 67.77
C GLU C 261 -25.06 24.29 66.52
N MET C 262 -24.76 23.22 65.80
CA MET C 262 -23.93 23.27 64.56
C MET C 262 -24.80 23.55 63.32
N GLY C 263 -26.09 23.83 63.50
CA GLY C 263 -27.04 24.03 62.39
C GLY C 263 -27.79 22.74 62.10
N LEU C 264 -28.40 22.62 60.92
CA LEU C 264 -29.18 21.43 60.53
C LEU C 264 -28.22 20.33 60.06
N THR C 265 -28.19 19.20 60.75
CA THR C 265 -27.44 17.99 60.30
C THR C 265 -28.23 17.35 59.15
N PHE C 266 -27.57 16.44 58.43
CA PHE C 266 -28.08 15.86 57.17
C PHE C 266 -27.50 14.46 56.98
N TYR C 267 -28.37 13.48 56.79
CA TYR C 267 -27.99 12.11 56.38
C TYR C 267 -29.03 11.59 55.37
N VAL C 268 -28.55 11.16 54.20
CA VAL C 268 -29.36 10.38 53.22
C VAL C 268 -28.64 9.05 52.98
N ASP C 269 -29.32 7.93 53.21
CA ASP C 269 -28.74 6.57 53.08
C ASP C 269 -28.53 6.26 51.59
N LYS C 270 -27.51 5.48 51.28
CA LYS C 270 -27.19 5.02 49.90
C LYS C 270 -28.35 4.19 49.33
N MET C 271 -29.24 3.66 50.17
CA MET C 271 -30.35 2.75 49.75
C MET C 271 -31.58 3.56 49.32
N VAL C 272 -31.58 4.89 49.47
CA VAL C 272 -32.80 5.73 49.25
C VAL C 272 -33.30 5.56 47.81
N PRO C 273 -32.44 5.61 46.77
CA PRO C 273 -32.89 5.36 45.40
C PRO C 273 -33.69 4.06 45.27
N THR C 274 -33.16 2.95 45.78
CA THR C 274 -33.80 1.61 45.75
C THR C 274 -35.13 1.64 46.52
N LEU C 275 -35.13 2.21 47.74
CA LEU C 275 -36.34 2.30 48.60
C LEU C 275 -37.47 3.01 47.85
N VAL C 276 -37.16 4.14 47.21
CA VAL C 276 -38.17 4.95 46.46
C VAL C 276 -38.67 4.12 45.27
N ALA C 277 -37.76 3.63 44.43
CA ALA C 277 -38.11 2.84 43.22
C ALA C 277 -38.92 1.60 43.62
N SER C 278 -38.58 0.99 44.77
CA SER C 278 -39.23 -0.24 45.28
C SER C 278 -40.67 0.04 45.74
N ASN C 279 -41.04 1.31 45.96
CA ASN C 279 -42.37 1.63 46.56
C ASN C 279 -43.19 2.55 45.67
N ILE C 280 -42.65 3.00 44.54
CA ILE C 280 -43.31 4.00 43.66
C ILE C 280 -44.53 3.42 42.94
N GLU C 281 -44.50 2.13 42.64
CA GLU C 281 -45.60 1.51 41.87
C GLU C 281 -46.87 1.42 42.72
N GLN C 282 -46.76 1.23 44.04
CA GLN C 282 -47.94 1.21 44.93
C GLN C 282 -48.61 2.59 44.91
N CYS C 283 -47.81 3.65 45.10
CA CYS C 283 -48.27 5.06 45.15
C CYS C 283 -48.98 5.41 43.83
N LEU C 284 -48.34 5.06 42.72
CA LEU C 284 -48.84 5.29 41.33
C LEU C 284 -50.17 4.55 41.14
N ASP C 285 -50.24 3.30 41.62
CA ASP C 285 -51.42 2.42 41.46
C ASP C 285 -52.59 3.01 42.23
N LYS C 286 -52.38 3.40 43.48
CA LYS C 286 -53.42 4.03 44.33
C LYS C 286 -53.91 5.33 43.69
N ALA C 287 -53.00 6.14 43.15
CA ALA C 287 -53.29 7.46 42.57
C ALA C 287 -54.08 7.34 41.26
N PHE C 288 -53.74 6.36 40.40
CA PHE C 288 -54.18 6.34 38.97
C PHE C 288 -55.20 5.23 38.66
N SER C 289 -55.34 4.20 39.51
CA SER C 289 -56.38 3.15 39.34
C SER C 289 -57.76 3.80 39.21
N PRO C 290 -58.16 4.76 40.06
CA PRO C 290 -59.47 5.42 39.91
C PRO C 290 -59.68 6.04 38.52
N LEU C 291 -58.61 6.40 37.81
CA LEU C 291 -58.69 7.02 36.45
C LEU C 291 -58.58 5.92 35.37
N GLY C 292 -58.36 4.67 35.76
CA GLY C 292 -58.08 3.55 34.84
C GLY C 292 -56.80 3.78 34.05
N ILE C 293 -55.80 4.42 34.66
CA ILE C 293 -54.47 4.64 34.02
C ILE C 293 -53.45 3.70 34.64
N ASN C 294 -52.61 3.14 33.79
CA ASN C 294 -51.83 1.90 33.96
C ASN C 294 -50.44 2.11 33.35
N ASP C 295 -50.38 2.87 32.25
CA ASP C 295 -49.18 3.11 31.42
C ASP C 295 -48.49 4.39 31.90
N TRP C 296 -47.36 4.25 32.59
CA TRP C 296 -46.62 5.37 33.22
C TRP C 296 -45.91 6.21 32.16
N ASN C 297 -45.91 5.77 30.89
CA ASN C 297 -45.37 6.58 29.77
C ASN C 297 -46.48 7.46 29.19
N SER C 298 -47.73 7.29 29.61
CA SER C 298 -48.91 8.02 29.06
C SER C 298 -49.21 9.28 29.90
N ILE C 299 -48.47 9.51 30.99
CA ILE C 299 -48.65 10.68 31.90
C ILE C 299 -47.33 11.48 31.91
N PHE C 300 -47.39 12.79 32.13
CA PHE C 300 -46.18 13.62 32.31
C PHE C 300 -45.68 13.49 33.75
N TRP C 301 -44.39 13.71 33.97
CA TRP C 301 -43.66 13.32 35.20
C TRP C 301 -42.97 14.54 35.83
N ILE C 302 -43.25 14.75 37.12
CA ILE C 302 -42.55 15.74 37.98
C ILE C 302 -42.08 15.02 39.24
N PRO C 303 -41.07 14.12 39.15
CA PRO C 303 -40.51 13.49 40.34
C PRO C 303 -39.44 14.38 40.99
N HIS C 304 -39.45 14.49 42.30
CA HIS C 304 -38.42 15.23 43.06
C HIS C 304 -37.06 14.62 42.74
N PRO C 305 -36.13 15.38 42.13
CA PRO C 305 -34.81 14.85 41.79
C PRO C 305 -33.83 14.94 42.97
N GLY C 306 -34.02 14.10 43.98
CA GLY C 306 -33.11 14.00 45.15
C GLY C 306 -31.65 13.89 44.70
N GLY C 307 -31.44 13.06 43.68
CA GLY C 307 -30.17 12.92 42.96
C GLY C 307 -30.41 12.28 41.60
N PRO C 308 -29.34 12.11 40.78
CA PRO C 308 -29.45 11.36 39.53
C PRO C 308 -29.80 9.88 39.74
N ALA C 309 -29.38 9.27 40.83
CA ALA C 309 -29.62 7.82 41.12
C ALA C 309 -31.11 7.53 41.29
N ILE C 310 -31.85 8.40 41.99
CA ILE C 310 -33.33 8.24 42.22
C ILE C 310 -34.04 8.29 40.86
N LEU C 311 -33.62 9.20 39.97
CA LEU C 311 -34.23 9.36 38.62
C LEU C 311 -33.92 8.11 37.78
N ALA C 312 -32.67 7.64 37.82
CA ALA C 312 -32.20 6.41 37.15
C ALA C 312 -33.07 5.22 37.57
N GLU C 313 -33.29 5.05 38.89
CA GLU C 313 -34.01 3.89 39.46
C GLU C 313 -35.49 3.96 39.08
N ILE C 314 -36.09 5.15 39.07
CA ILE C 314 -37.52 5.33 38.66
C ILE C 314 -37.65 4.95 37.18
N GLU C 315 -36.78 5.50 36.32
CA GLU C 315 -36.76 5.20 34.85
C GLU C 315 -36.69 3.69 34.66
N ALA C 316 -35.72 3.04 35.28
CA ALA C 316 -35.46 1.58 35.19
C ALA C 316 -36.70 0.81 35.65
N LYS C 317 -37.21 1.11 36.86
CA LYS C 317 -38.30 0.34 37.51
C LYS C 317 -39.58 0.45 36.66
N LEU C 318 -39.95 1.65 36.21
CA LEU C 318 -41.24 1.92 35.52
C LEU C 318 -41.04 1.86 34.00
N GLU C 319 -39.81 1.59 33.55
CA GLU C 319 -39.44 1.47 32.10
C GLU C 319 -39.94 2.72 31.36
N LEU C 320 -39.58 3.91 31.83
CA LEU C 320 -39.98 5.20 31.22
C LEU C 320 -39.13 5.46 29.97
N LYS C 321 -39.74 6.01 28.92
CA LYS C 321 -39.03 6.40 27.66
C LYS C 321 -38.03 7.51 28.01
N PRO C 322 -36.96 7.68 27.21
CA PRO C 322 -35.88 8.62 27.56
C PRO C 322 -36.26 10.08 27.81
N GLY C 323 -37.33 10.61 27.23
CA GLY C 323 -37.65 12.06 27.32
C GLY C 323 -38.58 12.43 28.47
N LYS C 324 -39.14 11.46 29.21
CA LYS C 324 -40.17 11.71 30.25
C LYS C 324 -39.64 12.68 31.31
N LEU C 325 -38.36 12.54 31.69
CA LEU C 325 -37.77 13.27 32.85
C LEU C 325 -36.88 14.42 32.37
N ARG C 326 -37.04 14.87 31.11
CA ARG C 326 -36.25 15.98 30.51
C ARG C 326 -36.32 17.24 31.38
N ALA C 327 -37.54 17.65 31.71
CA ALA C 327 -37.83 18.88 32.48
C ALA C 327 -37.16 18.78 33.86
N THR C 328 -37.31 17.63 34.52
CA THR C 328 -36.76 17.36 35.88
C THR C 328 -35.24 17.45 35.83
N ARG C 329 -34.63 16.74 34.89
CA ARG C 329 -33.15 16.70 34.68
C ARG C 329 -32.65 18.14 34.41
N HIS C 330 -33.38 18.90 33.60
CA HIS C 330 -33.03 20.30 33.26
C HIS C 330 -32.91 21.13 34.54
N VAL C 331 -33.93 21.08 35.40
CA VAL C 331 -33.95 21.84 36.69
C VAL C 331 -32.80 21.35 37.58
N LEU C 332 -32.62 20.03 37.71
CA LEU C 332 -31.53 19.49 38.55
C LEU C 332 -30.19 20.03 38.03
N SER C 333 -30.01 20.07 36.71
CA SER C 333 -28.74 20.47 36.06
C SER C 333 -28.50 21.97 36.24
N GLU C 334 -29.56 22.78 36.20
CA GLU C 334 -29.46 24.26 36.05
C GLU C 334 -29.55 24.96 37.41
N TYR C 335 -30.11 24.30 38.44
CA TYR C 335 -30.33 24.92 39.77
C TYR C 335 -29.87 24.01 40.91
N GLY C 336 -29.62 22.74 40.62
CA GLY C 336 -29.39 21.71 41.66
C GLY C 336 -30.65 21.33 42.38
N ASN C 337 -30.51 20.59 43.47
CA ASN C 337 -31.62 20.14 44.35
C ASN C 337 -31.95 21.30 45.30
N MET C 338 -33.13 21.92 45.13
CA MET C 338 -33.58 23.06 45.96
C MET C 338 -34.65 22.55 46.93
N SER C 339 -34.52 21.31 47.39
CA SER C 339 -35.44 20.64 48.34
C SER C 339 -36.89 20.81 47.85
N GLY C 340 -37.81 21.16 48.74
CA GLY C 340 -39.26 21.25 48.45
C GLY C 340 -39.58 22.09 47.22
N ALA C 341 -38.78 23.13 46.97
CA ALA C 341 -39.00 24.12 45.88
C ALA C 341 -38.83 23.44 44.52
N THR C 342 -37.99 22.40 44.44
CA THR C 342 -37.52 21.84 43.15
C THR C 342 -38.71 21.45 42.26
N VAL C 343 -39.67 20.67 42.75
CA VAL C 343 -40.81 20.17 41.92
C VAL C 343 -41.63 21.35 41.39
N LEU C 344 -41.68 22.46 42.13
CA LEU C 344 -42.42 23.67 41.70
C LEU C 344 -41.65 24.37 40.55
N PHE C 345 -40.32 24.38 40.63
CA PHE C 345 -39.46 24.85 39.50
C PHE C 345 -39.73 23.98 38.27
N ILE C 346 -39.88 22.68 38.47
CA ILE C 346 -40.09 21.67 37.38
C ILE C 346 -41.48 21.88 36.76
N LEU C 347 -42.51 22.14 37.56
CA LEU C 347 -43.85 22.55 37.06
C LEU C 347 -43.68 23.75 36.10
N ASP C 348 -42.92 24.77 36.52
CA ASP C 348 -42.69 25.99 35.70
C ASP C 348 -41.98 25.58 34.42
N GLU C 349 -40.87 24.83 34.53
CA GLU C 349 -40.09 24.34 33.37
C GLU C 349 -41.01 23.56 32.42
N MET C 350 -41.90 22.71 32.96
CA MET C 350 -42.71 21.84 32.07
C MET C 350 -43.71 22.67 31.27
N ARG C 351 -44.45 23.58 31.91
CA ARG C 351 -45.44 24.43 31.20
C ARG C 351 -44.72 25.31 30.16
N ARG C 352 -43.52 25.81 30.48
CA ARG C 352 -42.77 26.75 29.60
C ARG C 352 -42.24 26.00 28.39
N ARG C 353 -41.62 24.84 28.62
CA ARG C 353 -41.13 23.94 27.54
C ARG C 353 -42.30 23.56 26.64
N SER C 354 -43.45 23.25 27.25
CA SER C 354 -44.67 22.82 26.53
C SER C 354 -45.08 23.92 25.53
N LYS C 355 -45.12 25.17 25.98
CA LYS C 355 -45.53 26.29 25.09
C LYS C 355 -44.46 26.52 24.03
N LYS C 356 -43.16 26.44 24.37
CA LYS C 356 -42.04 26.71 23.45
C LYS C 356 -41.99 25.65 22.33
N GLU C 357 -42.46 24.43 22.62
CA GLU C 357 -42.45 23.29 21.65
C GLU C 357 -43.84 23.09 21.03
N GLY C 358 -44.77 24.03 21.24
CA GLY C 358 -46.13 24.01 20.67
C GLY C 358 -46.85 22.71 20.94
N LYS C 359 -46.81 22.24 22.19
CA LYS C 359 -47.56 21.03 22.64
C LYS C 359 -49.00 21.43 22.91
N GLY C 360 -49.93 20.48 22.85
CA GLY C 360 -51.38 20.71 22.96
C GLY C 360 -51.83 21.00 24.38
N THR C 361 -51.01 20.66 25.39
CA THR C 361 -51.31 20.88 26.83
C THR C 361 -50.07 21.43 27.55
N THR C 362 -50.26 21.92 28.77
CA THR C 362 -49.19 22.46 29.65
C THR C 362 -48.33 21.30 30.18
N GLY C 363 -48.80 20.06 30.04
CA GLY C 363 -48.12 18.85 30.51
C GLY C 363 -47.56 18.05 29.34
N ASP C 364 -46.74 18.69 28.51
CA ASP C 364 -45.96 18.03 27.44
C ASP C 364 -46.91 17.40 26.41
N GLY C 365 -48.13 17.94 26.26
CA GLY C 365 -49.14 17.44 25.31
C GLY C 365 -50.05 16.38 25.90
N LEU C 366 -49.72 15.86 27.08
CA LEU C 366 -50.50 14.80 27.76
C LEU C 366 -51.54 15.44 28.69
N GLU C 367 -52.59 14.69 29.05
CA GLU C 367 -53.73 15.18 29.86
C GLU C 367 -53.39 15.02 31.35
N TRP C 368 -52.88 13.87 31.75
CA TRP C 368 -52.63 13.52 33.18
C TRP C 368 -51.14 13.53 33.48
N GLY C 369 -50.79 13.87 34.72
CA GLY C 369 -49.40 13.96 35.19
C GLY C 369 -49.31 13.59 36.66
N VAL C 370 -48.13 13.15 37.08
CA VAL C 370 -47.86 12.84 38.50
C VAL C 370 -46.74 13.79 38.94
N LEU C 371 -46.90 14.37 40.13
CA LEU C 371 -45.83 15.08 40.86
C LEU C 371 -45.57 14.30 42.15
N MET C 372 -44.32 14.00 42.45
CA MET C 372 -43.93 13.19 43.62
C MET C 372 -42.83 13.87 44.42
N GLY C 373 -43.03 13.98 45.72
CA GLY C 373 -42.01 14.36 46.69
C GLY C 373 -41.49 13.14 47.43
N PHE C 374 -40.18 13.05 47.60
CA PHE C 374 -39.46 12.02 48.39
C PHE C 374 -38.69 12.74 49.50
N GLY C 375 -38.93 12.37 50.76
CA GLY C 375 -38.27 13.05 51.88
C GLY C 375 -38.23 12.20 53.15
N PRO C 376 -37.87 12.84 54.29
CA PRO C 376 -37.76 12.13 55.56
C PRO C 376 -39.06 11.35 55.85
N GLY C 377 -38.93 10.13 56.39
CA GLY C 377 -40.05 9.25 56.69
C GLY C 377 -39.66 7.77 56.68
N VAL C 378 -39.29 7.23 55.52
CA VAL C 378 -39.27 7.93 54.25
C VAL C 378 -40.70 8.21 53.77
N THR C 379 -40.95 9.44 53.32
CA THR C 379 -42.28 9.91 52.89
C THR C 379 -42.31 10.04 51.36
N VAL C 380 -43.40 9.55 50.74
CA VAL C 380 -43.74 9.81 49.31
C VAL C 380 -45.03 10.64 49.27
N GLU C 381 -44.94 11.85 48.76
CA GLU C 381 -46.10 12.71 48.42
C GLU C 381 -46.44 12.44 46.95
N THR C 382 -47.65 11.95 46.67
CA THR C 382 -48.14 11.68 45.30
C THR C 382 -49.27 12.66 44.98
N ILE C 383 -49.06 13.53 43.99
CA ILE C 383 -50.07 14.49 43.49
C ILE C 383 -50.41 14.15 42.04
N VAL C 384 -51.68 13.88 41.75
CA VAL C 384 -52.19 13.71 40.36
C VAL C 384 -52.56 15.08 39.84
N LEU C 385 -51.91 15.50 38.76
CA LEU C 385 -52.14 16.79 38.07
C LEU C 385 -52.89 16.54 36.78
N ARG C 386 -53.79 17.46 36.43
CA ARG C 386 -54.42 17.54 35.11
C ARG C 386 -53.86 18.77 34.38
N ALA C 387 -53.28 18.55 33.19
CA ALA C 387 -52.78 19.64 32.32
C ALA C 387 -53.97 20.37 31.71
N ILE C 388 -53.72 21.58 31.21
CA ILE C 388 -54.74 22.46 30.57
C ILE C 388 -54.43 22.52 29.08
N SER C 389 -55.45 22.50 28.23
CA SER C 389 -55.28 22.55 26.75
C SER C 389 -54.86 23.97 26.34
N VAL C 390 -53.72 24.07 25.65
CA VAL C 390 -53.12 25.30 25.06
C VAL C 390 -53.64 25.42 23.62
N VAL C 391 -53.82 26.67 23.16
CA VAL C 391 -54.24 27.08 21.78
C VAL C 391 -53.35 28.24 21.34
N MET D 1 24.25 -28.51 14.21
CA MET D 1 23.49 -29.27 13.17
C MET D 1 22.27 -29.97 13.79
N ASN D 2 21.07 -29.63 13.31
CA ASN D 2 19.76 -30.25 13.69
C ASN D 2 19.12 -30.79 12.41
N GLY D 3 19.54 -31.96 11.92
CA GLY D 3 19.19 -32.45 10.58
C GLY D 3 20.11 -31.82 9.54
N THR D 4 19.59 -30.95 8.67
CA THR D 4 20.34 -30.28 7.57
C THR D 4 20.54 -28.79 7.86
N VAL D 5 19.99 -28.27 8.97
CA VAL D 5 19.99 -26.82 9.32
C VAL D 5 21.02 -26.55 10.42
N LYS D 6 21.98 -25.66 10.14
CA LYS D 6 23.01 -25.16 11.08
C LYS D 6 22.29 -24.28 12.11
N LYS D 7 22.54 -24.54 13.40
CA LYS D 7 21.92 -23.80 14.54
C LYS D 7 23.01 -23.24 15.45
N MET D 8 22.69 -22.13 16.11
CA MET D 8 23.53 -21.46 17.12
C MET D 8 23.25 -22.11 18.46
N ASN D 9 24.26 -22.74 19.04
CA ASN D 9 24.10 -23.34 20.36
C ASN D 9 23.77 -22.25 21.37
N GLY D 10 23.13 -22.61 22.48
CA GLY D 10 22.90 -21.64 23.55
C GLY D 10 24.20 -21.31 24.24
N ALA D 11 24.20 -20.28 25.08
CA ALA D 11 25.43 -19.83 25.75
C ALA D 11 25.96 -20.92 26.67
N ARG D 12 27.27 -20.91 26.94
CA ARG D 12 27.89 -21.90 27.84
C ARG D 12 27.11 -21.94 29.16
N ARG D 13 26.92 -23.13 29.72
CA ARG D 13 26.14 -23.26 30.94
C ARG D 13 27.09 -23.71 32.06
N PRO D 14 26.77 -23.57 33.37
CA PRO D 14 27.63 -24.15 34.40
C PRO D 14 27.52 -25.69 34.42
N HIS D 15 28.59 -26.38 34.82
CA HIS D 15 28.67 -27.86 34.84
C HIS D 15 27.73 -28.42 35.92
N GLY D 16 27.63 -27.76 37.07
CA GLY D 16 27.10 -28.35 38.32
C GLY D 16 25.64 -28.03 38.58
N LEU D 17 25.14 -28.51 39.72
CA LEU D 17 23.74 -28.31 40.19
C LEU D 17 23.61 -26.93 40.85
N ALA D 18 22.41 -26.35 40.74
CA ALA D 18 22.02 -25.12 41.46
C ALA D 18 22.10 -25.39 42.95
N SER D 19 22.87 -24.59 43.68
CA SER D 19 23.21 -24.81 45.11
C SER D 19 22.73 -23.62 45.94
N ILE D 20 22.07 -23.91 47.06
CA ILE D 20 21.73 -22.92 48.11
C ILE D 20 23.04 -22.56 48.83
N LEU D 21 23.47 -21.31 48.75
CA LEU D 21 24.79 -20.83 49.24
C LEU D 21 24.64 -20.07 50.55
N ALA D 22 23.41 -19.67 50.91
CA ALA D 22 23.12 -18.88 52.13
C ALA D 22 21.62 -18.91 52.41
N ILE D 23 21.23 -18.88 53.67
CA ILE D 23 19.80 -18.81 54.09
C ILE D 23 19.67 -17.77 55.21
N GLY D 24 18.85 -16.74 54.97
CA GLY D 24 18.49 -15.74 55.98
C GLY D 24 16.99 -15.78 56.25
N THR D 25 16.58 -15.51 57.47
CA THR D 25 15.16 -15.47 57.87
C THR D 25 14.91 -14.22 58.72
N ALA D 26 13.67 -13.80 58.76
CA ALA D 26 13.21 -12.64 59.55
C ALA D 26 11.74 -12.85 59.88
N ASN D 27 11.30 -12.33 61.02
CA ASN D 27 9.89 -12.36 61.46
C ASN D 27 9.56 -10.97 62.00
N PRO D 28 8.27 -10.57 61.97
CA PRO D 28 7.84 -9.38 62.69
C PRO D 28 8.32 -9.45 64.15
N SER D 29 8.61 -8.30 64.75
CA SER D 29 9.23 -8.22 66.11
C SER D 29 8.22 -8.61 67.20
N ASN D 30 6.91 -8.54 66.93
CA ASN D 30 5.86 -8.87 67.92
C ASN D 30 5.61 -10.38 67.96
N CYS D 31 5.76 -10.97 69.15
CA CYS D 31 5.67 -12.43 69.42
C CYS D 31 4.39 -12.72 70.21
N PHE D 32 3.59 -13.68 69.76
CA PHE D 32 2.30 -14.09 70.38
C PHE D 32 2.39 -15.54 70.86
N ASN D 33 2.39 -15.71 72.18
CA ASN D 33 2.35 -17.04 72.85
C ASN D 33 0.97 -17.65 72.61
N GLN D 34 0.93 -18.91 72.23
CA GLN D 34 -0.33 -19.65 71.97
C GLN D 34 -1.21 -19.70 73.21
N ASP D 35 -0.61 -19.82 74.41
CA ASP D 35 -1.32 -19.84 75.71
C ASP D 35 -2.33 -18.68 75.77
N GLU D 36 -1.86 -17.49 75.39
CA GLU D 36 -2.58 -16.20 75.55
C GLU D 36 -3.31 -15.81 74.27
N PHE D 37 -3.20 -16.57 73.17
CA PHE D 37 -3.69 -16.12 71.85
C PHE D 37 -5.21 -16.15 71.78
N PRO D 38 -5.90 -17.21 72.25
CA PRO D 38 -7.37 -17.20 72.25
C PRO D 38 -7.97 -15.99 72.99
N ASP D 39 -7.41 -15.63 74.15
CA ASP D 39 -7.84 -14.45 74.95
C ASP D 39 -7.59 -13.18 74.14
N TYR D 40 -6.38 -13.04 73.58
CA TYR D 40 -5.94 -11.84 72.81
C TYR D 40 -6.81 -11.68 71.56
N SER D 41 -6.90 -12.72 70.71
CA SER D 41 -7.56 -12.67 69.40
C SER D 41 -9.04 -12.37 69.57
N PHE D 42 -9.71 -13.01 70.54
CA PHE D 42 -11.17 -12.82 70.75
C PHE D 42 -11.43 -11.44 71.37
N ARG D 43 -10.46 -10.83 72.03
CA ARG D 43 -10.64 -9.48 72.64
C ARG D 43 -10.50 -8.41 71.56
N VAL D 44 -9.45 -8.46 70.73
CA VAL D 44 -9.15 -7.42 69.71
C VAL D 44 -10.12 -7.53 68.53
N THR D 45 -10.78 -8.68 68.34
CA THR D 45 -11.86 -8.86 67.32
C THR D 45 -13.24 -8.68 67.97
N LYS D 46 -13.29 -8.20 69.23
CA LYS D 46 -14.53 -7.82 69.93
C LYS D 46 -15.54 -8.97 69.87
N SER D 47 -15.09 -10.17 70.23
CA SER D 47 -15.84 -11.45 70.11
C SER D 47 -15.80 -12.23 71.44
N GLU D 48 -15.46 -11.60 72.56
CA GLU D 48 -15.26 -12.34 73.84
C GLU D 48 -16.58 -12.90 74.36
N HIS D 49 -17.71 -12.40 73.85
CA HIS D 49 -19.08 -12.87 74.18
C HIS D 49 -19.41 -14.20 73.48
N LEU D 50 -18.59 -14.65 72.53
CA LEU D 50 -18.82 -15.92 71.79
C LEU D 50 -18.07 -17.04 72.53
N THR D 51 -18.51 -17.31 73.76
CA THR D 51 -17.78 -18.14 74.76
C THR D 51 -17.65 -19.57 74.25
N SER D 52 -18.71 -20.11 73.64
CA SER D 52 -18.72 -21.47 73.03
C SER D 52 -17.64 -21.54 71.94
N LEU D 53 -17.58 -20.54 71.05
CA LEU D 53 -16.64 -20.48 69.90
C LEU D 53 -15.22 -20.29 70.43
N LYS D 54 -15.03 -19.46 71.46
CA LYS D 54 -13.70 -19.18 72.05
C LYS D 54 -13.13 -20.47 72.65
N ASP D 55 -13.98 -21.27 73.29
CA ASP D 55 -13.61 -22.59 73.88
C ASP D 55 -13.12 -23.51 72.75
N LYS D 56 -13.88 -23.59 71.65
CA LYS D 56 -13.51 -24.41 70.47
C LYS D 56 -12.15 -23.95 69.95
N PHE D 57 -11.88 -22.65 69.96
CA PHE D 57 -10.61 -22.06 69.42
C PHE D 57 -9.45 -22.38 70.36
N LYS D 58 -9.65 -22.35 71.68
CA LYS D 58 -8.61 -22.72 72.67
C LYS D 58 -8.16 -24.16 72.43
N ARG D 59 -9.12 -25.06 72.23
CA ARG D 59 -8.88 -26.50 71.95
C ARG D 59 -8.07 -26.62 70.65
N ILE D 60 -8.46 -25.88 69.61
CA ILE D 60 -7.73 -25.84 68.31
C ILE D 60 -6.27 -25.43 68.58
N CYS D 61 -6.07 -24.38 69.37
CA CYS D 61 -4.74 -23.83 69.71
C CYS D 61 -3.93 -24.85 70.52
N GLU D 62 -4.54 -25.52 71.48
CA GLU D 62 -3.86 -26.58 72.30
C GLU D 62 -3.30 -27.66 71.39
N ARG D 63 -4.10 -28.13 70.41
CA ARG D 63 -3.74 -29.29 69.57
C ARG D 63 -2.93 -28.85 68.35
N SER D 64 -2.70 -27.55 68.17
CA SER D 64 -2.02 -26.96 66.97
C SER D 64 -0.56 -27.39 66.94
N THR D 65 0.02 -27.67 68.12
CA THR D 65 1.47 -27.90 68.37
C THR D 65 2.25 -26.60 68.10
N VAL D 66 1.56 -25.47 67.94
CA VAL D 66 2.18 -24.13 67.78
C VAL D 66 2.29 -23.50 69.17
N ARG D 67 3.50 -23.12 69.58
CA ARG D 67 3.80 -22.52 70.91
C ARG D 67 3.85 -21.00 70.77
N LYS D 68 4.54 -20.49 69.75
CA LYS D 68 4.65 -19.04 69.44
C LYS D 68 4.43 -18.80 67.95
N ARG D 69 4.00 -17.59 67.63
CA ARG D 69 4.02 -17.05 66.24
C ARG D 69 4.45 -15.58 66.31
N TYR D 70 5.05 -15.09 65.23
CA TYR D 70 5.33 -13.65 65.04
C TYR D 70 4.31 -13.10 64.06
N LEU D 71 3.63 -12.03 64.45
CA LEU D 71 2.58 -11.39 63.63
C LEU D 71 2.89 -9.90 63.52
N HIS D 72 2.76 -9.35 62.31
CA HIS D 72 2.83 -7.88 62.07
C HIS D 72 1.60 -7.20 62.66
N LEU D 73 0.42 -7.82 62.53
CA LEU D 73 -0.85 -7.29 63.11
C LEU D 73 -0.74 -7.22 64.63
N THR D 74 -0.68 -5.99 65.17
CA THR D 74 -0.76 -5.70 66.61
C THR D 74 -2.15 -5.14 66.93
N GLU D 75 -2.49 -5.06 68.21
CA GLU D 75 -3.74 -4.39 68.69
C GLU D 75 -3.77 -2.95 68.16
N GLU D 76 -2.61 -2.28 68.09
CA GLU D 76 -2.47 -0.87 67.66
C GLU D 76 -2.93 -0.74 66.20
N LEU D 77 -2.45 -1.60 65.31
CA LEU D 77 -2.83 -1.61 63.88
C LEU D 77 -4.32 -1.89 63.72
N LEU D 78 -4.89 -2.80 64.52
CA LEU D 78 -6.33 -3.14 64.44
C LEU D 78 -7.17 -1.94 64.89
N GLN D 79 -6.67 -1.14 65.82
CA GLN D 79 -7.33 0.09 66.32
C GLN D 79 -7.29 1.16 65.20
N GLU D 80 -6.20 1.18 64.41
CA GLU D 80 -6.03 2.13 63.28
C GLU D 80 -6.80 1.64 62.05
N TYR D 81 -7.02 0.33 61.92
CA TYR D 81 -7.71 -0.31 60.78
C TYR D 81 -8.78 -1.27 61.29
N PRO D 82 -9.84 -0.77 61.97
CA PRO D 82 -10.81 -1.65 62.64
C PRO D 82 -11.56 -2.59 61.70
N SER D 83 -11.59 -2.30 60.39
CA SER D 83 -12.24 -3.18 59.38
C SER D 83 -11.57 -4.55 59.36
N ILE D 84 -10.24 -4.63 59.59
CA ILE D 84 -9.46 -5.91 59.56
C ILE D 84 -9.90 -6.80 60.74
N ALA D 85 -10.35 -6.22 61.85
CA ALA D 85 -10.74 -6.94 63.09
C ALA D 85 -12.13 -7.56 62.95
N THR D 86 -12.93 -7.15 61.97
CA THR D 86 -14.28 -7.73 61.72
C THR D 86 -14.12 -9.04 60.94
N TYR D 87 -15.23 -9.74 60.71
CA TYR D 87 -15.22 -10.98 59.90
C TYR D 87 -15.28 -10.64 58.42
N ASP D 88 -16.11 -9.66 58.07
CA ASP D 88 -16.86 -9.61 56.78
C ASP D 88 -16.67 -8.23 56.10
N ALA D 89 -16.34 -7.17 56.84
CA ALA D 89 -16.43 -5.77 56.38
C ALA D 89 -15.37 -5.48 55.32
N PRO D 90 -15.63 -4.55 54.37
CA PRO D 90 -14.63 -4.16 53.38
C PRO D 90 -13.33 -3.73 54.08
N SER D 91 -12.22 -4.40 53.77
CA SER D 91 -10.94 -4.23 54.47
C SER D 91 -9.72 -4.31 53.54
N LEU D 92 -9.90 -4.59 52.25
CA LEU D 92 -8.75 -4.90 51.36
C LEU D 92 -7.83 -3.68 51.27
N ASP D 93 -8.41 -2.47 51.16
CA ASP D 93 -7.60 -1.22 50.98
C ASP D 93 -6.67 -1.07 52.18
N ALA D 94 -7.19 -1.25 53.41
CA ALA D 94 -6.41 -1.20 54.66
C ALA D 94 -5.29 -2.25 54.62
N ARG D 95 -5.64 -3.50 54.35
CA ARG D 95 -4.68 -4.64 54.30
C ARG D 95 -3.57 -4.31 53.29
N GLN D 96 -3.95 -3.88 52.08
CA GLN D 96 -3.01 -3.54 50.98
C GLN D 96 -2.08 -2.41 51.42
N GLU D 97 -2.61 -1.39 52.10
CA GLU D 97 -1.84 -0.22 52.57
C GLU D 97 -0.72 -0.70 53.50
N ILE D 98 -1.01 -1.68 54.36
CA ILE D 98 -0.05 -2.25 55.33
C ILE D 98 1.00 -3.10 54.60
N GLU D 99 0.55 -3.95 53.68
CA GLU D 99 1.39 -5.07 53.17
C GLU D 99 2.32 -4.64 52.04
N VAL D 100 1.91 -3.68 51.20
CA VAL D 100 2.78 -3.18 50.09
C VAL D 100 4.03 -2.54 50.71
N ALA D 101 3.90 -1.98 51.92
CA ALA D 101 5.02 -1.40 52.70
C ALA D 101 5.79 -2.51 53.40
N GLU D 102 5.09 -3.43 54.07
CA GLU D 102 5.72 -4.32 55.09
C GLU D 102 6.30 -5.58 54.47
N VAL D 103 5.67 -6.14 53.43
CA VAL D 103 6.17 -7.38 52.76
C VAL D 103 7.59 -7.14 52.27
N PRO D 104 7.90 -6.03 51.57
CA PRO D 104 9.26 -5.76 51.13
C PRO D 104 10.25 -5.54 52.29
N LYS D 105 9.80 -4.88 53.37
CA LYS D 105 10.67 -4.54 54.52
C LYS D 105 11.12 -5.82 55.24
N LEU D 106 10.18 -6.74 55.46
CA LEU D 106 10.49 -8.04 56.10
C LEU D 106 11.39 -8.86 55.16
N ALA D 107 11.08 -8.82 53.85
CA ALA D 107 11.87 -9.49 52.79
C ALA D 107 13.31 -8.95 52.85
N ALA D 108 13.47 -7.64 53.02
CA ALA D 108 14.79 -6.97 53.02
C ALA D 108 15.61 -7.45 54.22
N ARG D 109 14.97 -7.63 55.38
CA ARG D 109 15.64 -8.08 56.62
C ARG D 109 16.20 -9.48 56.39
N ALA D 110 15.38 -10.39 55.84
CA ALA D 110 15.77 -11.79 55.52
C ALA D 110 16.85 -11.79 54.42
N ALA D 111 16.70 -10.97 53.39
CA ALA D 111 17.66 -10.93 52.26
C ALA D 111 19.01 -10.41 52.75
N SER D 112 19.02 -9.41 53.63
CA SER D 112 20.25 -8.82 54.23
C SER D 112 21.04 -9.91 54.96
N ARG D 113 20.35 -10.72 55.76
CA ARG D 113 21.00 -11.82 56.53
C ARG D 113 21.55 -12.86 55.56
N ALA D 114 20.81 -13.18 54.50
CA ALA D 114 21.24 -14.15 53.46
C ALA D 114 22.48 -13.60 52.75
N ILE D 115 22.47 -12.34 52.35
CA ILE D 115 23.59 -11.70 51.60
C ILE D 115 24.82 -11.60 52.51
N GLU D 116 24.65 -11.35 53.80
CA GLU D 116 25.77 -11.22 54.76
C GLU D 116 26.44 -12.60 54.95
N GLU D 117 25.65 -13.66 55.13
CA GLU D 117 26.17 -15.06 55.25
C GLU D 117 26.91 -15.41 53.95
N TRP D 118 26.28 -15.14 52.81
CA TRP D 118 26.87 -15.37 51.46
C TRP D 118 28.25 -14.70 51.40
N GLY D 119 28.33 -13.44 51.84
CA GLY D 119 29.60 -12.70 52.02
C GLY D 119 30.05 -11.98 50.77
N GLN D 120 29.31 -12.11 49.67
CA GLN D 120 29.64 -11.48 48.37
C GLN D 120 28.86 -10.16 48.22
N PRO D 121 29.33 -9.25 47.35
CA PRO D 121 28.63 -7.98 47.13
C PRO D 121 27.31 -8.16 46.36
N LYS D 122 26.33 -7.29 46.63
CA LYS D 122 24.98 -7.34 46.01
C LYS D 122 25.04 -7.13 44.50
N ASN D 123 26.15 -6.60 43.99
CA ASN D 123 26.37 -6.37 42.54
C ASN D 123 26.35 -7.70 41.80
N LYS D 124 26.72 -8.78 42.48
CA LYS D 124 26.84 -10.11 41.85
C LYS D 124 25.48 -10.82 41.81
N ILE D 125 24.46 -10.24 42.44
CA ILE D 125 23.08 -10.79 42.34
C ILE D 125 22.52 -10.38 40.97
N THR D 126 22.16 -11.37 40.15
CA THR D 126 21.71 -11.21 38.75
C THR D 126 20.20 -11.45 38.61
N HIS D 127 19.61 -12.26 39.49
CA HIS D 127 18.19 -12.66 39.46
C HIS D 127 17.57 -12.50 40.84
N LEU D 128 16.28 -12.14 40.88
CA LEU D 128 15.46 -12.07 42.11
C LEU D 128 14.15 -12.81 41.85
N ILE D 129 13.91 -13.88 42.60
CA ILE D 129 12.59 -14.56 42.67
C ILE D 129 11.94 -14.16 43.99
N PHE D 130 10.77 -13.53 43.92
CA PHE D 130 10.02 -13.04 45.10
C PHE D 130 8.61 -13.62 45.06
N SER D 131 8.28 -14.43 46.07
CA SER D 131 6.94 -14.99 46.31
C SER D 131 6.30 -14.27 47.50
N SER D 132 5.11 -13.69 47.31
CA SER D 132 4.31 -13.09 48.39
C SER D 132 2.83 -13.40 48.14
N THR D 133 2.09 -13.75 49.20
CA THR D 133 0.61 -13.80 49.17
C THR D 133 0.06 -12.39 49.02
N SER D 134 0.69 -11.41 49.69
CA SER D 134 0.17 -10.07 50.03
C SER D 134 0.80 -8.97 49.18
N GLY D 135 0.22 -7.76 49.27
CA GLY D 135 0.75 -6.52 48.67
C GLY D 135 0.74 -6.57 47.16
N ILE D 136 -0.39 -6.96 46.55
CA ILE D 136 -0.51 -7.01 45.06
C ILE D 136 -0.63 -5.57 44.56
N GLU D 137 0.38 -5.13 43.83
CA GLU D 137 0.57 -3.72 43.41
C GLU D 137 1.51 -3.72 42.21
N LYS D 138 1.43 -2.65 41.42
CA LYS D 138 2.34 -2.36 40.28
C LYS D 138 2.95 -0.99 40.53
N PRO D 139 4.30 -0.85 40.53
CA PRO D 139 5.21 -2.00 40.45
C PRO D 139 5.13 -2.85 41.72
N GLY D 140 5.58 -4.10 41.62
CA GLY D 140 5.43 -5.12 42.67
C GLY D 140 6.43 -4.97 43.79
N VAL D 141 6.24 -5.75 44.85
CA VAL D 141 7.12 -5.81 46.05
C VAL D 141 8.53 -6.25 45.64
N ASP D 142 8.68 -6.94 44.52
CA ASP D 142 10.01 -7.28 43.92
C ASP D 142 10.78 -5.98 43.61
N CYS D 143 10.14 -4.99 42.99
CA CYS D 143 10.76 -3.68 42.67
C CYS D 143 11.04 -2.93 43.97
N HIS D 144 10.09 -2.94 44.92
CA HIS D 144 10.25 -2.28 46.24
C HIS D 144 11.51 -2.84 46.91
N LEU D 145 11.68 -4.17 46.86
CA LEU D 145 12.82 -4.86 47.49
C LEU D 145 14.12 -4.40 46.82
N VAL D 146 14.13 -4.27 45.49
CA VAL D 146 15.35 -3.82 44.74
C VAL D 146 15.80 -2.48 45.31
N HIS D 147 14.88 -1.54 45.51
CA HIS D 147 15.22 -0.17 45.99
C HIS D 147 15.60 -0.21 47.47
N LEU D 148 14.94 -1.04 48.29
CA LEU D 148 15.25 -1.15 49.74
C LEU D 148 16.66 -1.73 49.94
N LEU D 149 17.04 -2.76 49.17
CA LEU D 149 18.34 -3.45 49.34
C LEU D 149 19.44 -2.74 48.57
N GLY D 150 19.07 -1.86 47.63
CA GLY D 150 20.02 -1.29 46.65
C GLY D 150 20.62 -2.39 45.78
N LEU D 151 19.78 -3.31 45.30
CA LEU D 151 20.17 -4.34 44.30
C LEU D 151 20.41 -3.66 42.96
N PRO D 152 21.18 -4.26 42.04
CA PRO D 152 21.36 -3.68 40.70
C PRO D 152 19.99 -3.51 40.04
N LEU D 153 19.80 -2.40 39.32
CA LEU D 153 18.53 -2.11 38.61
C LEU D 153 18.33 -3.11 37.45
N SER D 154 19.40 -3.79 37.03
CA SER D 154 19.42 -4.75 35.89
C SER D 154 19.08 -6.16 36.37
N VAL D 155 18.76 -6.36 37.65
CA VAL D 155 18.42 -7.69 38.21
C VAL D 155 17.16 -8.20 37.48
N ASN D 156 17.20 -9.46 37.03
CA ASN D 156 16.07 -10.17 36.37
C ASN D 156 15.10 -10.65 37.45
N ARG D 157 13.87 -10.12 37.44
CA ARG D 157 12.88 -10.34 38.51
C ARG D 157 11.81 -11.34 38.05
N VAL D 158 11.43 -12.25 38.94
CA VAL D 158 10.22 -13.10 38.82
C VAL D 158 9.37 -12.85 40.07
N MET D 159 8.24 -12.16 39.90
CA MET D 159 7.30 -11.80 40.98
C MET D 159 6.13 -12.77 40.96
N LEU D 160 6.01 -13.60 41.99
CA LEU D 160 4.94 -14.64 42.13
C LEU D 160 3.99 -14.20 43.26
N TYR D 161 2.85 -13.62 42.90
CA TYR D 161 1.78 -13.23 43.84
C TYR D 161 0.79 -14.38 44.02
N THR D 162 0.50 -14.72 45.28
CA THR D 162 -0.73 -15.45 45.72
C THR D 162 -0.71 -16.88 45.20
N ILE D 163 0.26 -17.69 45.61
CA ILE D 163 0.49 -19.07 45.08
C ILE D 163 -0.39 -20.11 45.79
N GLY D 164 -0.34 -20.32 47.12
CA GLY D 164 0.57 -19.74 48.10
C GLY D 164 1.36 -20.80 48.87
N CYS D 165 0.74 -21.77 49.57
CA CYS D 165 1.44 -22.59 50.60
C CYS D 165 2.58 -23.45 50.00
N HIS D 166 2.52 -23.84 48.73
CA HIS D 166 3.56 -24.66 48.06
C HIS D 166 4.66 -23.78 47.45
N ALA D 167 4.58 -22.45 47.61
CA ALA D 167 5.47 -21.46 46.96
C ALA D 167 6.94 -21.72 47.33
N GLY D 168 7.22 -22.28 48.49
CA GLY D 168 8.60 -22.65 48.90
C GLY D 168 9.23 -23.56 47.87
N GLY D 169 8.47 -24.58 47.43
CA GLY D 169 8.92 -25.50 46.37
C GLY D 169 8.97 -24.82 45.02
N THR D 170 7.99 -23.96 44.72
CA THR D 170 7.88 -23.22 43.43
C THR D 170 9.14 -22.40 43.20
N VAL D 171 9.56 -21.60 44.17
CA VAL D 171 10.70 -20.65 44.00
C VAL D 171 12.00 -21.45 43.83
N LEU D 172 12.14 -22.58 44.51
CA LEU D 172 13.33 -23.47 44.37
C LEU D 172 13.32 -24.09 42.97
N ARG D 173 12.15 -24.47 42.46
CA ARG D 173 12.03 -25.10 41.11
C ARG D 173 12.47 -24.08 40.06
N ILE D 174 12.04 -22.82 40.19
CA ILE D 174 12.33 -21.75 39.20
C ILE D 174 13.80 -21.33 39.36
N ALA D 175 14.28 -21.20 40.59
CA ALA D 175 15.67 -20.80 40.91
C ALA D 175 16.64 -21.78 40.26
N LYS D 176 16.32 -23.08 40.27
CA LYS D 176 17.21 -24.12 39.72
C LYS D 176 17.47 -23.82 38.24
N ASP D 177 16.42 -23.59 37.44
CA ASP D 177 16.52 -23.41 35.97
C ASP D 177 17.20 -22.06 35.67
N LEU D 178 16.92 -21.01 36.43
CA LEU D 178 17.57 -19.69 36.26
C LEU D 178 19.06 -19.81 36.57
N ALA D 179 19.42 -20.41 37.70
CA ALA D 179 20.82 -20.57 38.16
C ALA D 179 21.60 -21.43 37.16
N GLU D 180 20.98 -22.50 36.66
CA GLU D 180 21.68 -23.55 35.88
C GLU D 180 21.80 -23.16 34.41
N ASN D 181 21.00 -22.20 33.93
CA ASN D 181 21.01 -21.80 32.50
C ASN D 181 21.83 -20.52 32.27
N ASN D 182 22.27 -19.84 33.32
CA ASN D 182 22.99 -18.54 33.22
C ASN D 182 24.30 -18.63 33.98
N VAL D 183 25.42 -18.81 33.28
CA VAL D 183 26.74 -19.04 33.94
C VAL D 183 27.11 -17.82 34.78
N GLY D 184 27.49 -18.03 36.04
CA GLY D 184 27.89 -16.96 36.96
C GLY D 184 26.70 -16.28 37.61
N SER D 185 25.47 -16.70 37.29
CA SER D 185 24.23 -16.10 37.86
C SER D 185 24.13 -16.43 39.35
N ARG D 186 23.63 -15.48 40.13
CA ARG D 186 23.36 -15.64 41.58
C ARG D 186 21.93 -15.16 41.86
N VAL D 187 21.07 -16.09 42.29
CA VAL D 187 19.61 -15.86 42.41
C VAL D 187 19.29 -15.58 43.88
N LEU D 188 18.88 -14.35 44.17
CA LEU D 188 18.22 -14.01 45.45
C LEU D 188 16.78 -14.55 45.38
N VAL D 189 16.45 -15.51 46.23
CA VAL D 189 15.08 -16.07 46.36
C VAL D 189 14.50 -15.55 47.67
N VAL D 190 13.27 -15.04 47.65
CA VAL D 190 12.60 -14.51 48.87
C VAL D 190 11.15 -15.00 48.88
N CYS D 191 10.75 -15.60 49.99
CA CYS D 191 9.32 -15.80 50.36
C CYS D 191 9.02 -14.90 51.57
N SER D 192 8.10 -13.96 51.41
CA SER D 192 7.75 -12.98 52.47
C SER D 192 6.25 -13.06 52.71
N GLU D 193 5.87 -13.61 53.86
CA GLU D 193 4.46 -13.98 54.16
C GLU D 193 4.01 -13.23 55.43
N LEU D 194 3.05 -12.33 55.26
CA LEU D 194 2.28 -11.73 56.39
C LEU D 194 0.85 -12.27 56.31
N THR D 195 0.20 -12.43 57.46
CA THR D 195 -1.21 -12.90 57.57
C THR D 195 -2.16 -11.69 57.60
N VAL D 196 -1.65 -10.48 57.32
CA VAL D 196 -2.47 -9.23 57.35
C VAL D 196 -3.63 -9.37 56.36
N MET D 197 -3.41 -10.05 55.22
CA MET D 197 -4.39 -10.13 54.11
C MET D 197 -5.53 -11.10 54.46
N THR D 198 -5.30 -12.09 55.31
CA THR D 198 -6.27 -13.20 55.58
C THR D 198 -6.87 -13.08 56.98
N PHE D 199 -6.24 -12.35 57.90
CA PHE D 199 -6.69 -12.26 59.31
C PHE D 199 -8.07 -11.62 59.37
N ARG D 200 -9.00 -12.28 60.06
CA ARG D 200 -10.36 -11.74 60.29
C ARG D 200 -10.89 -12.28 61.63
N GLY D 201 -11.94 -11.63 62.13
CA GLY D 201 -12.68 -12.03 63.33
C GLY D 201 -13.20 -13.46 63.22
N PRO D 202 -13.43 -14.15 64.35
CA PRO D 202 -13.93 -15.51 64.34
C PRO D 202 -15.43 -15.57 64.05
N SER D 203 -15.89 -16.67 63.43
CA SER D 203 -17.32 -16.92 63.15
C SER D 203 -17.63 -18.41 63.34
N GLU D 204 -18.83 -18.71 63.84
CA GLU D 204 -19.31 -20.12 64.01
C GLU D 204 -19.58 -20.72 62.64
N THR D 205 -19.68 -19.88 61.59
CA THR D 205 -20.01 -20.29 60.21
C THR D 205 -18.75 -20.69 59.43
N ASP D 206 -17.55 -20.57 60.03
CA ASP D 206 -16.26 -20.62 59.28
C ASP D 206 -15.18 -21.28 60.14
N LEU D 207 -15.16 -22.62 60.16
CA LEU D 207 -14.17 -23.41 60.90
C LEU D 207 -12.78 -23.25 60.26
N ALA D 208 -12.70 -23.26 58.94
CA ALA D 208 -11.41 -23.17 58.20
C ALA D 208 -10.63 -21.94 58.70
N ASN D 209 -11.33 -20.82 58.93
CA ASN D 209 -10.67 -19.55 59.34
C ASN D 209 -10.31 -19.57 60.83
N LEU D 210 -11.04 -20.29 61.68
CA LEU D 210 -10.63 -20.56 63.08
C LEU D 210 -9.29 -21.31 63.06
N ILE D 211 -9.21 -22.41 62.32
CA ILE D 211 -7.95 -23.20 62.17
C ILE D 211 -6.86 -22.22 61.73
N ARG D 212 -7.12 -21.46 60.66
CA ARG D 212 -6.12 -20.54 60.06
C ARG D 212 -5.59 -19.57 61.13
N MET D 213 -6.48 -18.96 61.91
CA MET D 213 -6.12 -17.92 62.90
C MET D 213 -5.36 -18.57 64.09
N GLY D 214 -5.40 -19.90 64.19
CA GLY D 214 -4.63 -20.68 65.19
C GLY D 214 -3.24 -21.08 64.70
N ILE D 215 -3.09 -21.42 63.42
CA ILE D 215 -1.89 -22.13 62.88
C ILE D 215 -0.92 -21.14 62.22
N PHE D 216 -1.42 -20.17 61.45
CA PHE D 216 -0.61 -19.35 60.51
C PHE D 216 0.08 -18.20 61.23
N GLY D 217 1.39 -18.06 60.97
CA GLY D 217 2.21 -16.94 61.46
C GLY D 217 2.93 -16.24 60.32
N ASP D 218 3.61 -15.13 60.62
CA ASP D 218 4.32 -14.28 59.65
C ASP D 218 5.80 -14.67 59.65
N GLY D 219 6.45 -14.52 58.50
CA GLY D 219 7.89 -14.78 58.35
C GLY D 219 8.34 -14.52 56.92
N ALA D 220 9.63 -14.27 56.75
CA ALA D 220 10.29 -14.14 55.45
C ALA D 220 11.57 -14.95 55.50
N ALA D 221 11.83 -15.73 54.44
CA ALA D 221 13.08 -16.49 54.27
C ALA D 221 13.67 -16.08 52.92
N ALA D 222 14.97 -15.80 52.91
CA ALA D 222 15.73 -15.47 51.70
C ALA D 222 16.87 -16.47 51.55
N LEU D 223 17.19 -16.85 50.32
CA LEU D 223 18.42 -17.62 50.09
C LEU D 223 19.08 -17.20 48.78
N ILE D 224 20.38 -17.46 48.67
CA ILE D 224 21.22 -17.21 47.46
C ILE D 224 21.44 -18.56 46.80
N ILE D 225 20.99 -18.73 45.55
CA ILE D 225 21.25 -19.94 44.73
C ILE D 225 22.23 -19.56 43.61
N GLY D 226 23.22 -20.41 43.38
CA GLY D 226 24.08 -20.38 42.19
C GLY D 226 24.55 -21.78 41.85
N ALA D 227 24.76 -22.06 40.57
CA ALA D 227 25.49 -23.25 40.11
C ALA D 227 26.98 -22.90 40.05
N ASP D 228 27.83 -23.92 40.16
CA ASP D 228 29.32 -23.79 40.09
C ASP D 228 29.76 -22.67 41.05
N PRO D 229 29.54 -22.83 42.36
CA PRO D 229 30.04 -21.83 43.32
C PRO D 229 31.57 -21.85 43.29
N ASP D 230 32.20 -20.73 43.62
CA ASP D 230 33.65 -20.64 43.88
C ASP D 230 33.89 -21.09 45.33
N LEU D 231 34.40 -22.31 45.52
CA LEU D 231 34.52 -22.94 46.85
C LEU D 231 35.58 -22.25 47.70
N SER D 232 36.39 -21.37 47.13
CA SER D 232 37.33 -20.49 47.86
C SER D 232 36.57 -19.45 48.70
N ILE D 233 35.34 -19.06 48.32
CA ILE D 233 34.59 -17.93 48.95
C ILE D 233 33.12 -18.29 49.20
N GLU D 234 32.56 -19.28 48.52
CA GLU D 234 31.12 -19.66 48.63
C GLU D 234 31.01 -21.07 49.20
N LYS D 235 30.01 -21.31 50.06
CA LYS D 235 29.82 -22.61 50.77
C LYS D 235 28.43 -23.17 50.44
N PRO D 236 28.32 -24.14 49.52
CA PRO D 236 27.03 -24.77 49.25
C PRO D 236 26.52 -25.44 50.53
N ILE D 237 25.22 -25.31 50.79
CA ILE D 237 24.51 -25.92 51.95
C ILE D 237 23.70 -27.12 51.45
N PHE D 238 22.98 -26.94 50.35
CA PHE D 238 22.19 -27.99 49.66
C PHE D 238 22.29 -27.79 48.15
N GLU D 239 22.24 -28.88 47.40
CA GLU D 239 22.10 -28.86 45.92
C GLU D 239 20.65 -29.21 45.60
N ILE D 240 20.07 -28.49 44.65
CA ILE D 240 18.70 -28.79 44.12
C ILE D 240 18.90 -29.76 42.96
N PHE D 241 18.77 -31.06 43.23
CA PHE D 241 18.99 -32.14 42.23
C PHE D 241 17.89 -32.10 41.17
N SER D 242 16.62 -32.11 41.60
CA SER D 242 15.47 -32.11 40.67
C SER D 242 14.29 -31.39 41.31
N ALA D 243 13.37 -30.90 40.49
CA ALA D 243 12.15 -30.19 40.95
C ALA D 243 10.99 -30.55 40.02
N SER D 244 9.93 -31.12 40.59
CA SER D 244 8.68 -31.51 39.90
C SER D 244 7.49 -30.89 40.62
N GLN D 245 6.49 -30.47 39.84
CA GLN D 245 5.18 -30.04 40.35
C GLN D 245 4.14 -31.03 39.85
N THR D 246 3.09 -31.28 40.62
CA THR D 246 1.94 -32.08 40.14
C THR D 246 0.66 -31.55 40.77
N LEU D 247 -0.47 -31.76 40.08
CA LEU D 247 -1.82 -31.57 40.64
C LEU D 247 -2.33 -32.93 41.12
N VAL D 248 -2.90 -32.97 42.32
CA VAL D 248 -3.64 -34.15 42.83
C VAL D 248 -4.99 -34.13 42.14
N PRO D 249 -5.38 -35.24 41.45
CA PRO D 249 -6.56 -35.22 40.61
C PRO D 249 -7.81 -34.97 41.46
N ASN D 250 -8.73 -34.13 40.95
CA ASN D 250 -10.09 -33.93 41.51
C ASN D 250 -10.00 -33.39 42.95
N THR D 251 -9.08 -32.47 43.23
CA THR D 251 -8.92 -31.84 44.57
C THR D 251 -8.86 -30.32 44.37
N SER D 252 -9.59 -29.80 43.39
CA SER D 252 -9.56 -28.36 43.02
C SER D 252 -10.24 -27.47 44.05
N LYS D 253 -11.14 -28.03 44.86
CA LYS D 253 -11.89 -27.18 45.79
C LYS D 253 -11.44 -27.42 47.22
N ALA D 254 -10.41 -28.24 47.42
CA ALA D 254 -9.98 -28.59 48.79
C ALA D 254 -9.18 -27.46 49.42
N ILE D 255 -8.44 -26.71 48.62
CA ILE D 255 -7.70 -25.53 49.17
C ILE D 255 -8.05 -24.32 48.29
N ARG D 256 -8.77 -23.36 48.86
CA ARG D 256 -9.43 -22.25 48.12
C ARG D 256 -9.11 -20.92 48.79
N GLY D 257 -8.94 -19.88 47.98
CA GLY D 257 -8.78 -18.50 48.45
C GLY D 257 -9.01 -17.54 47.31
N ARG D 258 -9.69 -16.44 47.57
CA ARG D 258 -9.89 -15.37 46.56
C ARG D 258 -9.58 -14.02 47.19
N VAL D 259 -8.89 -13.15 46.46
CA VAL D 259 -8.72 -11.72 46.84
C VAL D 259 -10.07 -11.05 46.64
N LYS D 260 -10.70 -10.61 47.73
CA LYS D 260 -12.05 -9.99 47.73
C LYS D 260 -11.99 -8.67 48.50
N GLU D 261 -13.10 -7.93 48.52
CA GLU D 261 -13.21 -6.63 49.23
C GLU D 261 -12.94 -6.86 50.72
N MET D 262 -13.19 -8.06 51.22
CA MET D 262 -12.96 -8.44 52.65
C MET D 262 -11.52 -8.97 52.85
N GLY D 263 -10.67 -8.89 51.83
CA GLY D 263 -9.29 -9.42 51.87
C GLY D 263 -9.24 -10.79 51.25
N LEU D 264 -8.19 -11.56 51.55
CA LEU D 264 -8.02 -12.93 50.99
C LEU D 264 -8.85 -13.89 51.83
N THR D 265 -9.83 -14.54 51.20
CA THR D 265 -10.62 -15.64 51.83
C THR D 265 -9.74 -16.87 51.89
N PHE D 266 -10.15 -17.84 52.69
CA PHE D 266 -9.30 -19.02 53.05
C PHE D 266 -10.22 -20.20 53.34
N TYR D 267 -10.02 -21.30 52.63
CA TYR D 267 -10.69 -22.60 52.91
C TYR D 267 -9.67 -23.72 52.68
N VAL D 268 -9.47 -24.52 53.72
CA VAL D 268 -8.75 -25.82 53.67
C VAL D 268 -9.72 -26.90 54.13
N ASP D 269 -9.96 -27.89 53.30
CA ASP D 269 -10.89 -29.02 53.57
C ASP D 269 -10.27 -29.90 54.65
N LYS D 270 -11.11 -30.54 55.46
CA LYS D 270 -10.65 -31.44 56.56
C LYS D 270 -9.98 -32.68 55.97
N MET D 271 -10.21 -32.95 54.69
CA MET D 271 -9.67 -34.15 54.04
C MET D 271 -8.26 -33.91 53.49
N VAL D 272 -7.72 -32.68 53.58
CA VAL D 272 -6.43 -32.31 52.92
C VAL D 272 -5.30 -33.20 53.43
N PRO D 273 -5.16 -33.44 54.75
CA PRO D 273 -4.16 -34.38 55.24
C PRO D 273 -4.16 -35.73 54.50
N THR D 274 -5.33 -36.36 54.40
CA THR D 274 -5.55 -37.67 53.73
C THR D 274 -5.22 -37.56 52.23
N LEU D 275 -5.71 -36.51 51.56
CA LEU D 275 -5.49 -36.28 50.11
C LEU D 275 -3.98 -36.24 49.82
N VAL D 276 -3.24 -35.48 50.62
CA VAL D 276 -1.76 -35.31 50.44
C VAL D 276 -1.08 -36.67 50.70
N ALA D 277 -1.35 -37.30 51.84
CA ALA D 277 -0.75 -38.59 52.23
C ALA D 277 -1.10 -39.65 51.19
N SER D 278 -2.30 -39.59 50.61
CA SER D 278 -2.81 -40.55 49.59
C SER D 278 -2.06 -40.38 48.25
N ASN D 279 -1.38 -39.25 48.01
CA ASN D 279 -0.74 -38.94 46.71
C ASN D 279 0.80 -38.84 46.82
N ILE D 280 1.33 -38.75 48.03
CA ILE D 280 2.75 -38.44 48.29
C ILE D 280 3.66 -39.54 47.70
N GLU D 281 3.24 -40.81 47.79
CA GLU D 281 4.03 -41.98 47.31
C GLU D 281 4.32 -41.88 45.81
N GLN D 282 3.36 -41.47 44.96
CA GLN D 282 3.59 -41.29 43.50
C GLN D 282 4.71 -40.26 43.28
N CYS D 283 4.62 -39.11 43.96
CA CYS D 283 5.58 -37.98 43.85
C CYS D 283 6.98 -38.48 44.23
N LEU D 284 7.06 -39.19 45.36
CA LEU D 284 8.30 -39.78 45.92
C LEU D 284 8.90 -40.78 44.93
N ASP D 285 8.05 -41.63 44.32
CA ASP D 285 8.46 -42.70 43.38
C ASP D 285 9.06 -42.05 42.12
N LYS D 286 8.37 -41.05 41.55
CA LYS D 286 8.85 -40.33 40.35
C LYS D 286 10.18 -39.64 40.66
N ALA D 287 10.30 -39.02 41.83
CA ALA D 287 11.49 -38.23 42.24
C ALA D 287 12.70 -39.13 42.49
N PHE D 288 12.52 -40.31 43.10
CA PHE D 288 13.63 -41.10 43.71
C PHE D 288 13.92 -42.41 42.95
N SER D 289 13.01 -42.92 42.11
CA SER D 289 13.28 -44.10 41.25
C SER D 289 14.57 -43.90 40.45
N PRO D 290 14.79 -42.74 39.78
CA PRO D 290 16.03 -42.53 39.04
C PRO D 290 17.29 -42.67 39.90
N LEU D 291 17.19 -42.45 41.22
CA LEU D 291 18.33 -42.58 42.17
C LEU D 291 18.40 -43.99 42.76
N GLY D 292 17.43 -44.86 42.43
CA GLY D 292 17.30 -46.20 43.03
C GLY D 292 17.03 -46.11 44.52
N ILE D 293 16.31 -45.09 44.99
CA ILE D 293 15.98 -44.90 46.43
C ILE D 293 14.50 -45.20 46.63
N ASN D 294 14.22 -45.90 47.73
CA ASN D 294 13.01 -46.73 47.94
C ASN D 294 12.56 -46.57 49.40
N ASP D 295 13.53 -46.44 50.30
CA ASP D 295 13.37 -46.37 51.78
C ASP D 295 13.26 -44.90 52.20
N TRP D 296 12.06 -44.46 52.56
CA TRP D 296 11.76 -43.03 52.89
C TRP D 296 12.36 -42.66 54.24
N ASN D 297 12.90 -43.62 54.99
CA ASN D 297 13.64 -43.34 56.25
C ASN D 297 15.12 -43.09 55.96
N SER D 298 15.58 -43.31 54.72
CA SER D 298 17.01 -43.19 54.32
C SER D 298 17.33 -41.79 53.77
N ILE D 299 16.32 -40.93 53.65
CA ILE D 299 16.47 -39.53 53.14
C ILE D 299 16.01 -38.56 54.24
N PHE D 300 16.57 -37.34 54.29
CA PHE D 300 16.10 -36.29 55.23
C PHE D 300 14.86 -35.63 54.65
N TRP D 301 14.02 -35.06 55.52
CA TRP D 301 12.62 -34.67 55.21
C TRP D 301 12.40 -33.19 55.52
N ILE D 302 11.90 -32.45 54.52
CA ILE D 302 11.41 -31.06 54.67
C ILE D 302 9.99 -31.01 54.08
N PRO D 303 8.98 -31.61 54.74
CA PRO D 303 7.60 -31.48 54.27
C PRO D 303 6.98 -30.19 54.81
N HIS D 304 6.23 -29.47 53.98
CA HIS D 304 5.48 -28.27 54.40
C HIS D 304 4.52 -28.67 55.52
N PRO D 305 4.67 -28.11 56.73
CA PRO D 305 3.77 -28.44 57.84
C PRO D 305 2.49 -27.62 57.81
N GLY D 306 1.59 -27.92 56.89
CA GLY D 306 0.25 -27.28 56.81
C GLY D 306 -0.43 -27.24 58.15
N GLY D 307 -0.34 -28.34 58.90
CA GLY D 307 -0.77 -28.46 60.31
C GLY D 307 -0.22 -29.74 60.92
N PRO D 308 -0.52 -30.03 62.20
CA PRO D 308 -0.09 -31.29 62.81
C PRO D 308 -0.69 -32.54 62.12
N ALA D 309 -1.92 -32.46 61.61
CA ALA D 309 -2.64 -33.59 60.97
C ALA D 309 -1.91 -34.07 59.71
N ILE D 310 -1.44 -33.13 58.88
CA ILE D 310 -0.72 -33.45 57.60
C ILE D 310 0.57 -34.18 57.94
N LEU D 311 1.29 -33.76 58.98
CA LEU D 311 2.56 -34.39 59.42
C LEU D 311 2.27 -35.80 59.96
N ALA D 312 1.23 -35.93 60.78
CA ALA D 312 0.74 -37.23 61.32
C ALA D 312 0.46 -38.20 60.18
N GLU D 313 -0.28 -37.76 59.15
CA GLU D 313 -0.72 -38.61 58.02
C GLU D 313 0.49 -39.04 57.18
N ILE D 314 1.45 -38.15 56.96
CA ILE D 314 2.69 -38.47 56.19
C ILE D 314 3.49 -39.52 56.97
N GLU D 315 3.73 -39.29 58.25
CA GLU D 315 4.46 -40.23 59.15
C GLU D 315 3.81 -41.61 59.05
N ALA D 316 2.49 -41.67 59.27
CA ALA D 316 1.69 -42.91 59.27
C ALA D 316 1.81 -43.61 57.91
N LYS D 317 1.55 -42.88 56.81
CA LYS D 317 1.47 -43.45 55.45
C LYS D 317 2.83 -44.01 55.04
N LEU D 318 3.93 -43.28 55.26
CA LEU D 318 5.29 -43.66 54.80
C LEU D 318 6.04 -44.41 55.90
N GLU D 319 5.41 -44.59 57.07
CA GLU D 319 5.98 -45.31 58.23
C GLU D 319 7.35 -44.72 58.56
N LEU D 320 7.43 -43.39 58.74
CA LEU D 320 8.68 -42.67 59.06
C LEU D 320 9.00 -42.85 60.55
N LYS D 321 10.29 -43.02 60.88
CA LYS D 321 10.76 -43.13 62.28
C LYS D 321 10.47 -41.81 62.99
N PRO D 322 10.34 -41.81 64.33
CA PRO D 322 9.90 -40.63 65.07
C PRO D 322 10.70 -39.33 64.89
N GLY D 323 12.00 -39.38 64.58
CA GLY D 323 12.84 -38.17 64.54
C GLY D 323 12.97 -37.52 63.18
N LYS D 324 12.43 -38.14 62.11
CA LYS D 324 12.59 -37.64 60.72
C LYS D 324 12.09 -36.20 60.58
N LEU D 325 10.98 -35.88 61.24
CA LEU D 325 10.26 -34.58 61.08
C LEU D 325 10.54 -33.67 62.29
N ARG D 326 11.60 -33.90 63.05
CA ARG D 326 11.87 -33.11 64.29
C ARG D 326 12.14 -31.65 63.91
N ALA D 327 12.93 -31.39 62.87
CA ALA D 327 13.25 -30.04 62.37
C ALA D 327 11.96 -29.34 61.95
N THR D 328 11.09 -30.02 61.19
CA THR D 328 9.81 -29.49 60.68
C THR D 328 8.91 -29.13 61.87
N ARG D 329 8.73 -30.06 62.80
CA ARG D 329 7.91 -29.89 64.04
C ARG D 329 8.45 -28.69 64.84
N HIS D 330 9.77 -28.57 64.95
CA HIS D 330 10.44 -27.44 65.67
C HIS D 330 9.99 -26.11 65.07
N VAL D 331 10.08 -25.95 63.74
CA VAL D 331 9.68 -24.71 63.03
C VAL D 331 8.18 -24.48 63.21
N LEU D 332 7.35 -25.52 63.06
CA LEU D 332 5.89 -25.36 63.22
C LEU D 332 5.62 -24.87 64.64
N SER D 333 6.33 -25.41 65.63
CA SER D 333 6.09 -25.10 67.06
C SER D 333 6.56 -23.68 67.39
N GLU D 334 7.64 -23.23 66.76
CA GLU D 334 8.38 -22.01 67.15
C GLU D 334 7.93 -20.79 66.33
N TYR D 335 7.33 -20.99 65.15
CA TYR D 335 6.95 -19.89 64.22
C TYR D 335 5.53 -20.06 63.69
N GLY D 336 4.94 -21.25 63.84
CA GLY D 336 3.68 -21.60 63.17
C GLY D 336 3.87 -21.84 61.69
N ASN D 337 2.77 -21.93 60.95
CA ASN D 337 2.74 -22.11 59.48
C ASN D 337 2.92 -20.72 58.84
N MET D 338 4.06 -20.49 58.18
CA MET D 338 4.38 -19.21 57.51
C MET D 338 4.25 -19.39 55.99
N SER D 339 3.30 -20.23 55.57
CA SER D 339 3.00 -20.54 54.15
C SER D 339 4.29 -20.92 53.42
N GLY D 340 4.54 -20.38 52.22
CA GLY D 340 5.66 -20.75 51.35
C GLY D 340 7.00 -20.66 52.06
N ALA D 341 7.15 -19.71 53.00
CA ALA D 341 8.42 -19.44 53.71
C ALA D 341 8.81 -20.64 54.58
N THR D 342 7.82 -21.40 55.07
CA THR D 342 8.03 -22.39 56.16
C THR D 342 9.12 -23.39 55.79
N VAL D 343 9.06 -24.02 54.63
CA VAL D 343 10.05 -25.07 54.21
C VAL D 343 11.46 -24.47 54.16
N LEU D 344 11.59 -23.18 53.84
CA LEU D 344 12.90 -22.48 53.79
C LEU D 344 13.42 -22.27 55.22
N PHE D 345 12.53 -21.95 56.17
CA PHE D 345 12.89 -21.91 57.61
C PHE D 345 13.39 -23.28 58.06
N ILE D 346 12.73 -24.35 57.58
CA ILE D 346 13.05 -25.76 57.95
C ILE D 346 14.41 -26.15 57.36
N LEU D 347 14.71 -25.77 56.12
CA LEU D 347 16.06 -25.91 55.51
C LEU D 347 17.10 -25.30 56.46
N ASP D 348 16.84 -24.09 56.94
CA ASP D 348 17.77 -23.37 57.84
C ASP D 348 17.92 -24.18 59.14
N GLU D 349 16.79 -24.55 59.75
CA GLU D 349 16.78 -25.37 61.00
C GLU D 349 17.57 -26.66 60.76
N MET D 350 17.40 -27.32 59.61
CA MET D 350 18.02 -28.64 59.40
C MET D 350 19.54 -28.52 59.33
N ARG D 351 20.06 -27.57 58.54
CA ARG D 351 21.53 -27.37 58.40
C ARG D 351 22.12 -26.96 59.76
N ARG D 352 21.41 -26.14 60.53
CA ARG D 352 21.91 -25.57 61.81
C ARG D 352 21.94 -26.68 62.86
N ARG D 353 20.86 -27.45 62.97
CA ARG D 353 20.77 -28.62 63.88
C ARG D 353 21.87 -29.62 63.53
N SER D 354 22.10 -29.83 62.23
CA SER D 354 23.11 -30.77 61.71
C SER D 354 24.49 -30.37 62.24
N LYS D 355 24.84 -29.09 62.14
CA LYS D 355 26.15 -28.56 62.63
C LYS D 355 26.21 -28.71 64.16
N LYS D 356 25.13 -28.36 64.88
CA LYS D 356 25.10 -28.34 66.37
C LYS D 356 25.23 -29.76 66.91
N GLU D 357 24.80 -30.78 66.17
CA GLU D 357 24.83 -32.21 66.58
C GLU D 357 26.01 -32.94 65.93
N GLY D 358 26.93 -32.21 65.28
CA GLY D 358 28.14 -32.76 64.63
C GLY D 358 27.81 -33.90 63.69
N LYS D 359 26.80 -33.72 62.83
CA LYS D 359 26.43 -34.70 61.77
C LYS D 359 27.38 -34.50 60.59
N GLY D 360 27.55 -35.54 59.77
CA GLY D 360 28.52 -35.56 58.66
C GLY D 360 28.07 -34.74 57.46
N THR D 361 26.77 -34.42 57.36
CA THR D 361 26.18 -33.63 56.25
C THR D 361 25.22 -32.58 56.81
N THR D 362 24.83 -31.63 55.96
CA THR D 362 23.87 -30.54 56.28
C THR D 362 22.45 -31.13 56.37
N GLY D 363 22.26 -32.36 55.90
CA GLY D 363 20.96 -33.07 55.90
C GLY D 363 20.92 -34.18 56.92
N ASP D 364 21.23 -33.85 58.18
CA ASP D 364 21.08 -34.77 59.34
C ASP D 364 22.01 -35.97 59.17
N GLY D 365 23.14 -35.81 58.45
CA GLY D 365 24.11 -36.89 58.22
C GLY D 365 23.80 -37.71 56.98
N LEU D 366 22.62 -37.54 56.37
CA LEU D 366 22.20 -38.29 55.16
C LEU D 366 22.62 -37.51 53.90
N GLU D 367 22.70 -38.19 52.77
CA GLU D 367 23.15 -37.63 51.46
C GLU D 367 21.96 -37.00 50.75
N TRP D 368 20.83 -37.71 50.67
CA TRP D 368 19.65 -37.30 49.88
C TRP D 368 18.51 -36.84 50.79
N GLY D 369 17.71 -35.91 50.31
CA GLY D 369 16.58 -35.31 51.04
C GLY D 369 15.46 -34.96 50.09
N VAL D 370 14.26 -34.86 50.61
CA VAL D 370 13.07 -34.40 49.85
C VAL D 370 12.55 -33.16 50.57
N LEU D 371 12.21 -32.13 49.80
CA LEU D 371 11.43 -30.96 50.25
C LEU D 371 10.12 -30.98 49.48
N MET D 372 9.00 -30.84 50.17
CA MET D 372 7.66 -30.90 49.54
C MET D 372 6.81 -29.71 49.98
N GLY D 373 6.23 -29.02 49.01
CA GLY D 373 5.19 -28.00 49.21
C GLY D 373 3.83 -28.57 48.90
N PHE D 374 2.84 -28.30 49.76
CA PHE D 374 1.41 -28.66 49.57
C PHE D 374 0.60 -27.37 49.56
N GLY D 375 -0.21 -27.14 48.52
CA GLY D 375 -0.97 -25.89 48.40
C GLY D 375 -2.16 -26.01 47.46
N PRO D 376 -2.77 -24.88 47.07
CA PRO D 376 -3.96 -24.87 46.22
C PRO D 376 -3.69 -25.67 44.93
N GLY D 377 -4.68 -26.47 44.49
CA GLY D 377 -4.57 -27.34 43.32
C GLY D 377 -5.50 -28.56 43.40
N VAL D 378 -5.25 -29.47 44.34
CA VAL D 378 -4.16 -29.41 45.30
C VAL D 378 -2.83 -29.67 44.58
N THR D 379 -1.83 -28.85 44.86
CA THR D 379 -0.49 -28.92 44.21
C THR D 379 0.52 -29.50 45.18
N VAL D 380 1.33 -30.44 44.70
CA VAL D 380 2.52 -30.98 45.42
C VAL D 380 3.76 -30.56 44.62
N GLU D 381 4.61 -29.73 45.24
CA GLU D 381 5.97 -29.42 44.74
C GLU D 381 6.93 -30.42 45.38
N THR D 382 7.61 -31.24 44.58
CA THR D 382 8.60 -32.24 45.05
C THR D 382 10.00 -31.80 44.60
N ILE D 383 10.86 -31.49 45.55
CA ILE D 383 12.27 -31.07 45.29
C ILE D 383 13.19 -32.12 45.91
N VAL D 384 14.04 -32.76 45.10
CA VAL D 384 15.12 -33.66 45.60
C VAL D 384 16.34 -32.80 45.91
N LEU D 385 16.75 -32.83 47.16
CA LEU D 385 17.92 -32.07 47.68
C LEU D 385 19.08 -33.05 47.92
N ARG D 386 20.29 -32.57 47.66
CA ARG D 386 21.54 -33.26 48.04
C ARG D 386 22.21 -32.45 49.14
N ALA D 387 22.48 -33.07 50.29
CA ALA D 387 23.22 -32.44 51.39
C ALA D 387 24.70 -32.31 51.02
N ILE D 388 25.42 -31.46 51.75
CA ILE D 388 26.88 -31.20 51.57
C ILE D 388 27.60 -31.78 52.79
N SER D 389 28.79 -32.35 52.59
CA SER D 389 29.66 -32.91 53.66
C SER D 389 30.21 -31.78 54.53
N VAL D 390 29.93 -31.84 55.84
CA VAL D 390 30.48 -30.95 56.91
C VAL D 390 31.74 -31.63 57.48
N VAL D 391 32.70 -30.85 57.99
CA VAL D 391 33.96 -31.35 58.60
C VAL D 391 34.22 -30.59 59.90
N PRO E 14 45.70 -26.66 -16.77
CA PRO E 14 46.08 -27.78 -17.63
C PRO E 14 47.61 -27.84 -17.84
N HIS E 15 48.15 -29.04 -18.01
CA HIS E 15 49.59 -29.34 -18.18
C HIS E 15 50.09 -28.71 -19.49
N GLY E 16 49.30 -28.81 -20.56
CA GLY E 16 49.77 -28.67 -21.96
C GLY E 16 49.53 -27.30 -22.55
N LEU E 17 49.90 -27.15 -23.82
CA LEU E 17 49.76 -25.90 -24.62
C LEU E 17 48.33 -25.78 -25.16
N ALA E 18 47.85 -24.54 -25.28
CA ALA E 18 46.57 -24.20 -25.95
C ALA E 18 46.65 -24.68 -27.40
N SER E 19 45.71 -25.52 -27.81
CA SER E 19 45.72 -26.22 -29.12
C SER E 19 44.48 -25.83 -29.92
N ILE E 20 44.69 -25.50 -31.20
CA ILE E 20 43.59 -25.36 -32.21
C ILE E 20 43.07 -26.77 -32.50
N LEU E 21 41.79 -27.02 -32.20
CA LEU E 21 41.16 -28.36 -32.27
C LEU E 21 40.28 -28.47 -33.50
N ALA E 22 39.93 -27.35 -34.13
CA ALA E 22 39.01 -27.29 -35.29
C ALA E 22 39.09 -25.90 -35.93
N ILE E 23 38.92 -25.83 -37.25
CA ILE E 23 38.90 -24.55 -38.01
C ILE E 23 37.74 -24.58 -39.00
N GLY E 24 36.84 -23.62 -38.89
CA GLY E 24 35.75 -23.41 -39.86
C GLY E 24 35.90 -22.05 -40.51
N THR E 25 35.48 -21.90 -41.76
CA THR E 25 35.49 -20.62 -42.49
C THR E 25 34.16 -20.46 -43.23
N ALA E 26 33.82 -19.22 -43.57
CA ALA E 26 32.62 -18.85 -44.34
C ALA E 26 32.90 -17.54 -45.07
N ASN E 27 32.24 -17.34 -46.21
CA ASN E 27 32.33 -16.08 -46.99
C ASN E 27 30.94 -15.70 -47.44
N PRO E 28 30.66 -14.40 -47.68
CA PRO E 28 29.45 -14.01 -48.40
C PRO E 28 29.29 -14.84 -49.68
N SER E 29 28.06 -15.11 -50.08
CA SER E 29 27.74 -16.05 -51.18
C SER E 29 28.05 -15.39 -52.54
N ASN E 30 28.12 -14.06 -52.62
CA ASN E 30 28.42 -13.34 -53.89
C ASN E 30 29.92 -13.29 -54.17
N CYS E 31 30.33 -13.81 -55.33
CA CYS E 31 31.73 -13.93 -55.78
C CYS E 31 32.02 -12.93 -56.90
N PHE E 32 33.12 -12.17 -56.78
CA PHE E 32 33.53 -11.14 -57.76
C PHE E 32 34.88 -11.52 -58.37
N ASN E 33 34.89 -11.83 -59.66
CA ASN E 33 36.14 -12.06 -60.45
C ASN E 33 36.86 -10.73 -60.59
N GLN E 34 38.18 -10.72 -60.33
CA GLN E 34 39.01 -9.50 -60.39
C GLN E 34 39.03 -8.95 -61.83
N ASP E 35 39.02 -9.82 -62.84
CA ASP E 35 39.03 -9.41 -64.26
C ASP E 35 37.89 -8.43 -64.54
N GLU E 36 36.71 -8.66 -63.97
CA GLU E 36 35.50 -7.85 -64.26
C GLU E 36 35.23 -6.82 -63.16
N PHE E 37 36.08 -6.72 -62.14
CA PHE E 37 35.80 -5.88 -60.95
C PHE E 37 35.96 -4.40 -61.27
N PRO E 38 37.00 -3.95 -62.00
CA PRO E 38 37.09 -2.54 -62.38
C PRO E 38 35.82 -2.02 -63.11
N ASP E 39 35.29 -2.80 -64.05
CA ASP E 39 34.06 -2.46 -64.82
C ASP E 39 32.88 -2.39 -63.84
N TYR E 40 32.74 -3.41 -62.99
CA TYR E 40 31.62 -3.52 -62.01
C TYR E 40 31.68 -2.36 -61.01
N SER E 41 32.81 -2.19 -60.33
CA SER E 41 32.97 -1.22 -59.21
C SER E 41 32.77 0.21 -59.73
N PHE E 42 33.30 0.54 -60.90
CA PHE E 42 33.18 1.92 -61.47
C PHE E 42 31.77 2.17 -61.96
N ARG E 43 30.99 1.13 -62.29
CA ARG E 43 29.58 1.29 -62.74
C ARG E 43 28.68 1.56 -61.53
N VAL E 44 28.79 0.74 -60.48
CA VAL E 44 27.88 0.79 -59.29
C VAL E 44 28.24 2.00 -58.42
N THR E 45 29.44 2.56 -58.53
CA THR E 45 29.83 3.83 -57.85
C THR E 45 29.65 5.02 -58.80
N LYS E 46 29.00 4.81 -59.95
CA LYS E 46 28.56 5.91 -60.86
C LYS E 46 29.78 6.76 -61.24
N SER E 47 30.89 6.11 -61.62
CA SER E 47 32.22 6.73 -61.83
C SER E 47 32.80 6.34 -63.20
N GLU E 48 31.98 5.93 -64.17
CA GLU E 48 32.49 5.40 -65.47
C GLU E 48 33.20 6.51 -66.27
N HIS E 49 32.85 7.76 -65.98
CA HIS E 49 33.38 8.97 -66.68
C HIS E 49 34.71 9.37 -66.08
N LEU E 50 35.19 8.74 -65.00
CA LEU E 50 36.57 8.92 -64.46
C LEU E 50 37.50 7.92 -65.13
N THR E 51 37.64 8.05 -66.46
CA THR E 51 38.30 7.05 -67.36
C THR E 51 39.78 6.91 -66.98
N SER E 52 40.45 8.01 -66.68
CA SER E 52 41.87 8.06 -66.24
C SER E 52 42.03 7.22 -64.95
N LEU E 53 41.13 7.44 -63.98
CA LEU E 53 41.16 6.76 -62.66
C LEU E 53 40.82 5.28 -62.82
N LYS E 54 39.86 4.96 -63.71
CA LYS E 54 39.43 3.56 -63.97
C LYS E 54 40.62 2.77 -64.53
N ASP E 55 41.40 3.39 -65.42
CA ASP E 55 42.60 2.80 -66.04
C ASP E 55 43.61 2.47 -64.92
N LYS E 56 43.86 3.44 -64.03
CA LYS E 56 44.76 3.26 -62.87
C LYS E 56 44.31 2.07 -62.04
N PHE E 57 42.99 1.91 -61.85
CA PHE E 57 42.40 0.86 -60.98
C PHE E 57 42.54 -0.52 -61.65
N LYS E 58 42.35 -0.60 -62.99
CA LYS E 58 42.54 -1.85 -63.76
C LYS E 58 43.95 -2.39 -63.53
N ARG E 59 44.94 -1.51 -63.64
CA ARG E 59 46.38 -1.81 -63.49
C ARG E 59 46.60 -2.33 -62.06
N ILE E 60 46.03 -1.65 -61.06
CA ILE E 60 46.12 -2.04 -59.63
C ILE E 60 45.59 -3.47 -59.48
N CYS E 61 44.42 -3.76 -60.09
CA CYS E 61 43.75 -5.08 -59.99
C CYS E 61 44.59 -6.16 -60.68
N GLU E 62 45.18 -5.86 -61.85
CA GLU E 62 46.05 -6.83 -62.57
C GLU E 62 47.22 -7.24 -61.68
N ARG E 63 47.86 -6.30 -61.00
CA ARG E 63 49.09 -6.56 -60.20
C ARG E 63 48.74 -7.05 -58.79
N SER E 64 47.47 -7.10 -58.41
CA SER E 64 47.00 -7.40 -57.02
C SER E 64 47.34 -8.85 -56.65
N THR E 65 47.40 -9.74 -57.63
CA THR E 65 47.49 -11.23 -57.48
C THR E 65 46.19 -11.76 -56.89
N VAL E 66 45.14 -10.95 -56.81
CA VAL E 66 43.79 -11.38 -56.33
C VAL E 66 42.98 -11.78 -57.56
N ARG E 67 42.47 -13.00 -57.61
CA ARG E 67 41.70 -13.56 -58.75
C ARG E 67 40.19 -13.43 -58.45
N LYS E 68 39.77 -13.78 -57.24
CA LYS E 68 38.37 -13.67 -56.77
C LYS E 68 38.34 -13.05 -55.37
N ARG E 69 37.20 -12.43 -55.04
CA ARG E 69 36.85 -12.07 -53.65
C ARG E 69 35.37 -12.36 -53.44
N TYR E 70 34.98 -12.60 -52.19
CA TYR E 70 33.56 -12.67 -51.76
C TYR E 70 33.23 -11.38 -51.04
N LEU E 71 32.17 -10.70 -51.47
CA LEU E 71 31.74 -9.42 -50.88
C LEU E 71 30.26 -9.51 -50.54
N HIS E 72 29.89 -9.04 -49.35
CA HIS E 72 28.47 -8.87 -48.95
C HIS E 72 27.85 -7.71 -49.74
N LEU E 73 28.60 -6.62 -49.96
CA LEU E 73 28.12 -5.46 -50.78
C LEU E 73 27.85 -5.91 -52.21
N THR E 74 26.58 -5.98 -52.58
CA THR E 74 26.09 -6.25 -53.95
C THR E 74 25.59 -4.94 -54.55
N GLU E 75 25.36 -4.93 -55.86
CA GLU E 75 24.71 -3.80 -56.58
C GLU E 75 23.36 -3.48 -55.91
N GLU E 76 22.64 -4.50 -55.45
CA GLU E 76 21.28 -4.37 -54.85
C GLU E 76 21.38 -3.55 -53.55
N LEU E 77 22.33 -3.89 -52.67
CA LEU E 77 22.55 -3.16 -51.40
C LEU E 77 22.94 -1.70 -51.68
N LEU E 78 23.78 -1.45 -52.70
CA LEU E 78 24.23 -0.07 -53.04
C LEU E 78 23.04 0.75 -53.56
N GLN E 79 22.10 0.09 -54.23
CA GLN E 79 20.87 0.75 -54.75
C GLN E 79 19.95 1.10 -53.56
N GLU E 80 19.95 0.27 -52.52
CA GLU E 80 19.15 0.48 -51.29
C GLU E 80 19.84 1.48 -50.36
N TYR E 81 21.18 1.57 -50.43
CA TYR E 81 22.01 2.48 -49.58
C TYR E 81 22.99 3.25 -50.44
N PRO E 82 22.50 4.16 -51.31
CA PRO E 82 23.36 4.83 -52.28
C PRO E 82 24.47 5.70 -51.66
N SER E 83 24.35 6.06 -50.38
CA SER E 83 25.39 6.84 -49.66
C SER E 83 26.70 6.04 -49.62
N ILE E 84 26.63 4.70 -49.51
CA ILE E 84 27.83 3.82 -49.44
C ILE E 84 28.60 3.85 -50.77
N ALA E 85 27.92 4.09 -51.89
CA ALA E 85 28.50 4.08 -53.25
C ALA E 85 29.25 5.39 -53.54
N THR E 86 29.05 6.44 -52.74
CA THR E 86 29.76 7.73 -52.89
C THR E 86 31.14 7.61 -52.24
N TYR E 87 31.95 8.64 -52.34
CA TYR E 87 33.29 8.68 -51.69
C TYR E 87 33.13 9.13 -50.23
N ASP E 88 32.28 10.14 -50.01
CA ASP E 88 32.46 11.14 -48.93
C ASP E 88 31.19 11.31 -48.09
N ALA E 89 30.02 10.93 -48.62
CA ALA E 89 28.70 11.28 -48.05
C ALA E 89 28.47 10.53 -46.74
N PRO E 90 27.70 11.12 -45.78
CA PRO E 90 27.35 10.43 -44.54
C PRO E 90 26.73 9.08 -44.84
N SER E 91 27.33 8.00 -44.35
CA SER E 91 26.96 6.60 -44.70
C SER E 91 27.07 5.65 -43.50
N LEU E 92 27.54 6.09 -42.33
CA LEU E 92 27.84 5.16 -41.21
C LEU E 92 26.55 4.45 -40.76
N ASP E 93 25.43 5.17 -40.69
CA ASP E 93 24.14 4.59 -40.21
C ASP E 93 23.76 3.41 -41.13
N ALA E 94 23.84 3.60 -42.44
CA ALA E 94 23.56 2.57 -43.46
C ALA E 94 24.51 1.38 -43.25
N ARG E 95 25.82 1.63 -43.20
CA ARG E 95 26.85 0.58 -43.04
C ARG E 95 26.56 -0.22 -41.76
N GLN E 96 26.31 0.48 -40.65
CA GLN E 96 26.02 -0.13 -39.33
C GLN E 96 24.77 -1.03 -39.43
N GLU E 97 23.73 -0.55 -40.11
CA GLU E 97 22.45 -1.27 -40.27
C GLU E 97 22.72 -2.62 -40.96
N ILE E 98 23.61 -2.64 -41.94
CA ILE E 98 23.98 -3.86 -42.71
C ILE E 98 24.82 -4.80 -41.83
N GLU E 99 25.81 -4.26 -41.11
CA GLU E 99 26.90 -5.08 -40.52
C GLU E 99 26.49 -5.66 -39.16
N VAL E 100 25.69 -4.95 -38.36
CA VAL E 100 25.21 -5.48 -37.05
C VAL E 100 24.38 -6.73 -37.29
N ALA E 101 23.71 -6.82 -38.45
CA ALA E 101 22.96 -8.02 -38.91
C ALA E 101 23.93 -9.08 -39.44
N GLU E 102 24.84 -8.69 -40.34
CA GLU E 102 25.56 -9.64 -41.20
C GLU E 102 26.81 -10.20 -40.51
N VAL E 103 27.54 -9.40 -39.73
CA VAL E 103 28.79 -9.84 -39.07
C VAL E 103 28.49 -11.06 -38.20
N PRO E 104 27.43 -11.05 -37.35
CA PRO E 104 27.13 -12.24 -36.55
C PRO E 104 26.70 -13.45 -37.39
N LYS E 105 25.96 -13.23 -38.47
CA LYS E 105 25.41 -14.32 -39.33
C LYS E 105 26.57 -15.05 -40.00
N LEU E 106 27.52 -14.32 -40.57
CA LEU E 106 28.71 -14.91 -41.23
C LEU E 106 29.57 -15.61 -40.17
N ALA E 107 29.72 -14.99 -39.00
CA ALA E 107 30.44 -15.55 -37.84
C ALA E 107 29.81 -16.89 -37.47
N ALA E 108 28.47 -16.95 -37.46
CA ALA E 108 27.71 -18.16 -37.06
C ALA E 108 27.98 -19.30 -38.04
N ARG E 109 28.05 -18.98 -39.34
CA ARG E 109 28.31 -19.98 -40.41
C ARG E 109 29.68 -20.60 -40.17
N ALA E 110 30.71 -19.78 -39.95
CA ALA E 110 32.10 -20.22 -39.68
C ALA E 110 32.16 -20.99 -38.36
N ALA E 111 31.50 -20.50 -37.31
CA ALA E 111 31.52 -21.16 -35.99
C ALA E 111 30.85 -22.54 -36.07
N SER E 112 29.74 -22.65 -36.81
CA SER E 112 28.98 -23.92 -37.02
C SER E 112 29.91 -24.96 -37.64
N ARG E 113 30.67 -24.59 -38.67
CA ARG E 113 31.61 -25.51 -39.36
C ARG E 113 32.71 -25.93 -38.38
N ALA E 114 33.23 -25.01 -37.58
CA ALA E 114 34.28 -25.27 -36.57
C ALA E 114 33.74 -26.25 -35.52
N ILE E 115 32.52 -26.00 -35.01
CA ILE E 115 31.90 -26.84 -33.95
C ILE E 115 31.59 -28.23 -34.52
N GLU E 116 31.19 -28.34 -35.79
CA GLU E 116 30.87 -29.64 -36.43
C GLU E 116 32.15 -30.47 -36.57
N GLU E 117 33.25 -29.87 -37.04
CA GLU E 117 34.57 -30.54 -37.15
C GLU E 117 35.02 -30.98 -35.76
N TRP E 118 34.95 -30.08 -34.77
CA TRP E 118 35.30 -30.35 -33.36
C TRP E 118 34.54 -31.61 -32.89
N GLY E 119 33.23 -31.66 -33.18
CA GLY E 119 32.38 -32.84 -32.96
C GLY E 119 31.78 -32.88 -31.57
N GLN E 120 32.12 -31.93 -30.69
CA GLN E 120 31.66 -31.89 -29.27
C GLN E 120 30.45 -30.96 -29.15
N PRO E 121 29.66 -31.09 -28.06
CA PRO E 121 28.48 -30.24 -27.88
C PRO E 121 28.82 -28.79 -27.53
N LYS E 122 28.00 -27.86 -28.01
CA LYS E 122 28.07 -26.39 -27.75
C LYS E 122 28.08 -26.11 -26.24
N ASN E 123 27.40 -26.93 -25.43
CA ASN E 123 27.41 -26.92 -23.94
C ASN E 123 28.81 -26.62 -23.39
N LYS E 124 29.85 -27.22 -24.02
CA LYS E 124 31.21 -27.28 -23.44
C LYS E 124 32.10 -26.15 -23.97
N ILE E 125 31.56 -25.25 -24.78
CA ILE E 125 32.21 -23.93 -25.10
C ILE E 125 32.03 -23.03 -23.88
N THR E 126 33.14 -22.56 -23.29
CA THR E 126 33.17 -21.77 -22.03
C THR E 126 33.56 -20.32 -22.30
N HIS E 127 34.29 -20.04 -23.39
CA HIS E 127 34.79 -18.70 -23.76
C HIS E 127 34.48 -18.42 -25.23
N LEU E 128 34.21 -17.16 -25.56
CA LEU E 128 34.07 -16.66 -26.95
C LEU E 128 34.95 -15.42 -27.11
N ILE E 129 35.94 -15.50 -27.99
CA ILE E 129 36.70 -14.31 -28.47
C ILE E 129 36.20 -13.98 -29.88
N PHE E 130 35.67 -12.77 -30.05
CA PHE E 130 35.06 -12.32 -31.32
C PHE E 130 35.74 -11.00 -31.71
N SER E 131 36.43 -11.02 -32.85
CA SER E 131 37.08 -9.85 -33.49
C SER E 131 36.26 -9.46 -34.71
N SER E 132 35.81 -8.21 -34.77
CA SER E 132 35.15 -7.61 -35.96
C SER E 132 35.59 -6.17 -36.14
N THR E 133 35.88 -5.75 -37.37
CA THR E 133 36.05 -4.33 -37.74
C THR E 133 34.71 -3.60 -37.56
N SER E 134 33.62 -4.26 -37.94
CA SER E 134 32.29 -3.68 -38.28
C SER E 134 31.25 -3.96 -37.19
N GLY E 135 30.11 -3.29 -37.30
CA GLY E 135 28.90 -3.54 -36.47
C GLY E 135 29.11 -3.17 -35.01
N ILE E 136 29.66 -1.98 -34.74
CA ILE E 136 29.93 -1.51 -33.36
C ILE E 136 28.59 -1.11 -32.74
N GLU E 137 28.15 -1.86 -31.74
CA GLU E 137 26.78 -1.78 -31.17
C GLU E 137 26.79 -2.39 -29.77
N LYS E 138 25.83 -2.00 -28.95
CA LYS E 138 25.56 -2.58 -27.61
C LYS E 138 24.11 -3.08 -27.60
N PRO E 139 23.85 -4.35 -27.27
CA PRO E 139 24.90 -5.34 -27.03
C PRO E 139 25.65 -5.66 -28.34
N GLY E 140 26.86 -6.21 -28.22
CA GLY E 140 27.78 -6.41 -29.35
C GLY E 140 27.44 -7.63 -30.17
N VAL E 141 28.11 -7.78 -31.32
CA VAL E 141 27.96 -8.94 -32.23
C VAL E 141 28.35 -10.24 -31.51
N ASP E 142 29.17 -10.17 -30.45
CA ASP E 142 29.49 -11.32 -29.58
C ASP E 142 28.19 -11.86 -28.95
N CYS E 143 27.33 -10.99 -28.42
CA CYS E 143 26.03 -11.38 -27.82
C CYS E 143 25.11 -11.91 -28.92
N HIS E 144 25.05 -11.24 -30.08
CA HIS E 144 24.22 -11.67 -31.23
C HIS E 144 24.61 -13.10 -31.59
N LEU E 145 25.93 -13.37 -31.63
CA LEU E 145 26.45 -14.72 -32.01
C LEU E 145 26.00 -15.74 -30.96
N VAL E 146 26.03 -15.41 -29.67
CA VAL E 146 25.62 -16.35 -28.58
C VAL E 146 24.19 -16.80 -28.86
N HIS E 147 23.29 -15.86 -29.21
CA HIS E 147 21.85 -16.18 -29.44
C HIS E 147 21.67 -16.93 -30.77
N LEU E 148 22.44 -16.59 -31.82
CA LEU E 148 22.35 -17.26 -33.14
C LEU E 148 22.81 -18.72 -33.01
N LEU E 149 23.89 -19.00 -32.28
CA LEU E 149 24.47 -20.36 -32.17
C LEU E 149 23.79 -21.15 -31.05
N GLY E 150 23.05 -20.47 -30.17
CA GLY E 150 22.52 -21.08 -28.93
C GLY E 150 23.65 -21.53 -28.03
N LEU E 151 24.70 -20.71 -27.88
CA LEU E 151 25.82 -20.95 -26.94
C LEU E 151 25.29 -20.77 -25.52
N PRO E 152 25.96 -21.36 -24.50
CA PRO E 152 25.56 -21.16 -23.11
C PRO E 152 25.56 -19.65 -22.80
N LEU E 153 24.58 -19.22 -22.02
CA LEU E 153 24.44 -17.77 -21.68
C LEU E 153 25.57 -17.36 -20.72
N SER E 154 26.25 -18.34 -20.11
CA SER E 154 27.35 -18.14 -19.12
C SER E 154 28.71 -18.05 -19.83
N VAL E 155 28.75 -18.08 -21.16
CA VAL E 155 30.06 -18.09 -21.90
C VAL E 155 30.75 -16.74 -21.63
N ASN E 156 32.04 -16.79 -21.32
CA ASN E 156 32.92 -15.63 -21.08
C ASN E 156 33.33 -14.99 -22.42
N ARG E 157 32.90 -13.76 -22.67
CA ARG E 157 33.03 -13.09 -23.97
C ARG E 157 34.17 -12.05 -23.92
N VAL E 158 34.96 -12.02 -24.99
CA VAL E 158 35.93 -10.92 -25.27
C VAL E 158 35.57 -10.39 -26.65
N MET E 159 35.00 -9.19 -26.71
CA MET E 159 34.57 -8.52 -27.95
C MET E 159 35.63 -7.48 -28.33
N LEU E 160 36.33 -7.71 -29.44
CA LEU E 160 37.40 -6.83 -29.95
C LEU E 160 36.90 -6.16 -31.22
N TYR E 161 36.47 -4.91 -31.13
CA TYR E 161 36.05 -4.07 -32.28
C TYR E 161 37.26 -3.30 -32.82
N THR E 162 37.48 -3.37 -34.13
CA THR E 162 38.24 -2.38 -34.94
C THR E 162 39.73 -2.43 -34.56
N ILE E 163 40.42 -3.55 -34.81
CA ILE E 163 41.83 -3.78 -34.37
C ILE E 163 42.83 -3.21 -35.38
N GLY E 164 42.87 -3.60 -36.67
CA GLY E 164 42.11 -4.66 -37.31
C GLY E 164 42.98 -5.72 -37.97
N CYS E 165 43.89 -5.40 -38.90
CA CYS E 165 44.53 -6.41 -39.80
C CYS E 165 45.38 -7.45 -39.03
N HIS E 166 45.92 -7.11 -37.86
CA HIS E 166 46.73 -8.05 -37.03
C HIS E 166 45.85 -8.86 -36.07
N ALA E 167 44.53 -8.67 -36.11
CA ALA E 167 43.55 -9.26 -35.15
C ALA E 167 43.64 -10.78 -35.13
N GLY E 168 44.01 -11.41 -36.25
CA GLY E 168 44.20 -12.87 -36.31
C GLY E 168 45.20 -13.33 -35.26
N GLY E 169 46.32 -12.61 -35.13
CA GLY E 169 47.35 -12.87 -34.11
C GLY E 169 46.85 -12.51 -32.72
N THR E 170 46.12 -11.40 -32.61
CA THR E 170 45.58 -10.90 -31.31
C THR E 170 44.68 -11.95 -30.67
N VAL E 171 43.73 -12.52 -31.42
CA VAL E 171 42.72 -13.46 -30.85
C VAL E 171 43.43 -14.77 -30.44
N LEU E 172 44.45 -15.19 -31.18
CA LEU E 172 45.26 -16.40 -30.82
C LEU E 172 46.06 -16.12 -29.55
N ARG E 173 46.60 -14.91 -29.40
CA ARG E 173 47.39 -14.52 -28.20
C ARG E 173 46.48 -14.56 -26.97
N ILE E 174 45.26 -14.04 -27.08
CA ILE E 174 44.29 -13.98 -25.95
C ILE E 174 43.76 -15.38 -25.67
N ALA E 175 43.43 -16.13 -26.72
CA ALA E 175 42.88 -17.50 -26.63
C ALA E 175 43.87 -18.39 -25.84
N LYS E 176 45.17 -18.22 -26.07
CA LYS E 176 46.21 -19.04 -25.40
C LYS E 176 46.07 -18.89 -23.89
N ASP E 177 46.01 -17.67 -23.38
CA ASP E 177 46.01 -17.39 -21.92
C ASP E 177 44.67 -17.83 -21.31
N LEU E 178 43.55 -17.62 -22.01
CA LEU E 178 42.21 -18.06 -21.55
C LEU E 178 42.19 -19.59 -21.47
N ALA E 179 42.61 -20.27 -22.54
CA ALA E 179 42.58 -21.75 -22.63
C ALA E 179 43.49 -22.35 -21.55
N GLU E 180 44.67 -21.76 -21.34
CA GLU E 180 45.75 -22.37 -20.51
C GLU E 180 45.52 -22.08 -19.02
N ASN E 181 44.71 -21.09 -18.67
CA ASN E 181 44.50 -20.69 -17.25
C ASN E 181 43.19 -21.29 -16.69
N ASN E 182 42.35 -21.90 -17.52
CA ASN E 182 41.02 -22.42 -17.12
C ASN E 182 40.92 -23.88 -17.53
N VAL E 183 41.09 -24.80 -16.59
CA VAL E 183 41.10 -26.27 -16.86
C VAL E 183 39.73 -26.66 -17.43
N GLY E 184 39.73 -27.40 -18.54
CA GLY E 184 38.51 -27.88 -19.21
C GLY E 184 37.90 -26.83 -20.11
N SER E 185 38.47 -25.61 -20.18
CA SER E 185 37.92 -24.50 -20.98
C SER E 185 38.05 -24.82 -22.48
N ARG E 186 37.06 -24.44 -23.27
CA ARG E 186 37.08 -24.56 -24.75
C ARG E 186 36.69 -23.20 -25.33
N VAL E 187 37.61 -22.57 -26.05
CA VAL E 187 37.49 -21.17 -26.53
C VAL E 187 37.04 -21.19 -27.99
N LEU E 188 35.82 -20.72 -28.26
CA LEU E 188 35.38 -20.39 -29.62
C LEU E 188 36.03 -19.04 -29.98
N VAL E 189 36.89 -19.04 -31.00
CA VAL E 189 37.54 -17.82 -31.53
C VAL E 189 36.91 -17.52 -32.88
N VAL E 190 36.50 -16.28 -33.12
CA VAL E 190 35.85 -15.88 -34.40
C VAL E 190 36.42 -14.53 -34.86
N CYS E 191 36.90 -14.47 -36.09
CA CYS E 191 37.17 -13.22 -36.84
C CYS E 191 36.16 -13.13 -37.97
N SER E 192 35.31 -12.09 -37.97
CA SER E 192 34.26 -11.90 -38.97
C SER E 192 34.43 -10.52 -39.60
N GLU E 193 34.87 -10.49 -40.86
CA GLU E 193 35.34 -9.27 -41.54
C GLU E 193 34.52 -9.04 -42.80
N LEU E 194 33.72 -7.96 -42.80
CA LEU E 194 33.06 -7.43 -44.01
C LEU E 194 33.73 -6.09 -44.35
N THR E 195 33.80 -5.76 -45.63
CA THR E 195 34.35 -4.48 -46.15
C THR E 195 33.22 -3.45 -46.29
N VAL E 196 32.02 -3.74 -45.78
CA VAL E 196 30.85 -2.82 -45.89
C VAL E 196 31.21 -1.48 -45.21
N MET E 197 32.00 -1.50 -44.14
CA MET E 197 32.30 -0.29 -43.32
C MET E 197 33.31 0.63 -44.03
N THR E 198 34.17 0.07 -44.90
CA THR E 198 35.30 0.81 -45.54
C THR E 198 35.04 1.10 -47.03
N PHE E 199 34.15 0.35 -47.68
CA PHE E 199 33.91 0.45 -49.14
C PHE E 199 33.39 1.85 -49.46
N ARG E 200 34.02 2.50 -50.43
CA ARG E 200 33.58 3.83 -50.94
C ARG E 200 33.97 3.95 -52.41
N GLY E 201 33.33 4.89 -53.09
CA GLY E 201 33.58 5.21 -54.50
C GLY E 201 35.03 5.65 -54.70
N PRO E 202 35.55 5.55 -55.93
CA PRO E 202 36.94 5.90 -56.19
C PRO E 202 37.13 7.43 -56.25
N SER E 203 38.33 7.89 -55.89
CA SER E 203 38.72 9.33 -55.94
C SER E 203 40.17 9.45 -56.37
N GLU E 204 40.47 10.49 -57.16
CA GLU E 204 41.83 10.82 -57.63
C GLU E 204 42.67 11.27 -56.41
N THR E 205 42.02 11.65 -55.31
CA THR E 205 42.65 12.21 -54.09
C THR E 205 43.10 11.09 -53.14
N ASP E 206 42.80 9.81 -53.44
CA ASP E 206 42.89 8.72 -52.43
C ASP E 206 43.32 7.41 -53.09
N LEU E 207 44.63 7.24 -53.29
CA LEU E 207 45.25 6.01 -53.85
C LEU E 207 45.06 4.85 -52.86
N ALA E 208 45.25 5.08 -51.56
CA ALA E 208 45.18 4.01 -50.54
C ALA E 208 43.83 3.28 -50.67
N ASN E 209 42.75 4.02 -50.92
CA ASN E 209 41.38 3.45 -51.01
C ASN E 209 41.15 2.74 -52.35
N LEU E 210 41.80 3.17 -53.44
CA LEU E 210 41.84 2.41 -54.72
C LEU E 210 42.47 1.03 -54.47
N ILE E 211 43.66 1.01 -53.86
CA ILE E 211 44.37 -0.25 -53.50
C ILE E 211 43.39 -1.08 -52.68
N ARG E 212 42.80 -0.51 -51.62
CA ARG E 212 41.91 -1.23 -50.67
C ARG E 212 40.76 -1.88 -51.45
N MET E 213 40.12 -1.14 -52.36
CA MET E 213 38.93 -1.65 -53.08
C MET E 213 39.35 -2.69 -54.13
N GLY E 214 40.64 -2.82 -54.40
CA GLY E 214 41.23 -3.88 -55.25
C GLY E 214 41.59 -5.15 -54.46
N ILE E 215 42.08 -5.03 -53.23
CA ILE E 215 42.76 -6.14 -52.48
C ILE E 215 41.81 -6.80 -51.48
N PHE E 216 40.99 -6.03 -50.76
CA PHE E 216 40.26 -6.50 -49.55
C PHE E 216 38.96 -7.20 -49.93
N GLY E 217 38.75 -8.38 -49.34
CA GLY E 217 37.51 -9.16 -49.48
C GLY E 217 36.93 -9.52 -48.13
N ASP E 218 35.74 -10.12 -48.13
CA ASP E 218 34.97 -10.47 -46.91
C ASP E 218 35.21 -11.94 -46.58
N GLY E 219 35.12 -12.28 -45.30
CA GLY E 219 35.26 -13.66 -44.79
C GLY E 219 35.18 -13.72 -43.28
N ALA E 220 34.83 -14.89 -42.75
CA ALA E 220 34.83 -15.19 -41.31
C ALA E 220 35.56 -16.52 -41.11
N ALA E 221 36.42 -16.60 -40.11
CA ALA E 221 37.12 -17.84 -39.69
C ALA E 221 36.85 -18.06 -38.21
N ALA E 222 36.48 -19.28 -37.84
CA ALA E 222 36.22 -19.67 -36.43
C ALA E 222 37.15 -20.84 -36.08
N LEU E 223 37.64 -20.89 -34.85
CA LEU E 223 38.35 -22.10 -34.39
C LEU E 223 38.04 -22.38 -32.93
N ILE E 224 38.23 -23.64 -32.51
CA ILE E 224 38.07 -24.12 -31.12
C ILE E 224 39.49 -24.30 -30.56
N ILE E 225 39.81 -23.59 -29.48
CA ILE E 225 41.10 -23.74 -28.74
C ILE E 225 40.79 -24.38 -27.39
N GLY E 226 41.61 -25.35 -27.00
CA GLY E 226 41.65 -25.90 -25.63
C GLY E 226 43.03 -26.43 -25.34
N ALA E 227 43.45 -26.33 -24.09
CA ALA E 227 44.66 -27.01 -23.57
C ALA E 227 44.24 -28.40 -23.10
N ASP E 228 45.18 -29.35 -23.10
CA ASP E 228 44.95 -30.75 -22.64
C ASP E 228 43.71 -31.29 -23.33
N PRO E 229 43.72 -31.44 -24.67
CA PRO E 229 42.58 -32.05 -25.36
C PRO E 229 42.51 -33.52 -24.94
N ASP E 230 41.30 -34.08 -24.95
CA ASP E 230 41.06 -35.52 -24.75
C ASP E 230 41.26 -36.20 -26.10
N LEU E 231 42.37 -36.90 -26.28
CA LEU E 231 42.79 -37.45 -27.60
C LEU E 231 41.86 -38.59 -28.03
N SER E 232 40.98 -39.09 -27.15
CA SER E 232 39.88 -40.03 -27.47
C SER E 232 38.82 -39.36 -28.38
N ILE E 233 38.65 -38.04 -28.32
CA ILE E 233 37.53 -37.31 -28.99
C ILE E 233 38.03 -36.04 -29.71
N GLU E 234 39.19 -35.49 -29.34
CA GLU E 234 39.72 -34.21 -29.89
C GLU E 234 41.03 -34.48 -30.61
N LYS E 235 41.25 -33.78 -31.73
CA LYS E 235 42.49 -33.85 -32.55
C LYS E 235 43.12 -32.46 -32.59
N PRO E 236 44.21 -32.20 -31.84
CA PRO E 236 44.95 -30.96 -32.00
C PRO E 236 45.48 -30.87 -33.44
N ILE E 237 45.39 -29.69 -34.05
CA ILE E 237 45.88 -29.38 -35.43
C ILE E 237 47.18 -28.59 -35.32
N PHE E 238 47.20 -27.59 -34.44
CA PHE E 238 48.37 -26.75 -34.10
C PHE E 238 48.35 -26.46 -32.60
N GLU E 239 49.53 -26.33 -32.01
CA GLU E 239 49.72 -25.83 -30.62
C GLU E 239 50.21 -24.39 -30.71
N ILE E 240 49.66 -23.50 -29.88
CA ILE E 240 50.14 -22.10 -29.75
C ILE E 240 51.24 -22.11 -28.68
N PHE E 241 52.49 -22.18 -29.12
CA PHE E 241 53.67 -22.28 -28.22
C PHE E 241 53.84 -20.94 -27.48
N SER E 242 53.89 -19.84 -28.22
CA SER E 242 54.08 -18.48 -27.63
C SER E 242 53.38 -17.44 -28.51
N ALA E 243 53.09 -16.28 -27.91
CA ALA E 243 52.44 -15.15 -28.59
C ALA E 243 53.02 -13.84 -28.04
N SER E 244 53.58 -13.03 -28.94
CA SER E 244 54.16 -11.69 -28.64
C SER E 244 53.55 -10.66 -29.57
N GLN E 245 53.34 -9.46 -29.05
CA GLN E 245 52.94 -8.26 -29.82
C GLN E 245 54.07 -7.25 -29.72
N THR E 246 54.29 -6.44 -30.75
CA THR E 246 55.24 -5.30 -30.68
C THR E 246 54.74 -4.15 -31.55
N LEU E 247 55.06 -2.93 -31.14
CA LEU E 247 54.84 -1.69 -31.92
C LEU E 247 56.15 -1.32 -32.60
N VAL E 248 56.10 -1.00 -33.89
CA VAL E 248 57.30 -0.49 -34.62
C VAL E 248 57.38 1.00 -34.31
N PRO E 249 58.53 1.50 -33.80
CA PRO E 249 58.65 2.90 -33.40
C PRO E 249 58.45 3.83 -34.61
N ASN E 250 57.76 4.94 -34.40
CA ASN E 250 57.62 6.07 -35.36
C ASN E 250 56.90 5.58 -36.61
N THR E 251 55.87 4.75 -36.47
CA THR E 251 55.08 4.19 -37.60
C THR E 251 53.57 4.29 -37.32
N SER E 252 53.12 4.88 -36.22
CA SER E 252 51.74 5.41 -36.15
C SER E 252 51.60 6.32 -37.36
N LYS E 253 50.43 6.39 -37.99
CA LYS E 253 50.22 7.19 -39.21
C LYS E 253 50.59 6.40 -40.47
N ALA E 254 51.29 5.26 -40.36
CA ALA E 254 51.62 4.41 -41.52
C ALA E 254 50.42 3.54 -41.90
N ILE E 255 49.66 3.08 -40.91
CA ILE E 255 48.37 2.35 -41.11
C ILE E 255 47.32 3.03 -40.23
N ARG E 256 46.34 3.67 -40.85
CA ARG E 256 45.37 4.58 -40.19
C ARG E 256 43.95 4.20 -40.59
N GLY E 257 43.04 4.29 -39.64
CA GLY E 257 41.59 4.26 -39.89
C GLY E 257 40.86 4.92 -38.75
N ARG E 258 39.80 5.66 -39.05
CA ARG E 258 38.91 6.23 -38.02
C ARG E 258 37.45 5.96 -38.40
N VAL E 259 36.64 5.59 -37.42
CA VAL E 259 35.17 5.49 -37.58
C VAL E 259 34.65 6.92 -37.66
N LYS E 260 34.11 7.30 -38.82
CA LYS E 260 33.62 8.67 -39.11
C LYS E 260 32.20 8.58 -39.68
N GLU E 261 31.57 9.72 -39.90
CA GLU E 261 30.21 9.82 -40.49
C GLU E 261 30.21 9.15 -41.87
N MET E 262 31.35 9.13 -42.55
CA MET E 262 31.52 8.50 -43.89
C MET E 262 31.89 7.01 -43.77
N GLY E 263 31.86 6.45 -42.56
CA GLY E 263 32.26 5.05 -42.30
C GLY E 263 33.69 4.99 -41.82
N LEU E 264 34.32 3.82 -41.93
CA LEU E 264 35.73 3.64 -41.50
C LEU E 264 36.64 4.13 -42.63
N THR E 265 37.45 5.16 -42.36
CA THR E 265 38.50 5.63 -43.29
C THR E 265 39.64 4.60 -43.27
N PHE E 266 40.52 4.68 -44.27
CA PHE E 266 41.56 3.67 -44.52
C PHE E 266 42.75 4.35 -45.18
N TYR E 267 43.93 4.18 -44.56
CA TYR E 267 45.21 4.60 -45.16
C TYR E 267 46.27 3.55 -44.81
N VAL E 268 46.93 3.03 -45.84
CA VAL E 268 48.16 2.21 -45.74
C VAL E 268 49.25 2.93 -46.54
N ASP E 269 50.36 3.26 -45.89
CA ASP E 269 51.49 4.00 -46.50
C ASP E 269 52.21 3.06 -47.47
N LYS E 270 52.77 3.62 -48.54
CA LYS E 270 53.55 2.85 -49.55
C LYS E 270 54.79 2.24 -48.92
N MET E 271 55.23 2.73 -47.75
CA MET E 271 56.47 2.27 -47.07
C MET E 271 56.20 1.02 -46.20
N VAL E 272 54.93 0.59 -46.04
CA VAL E 272 54.55 -0.48 -45.08
C VAL E 272 55.29 -1.77 -45.42
N PRO E 273 55.37 -2.22 -46.69
CA PRO E 273 56.15 -3.41 -47.03
C PRO E 273 57.58 -3.35 -46.47
N THR E 274 58.30 -2.26 -46.72
CA THR E 274 59.70 -2.03 -46.23
C THR E 274 59.74 -2.02 -44.70
N LEU E 275 58.82 -1.29 -44.06
CA LEU E 275 58.76 -1.17 -42.57
C LEU E 275 58.63 -2.57 -41.95
N VAL E 276 57.73 -3.40 -42.47
CA VAL E 276 57.47 -4.77 -41.95
C VAL E 276 58.73 -5.61 -42.17
N ALA E 277 59.23 -5.67 -43.41
CA ALA E 277 60.42 -6.47 -43.77
C ALA E 277 61.62 -6.02 -42.93
N SER E 278 61.74 -4.72 -42.67
CA SER E 278 62.86 -4.11 -41.91
C SER E 278 62.79 -4.51 -40.42
N ASN E 279 61.65 -4.96 -39.90
CA ASN E 279 61.44 -5.21 -38.46
C ASN E 279 61.18 -6.70 -38.16
N ILE E 280 60.91 -7.51 -39.18
CA ILE E 280 60.42 -8.91 -39.00
C ILE E 280 61.50 -9.76 -38.30
N GLU E 281 62.78 -9.53 -38.61
CA GLU E 281 63.90 -10.33 -38.06
C GLU E 281 63.98 -10.18 -36.54
N GLN E 282 63.77 -8.99 -35.96
CA GLN E 282 63.76 -8.78 -34.48
C GLN E 282 62.67 -9.67 -33.85
N CYS E 283 61.46 -9.61 -34.42
CA CYS E 283 60.27 -10.38 -33.94
C CYS E 283 60.59 -11.88 -33.97
N LEU E 284 61.14 -12.34 -35.09
CA LEU E 284 61.57 -13.75 -35.33
C LEU E 284 62.62 -14.16 -34.30
N ASP E 285 63.58 -13.28 -34.01
CA ASP E 285 64.70 -13.56 -33.07
C ASP E 285 64.15 -13.72 -31.66
N LYS E 286 63.29 -12.80 -31.23
CA LYS E 286 62.64 -12.86 -29.90
C LYS E 286 61.82 -14.15 -29.77
N ALA E 287 61.08 -14.51 -30.82
CA ALA E 287 60.15 -15.67 -30.83
C ALA E 287 60.93 -16.99 -30.81
N PHE E 288 62.03 -17.10 -31.56
CA PHE E 288 62.65 -18.42 -31.91
C PHE E 288 64.01 -18.65 -31.24
N SER E 289 64.68 -17.62 -30.73
CA SER E 289 65.95 -17.79 -29.97
C SER E 289 65.75 -18.77 -28.81
N PRO E 290 64.67 -18.68 -28.00
CA PRO E 290 64.47 -19.66 -26.93
C PRO E 290 64.41 -21.11 -27.43
N LEU E 291 64.05 -21.34 -28.69
CA LEU E 291 63.95 -22.69 -29.31
C LEU E 291 65.27 -23.06 -30.00
N GLY E 292 66.15 -22.09 -30.23
CA GLY E 292 67.38 -22.36 -30.97
C GLY E 292 67.19 -22.37 -32.47
N ILE E 293 66.14 -21.71 -32.96
CA ILE E 293 65.88 -21.64 -34.43
C ILE E 293 66.36 -20.30 -34.99
N ASN E 294 67.09 -20.35 -36.11
CA ASN E 294 67.66 -19.15 -36.78
C ASN E 294 67.40 -19.31 -38.26
N ASP E 295 67.11 -20.52 -38.70
CA ASP E 295 66.81 -20.79 -40.14
C ASP E 295 65.33 -20.56 -40.39
N TRP E 296 65.03 -19.51 -41.15
CA TRP E 296 63.62 -19.13 -41.41
C TRP E 296 63.03 -20.01 -42.53
N ASN E 297 63.86 -20.82 -43.20
CA ASN E 297 63.37 -21.80 -44.20
C ASN E 297 63.04 -23.13 -43.52
N SER E 298 63.36 -23.30 -42.23
CA SER E 298 63.17 -24.56 -41.47
C SER E 298 61.83 -24.59 -40.73
N ILE E 299 61.06 -23.49 -40.80
CA ILE E 299 59.73 -23.34 -40.13
C ILE E 299 58.67 -23.09 -41.21
N PHE E 300 57.42 -23.49 -40.99
CA PHE E 300 56.31 -23.16 -41.91
C PHE E 300 55.82 -21.74 -41.61
N TRP E 301 55.22 -21.09 -42.60
CA TRP E 301 54.99 -19.62 -42.63
C TRP E 301 53.51 -19.30 -42.84
N ILE E 302 52.94 -18.50 -41.93
CA ILE E 302 51.59 -17.90 -42.06
C ILE E 302 51.73 -16.40 -41.84
N PRO E 303 52.32 -15.64 -42.79
CA PRO E 303 52.36 -14.19 -42.69
C PRO E 303 51.06 -13.59 -43.24
N HIS E 304 50.52 -12.58 -42.55
CA HIS E 304 49.33 -11.83 -43.02
C HIS E 304 49.67 -11.23 -44.38
N PRO E 305 48.95 -11.61 -45.46
CA PRO E 305 49.21 -11.07 -46.79
C PRO E 305 48.50 -9.74 -47.03
N GLY E 306 48.98 -8.67 -46.41
CA GLY E 306 48.47 -7.30 -46.60
C GLY E 306 48.33 -6.97 -48.09
N GLY E 307 49.31 -7.37 -48.89
CA GLY E 307 49.27 -7.32 -50.37
C GLY E 307 50.44 -8.09 -50.96
N PRO E 308 50.59 -8.12 -52.29
CA PRO E 308 51.71 -8.83 -52.91
C PRO E 308 53.08 -8.25 -52.53
N ALA E 309 53.18 -6.93 -52.33
CA ALA E 309 54.45 -6.23 -52.03
C ALA E 309 55.01 -6.68 -50.68
N ILE E 310 54.16 -6.82 -49.65
CA ILE E 310 54.58 -7.25 -48.28
C ILE E 310 55.15 -8.68 -48.36
N LEU E 311 54.52 -9.56 -49.15
CA LEU E 311 54.97 -10.97 -49.32
C LEU E 311 56.31 -10.98 -50.05
N ALA E 312 56.43 -10.20 -51.12
CA ALA E 312 57.68 -10.02 -51.90
C ALA E 312 58.82 -9.58 -50.97
N GLU E 313 58.58 -8.57 -50.13
CA GLU E 313 59.62 -7.96 -49.26
C GLU E 313 60.04 -8.95 -48.18
N ILE E 314 59.11 -9.73 -47.62
CA ILE E 314 59.43 -10.75 -46.58
C ILE E 314 60.31 -11.82 -47.22
N GLU E 315 59.88 -12.35 -48.38
CA GLU E 315 60.63 -13.38 -49.13
C GLU E 315 62.06 -12.88 -49.37
N ALA E 316 62.20 -11.69 -49.95
CA ALA E 316 63.48 -11.06 -50.31
C ALA E 316 64.35 -10.90 -49.05
N LYS E 317 63.82 -10.37 -47.94
CA LYS E 317 64.65 -10.08 -46.75
C LYS E 317 65.11 -11.34 -46.02
N LEU E 318 64.29 -12.38 -46.00
CA LEU E 318 64.63 -13.58 -45.19
C LEU E 318 65.15 -14.70 -46.08
N GLU E 319 65.34 -14.43 -47.37
CA GLU E 319 65.82 -15.43 -48.35
C GLU E 319 64.96 -16.68 -48.23
N LEU E 320 63.65 -16.53 -48.39
CA LEU E 320 62.73 -17.66 -48.25
C LEU E 320 62.64 -18.43 -49.57
N LYS E 321 62.69 -19.76 -49.51
CA LYS E 321 62.60 -20.60 -50.74
C LYS E 321 61.22 -20.39 -51.38
N PRO E 322 61.09 -20.64 -52.70
CA PRO E 322 59.88 -20.27 -53.43
C PRO E 322 58.54 -20.81 -52.92
N GLY E 323 58.49 -21.98 -52.28
CA GLY E 323 57.22 -22.63 -51.91
C GLY E 323 56.74 -22.28 -50.50
N LYS E 324 57.52 -21.57 -49.67
CA LYS E 324 57.19 -21.32 -48.25
C LYS E 324 55.84 -20.61 -48.13
N LEU E 325 55.53 -19.67 -49.03
CA LEU E 325 54.35 -18.79 -48.94
C LEU E 325 53.25 -19.24 -49.90
N ARG E 326 53.29 -20.48 -50.40
CA ARG E 326 52.29 -20.97 -51.41
C ARG E 326 50.89 -20.95 -50.80
N ALA E 327 50.70 -21.41 -49.55
CA ALA E 327 49.40 -21.44 -48.85
C ALA E 327 48.87 -20.01 -48.71
N THR E 328 49.73 -19.08 -48.28
CA THR E 328 49.37 -17.65 -48.06
C THR E 328 48.94 -17.03 -49.41
N ARG E 329 49.76 -17.21 -50.45
CA ARG E 329 49.49 -16.70 -51.82
C ARG E 329 48.17 -17.27 -52.32
N HIS E 330 47.91 -18.56 -52.08
CA HIS E 330 46.67 -19.25 -52.49
C HIS E 330 45.45 -18.51 -51.91
N VAL E 331 45.46 -18.26 -50.59
CA VAL E 331 44.35 -17.56 -49.89
C VAL E 331 44.23 -16.13 -50.43
N LEU E 332 45.35 -15.41 -50.58
CA LEU E 332 45.29 -14.02 -51.11
C LEU E 332 44.66 -14.05 -52.50
N SER E 333 45.01 -15.04 -53.32
CA SER E 333 44.56 -15.11 -54.73
C SER E 333 43.07 -15.48 -54.78
N GLU E 334 42.60 -16.32 -53.85
CA GLU E 334 41.28 -17.00 -53.94
C GLU E 334 40.22 -16.25 -53.14
N TYR E 335 40.61 -15.41 -52.17
CA TYR E 335 39.66 -14.71 -51.27
C TYR E 335 40.02 -13.22 -51.12
N GLY E 336 41.22 -12.82 -51.55
CA GLY E 336 41.75 -11.48 -51.26
C GLY E 336 42.17 -11.35 -49.79
N ASN E 337 42.46 -10.12 -49.37
CA ASN E 337 42.82 -9.76 -47.97
C ASN E 337 41.52 -9.63 -47.15
N MET E 338 41.29 -10.55 -46.21
CA MET E 338 40.07 -10.54 -45.34
C MET E 338 40.47 -10.08 -43.94
N SER E 339 41.42 -9.15 -43.87
CA SER E 339 41.94 -8.55 -42.61
C SER E 339 42.30 -9.66 -41.62
N GLY E 340 41.90 -9.54 -40.35
CA GLY E 340 42.29 -10.44 -39.25
C GLY E 340 41.99 -11.89 -39.58
N ALA E 341 40.92 -12.16 -40.33
CA ALA E 341 40.45 -13.53 -40.66
C ALA E 341 41.49 -14.25 -41.54
N THR E 342 42.25 -13.51 -42.34
CA THR E 342 43.07 -14.07 -43.44
C THR E 342 44.03 -15.15 -42.90
N VAL E 343 44.81 -14.87 -41.85
CA VAL E 343 45.82 -15.84 -41.34
C VAL E 343 45.13 -17.13 -40.87
N LEU E 344 43.88 -17.03 -40.39
CA LEU E 344 43.10 -18.20 -39.93
C LEU E 344 42.66 -19.03 -41.15
N PHE E 345 42.29 -18.37 -42.25
CA PHE E 345 42.02 -19.06 -43.54
C PHE E 345 43.28 -19.81 -43.99
N ILE E 346 44.45 -19.17 -43.82
CA ILE E 346 45.76 -19.73 -44.25
C ILE E 346 46.11 -20.94 -43.38
N LEU E 347 45.88 -20.88 -42.06
CA LEU E 347 46.01 -22.04 -41.16
C LEU E 347 45.20 -23.21 -41.74
N ASP E 348 43.95 -22.96 -42.12
CA ASP E 348 43.05 -24.01 -42.66
C ASP E 348 43.66 -24.55 -43.95
N GLU E 349 44.02 -23.66 -44.89
CA GLU E 349 44.67 -24.03 -46.17
C GLU E 349 45.92 -24.87 -45.89
N MET E 350 46.74 -24.49 -44.91
CA MET E 350 48.03 -25.19 -44.71
C MET E 350 47.81 -26.61 -44.20
N ARG E 351 46.94 -26.82 -43.21
CA ARG E 351 46.66 -28.18 -42.67
C ARG E 351 46.04 -29.04 -43.78
N ARG E 352 45.16 -28.47 -44.61
CA ARG E 352 44.40 -29.21 -45.65
C ARG E 352 45.37 -29.62 -46.77
N ARG E 353 46.19 -28.68 -47.25
CA ARG E 353 47.24 -28.93 -48.26
C ARG E 353 48.19 -30.01 -47.73
N SER E 354 48.56 -29.92 -46.46
CA SER E 354 49.49 -30.87 -45.79
C SER E 354 48.93 -32.29 -45.90
N LYS E 355 47.64 -32.48 -45.58
CA LYS E 355 46.98 -33.80 -45.65
C LYS E 355 46.91 -34.26 -47.12
N LYS E 356 46.53 -33.38 -48.03
CA LYS E 356 46.34 -33.71 -49.48
C LYS E 356 47.67 -34.12 -50.13
N GLU E 357 48.79 -33.62 -49.63
CA GLU E 357 50.16 -33.90 -50.17
C GLU E 357 50.87 -34.96 -49.31
N GLY E 358 50.17 -35.60 -48.37
CA GLY E 358 50.70 -36.66 -47.49
C GLY E 358 51.97 -36.23 -46.78
N LYS E 359 51.98 -35.04 -46.19
CA LYS E 359 53.10 -34.52 -45.37
C LYS E 359 52.99 -35.13 -43.97
N GLY E 360 54.11 -35.20 -43.24
CA GLY E 360 54.20 -35.86 -41.92
C GLY E 360 53.57 -35.04 -40.80
N THR E 361 53.36 -33.74 -41.01
CA THR E 361 52.75 -32.81 -40.01
C THR E 361 51.73 -31.90 -40.69
N THR E 362 50.93 -31.23 -39.88
CA THR E 362 49.88 -30.26 -40.32
C THR E 362 50.55 -28.98 -40.84
N GLY E 363 51.85 -28.80 -40.57
CA GLY E 363 52.64 -27.62 -40.97
C GLY E 363 53.61 -27.97 -42.08
N ASP E 364 53.11 -28.53 -43.17
CA ASP E 364 53.86 -28.78 -44.41
C ASP E 364 55.02 -29.76 -44.15
N GLY E 365 54.87 -30.64 -43.15
CA GLY E 365 55.90 -31.64 -42.79
C GLY E 365 56.88 -31.13 -41.75
N LEU E 366 56.89 -29.83 -41.47
CA LEU E 366 57.81 -29.20 -40.48
C LEU E 366 57.16 -29.20 -39.10
N GLU E 367 57.98 -29.10 -38.05
CA GLU E 367 57.54 -29.16 -36.64
C GLU E 367 57.11 -27.77 -36.18
N TRP E 368 57.91 -26.74 -36.45
CA TRP E 368 57.70 -25.36 -35.95
C TRP E 368 57.23 -24.44 -37.08
N GLY E 369 56.42 -23.45 -36.72
CA GLY E 369 55.83 -22.47 -37.65
C GLY E 369 55.70 -21.12 -36.99
N VAL E 370 55.63 -20.08 -37.80
CA VAL E 370 55.36 -18.69 -37.34
C VAL E 370 54.08 -18.24 -38.04
N LEU E 371 53.18 -17.62 -37.28
CA LEU E 371 52.02 -16.85 -37.79
C LEU E 371 52.24 -15.40 -37.37
N MET E 372 52.10 -14.47 -38.31
CA MET E 372 52.35 -13.03 -38.06
C MET E 372 51.18 -12.20 -38.58
N GLY E 373 50.69 -11.31 -37.72
CA GLY E 373 49.75 -10.23 -38.10
C GLY E 373 50.49 -8.92 -38.21
N PHE E 374 50.18 -8.14 -39.24
CA PHE E 374 50.69 -6.76 -39.47
C PHE E 374 49.47 -5.85 -39.53
N GLY E 375 49.43 -4.81 -38.71
CA GLY E 375 48.27 -3.91 -38.67
C GLY E 375 48.62 -2.54 -38.09
N PRO E 376 47.57 -1.77 -37.75
CA PRO E 376 47.76 -0.41 -37.24
C PRO E 376 48.70 -0.41 -36.03
N GLY E 377 49.60 0.58 -35.95
CA GLY E 377 50.60 0.68 -34.86
C GLY E 377 51.85 1.44 -35.28
N VAL E 378 52.64 0.89 -36.21
CA VAL E 378 52.40 -0.39 -36.85
C VAL E 378 52.65 -1.51 -35.84
N THR E 379 51.74 -2.48 -35.79
CA THR E 379 51.78 -3.62 -34.85
C THR E 379 52.17 -4.91 -35.58
N VAL E 380 53.07 -5.68 -35.00
CA VAL E 380 53.42 -7.06 -35.45
C VAL E 380 53.01 -8.01 -34.32
N GLU E 381 52.04 -8.90 -34.61
CA GLU E 381 51.68 -10.05 -33.75
C GLU E 381 52.50 -11.24 -34.23
N THR E 382 53.35 -11.80 -33.37
CA THR E 382 54.19 -12.99 -33.67
C THR E 382 53.71 -14.15 -32.83
N ILE E 383 53.19 -15.20 -33.47
CA ILE E 383 52.72 -16.45 -32.81
C ILE E 383 53.59 -17.61 -33.28
N VAL E 384 54.25 -18.30 -32.35
CA VAL E 384 55.02 -19.54 -32.64
C VAL E 384 54.04 -20.71 -32.53
N LEU E 385 53.86 -21.42 -33.63
CA LEU E 385 52.95 -22.59 -33.73
C LEU E 385 53.80 -23.87 -33.76
N ARG E 386 53.29 -24.92 -33.15
CA ARG E 386 53.83 -26.29 -33.27
C ARG E 386 52.82 -27.12 -34.07
N ALA E 387 53.26 -27.71 -35.18
CA ALA E 387 52.44 -28.63 -36.00
C ALA E 387 52.29 -29.96 -35.27
N ILE E 388 51.30 -30.74 -35.68
CA ILE E 388 50.97 -32.07 -35.08
C ILE E 388 51.29 -33.13 -36.13
N SER E 389 51.83 -34.27 -35.68
CA SER E 389 52.18 -35.43 -36.55
C SER E 389 50.91 -36.07 -37.08
N VAL E 390 50.80 -36.14 -38.43
CA VAL E 390 49.73 -36.84 -39.20
C VAL E 390 50.24 -38.27 -39.47
N VAL E 391 49.32 -39.23 -39.58
CA VAL E 391 49.63 -40.67 -39.89
C VAL E 391 48.64 -41.14 -40.96
N PRO F 14 -21.61 -27.29 -77.39
CA PRO F 14 -22.23 -27.25 -76.07
C PRO F 14 -23.27 -26.14 -75.99
N HIS F 15 -24.44 -26.42 -75.41
CA HIS F 15 -25.55 -25.45 -75.34
C HIS F 15 -25.45 -24.57 -74.11
N GLY F 16 -24.87 -25.07 -73.03
CA GLY F 16 -24.89 -24.31 -71.76
C GLY F 16 -23.60 -23.68 -71.33
N LEU F 17 -23.60 -23.14 -70.13
CA LEU F 17 -22.41 -22.43 -69.58
C LEU F 17 -21.43 -23.43 -68.96
N ALA F 18 -20.14 -23.10 -69.00
CA ALA F 18 -19.06 -23.84 -68.31
C ALA F 18 -19.34 -23.82 -66.82
N SER F 19 -19.44 -25.01 -66.21
CA SER F 19 -19.88 -25.19 -64.80
C SER F 19 -18.78 -25.86 -63.99
N ILE F 20 -18.48 -25.34 -62.80
CA ILE F 20 -17.63 -25.99 -61.79
C ILE F 20 -18.44 -27.16 -61.20
N LEU F 21 -17.95 -28.39 -61.37
CA LEU F 21 -18.67 -29.64 -61.03
C LEU F 21 -18.14 -30.25 -59.74
N ALA F 22 -16.95 -29.81 -59.30
CA ALA F 22 -16.27 -30.36 -58.09
C ALA F 22 -15.12 -29.44 -57.71
N ILE F 23 -14.83 -29.33 -56.41
CA ILE F 23 -13.70 -28.50 -55.89
C ILE F 23 -12.96 -29.31 -54.82
N GLY F 24 -11.67 -29.52 -55.03
CA GLY F 24 -10.76 -30.14 -54.04
C GLY F 24 -9.68 -29.17 -53.64
N THR F 25 -9.21 -29.25 -52.39
CA THR F 25 -8.10 -28.42 -51.89
C THR F 25 -7.13 -29.29 -51.10
N ALA F 26 -5.90 -28.81 -50.96
CA ALA F 26 -4.84 -29.46 -50.19
C ALA F 26 -3.88 -28.38 -49.71
N ASN F 27 -3.23 -28.61 -48.57
CA ASN F 27 -2.19 -27.70 -48.03
C ASN F 27 -1.04 -28.57 -47.54
N PRO F 28 0.21 -28.03 -47.49
CA PRO F 28 1.29 -28.70 -46.78
C PRO F 28 0.84 -29.06 -45.36
N SER F 29 1.35 -30.16 -44.83
CA SER F 29 0.88 -30.77 -43.56
C SER F 29 1.34 -29.91 -42.36
N ASN F 30 2.39 -29.09 -42.51
CA ASN F 30 2.95 -28.26 -41.41
C ASN F 30 2.16 -26.97 -41.26
N CYS F 31 1.64 -26.74 -40.05
CA CYS F 31 0.76 -25.59 -39.70
C CYS F 31 1.51 -24.62 -38.80
N PHE F 32 1.49 -23.33 -39.12
CA PHE F 32 2.19 -22.25 -38.36
C PHE F 32 1.17 -21.26 -37.83
N ASN F 33 1.00 -21.23 -36.49
CA ASN F 33 0.17 -20.23 -35.77
C ASN F 33 0.83 -18.86 -35.91
N GLN F 34 0.05 -17.84 -36.25
CA GLN F 34 0.55 -16.45 -36.45
C GLN F 34 1.11 -15.92 -35.13
N ASP F 35 0.50 -16.27 -33.99
CA ASP F 35 0.96 -15.83 -32.65
C ASP F 35 2.44 -16.14 -32.47
N GLU F 36 2.89 -17.32 -32.91
CA GLU F 36 4.26 -17.85 -32.69
C GLU F 36 5.18 -17.57 -33.89
N PHE F 37 4.65 -16.97 -34.98
CA PHE F 37 5.39 -16.91 -36.27
C PHE F 37 6.53 -15.91 -36.21
N PRO F 38 6.36 -14.70 -35.65
CA PRO F 38 7.49 -13.77 -35.52
C PRO F 38 8.71 -14.38 -34.79
N ASP F 39 8.47 -15.11 -33.69
CA ASP F 39 9.54 -15.79 -32.91
C ASP F 39 10.18 -16.87 -33.79
N TYR F 40 9.36 -17.69 -34.44
CA TYR F 40 9.82 -18.83 -35.30
C TYR F 40 10.64 -18.28 -36.48
N SER F 41 10.06 -17.37 -37.27
CA SER F 41 10.64 -16.88 -38.54
C SER F 41 11.96 -16.17 -38.26
N PHE F 42 12.04 -15.35 -37.22
CA PHE F 42 13.27 -14.59 -36.90
C PHE F 42 14.35 -15.52 -36.34
N ARG F 43 13.98 -16.67 -35.77
CA ARG F 43 14.96 -17.65 -35.25
C ARG F 43 15.58 -18.45 -36.41
N VAL F 44 14.75 -18.98 -37.31
CA VAL F 44 15.21 -19.88 -38.41
C VAL F 44 15.91 -19.06 -39.51
N THR F 45 15.68 -17.74 -39.58
CA THR F 45 16.41 -16.83 -40.50
C THR F 45 17.58 -16.16 -39.76
N LYS F 46 17.89 -16.60 -38.54
CA LYS F 46 19.09 -16.19 -37.78
C LYS F 46 19.13 -14.65 -37.70
N SER F 47 17.98 -14.06 -37.36
CA SER F 47 17.81 -12.58 -37.35
C SER F 47 17.20 -12.13 -36.03
N GLU F 48 17.48 -12.85 -34.94
CA GLU F 48 16.95 -12.47 -33.59
C GLU F 48 17.59 -11.18 -33.08
N HIS F 49 18.74 -10.78 -33.62
CA HIS F 49 19.44 -9.57 -33.17
C HIS F 49 18.83 -8.35 -33.83
N LEU F 50 18.01 -8.54 -34.87
CA LEU F 50 17.26 -7.41 -35.47
C LEU F 50 16.01 -7.27 -34.61
N THR F 51 16.17 -6.71 -33.43
CA THR F 51 15.12 -6.63 -32.38
C THR F 51 14.07 -5.60 -32.81
N SER F 52 14.52 -4.46 -33.33
CA SER F 52 13.68 -3.37 -33.84
C SER F 52 12.81 -3.90 -35.01
N LEU F 53 13.41 -4.64 -35.94
CA LEU F 53 12.73 -5.21 -37.13
C LEU F 53 11.74 -6.30 -36.70
N LYS F 54 12.10 -7.12 -35.71
CA LYS F 54 11.22 -8.20 -35.20
C LYS F 54 9.95 -7.59 -34.60
N ASP F 55 10.08 -6.48 -33.90
CA ASP F 55 8.95 -5.71 -33.30
C ASP F 55 8.02 -5.25 -34.42
N LYS F 56 8.59 -4.66 -35.48
CA LYS F 56 7.85 -4.19 -36.67
C LYS F 56 7.06 -5.36 -37.28
N PHE F 57 7.67 -6.56 -37.31
CA PHE F 57 7.06 -7.76 -37.92
C PHE F 57 5.92 -8.30 -37.04
N LYS F 58 6.07 -8.26 -35.71
CA LYS F 58 5.01 -8.68 -34.76
C LYS F 58 3.75 -7.83 -35.02
N ARG F 59 3.93 -6.51 -35.16
CA ARG F 59 2.84 -5.55 -35.43
C ARG F 59 2.17 -5.92 -36.76
N ILE F 60 2.96 -6.20 -37.79
CA ILE F 60 2.46 -6.62 -39.13
C ILE F 60 1.59 -7.88 -38.96
N CYS F 61 2.07 -8.85 -38.19
CA CYS F 61 1.37 -10.15 -37.95
C CYS F 61 0.07 -9.91 -37.17
N GLU F 62 0.08 -9.03 -36.15
CA GLU F 62 -1.14 -8.69 -35.38
C GLU F 62 -2.22 -8.15 -36.31
N ARG F 63 -1.87 -7.25 -37.23
CA ARG F 63 -2.84 -6.56 -38.11
C ARG F 63 -3.20 -7.41 -39.34
N SER F 64 -2.53 -8.55 -39.54
CA SER F 64 -2.64 -9.38 -40.76
C SER F 64 -4.04 -9.99 -40.91
N THR F 65 -4.72 -10.25 -39.78
CA THR F 65 -6.00 -11.03 -39.68
C THR F 65 -5.73 -12.49 -40.05
N VAL F 66 -4.47 -12.90 -40.18
CA VAL F 66 -4.09 -14.31 -40.48
C VAL F 66 -3.83 -14.99 -39.15
N ARG F 67 -4.51 -16.09 -38.87
CA ARG F 67 -4.42 -16.85 -37.60
C ARG F 67 -3.47 -18.04 -37.80
N LYS F 68 -3.62 -18.77 -38.90
CA LYS F 68 -2.75 -19.91 -39.28
C LYS F 68 -2.38 -19.81 -40.76
N ARG F 69 -1.26 -20.44 -41.11
CA ARG F 69 -0.87 -20.74 -42.51
C ARG F 69 -0.26 -22.13 -42.56
N TYR F 70 -0.35 -22.78 -43.70
CA TYR F 70 0.35 -24.05 -44.01
C TYR F 70 1.52 -23.72 -44.93
N LEU F 71 2.72 -24.15 -44.54
CA LEU F 71 3.95 -23.87 -45.31
C LEU F 71 4.69 -25.19 -45.53
N HIS F 72 5.17 -25.41 -46.74
CA HIS F 72 6.08 -26.53 -47.07
C HIS F 72 7.46 -26.25 -46.45
N LEU F 73 7.94 -25.01 -46.48
CA LEU F 73 9.22 -24.60 -45.83
C LEU F 73 9.13 -24.81 -44.32
N THR F 74 9.85 -25.82 -43.81
CA THR F 74 10.02 -26.12 -42.38
C THR F 74 11.44 -25.71 -41.98
N GLU F 75 11.72 -25.67 -40.68
CA GLU F 75 13.07 -25.45 -40.12
C GLU F 75 14.04 -26.49 -40.70
N GLU F 76 13.57 -27.73 -40.92
CA GLU F 76 14.40 -28.86 -41.42
C GLU F 76 14.89 -28.54 -42.84
N LEU F 77 13.99 -28.09 -43.73
CA LEU F 77 14.32 -27.72 -45.12
C LEU F 77 15.32 -26.54 -45.13
N LEU F 78 15.14 -25.56 -44.25
CA LEU F 78 16.02 -24.36 -44.19
C LEU F 78 17.42 -24.79 -43.73
N GLN F 79 17.51 -25.82 -42.87
CA GLN F 79 18.80 -26.36 -42.40
C GLN F 79 19.49 -27.10 -43.54
N GLU F 80 18.71 -27.74 -44.43
CA GLU F 80 19.23 -28.49 -45.59
C GLU F 80 19.55 -27.52 -46.73
N TYR F 81 18.88 -26.37 -46.80
CA TYR F 81 19.03 -25.34 -47.85
C TYR F 81 19.21 -23.96 -47.20
N PRO F 82 20.30 -23.71 -46.47
CA PRO F 82 20.44 -22.50 -45.67
C PRO F 82 20.45 -21.21 -46.49
N SER F 83 20.70 -21.27 -47.79
CA SER F 83 20.64 -20.10 -48.71
C SER F 83 19.23 -19.50 -48.72
N ILE F 84 18.19 -20.32 -48.59
CA ILE F 84 16.76 -19.85 -48.62
C ILE F 84 16.47 -19.00 -47.37
N ALA F 85 17.17 -19.26 -46.26
CA ALA F 85 16.94 -18.57 -44.96
C ALA F 85 17.60 -17.18 -44.95
N THR F 86 18.51 -16.89 -45.88
CA THR F 86 19.16 -15.56 -46.00
C THR F 86 18.20 -14.61 -46.73
N TYR F 87 18.58 -13.35 -46.87
CA TYR F 87 17.80 -12.35 -47.63
C TYR F 87 18.11 -12.47 -49.12
N ASP F 88 19.37 -12.66 -49.46
CA ASP F 88 20.03 -12.12 -50.69
C ASP F 88 20.79 -13.21 -51.45
N ALA F 89 21.20 -14.29 -50.77
CA ALA F 89 22.21 -15.26 -51.27
C ALA F 89 21.62 -16.08 -52.41
N PRO F 90 22.45 -16.54 -53.37
CA PRO F 90 21.98 -17.38 -54.47
C PRO F 90 21.24 -18.61 -53.90
N SER F 91 19.97 -18.78 -54.26
CA SER F 91 19.08 -19.81 -53.67
C SER F 91 18.14 -20.44 -54.69
N LEU F 92 18.12 -20.00 -55.95
CA LEU F 92 17.08 -20.44 -56.92
C LEU F 92 17.19 -21.95 -57.14
N ASP F 93 18.41 -22.48 -57.25
CA ASP F 93 18.64 -23.93 -57.54
C ASP F 93 17.99 -24.75 -56.42
N ALA F 94 18.23 -24.38 -55.16
CA ALA F 94 17.64 -25.03 -53.97
C ALA F 94 16.11 -24.94 -54.03
N ARG F 95 15.56 -23.74 -54.23
CA ARG F 95 14.10 -23.51 -54.29
C ARG F 95 13.50 -24.40 -55.39
N GLN F 96 14.10 -24.39 -56.58
CA GLN F 96 13.63 -25.16 -57.76
C GLN F 96 13.64 -26.65 -57.43
N GLU F 97 14.69 -27.15 -56.77
CA GLU F 97 14.84 -28.58 -56.39
C GLU F 97 13.65 -28.98 -55.52
N ILE F 98 13.22 -28.12 -54.61
CA ILE F 98 12.08 -28.38 -53.68
C ILE F 98 10.76 -28.34 -54.45
N GLU F 99 10.56 -27.35 -55.31
CA GLU F 99 9.21 -27.00 -55.83
C GLU F 99 8.85 -27.86 -57.05
N VAL F 100 9.80 -28.24 -57.90
CA VAL F 100 9.51 -29.10 -59.09
C VAL F 100 8.99 -30.45 -58.59
N ALA F 101 9.42 -30.88 -57.39
CA ALA F 101 8.93 -32.09 -56.70
C ALA F 101 7.56 -31.81 -56.06
N GLU F 102 7.44 -30.72 -55.30
CA GLU F 102 6.34 -30.55 -54.34
C GLU F 102 5.10 -29.93 -55.01
N VAL F 103 5.27 -29.02 -55.96
CA VAL F 103 4.12 -28.34 -56.63
C VAL F 103 3.22 -29.40 -57.26
N PRO F 104 3.74 -30.39 -58.03
CA PRO F 104 2.87 -31.42 -58.60
C PRO F 104 2.22 -32.33 -57.55
N LYS F 105 2.94 -32.64 -56.46
CA LYS F 105 2.46 -33.57 -55.41
C LYS F 105 1.28 -32.93 -54.68
N LEU F 106 1.38 -31.66 -54.31
CA LEU F 106 0.29 -30.90 -53.64
C LEU F 106 -0.88 -30.78 -54.63
N ALA F 107 -0.58 -30.49 -55.89
CA ALA F 107 -1.57 -30.39 -56.98
C ALA F 107 -2.33 -31.72 -57.09
N ALA F 108 -1.61 -32.84 -56.99
CA ALA F 108 -2.19 -34.20 -57.13
C ALA F 108 -3.16 -34.45 -55.98
N ARG F 109 -2.82 -34.02 -54.77
CA ARG F 109 -3.66 -34.21 -53.57
C ARG F 109 -4.98 -33.48 -53.77
N ALA F 110 -4.92 -32.22 -54.20
CA ALA F 110 -6.11 -31.38 -54.49
C ALA F 110 -6.92 -31.96 -55.66
N ALA F 111 -6.24 -32.39 -56.73
CA ALA F 111 -6.92 -32.94 -57.93
C ALA F 111 -7.64 -34.25 -57.58
N SER F 112 -7.01 -35.09 -56.75
CA SER F 112 -7.58 -36.38 -56.29
C SER F 112 -8.91 -36.14 -55.57
N ARG F 113 -8.93 -35.15 -54.66
CA ARG F 113 -10.15 -34.80 -53.88
C ARG F 113 -11.23 -34.29 -54.84
N ALA F 114 -10.84 -33.46 -55.83
CA ALA F 114 -11.77 -32.90 -56.83
C ALA F 114 -12.37 -34.04 -57.67
N ILE F 115 -11.52 -34.96 -58.14
CA ILE F 115 -11.95 -36.09 -59.00
C ILE F 115 -12.86 -37.04 -58.21
N GLU F 116 -12.58 -37.25 -56.92
CA GLU F 116 -13.37 -38.16 -56.05
C GLU F 116 -14.77 -37.55 -55.83
N GLU F 117 -14.86 -36.26 -55.54
CA GLU F 117 -16.15 -35.54 -55.38
C GLU F 117 -16.92 -35.63 -56.70
N TRP F 118 -16.25 -35.32 -57.82
CA TRP F 118 -16.83 -35.40 -59.18
C TRP F 118 -17.47 -36.77 -59.38
N GLY F 119 -16.72 -37.83 -59.03
CA GLY F 119 -17.22 -39.22 -59.00
C GLY F 119 -17.08 -39.93 -60.32
N GLN F 120 -16.57 -39.25 -61.35
CA GLN F 120 -16.40 -39.80 -62.72
C GLN F 120 -14.97 -40.30 -62.91
N PRO F 121 -14.72 -41.17 -63.90
CA PRO F 121 -13.36 -41.68 -64.13
C PRO F 121 -12.42 -40.63 -64.75
N LYS F 122 -11.16 -40.63 -64.34
CA LYS F 122 -10.15 -39.65 -64.80
C LYS F 122 -9.94 -39.73 -66.31
N ASN F 123 -10.46 -40.78 -66.94
CA ASN F 123 -10.35 -40.99 -68.40
C ASN F 123 -11.23 -39.98 -69.14
N LYS F 124 -12.18 -39.37 -68.44
CA LYS F 124 -13.12 -38.42 -69.08
C LYS F 124 -12.56 -37.00 -68.97
N ILE F 125 -11.43 -36.84 -68.29
CA ILE F 125 -10.72 -35.53 -68.26
C ILE F 125 -9.98 -35.35 -69.59
N THR F 126 -10.30 -34.29 -70.33
CA THR F 126 -9.80 -34.00 -71.70
C THR F 126 -8.80 -32.83 -71.71
N HIS F 127 -8.90 -31.92 -70.73
CA HIS F 127 -8.04 -30.72 -70.62
C HIS F 127 -7.50 -30.60 -69.19
N LEU F 128 -6.28 -30.07 -69.07
CA LEU F 128 -5.65 -29.71 -67.78
C LEU F 128 -5.13 -28.28 -67.89
N ILE F 129 -5.66 -27.38 -67.07
CA ILE F 129 -5.08 -26.02 -66.85
C ILE F 129 -4.38 -26.05 -65.50
N PHE F 130 -3.08 -25.78 -65.49
CA PHE F 130 -2.23 -25.82 -64.29
C PHE F 130 -1.52 -24.47 -64.17
N SER F 131 -1.82 -23.75 -63.10
CA SER F 131 -1.18 -22.47 -62.70
C SER F 131 -0.27 -22.73 -61.51
N SER F 132 1.01 -22.38 -61.63
CA SER F 132 1.99 -22.41 -60.51
C SER F 132 2.93 -21.21 -60.60
N THR F 133 3.20 -20.57 -59.48
CA THR F 133 4.30 -19.56 -59.36
C THR F 133 5.63 -20.27 -59.54
N SER F 134 5.76 -21.48 -58.97
CA SER F 134 7.02 -22.19 -58.64
C SER F 134 7.29 -23.36 -59.62
N GLY F 135 8.50 -23.90 -59.54
CA GLY F 135 8.91 -25.14 -60.23
C GLY F 135 8.95 -24.99 -61.73
N ILE F 136 9.58 -23.92 -62.23
CA ILE F 136 9.69 -23.67 -63.70
C ILE F 136 10.73 -24.65 -64.26
N GLU F 137 10.27 -25.58 -65.09
CA GLU F 137 11.09 -26.74 -65.55
C GLU F 137 10.44 -27.28 -66.83
N LYS F 138 11.24 -27.99 -67.62
CA LYS F 138 10.81 -28.73 -68.84
C LYS F 138 11.21 -30.19 -68.65
N PRO F 139 10.28 -31.15 -68.78
CA PRO F 139 8.85 -30.87 -68.92
C PRO F 139 8.29 -30.24 -67.64
N GLY F 140 7.14 -29.58 -67.77
CA GLY F 140 6.55 -28.77 -66.68
C GLY F 140 5.82 -29.61 -65.66
N VAL F 141 5.42 -28.96 -64.57
CA VAL F 141 4.65 -29.60 -63.45
C VAL F 141 3.31 -30.13 -63.98
N ASP F 142 2.80 -29.58 -65.08
CA ASP F 142 1.59 -30.11 -65.77
C ASP F 142 1.84 -31.55 -66.20
N CYS F 143 2.99 -31.85 -66.82
CA CYS F 143 3.36 -33.22 -67.25
C CYS F 143 3.57 -34.11 -66.02
N HIS F 144 4.26 -33.60 -64.99
CA HIS F 144 4.50 -34.33 -63.72
C HIS F 144 3.14 -34.76 -63.17
N LEU F 145 2.17 -33.83 -63.16
CA LEU F 145 0.82 -34.10 -62.60
C LEU F 145 0.12 -35.19 -63.42
N VAL F 146 0.25 -35.17 -64.75
CA VAL F 146 -0.40 -36.20 -65.64
C VAL F 146 0.08 -37.59 -65.19
N HIS F 147 1.38 -37.76 -64.94
CA HIS F 147 1.96 -39.06 -64.56
C HIS F 147 1.58 -39.42 -63.12
N LEU F 148 1.55 -38.44 -62.19
CA LEU F 148 1.16 -38.68 -60.78
C LEU F 148 -0.30 -39.14 -60.69
N LEU F 149 -1.20 -38.53 -61.44
CA LEU F 149 -2.66 -38.81 -61.35
C LEU F 149 -3.03 -40.00 -62.26
N GLY F 150 -2.16 -40.35 -63.21
CA GLY F 150 -2.49 -41.30 -64.28
C GLY F 150 -3.61 -40.74 -65.15
N LEU F 151 -3.53 -39.45 -65.51
CA LEU F 151 -4.45 -38.81 -66.48
C LEU F 151 -4.15 -39.37 -67.86
N PRO F 152 -5.11 -39.30 -68.82
CA PRO F 152 -4.86 -39.74 -70.18
C PRO F 152 -3.67 -38.95 -70.74
N LEU F 153 -2.82 -39.62 -71.52
CA LEU F 153 -1.62 -38.98 -72.13
C LEU F 153 -2.05 -38.00 -73.22
N SER F 154 -3.30 -38.09 -73.68
CA SER F 154 -3.88 -37.23 -74.75
C SER F 154 -4.49 -35.94 -74.17
N VAL F 155 -4.39 -35.72 -72.86
CA VAL F 155 -5.02 -34.53 -72.20
C VAL F 155 -4.35 -33.26 -72.76
N ASN F 156 -5.18 -32.28 -73.16
CA ASN F 156 -4.75 -30.95 -73.66
C ASN F 156 -4.33 -30.07 -72.48
N ARG F 157 -3.06 -29.71 -72.41
CA ARG F 157 -2.46 -29.01 -71.23
C ARG F 157 -2.27 -27.52 -71.54
N VAL F 158 -2.60 -26.68 -70.57
CA VAL F 158 -2.21 -25.23 -70.53
C VAL F 158 -1.44 -25.01 -69.24
N MET F 159 -0.13 -24.82 -69.34
CA MET F 159 0.80 -24.61 -68.19
C MET F 159 1.07 -23.11 -68.07
N LEU F 160 0.60 -22.51 -66.98
CA LEU F 160 0.75 -21.07 -66.70
C LEU F 160 1.71 -20.91 -65.52
N TYR F 161 2.96 -20.57 -65.80
CA TYR F 161 4.00 -20.26 -64.78
C TYR F 161 3.98 -18.75 -64.46
N THR F 162 3.93 -18.42 -63.17
CA THR F 162 4.37 -17.12 -62.59
C THR F 162 3.45 -15.98 -63.05
N ILE F 163 2.16 -16.02 -62.69
CA ILE F 163 1.13 -15.05 -63.17
C ILE F 163 1.12 -13.76 -62.34
N GLY F 164 0.89 -13.75 -61.01
CA GLY F 164 0.54 -14.87 -60.16
C GLY F 164 -0.77 -14.66 -59.39
N CYS F 165 -0.94 -13.59 -58.58
CA CYS F 165 -2.04 -13.50 -57.58
C CYS F 165 -3.44 -13.50 -58.23
N HIS F 166 -3.60 -13.04 -59.47
CA HIS F 166 -4.90 -13.02 -60.17
C HIS F 166 -5.15 -14.34 -60.93
N ALA F 167 -4.24 -15.32 -60.83
CA ALA F 167 -4.26 -16.58 -61.62
C ALA F 167 -5.55 -17.35 -61.38
N GLY F 168 -6.16 -17.24 -60.19
CA GLY F 168 -7.45 -17.88 -59.89
C GLY F 168 -8.50 -17.47 -60.92
N GLY F 169 -8.58 -16.18 -61.24
CA GLY F 169 -9.48 -15.64 -62.26
C GLY F 169 -9.05 -16.06 -63.66
N THR F 170 -7.74 -16.04 -63.92
CA THR F 170 -7.15 -16.40 -65.23
C THR F 170 -7.56 -17.83 -65.62
N VAL F 171 -7.39 -18.81 -64.74
CA VAL F 171 -7.63 -20.25 -65.08
C VAL F 171 -9.13 -20.46 -65.29
N LEU F 172 -10.00 -19.75 -64.56
CA LEU F 172 -11.47 -19.83 -64.77
C LEU F 172 -11.83 -19.20 -66.12
N ARG F 173 -11.17 -18.10 -66.51
CA ARG F 173 -11.42 -17.42 -67.80
C ARG F 173 -11.05 -18.37 -68.95
N ILE F 174 -9.92 -19.07 -68.84
CA ILE F 174 -9.42 -19.99 -69.90
C ILE F 174 -10.29 -21.26 -69.90
N ALA F 175 -10.61 -21.78 -68.71
CA ALA F 175 -11.43 -23.00 -68.55
C ALA F 175 -12.79 -22.80 -69.23
N LYS F 176 -13.37 -21.61 -69.12
CA LYS F 176 -14.70 -21.32 -69.71
C LYS F 176 -14.65 -21.58 -71.21
N ASP F 177 -13.67 -21.02 -71.93
CA ASP F 177 -13.59 -21.11 -73.41
C ASP F 177 -13.23 -22.55 -73.83
N LEU F 178 -12.35 -23.23 -73.10
CA LEU F 178 -11.99 -24.64 -73.39
C LEU F 178 -13.23 -25.53 -73.20
N ALA F 179 -13.92 -25.40 -72.07
CA ALA F 179 -15.10 -26.22 -71.72
C ALA F 179 -16.22 -25.97 -72.73
N GLU F 180 -16.43 -24.72 -73.13
CA GLU F 180 -17.64 -24.30 -73.90
C GLU F 180 -17.43 -24.55 -75.40
N ASN F 181 -16.18 -24.72 -75.86
CA ASN F 181 -15.89 -24.89 -77.31
C ASN F 181 -15.70 -26.38 -77.66
N ASN F 182 -15.62 -27.27 -76.68
CA ASN F 182 -15.32 -28.72 -76.90
C ASN F 182 -16.41 -29.56 -76.26
N VAL F 183 -17.33 -30.10 -77.07
CA VAL F 183 -18.51 -30.88 -76.61
C VAL F 183 -17.99 -32.09 -75.82
N GLY F 184 -18.50 -32.32 -74.61
CA GLY F 184 -18.13 -33.46 -73.75
C GLY F 184 -16.82 -33.25 -73.00
N SER F 185 -16.16 -32.10 -73.18
CA SER F 185 -14.85 -31.80 -72.54
C SER F 185 -15.05 -31.66 -71.04
N ARG F 186 -14.07 -32.15 -70.26
CA ARG F 186 -14.03 -31.98 -68.79
C ARG F 186 -12.64 -31.45 -68.42
N VAL F 187 -12.58 -30.24 -67.88
CA VAL F 187 -11.33 -29.48 -67.64
C VAL F 187 -10.94 -29.64 -66.17
N LEU F 188 -9.83 -30.34 -65.92
CA LEU F 188 -9.17 -30.30 -64.59
C LEU F 188 -8.41 -28.97 -64.52
N VAL F 189 -8.80 -28.11 -63.59
CA VAL F 189 -8.10 -26.82 -63.31
C VAL F 189 -7.36 -26.98 -61.98
N VAL F 190 -6.10 -26.59 -61.93
CA VAL F 190 -5.29 -26.70 -60.68
C VAL F 190 -4.46 -25.43 -60.51
N CYS F 191 -4.57 -24.79 -59.35
CA CYS F 191 -3.63 -23.76 -58.85
C CYS F 191 -2.87 -24.35 -57.68
N SER F 192 -1.55 -24.48 -57.79
CA SER F 192 -0.68 -25.07 -56.76
C SER F 192 0.39 -24.06 -56.38
N GLU F 193 0.29 -23.50 -55.19
CA GLU F 193 1.10 -22.33 -54.76
C GLU F 193 1.89 -22.68 -53.50
N LEU F 194 3.21 -22.72 -53.63
CA LEU F 194 4.15 -22.76 -52.48
C LEU F 194 4.87 -21.42 -52.42
N THR F 195 5.21 -20.97 -51.22
CA THR F 195 5.99 -19.73 -50.96
C THR F 195 7.48 -20.04 -50.90
N VAL F 196 7.89 -21.26 -51.26
CA VAL F 196 9.31 -21.70 -51.24
C VAL F 196 10.12 -20.76 -52.14
N MET F 197 9.55 -20.29 -53.25
CA MET F 197 10.29 -19.50 -54.28
C MET F 197 10.52 -18.06 -53.81
N THR F 198 9.66 -17.52 -52.92
CA THR F 198 9.68 -16.09 -52.52
C THR F 198 10.18 -15.91 -51.08
N PHE F 199 10.14 -16.95 -50.24
CA PHE F 199 10.51 -16.84 -48.80
C PHE F 199 11.97 -16.43 -48.68
N ARG F 200 12.22 -15.38 -47.89
CA ARG F 200 13.60 -14.93 -47.57
C ARG F 200 13.61 -14.30 -46.18
N GLY F 201 14.81 -14.19 -45.62
CA GLY F 201 15.06 -13.55 -44.30
C GLY F 201 14.61 -12.10 -44.33
N PRO F 202 14.34 -11.51 -43.15
CA PRO F 202 13.87 -10.14 -43.06
C PRO F 202 15.03 -9.13 -43.27
N SER F 203 14.71 -7.95 -43.79
CA SER F 203 15.64 -6.80 -43.97
C SER F 203 14.91 -5.50 -43.69
N GLU F 204 15.61 -4.52 -43.11
CA GLU F 204 15.06 -3.16 -42.85
C GLU F 204 14.84 -2.44 -44.17
N THR F 205 15.48 -2.92 -45.25
CA THR F 205 15.45 -2.28 -46.60
C THR F 205 14.24 -2.75 -47.41
N ASP F 206 13.43 -3.68 -46.89
CA ASP F 206 12.39 -4.39 -47.69
C ASP F 206 11.14 -4.66 -46.84
N LEU F 207 10.27 -3.66 -46.74
CA LEU F 207 8.98 -3.75 -46.02
C LEU F 207 8.04 -4.71 -46.76
N ALA F 208 8.00 -4.64 -48.08
CA ALA F 208 7.08 -5.47 -48.92
C ALA F 208 7.28 -6.95 -48.56
N ASN F 209 8.53 -7.37 -48.34
CA ASN F 209 8.86 -8.80 -48.05
C ASN F 209 8.53 -9.15 -46.60
N LEU F 210 8.60 -8.21 -45.66
CA LEU F 210 8.07 -8.41 -44.29
C LEU F 210 6.57 -8.67 -44.36
N ILE F 211 5.81 -7.82 -45.05
CA ILE F 211 4.35 -8.00 -45.25
C ILE F 211 4.16 -9.42 -45.83
N ARG F 212 4.88 -9.75 -46.91
CA ARG F 212 4.72 -11.03 -47.64
C ARG F 212 4.91 -12.20 -46.66
N MET F 213 5.97 -12.15 -45.85
CA MET F 213 6.32 -13.29 -44.96
C MET F 213 5.31 -13.35 -43.77
N GLY F 214 4.48 -12.32 -43.60
CA GLY F 214 3.36 -12.30 -42.65
C GLY F 214 2.05 -12.86 -43.23
N ILE F 215 1.76 -12.59 -44.50
CA ILE F 215 0.41 -12.79 -45.12
C ILE F 215 0.33 -14.12 -45.89
N PHE F 216 1.36 -14.47 -46.66
CA PHE F 216 1.30 -15.51 -47.72
C PHE F 216 1.52 -16.90 -47.12
N GLY F 217 0.63 -17.82 -47.49
CA GLY F 217 0.72 -19.25 -47.14
C GLY F 217 0.62 -20.13 -48.36
N ASP F 218 0.82 -21.44 -48.18
CA ASP F 218 0.85 -22.45 -49.26
C ASP F 218 -0.50 -23.13 -49.36
N GLY F 219 -0.86 -23.61 -50.55
CA GLY F 219 -2.10 -24.33 -50.80
C GLY F 219 -2.26 -24.67 -52.28
N ALA F 220 -3.05 -25.69 -52.57
CA ALA F 220 -3.45 -26.08 -53.94
C ALA F 220 -4.96 -26.28 -53.97
N ALA F 221 -5.62 -25.76 -55.00
CA ALA F 221 -7.07 -25.95 -55.25
C ALA F 221 -7.24 -26.51 -56.66
N ALA F 222 -8.03 -27.56 -56.79
CA ALA F 222 -8.37 -28.19 -58.08
C ALA F 222 -9.87 -28.15 -58.28
N LEU F 223 -10.32 -27.97 -59.50
CA LEU F 223 -11.76 -28.11 -59.80
C LEU F 223 -11.96 -28.72 -61.19
N ILE F 224 -13.13 -29.33 -61.39
CA ILE F 224 -13.57 -29.95 -62.66
C ILE F 224 -14.60 -29.01 -63.28
N ILE F 225 -14.32 -28.48 -64.47
CA ILE F 225 -15.27 -27.65 -65.27
C ILE F 225 -15.74 -28.46 -66.47
N GLY F 226 -17.03 -28.40 -66.74
CA GLY F 226 -17.64 -28.89 -67.99
C GLY F 226 -18.88 -28.09 -68.30
N ALA F 227 -19.17 -27.89 -69.58
CA ALA F 227 -20.48 -27.37 -70.04
C ALA F 227 -21.41 -28.57 -70.25
N ASP F 228 -22.72 -28.35 -70.16
CA ASP F 228 -23.77 -29.38 -70.35
C ASP F 228 -23.42 -30.58 -69.48
N PRO F 229 -23.40 -30.45 -68.14
CA PRO F 229 -23.20 -31.60 -67.27
C PRO F 229 -24.38 -32.56 -67.43
N ASP F 230 -24.13 -33.85 -67.23
CA ASP F 230 -25.18 -34.89 -67.17
C ASP F 230 -25.73 -34.87 -65.74
N LEU F 231 -26.93 -34.33 -65.54
CA LEU F 231 -27.50 -34.07 -64.19
C LEU F 231 -27.85 -35.39 -63.50
N SER F 232 -27.84 -36.51 -64.20
CA SER F 232 -27.97 -37.88 -63.63
C SER F 232 -26.74 -38.23 -62.76
N ILE F 233 -25.57 -37.66 -63.03
CA ILE F 233 -24.27 -38.06 -62.39
C ILE F 233 -23.44 -36.84 -61.94
N GLU F 234 -23.69 -35.65 -62.51
CA GLU F 234 -22.88 -34.43 -62.23
C GLU F 234 -23.78 -33.37 -61.60
N LYS F 235 -23.24 -32.65 -60.62
CA LYS F 235 -23.92 -31.53 -59.93
C LYS F 235 -23.10 -30.26 -60.15
N PRO F 236 -23.59 -29.33 -61.01
CA PRO F 236 -22.97 -28.01 -61.11
C PRO F 236 -23.04 -27.32 -59.74
N ILE F 237 -21.96 -26.64 -59.34
CA ILE F 237 -21.85 -25.86 -58.07
C ILE F 237 -21.96 -24.38 -58.41
N PHE F 238 -21.25 -23.93 -59.45
CA PHE F 238 -21.30 -22.56 -60.01
C PHE F 238 -21.21 -22.64 -61.52
N GLU F 239 -21.86 -21.70 -62.21
CA GLU F 239 -21.70 -21.47 -63.66
C GLU F 239 -20.81 -20.25 -63.84
N ILE F 240 -19.85 -20.32 -64.77
CA ILE F 240 -19.01 -19.17 -65.17
C ILE F 240 -19.76 -18.44 -66.28
N PHE F 241 -20.50 -17.39 -65.94
CA PHE F 241 -21.34 -16.62 -66.89
C PHE F 241 -20.43 -15.82 -67.84
N SER F 242 -19.47 -15.07 -67.31
CA SER F 242 -18.55 -14.24 -68.12
C SER F 242 -17.21 -14.08 -67.40
N ALA F 243 -16.17 -13.78 -68.16
CA ALA F 243 -14.80 -13.57 -67.64
C ALA F 243 -14.12 -12.45 -68.43
N SER F 244 -13.71 -11.39 -67.74
CA SER F 244 -13.00 -10.22 -68.30
C SER F 244 -11.70 -9.99 -67.51
N GLN F 245 -10.66 -9.58 -68.21
CA GLN F 245 -9.39 -9.15 -67.63
C GLN F 245 -9.21 -7.67 -67.99
N THR F 246 -8.59 -6.88 -67.13
CA THR F 246 -8.20 -5.50 -67.46
C THR F 246 -6.89 -5.15 -66.77
N LEU F 247 -6.13 -4.27 -67.41
CA LEU F 247 -4.93 -3.63 -66.83
C LEU F 247 -5.33 -2.25 -66.30
N VAL F 248 -4.92 -1.93 -65.08
CA VAL F 248 -5.13 -0.57 -64.52
C VAL F 248 -4.02 0.31 -65.08
N PRO F 249 -4.34 1.44 -65.75
CA PRO F 249 -3.32 2.24 -66.43
C PRO F 249 -2.29 2.78 -65.43
N ASN F 250 -1.02 2.78 -65.81
CA ASN F 250 0.09 3.44 -65.08
C ASN F 250 0.25 2.80 -63.70
N THR F 251 0.21 1.47 -63.62
CA THR F 251 0.33 0.73 -62.32
C THR F 251 1.26 -0.48 -62.49
N SER F 252 2.20 -0.44 -63.43
CA SER F 252 3.11 -1.57 -63.72
C SER F 252 4.13 -1.81 -62.61
N LYS F 253 4.42 -0.81 -61.81
CA LYS F 253 5.49 -1.01 -60.82
C LYS F 253 4.88 -1.16 -59.43
N ALA F 254 3.56 -1.26 -59.35
CA ALA F 254 2.88 -1.37 -58.04
C ALA F 254 2.94 -2.80 -57.56
N ILE F 255 2.85 -3.76 -58.47
CA ILE F 255 3.01 -5.19 -58.07
C ILE F 255 4.08 -5.81 -58.98
N ARG F 256 5.22 -6.17 -58.41
CA ARG F 256 6.45 -6.56 -59.15
C ARG F 256 7.00 -7.87 -58.58
N GLY F 257 7.58 -8.67 -59.47
CA GLY F 257 8.42 -9.82 -59.11
C GLY F 257 9.27 -10.25 -60.27
N ARG F 258 10.49 -10.68 -60.01
CA ARG F 258 11.37 -11.27 -61.05
C ARG F 258 11.98 -12.56 -60.53
N VAL F 259 12.03 -13.59 -61.37
CA VAL F 259 12.79 -14.84 -61.09
C VAL F 259 14.27 -14.47 -61.21
N LYS F 260 15.00 -14.53 -60.09
CA LYS F 260 16.42 -14.13 -60.01
C LYS F 260 17.22 -15.24 -59.32
N GLU F 261 18.53 -15.10 -59.25
CA GLU F 261 19.43 -16.07 -58.58
C GLU F 261 19.03 -16.20 -57.11
N MET F 262 18.42 -15.16 -56.53
CA MET F 262 17.93 -15.15 -55.12
C MET F 262 16.50 -15.70 -55.03
N GLY F 263 15.94 -16.24 -56.11
CA GLY F 263 14.55 -16.71 -56.17
C GLY F 263 13.64 -15.65 -56.73
N LEU F 264 12.34 -15.77 -56.48
CA LEU F 264 11.34 -14.78 -56.96
C LEU F 264 11.33 -13.59 -56.01
N THR F 265 11.69 -12.40 -56.50
CA THR F 265 11.56 -11.13 -55.74
C THR F 265 10.09 -10.76 -55.69
N PHE F 266 9.73 -9.83 -54.80
CA PHE F 266 8.33 -9.53 -54.46
C PHE F 266 8.24 -8.06 -54.02
N TYR F 267 7.39 -7.30 -54.68
CA TYR F 267 7.06 -5.92 -54.27
C TYR F 267 5.56 -5.68 -54.51
N VAL F 268 4.86 -5.27 -53.45
CA VAL F 268 3.48 -4.73 -53.50
C VAL F 268 3.53 -3.32 -52.89
N ASP F 269 3.11 -2.32 -53.65
CA ASP F 269 3.13 -0.90 -53.23
C ASP F 269 2.04 -0.70 -52.17
N LYS F 270 2.26 0.21 -51.24
CA LYS F 270 1.25 0.50 -50.18
C LYS F 270 0.05 1.21 -50.78
N MET F 271 0.09 1.65 -52.04
CA MET F 271 -1.07 2.28 -52.74
C MET F 271 -2.02 1.23 -53.34
N VAL F 272 -1.67 -0.06 -53.32
CA VAL F 272 -2.43 -1.12 -54.05
C VAL F 272 -3.85 -1.20 -53.49
N PRO F 273 -4.09 -1.18 -52.16
CA PRO F 273 -5.46 -1.16 -51.66
C PRO F 273 -6.32 -0.06 -52.28
N THR F 274 -5.81 1.17 -52.29
CA THR F 274 -6.50 2.36 -52.88
C THR F 274 -6.71 2.15 -54.38
N LEU F 275 -5.67 1.72 -55.12
CA LEU F 275 -5.71 1.49 -56.58
C LEU F 275 -6.84 0.52 -56.91
N VAL F 276 -6.93 -0.60 -56.20
CA VAL F 276 -7.94 -1.66 -56.44
C VAL F 276 -9.33 -1.07 -56.14
N ALA F 277 -9.53 -0.51 -54.95
CA ALA F 277 -10.83 0.05 -54.53
C ALA F 277 -11.25 1.15 -55.51
N SER F 278 -10.29 1.94 -56.00
CA SER F 278 -10.53 3.09 -56.92
C SER F 278 -10.96 2.61 -58.31
N ASN F 279 -10.70 1.34 -58.67
CA ASN F 279 -10.93 0.83 -60.06
C ASN F 279 -11.98 -0.27 -60.09
N ILE F 280 -12.39 -0.80 -58.94
CA ILE F 280 -13.24 -2.02 -58.86
C ILE F 280 -14.62 -1.73 -59.47
N GLU F 281 -15.14 -0.51 -59.27
CA GLU F 281 -16.48 -0.08 -59.78
C GLU F 281 -16.55 -0.19 -61.30
N GLN F 282 -15.54 0.22 -62.05
CA GLN F 282 -15.52 0.12 -63.53
C GLN F 282 -15.66 -1.36 -63.94
N CYS F 283 -14.87 -2.24 -63.33
CA CYS F 283 -14.85 -3.71 -63.59
C CYS F 283 -16.25 -4.29 -63.33
N LEU F 284 -16.82 -3.95 -62.19
CA LEU F 284 -18.17 -4.37 -61.73
C LEU F 284 -19.22 -3.88 -62.72
N ASP F 285 -19.11 -2.64 -63.19
CA ASP F 285 -20.08 -1.98 -64.12
C ASP F 285 -20.05 -2.72 -65.45
N LYS F 286 -18.86 -2.96 -65.99
CA LYS F 286 -18.69 -3.68 -67.28
C LYS F 286 -19.26 -5.11 -67.16
N ALA F 287 -19.01 -5.78 -66.03
CA ALA F 287 -19.41 -7.18 -65.78
C ALA F 287 -20.93 -7.30 -65.62
N PHE F 288 -21.58 -6.37 -64.94
CA PHE F 288 -22.97 -6.54 -64.41
C PHE F 288 -24.01 -5.66 -65.13
N SER F 289 -23.61 -4.61 -65.85
CA SER F 289 -24.54 -3.78 -66.68
C SER F 289 -25.34 -4.67 -67.62
N PRO F 290 -24.73 -5.62 -68.36
CA PRO F 290 -25.50 -6.52 -69.23
C PRO F 290 -26.60 -7.30 -68.49
N LEU F 291 -26.45 -7.51 -67.19
CA LEU F 291 -27.41 -8.27 -66.34
C LEU F 291 -28.42 -7.29 -65.70
N GLY F 292 -28.25 -5.97 -65.90
CA GLY F 292 -29.03 -4.93 -65.21
C GLY F 292 -28.84 -4.98 -63.71
N ILE F 293 -27.62 -5.27 -63.24
CA ILE F 293 -27.30 -5.38 -61.78
C ILE F 293 -26.37 -4.21 -61.38
N ASN F 294 -26.68 -3.51 -60.30
CA ASN F 294 -25.91 -2.32 -59.85
C ASN F 294 -25.79 -2.30 -58.33
N ASP F 295 -26.60 -3.10 -57.63
CA ASP F 295 -26.47 -3.22 -56.15
C ASP F 295 -25.40 -4.27 -55.86
N TRP F 296 -24.28 -3.84 -55.32
CA TRP F 296 -23.15 -4.75 -55.04
C TRP F 296 -23.42 -5.56 -53.77
N ASN F 297 -24.49 -5.26 -53.05
CA ASN F 297 -24.93 -6.06 -51.87
C ASN F 297 -25.88 -7.17 -52.33
N SER F 298 -26.31 -7.18 -53.59
CA SER F 298 -27.31 -8.15 -54.14
C SER F 298 -26.62 -9.36 -54.78
N ILE F 299 -25.29 -9.37 -54.82
CA ILE F 299 -24.47 -10.49 -55.40
C ILE F 299 -23.56 -11.04 -54.31
N PHE F 300 -23.19 -12.33 -54.36
CA PHE F 300 -22.19 -12.92 -53.43
C PHE F 300 -20.79 -12.56 -53.94
N TRP F 301 -19.81 -12.53 -53.02
CA TRP F 301 -18.48 -11.92 -53.25
C TRP F 301 -17.35 -12.90 -53.01
N ILE F 302 -16.48 -13.06 -54.01
CA ILE F 302 -15.20 -13.82 -53.90
C ILE F 302 -14.07 -12.89 -54.37
N PRO F 303 -13.70 -11.84 -53.61
CA PRO F 303 -12.56 -11.01 -53.97
C PRO F 303 -11.26 -11.65 -53.44
N HIS F 304 -10.21 -11.64 -54.26
CA HIS F 304 -8.87 -12.12 -53.84
C HIS F 304 -8.43 -11.31 -52.63
N PRO F 305 -8.21 -11.95 -51.47
CA PRO F 305 -7.80 -11.22 -50.27
C PRO F 305 -6.28 -11.00 -50.20
N GLY F 306 -5.77 -10.11 -51.05
CA GLY F 306 -4.34 -9.72 -51.08
C GLY F 306 -3.82 -9.41 -49.70
N GLY F 307 -4.61 -8.69 -48.91
CA GLY F 307 -4.36 -8.44 -47.47
C GLY F 307 -5.61 -7.92 -46.80
N PRO F 308 -5.59 -7.63 -45.49
CA PRO F 308 -6.74 -7.05 -44.81
C PRO F 308 -7.10 -5.65 -45.35
N ALA F 309 -6.12 -4.85 -45.78
CA ALA F 309 -6.33 -3.45 -46.24
C ALA F 309 -7.17 -3.44 -47.52
N ILE F 310 -6.90 -4.35 -48.47
CA ILE F 310 -7.64 -4.45 -49.76
C ILE F 310 -9.11 -4.75 -49.45
N LEU F 311 -9.38 -5.66 -48.51
CA LEU F 311 -10.76 -6.07 -48.14
C LEU F 311 -11.46 -4.89 -47.46
N ALA F 312 -10.78 -4.21 -46.54
CA ALA F 312 -11.27 -3.00 -45.84
C ALA F 312 -11.69 -1.94 -46.87
N GLU F 313 -10.83 -1.66 -47.86
CA GLU F 313 -11.03 -0.59 -48.86
C GLU F 313 -12.22 -0.97 -49.78
N ILE F 314 -12.35 -2.24 -50.15
CA ILE F 314 -13.47 -2.71 -51.03
C ILE F 314 -14.78 -2.53 -50.25
N GLU F 315 -14.83 -3.02 -49.01
CA GLU F 315 -16.03 -2.90 -48.12
C GLU F 315 -16.44 -1.44 -48.05
N ALA F 316 -15.49 -0.56 -47.69
CA ALA F 316 -15.71 0.90 -47.52
C ALA F 316 -16.21 1.51 -48.84
N LYS F 317 -15.52 1.27 -49.95
CA LYS F 317 -15.80 1.92 -51.26
C LYS F 317 -17.19 1.51 -51.75
N LEU F 318 -17.53 0.22 -51.69
CA LEU F 318 -18.79 -0.32 -52.25
C LEU F 318 -19.89 -0.37 -51.18
N GLU F 319 -19.55 0.03 -49.95
CA GLU F 319 -20.44 0.02 -48.76
C GLU F 319 -21.16 -1.31 -48.66
N LEU F 320 -20.37 -2.40 -48.57
CA LEU F 320 -20.91 -3.78 -48.46
C LEU F 320 -21.41 -4.03 -47.03
N LYS F 321 -22.52 -4.76 -46.90
CA LYS F 321 -23.13 -5.14 -45.61
C LYS F 321 -22.14 -6.02 -44.85
N PRO F 322 -22.27 -6.12 -43.52
CA PRO F 322 -21.30 -6.84 -42.69
C PRO F 322 -20.95 -8.28 -43.06
N GLY F 323 -21.84 -9.07 -43.65
CA GLY F 323 -21.60 -10.51 -43.87
C GLY F 323 -20.97 -10.86 -45.23
N LYS F 324 -20.87 -9.89 -46.16
CA LYS F 324 -20.61 -10.17 -47.60
C LYS F 324 -19.28 -10.95 -47.75
N LEU F 325 -18.26 -10.58 -46.98
CA LEU F 325 -16.88 -11.08 -47.16
C LEU F 325 -16.54 -12.13 -46.08
N ARG F 326 -17.54 -12.73 -45.42
CA ARG F 326 -17.35 -13.76 -44.37
C ARG F 326 -16.47 -14.91 -44.85
N ALA F 327 -16.83 -15.49 -45.99
CA ALA F 327 -16.13 -16.65 -46.59
C ALA F 327 -14.69 -16.27 -46.90
N THR F 328 -14.48 -15.10 -47.52
CA THR F 328 -13.16 -14.59 -47.93
C THR F 328 -12.28 -14.40 -46.69
N ARG F 329 -12.81 -13.69 -45.69
CA ARG F 329 -12.11 -13.43 -44.40
C ARG F 329 -11.75 -14.75 -43.73
N HIS F 330 -12.67 -15.73 -43.76
CA HIS F 330 -12.44 -17.08 -43.16
C HIS F 330 -11.20 -17.71 -43.78
N VAL F 331 -11.13 -17.75 -45.11
CA VAL F 331 -9.97 -18.35 -45.84
C VAL F 331 -8.70 -17.55 -45.54
N LEU F 332 -8.76 -16.22 -45.58
CA LEU F 332 -7.56 -15.40 -45.28
C LEU F 332 -7.10 -15.72 -43.86
N SER F 333 -8.02 -15.87 -42.93
CA SER F 333 -7.69 -16.07 -41.49
C SER F 333 -7.11 -17.48 -41.27
N GLU F 334 -7.61 -18.48 -42.01
CA GLU F 334 -7.38 -19.91 -41.71
C GLU F 334 -6.23 -20.47 -42.57
N TYR F 335 -5.88 -19.83 -43.69
CA TYR F 335 -4.84 -20.34 -44.63
C TYR F 335 -3.87 -19.23 -45.04
N GLY F 336 -4.20 -17.97 -44.79
CA GLY F 336 -3.46 -16.81 -45.31
C GLY F 336 -3.73 -16.62 -46.80
N ASN F 337 -2.93 -15.77 -47.44
CA ASN F 337 -2.97 -15.51 -48.90
C ASN F 337 -2.20 -16.62 -49.63
N MET F 338 -2.90 -17.47 -50.38
CA MET F 338 -2.29 -18.58 -51.15
C MET F 338 -2.26 -18.22 -52.63
N SER F 339 -2.06 -16.94 -52.94
CA SER F 339 -2.00 -16.38 -54.31
C SER F 339 -3.21 -16.87 -55.12
N GLY F 340 -3.01 -17.32 -56.36
CA GLY F 340 -4.08 -17.69 -57.31
C GLY F 340 -5.06 -18.68 -56.72
N ALA F 341 -4.58 -19.59 -55.86
CA ALA F 341 -5.39 -20.68 -55.26
C ALA F 341 -6.48 -20.10 -54.35
N THR F 342 -6.23 -18.96 -53.72
CA THR F 342 -7.06 -18.42 -52.62
C THR F 342 -8.53 -18.34 -53.03
N VAL F 343 -8.86 -17.69 -54.15
CA VAL F 343 -10.27 -17.50 -54.57
C VAL F 343 -10.96 -18.85 -54.78
N LEU F 344 -10.22 -19.88 -55.18
CA LEU F 344 -10.77 -21.24 -55.39
C LEU F 344 -11.07 -21.88 -54.02
N PHE F 345 -10.22 -21.66 -53.02
CA PHE F 345 -10.50 -22.06 -51.62
C PHE F 345 -11.78 -21.38 -51.14
N ILE F 346 -11.95 -20.10 -51.50
CA ILE F 346 -13.12 -19.28 -51.06
C ILE F 346 -14.39 -19.79 -51.73
N LEU F 347 -14.33 -20.15 -53.02
CA LEU F 347 -15.46 -20.84 -53.72
C LEU F 347 -15.88 -22.06 -52.90
N ASP F 348 -14.91 -22.89 -52.48
CA ASP F 348 -15.17 -24.12 -51.71
C ASP F 348 -15.83 -23.74 -50.38
N GLU F 349 -15.22 -22.80 -49.65
CA GLU F 349 -15.75 -22.30 -48.35
C GLU F 349 -17.19 -21.80 -48.55
N MET F 350 -17.46 -21.06 -49.64
CA MET F 350 -18.79 -20.44 -49.80
C MET F 350 -19.86 -21.51 -50.05
N ARG F 351 -19.63 -22.47 -50.93
CA ARG F 351 -20.62 -23.55 -51.20
C ARG F 351 -20.83 -24.40 -49.94
N ARG F 352 -19.77 -24.65 -49.16
CA ARG F 352 -19.83 -25.54 -47.97
C ARG F 352 -20.61 -24.82 -46.86
N ARG F 353 -20.28 -23.55 -46.60
CA ARG F 353 -20.99 -22.69 -45.63
C ARG F 353 -22.47 -22.59 -46.03
N SER F 354 -22.74 -22.44 -47.32
CA SER F 354 -24.11 -22.33 -47.88
C SER F 354 -24.91 -23.58 -47.50
N LYS F 355 -24.35 -24.77 -47.68
CA LYS F 355 -25.02 -26.04 -47.35
C LYS F 355 -25.21 -26.12 -45.82
N LYS F 356 -24.20 -25.78 -45.04
CA LYS F 356 -24.19 -25.91 -43.56
C LYS F 356 -25.23 -24.97 -42.94
N GLU F 357 -25.54 -23.84 -43.60
CA GLU F 357 -26.49 -22.81 -43.10
C GLU F 357 -27.84 -22.94 -43.83
N GLY F 358 -28.04 -24.02 -44.59
CA GLY F 358 -29.31 -24.31 -45.30
C GLY F 358 -29.77 -23.14 -46.16
N LYS F 359 -28.85 -22.56 -46.95
CA LYS F 359 -29.16 -21.46 -47.91
C LYS F 359 -29.74 -22.10 -49.16
N GLY F 360 -30.52 -21.33 -49.93
CA GLY F 360 -31.24 -21.81 -51.12
C GLY F 360 -30.33 -22.02 -52.31
N THR F 361 -29.13 -21.42 -52.31
CA THR F 361 -28.14 -21.54 -53.43
C THR F 361 -26.74 -21.79 -52.86
N THR F 362 -25.81 -22.16 -53.72
CA THR F 362 -24.38 -22.42 -53.39
C THR F 362 -23.67 -21.09 -53.13
N GLY F 363 -24.31 -19.96 -53.51
CA GLY F 363 -23.76 -18.60 -53.37
C GLY F 363 -24.46 -17.84 -52.26
N ASP F 364 -24.52 -18.42 -51.06
CA ASP F 364 -25.02 -17.76 -49.83
C ASP F 364 -26.50 -17.40 -49.99
N GLY F 365 -27.24 -18.15 -50.82
CA GLY F 365 -28.68 -17.92 -51.06
C GLY F 365 -28.93 -16.96 -52.22
N LEU F 366 -27.90 -16.27 -52.73
CA LEU F 366 -28.02 -15.33 -53.87
C LEU F 366 -27.82 -16.06 -55.19
N GLU F 367 -28.32 -15.47 -56.29
CA GLU F 367 -28.29 -16.06 -57.64
C GLU F 367 -26.97 -15.71 -58.32
N TRP F 368 -26.56 -14.45 -58.27
CA TRP F 368 -25.37 -13.93 -59.00
C TRP F 368 -24.23 -13.64 -58.02
N GLY F 369 -23.00 -13.79 -58.50
CA GLY F 369 -21.78 -13.58 -57.70
C GLY F 369 -20.68 -13.03 -58.58
N VAL F 370 -19.71 -12.37 -57.96
CA VAL F 370 -18.48 -11.89 -58.63
C VAL F 370 -17.31 -12.57 -57.95
N LEU F 371 -16.37 -13.07 -58.75
CA LEU F 371 -15.03 -13.51 -58.30
C LEU F 371 -14.01 -12.58 -58.97
N MET F 372 -13.07 -12.04 -58.20
CA MET F 372 -12.08 -11.06 -58.70
C MET F 372 -10.68 -11.48 -58.26
N GLY F 373 -9.76 -11.51 -59.21
CA GLY F 373 -8.31 -11.61 -58.98
C GLY F 373 -7.67 -10.25 -59.12
N PHE F 374 -6.76 -9.91 -58.21
CA PHE F 374 -5.90 -8.70 -58.25
C PHE F 374 -4.45 -9.18 -58.27
N GLY F 375 -3.67 -8.75 -59.26
CA GLY F 375 -2.28 -9.20 -59.38
C GLY F 375 -1.43 -8.23 -60.19
N PRO F 376 -0.23 -8.70 -60.58
CA PRO F 376 0.72 -7.86 -61.33
C PRO F 376 0.05 -7.29 -62.59
N GLY F 377 0.32 -6.03 -62.90
CA GLY F 377 -0.27 -5.34 -64.05
C GLY F 377 -0.33 -3.82 -63.86
N VAL F 378 -1.13 -3.33 -62.90
CA VAL F 378 -1.97 -4.14 -62.05
C VAL F 378 -3.13 -4.72 -62.85
N THR F 379 -3.40 -6.01 -62.67
CA THR F 379 -4.46 -6.76 -63.40
C THR F 379 -5.64 -7.02 -62.47
N VAL F 380 -6.85 -6.80 -62.98
CA VAL F 380 -8.12 -7.23 -62.33
C VAL F 380 -8.77 -8.27 -63.25
N GLU F 381 -8.89 -9.51 -62.77
CA GLU F 381 -9.70 -10.57 -63.40
C GLU F 381 -11.10 -10.49 -62.78
N THR F 382 -12.13 -10.24 -63.57
CA THR F 382 -13.54 -10.16 -63.13
C THR F 382 -14.32 -11.33 -63.74
N ILE F 383 -14.78 -12.26 -62.90
CA ILE F 383 -15.60 -13.43 -63.30
C ILE F 383 -17.00 -13.29 -62.70
N VAL F 384 -18.03 -13.27 -63.55
CA VAL F 384 -19.45 -13.32 -63.09
C VAL F 384 -19.83 -14.79 -62.94
N LEU F 385 -20.21 -15.18 -61.72
CA LEU F 385 -20.64 -16.55 -61.37
C LEU F 385 -22.16 -16.56 -61.20
N ARG F 386 -22.78 -17.66 -61.59
CA ARG F 386 -24.19 -17.98 -61.25
C ARG F 386 -24.20 -19.15 -60.25
N ALA F 387 -24.80 -18.96 -59.09
CA ALA F 387 -24.98 -20.02 -58.07
C ALA F 387 -26.05 -20.99 -58.55
N ILE F 388 -26.08 -22.19 -57.96
CA ILE F 388 -27.02 -23.28 -58.30
C ILE F 388 -27.97 -23.46 -57.11
N SER F 389 -29.25 -23.75 -57.38
CA SER F 389 -30.29 -23.99 -56.35
C SER F 389 -30.01 -25.31 -55.63
N VAL F 390 -29.86 -25.24 -54.31
CA VAL F 390 -29.71 -26.39 -53.36
C VAL F 390 -31.11 -26.76 -52.86
N VAL F 391 -31.33 -28.04 -52.59
CA VAL F 391 -32.59 -28.62 -52.05
C VAL F 391 -32.20 -29.68 -51.01
N ARG G 13 54.22 -21.04 -14.71
CA ARG G 13 52.98 -20.37 -14.21
C ARG G 13 53.17 -19.98 -12.74
N PRO G 14 52.65 -18.81 -12.30
CA PRO G 14 52.69 -18.44 -10.88
C PRO G 14 51.82 -19.27 -9.92
N HIS G 15 52.24 -19.42 -8.66
CA HIS G 15 51.47 -20.23 -7.67
C HIS G 15 50.14 -19.54 -7.33
N GLY G 16 50.16 -18.22 -7.19
CA GLY G 16 49.11 -17.45 -6.46
C GLY G 16 48.05 -16.84 -7.37
N LEU G 17 47.09 -16.15 -6.76
CA LEU G 17 45.97 -15.44 -7.43
C LEU G 17 46.45 -14.11 -8.02
N ALA G 18 45.86 -13.69 -9.13
CA ALA G 18 46.06 -12.35 -9.73
C ALA G 18 45.62 -11.30 -8.71
N SER G 19 46.52 -10.38 -8.35
CA SER G 19 46.31 -9.40 -7.27
C SER G 19 46.38 -7.98 -7.82
N ILE G 20 45.43 -7.12 -7.45
CA ILE G 20 45.49 -5.66 -7.68
C ILE G 20 46.54 -5.09 -6.74
N LEU G 21 47.61 -4.50 -7.29
CA LEU G 21 48.81 -4.04 -6.55
C LEU G 21 48.80 -2.52 -6.39
N ALA G 22 47.96 -1.82 -7.15
CA ALA G 22 47.88 -0.34 -7.16
C ALA G 22 46.60 0.09 -7.87
N ILE G 23 46.00 1.20 -7.45
CA ILE G 23 44.81 1.79 -8.11
C ILE G 23 45.02 3.30 -8.22
N GLY G 24 44.99 3.82 -9.44
CA GLY G 24 45.02 5.27 -9.72
C GLY G 24 43.73 5.67 -10.41
N THR G 25 43.27 6.89 -10.16
CA THR G 25 42.08 7.46 -10.84
C THR G 25 42.40 8.88 -11.29
N ALA G 26 41.64 9.35 -12.26
CA ALA G 26 41.73 10.72 -12.80
C ALA G 26 40.35 11.10 -13.35
N ASN G 27 40.03 12.38 -13.33
CA ASN G 27 38.79 12.94 -13.92
C ASN G 27 39.16 14.19 -14.68
N PRO G 28 38.37 14.59 -15.70
CA PRO G 28 38.52 15.91 -16.31
C PRO G 28 38.53 16.98 -15.22
N SER G 29 39.27 18.07 -15.42
CA SER G 29 39.52 19.08 -14.36
C SER G 29 38.26 19.93 -14.14
N ASN G 30 37.33 19.98 -15.08
CA ASN G 30 36.06 20.77 -14.98
C ASN G 30 35.02 20.01 -14.18
N CYS G 31 34.54 20.62 -13.09
CA CYS G 31 33.59 20.04 -12.11
C CYS G 31 32.23 20.72 -12.26
N PHE G 32 31.15 19.94 -12.38
CA PHE G 32 29.76 20.45 -12.55
C PHE G 32 28.92 20.00 -11.36
N ASN G 33 28.50 20.97 -10.54
CA ASN G 33 27.54 20.76 -9.42
C ASN G 33 26.18 20.44 -10.02
N GLN G 34 25.52 19.40 -9.50
CA GLN G 34 24.22 18.91 -10.04
C GLN G 34 23.15 20.01 -9.89
N ASP G 35 23.19 20.79 -8.80
CA ASP G 35 22.26 21.91 -8.52
C ASP G 35 22.13 22.79 -9.76
N GLU G 36 23.29 23.15 -10.34
CA GLU G 36 23.40 24.15 -11.44
C GLU G 36 23.47 23.49 -12.81
N PHE G 37 23.39 22.15 -12.90
CA PHE G 37 23.61 21.43 -14.19
C PHE G 37 22.41 21.62 -15.12
N PRO G 38 21.15 21.51 -14.64
CA PRO G 38 20.00 21.77 -15.51
C PRO G 38 20.05 23.16 -16.17
N ASP G 39 20.41 24.21 -15.42
CA ASP G 39 20.55 25.59 -15.92
C ASP G 39 21.65 25.62 -17.00
N TYR G 40 22.82 25.05 -16.68
CA TYR G 40 24.01 25.03 -17.57
C TYR G 40 23.69 24.26 -18.86
N SER G 41 23.25 23.01 -18.74
CA SER G 41 23.06 22.08 -19.89
C SER G 41 22.00 22.64 -20.84
N PHE G 42 20.90 23.18 -20.31
CA PHE G 42 19.79 23.72 -21.14
C PHE G 42 20.20 25.04 -21.81
N ARG G 43 21.17 25.75 -21.24
CA ARG G 43 21.65 27.02 -21.83
C ARG G 43 22.61 26.74 -22.99
N VAL G 44 23.59 25.86 -22.79
CA VAL G 44 24.67 25.58 -23.81
C VAL G 44 24.08 24.72 -24.95
N THR G 45 22.95 24.03 -24.74
CA THR G 45 22.22 23.30 -25.81
C THR G 45 21.09 24.17 -26.37
N LYS G 46 21.05 25.46 -26.00
CA LYS G 46 20.14 26.48 -26.59
C LYS G 46 18.70 25.97 -26.51
N SER G 47 18.28 25.52 -25.33
CA SER G 47 16.98 24.83 -25.06
C SER G 47 16.25 25.48 -23.87
N GLU G 48 16.56 26.73 -23.55
CA GLU G 48 16.00 27.45 -22.39
C GLU G 48 14.48 27.64 -22.55
N HIS G 49 13.98 27.61 -23.79
CA HIS G 49 12.55 27.82 -24.11
C HIS G 49 11.74 26.54 -23.83
N LEU G 50 12.39 25.40 -23.60
CA LEU G 50 11.71 24.11 -23.30
C LEU G 50 11.56 23.98 -21.79
N THR G 51 10.78 24.89 -21.20
CA THR G 51 10.66 25.10 -19.72
C THR G 51 10.06 23.84 -19.08
N SER G 52 9.06 23.23 -19.71
CA SER G 52 8.42 21.98 -19.25
C SER G 52 9.48 20.85 -19.17
N LEU G 53 10.30 20.71 -20.23
CA LEU G 53 11.34 19.66 -20.34
C LEU G 53 12.47 19.95 -19.33
N LYS G 54 12.83 21.22 -19.16
CA LYS G 54 13.90 21.63 -18.21
C LYS G 54 13.50 21.25 -16.79
N ASP G 55 12.22 21.44 -16.45
CA ASP G 55 11.64 21.09 -15.13
C ASP G 55 11.77 19.58 -14.94
N LYS G 56 11.38 18.79 -15.94
CA LYS G 56 11.49 17.31 -15.93
C LYS G 56 12.95 16.91 -15.67
N PHE G 57 13.91 17.63 -16.25
CA PHE G 57 15.35 17.33 -16.14
C PHE G 57 15.86 17.69 -14.73
N LYS G 58 15.40 18.79 -14.15
CA LYS G 58 15.75 19.19 -12.75
C LYS G 58 15.33 18.07 -11.79
N ARG G 59 14.12 17.54 -11.98
CA ARG G 59 13.56 16.42 -11.16
C ARG G 59 14.44 15.20 -11.32
N ILE G 60 14.82 14.87 -12.55
CA ILE G 60 15.74 13.73 -12.85
C ILE G 60 17.05 13.92 -12.06
N CYS G 61 17.61 15.15 -12.08
CA CYS G 61 18.87 15.50 -11.40
C CYS G 61 18.68 15.40 -9.87
N GLU G 62 17.57 15.86 -9.33
CA GLU G 62 17.25 15.77 -7.86
C GLU G 62 17.28 14.30 -7.44
N ARG G 63 16.65 13.41 -8.20
CA ARG G 63 16.49 11.99 -7.80
C ARG G 63 17.71 11.15 -8.20
N SER G 64 18.68 11.74 -8.89
CA SER G 64 19.90 11.03 -9.37
C SER G 64 20.78 10.57 -8.20
N THR G 65 20.74 11.30 -7.08
CA THR G 65 21.66 11.19 -5.90
C THR G 65 23.08 11.59 -6.31
N VAL G 66 23.24 12.20 -7.48
CA VAL G 66 24.56 12.69 -7.97
C VAL G 66 24.67 14.16 -7.55
N ARG G 67 25.75 14.50 -6.84
CA ARG G 67 26.01 15.86 -6.31
C ARG G 67 26.96 16.60 -7.25
N LYS G 68 28.05 15.94 -7.68
CA LYS G 68 29.01 16.49 -8.67
C LYS G 68 29.32 15.45 -9.74
N ARG G 69 29.74 15.94 -10.91
CA ARG G 69 30.39 15.11 -11.95
C ARG G 69 31.53 15.93 -12.54
N TYR G 70 32.53 15.24 -13.07
CA TYR G 70 33.62 15.83 -13.88
C TYR G 70 33.33 15.50 -15.34
N LEU G 71 33.29 16.52 -16.18
CA LEU G 71 32.99 16.37 -17.63
C LEU G 71 34.09 17.05 -18.44
N HIS G 72 34.56 16.41 -19.50
CA HIS G 72 35.50 17.02 -20.47
C HIS G 72 34.77 18.08 -21.30
N LEU G 73 33.51 17.84 -21.70
CA LEU G 73 32.70 18.83 -22.47
C LEU G 73 32.50 20.11 -21.63
N THR G 74 33.14 21.20 -22.05
CA THR G 74 32.92 22.56 -21.52
C THR G 74 32.10 23.35 -22.55
N GLU G 75 31.56 24.49 -22.12
CA GLU G 75 30.86 25.46 -23.01
C GLU G 75 31.80 25.84 -24.17
N GLU G 76 33.10 25.96 -23.92
CA GLU G 76 34.11 26.37 -24.94
C GLU G 76 34.17 25.32 -26.05
N LEU G 77 34.26 24.04 -25.69
CA LEU G 77 34.29 22.91 -26.67
C LEU G 77 32.99 22.87 -27.47
N LEU G 78 31.83 23.12 -26.84
CA LEU G 78 30.52 23.08 -27.54
C LEU G 78 30.44 24.25 -28.54
N GLN G 79 31.08 25.37 -28.23
CA GLN G 79 31.14 26.55 -29.14
C GLN G 79 32.04 26.22 -30.33
N GLU G 80 33.09 25.42 -30.11
CA GLU G 80 34.04 24.99 -31.17
C GLU G 80 33.44 23.82 -31.97
N TYR G 81 32.53 23.03 -31.37
CA TYR G 81 31.89 21.84 -31.99
C TYR G 81 30.37 21.91 -31.77
N PRO G 82 29.68 22.90 -32.36
CA PRO G 82 28.26 23.13 -32.04
C PRO G 82 27.35 21.97 -32.43
N SER G 83 27.78 21.06 -33.31
CA SER G 83 26.99 19.86 -33.69
C SER G 83 26.72 18.98 -32.46
N ILE G 84 27.66 18.92 -31.51
CA ILE G 84 27.52 18.09 -30.27
C ILE G 84 26.40 18.63 -29.38
N ALA G 85 26.12 19.94 -29.44
CA ALA G 85 25.11 20.62 -28.59
C ALA G 85 23.70 20.40 -29.14
N THR G 86 23.54 19.92 -30.37
CA THR G 86 22.21 19.60 -30.96
C THR G 86 21.78 18.22 -30.46
N TYR G 87 20.56 17.80 -30.82
CA TYR G 87 20.03 16.46 -30.46
C TYR G 87 20.53 15.44 -31.48
N ASP G 88 20.50 15.81 -32.76
CA ASP G 88 20.22 14.89 -33.89
C ASP G 88 21.27 15.04 -35.00
N ALA G 89 21.96 16.18 -35.08
CA ALA G 89 22.81 16.58 -36.22
C ALA G 89 24.05 15.70 -36.29
N PRO G 90 24.60 15.45 -37.51
CA PRO G 90 25.85 14.71 -37.66
C PRO G 90 26.94 15.33 -36.79
N SER G 91 27.51 14.54 -35.87
CA SER G 91 28.45 15.03 -34.83
C SER G 91 29.60 14.05 -34.56
N LEU G 92 29.59 12.85 -35.16
CA LEU G 92 30.54 11.79 -34.71
C LEU G 92 31.98 12.25 -35.00
N ASP G 93 32.23 12.90 -36.12
CA ASP G 93 33.59 13.35 -36.53
C ASP G 93 34.15 14.27 -35.44
N ALA G 94 33.36 15.26 -34.99
CA ALA G 94 33.73 16.20 -33.91
C ALA G 94 34.02 15.41 -32.63
N ARG G 95 33.10 14.54 -32.20
CA ARG G 95 33.23 13.73 -30.97
C ARG G 95 34.54 12.92 -31.05
N GLN G 96 34.76 12.23 -32.16
CA GLN G 96 35.95 11.37 -32.41
C GLN G 96 37.22 12.22 -32.31
N GLU G 97 37.22 13.42 -32.90
CA GLU G 97 38.38 14.36 -32.90
C GLU G 97 38.77 14.66 -31.46
N ILE G 98 37.78 14.85 -30.58
CA ILE G 98 38.01 15.18 -29.14
C ILE G 98 38.52 13.94 -28.41
N GLU G 99 37.92 12.77 -28.63
CA GLU G 99 38.05 11.61 -27.73
C GLU G 99 39.31 10.80 -28.06
N VAL G 100 39.71 10.69 -29.33
CA VAL G 100 40.95 9.95 -29.72
C VAL G 100 42.15 10.64 -29.06
N ALA G 101 42.08 11.94 -28.84
CA ALA G 101 43.10 12.73 -28.11
C ALA G 101 42.93 12.56 -26.60
N GLU G 102 41.71 12.70 -26.09
CA GLU G 102 41.46 12.92 -24.64
C GLU G 102 41.36 11.61 -23.87
N VAL G 103 40.79 10.55 -24.46
CA VAL G 103 40.65 9.24 -23.76
C VAL G 103 42.03 8.75 -23.34
N PRO G 104 43.06 8.75 -24.21
CA PRO G 104 44.41 8.34 -23.81
C PRO G 104 45.04 9.27 -22.75
N LYS G 105 44.79 10.57 -22.84
CA LYS G 105 45.40 11.58 -21.93
C LYS G 105 44.88 11.35 -20.51
N LEU G 106 43.57 11.17 -20.35
CA LEU G 106 42.94 10.91 -19.03
C LEU G 106 43.43 9.55 -18.54
N ALA G 107 43.50 8.55 -19.42
CA ALA G 107 44.02 7.20 -19.12
C ALA G 107 45.44 7.32 -18.58
N ALA G 108 46.26 8.18 -19.19
CA ALA G 108 47.68 8.35 -18.82
C ALA G 108 47.78 8.94 -17.40
N ARG G 109 46.90 9.88 -17.07
CA ARG G 109 46.87 10.55 -15.73
CA ARG G 109 46.86 10.54 -15.73
C ARG G 109 46.59 9.47 -14.67
N ALA G 110 45.57 8.64 -14.89
CA ALA G 110 45.18 7.53 -13.99
C ALA G 110 46.30 6.49 -13.92
N ALA G 111 46.88 6.12 -15.05
CA ALA G 111 47.95 5.09 -15.11
C ALA G 111 49.19 5.59 -14.36
N SER G 112 49.54 6.88 -14.49
CA SER G 112 50.70 7.52 -13.82
C SER G 112 50.54 7.39 -12.30
N ARG G 113 49.35 7.68 -11.78
CA ARG G 113 49.05 7.59 -10.33
C ARG G 113 49.17 6.13 -9.88
N ALA G 114 48.65 5.19 -10.68
CA ALA G 114 48.71 3.74 -10.39
C ALA G 114 50.16 3.29 -10.36
N ILE G 115 50.96 3.68 -11.34
CA ILE G 115 52.39 3.28 -11.47
C ILE G 115 53.20 3.89 -10.32
N GLU G 116 52.88 5.11 -9.88
CA GLU G 116 53.60 5.79 -8.77
C GLU G 116 53.32 5.05 -7.46
N GLU G 117 52.05 4.71 -7.19
CA GLU G 117 51.66 3.92 -5.99
C GLU G 117 52.37 2.55 -6.04
N TRP G 118 52.31 1.88 -7.18
CA TRP G 118 52.97 0.56 -7.42
C TRP G 118 54.45 0.68 -7.04
N GLY G 119 55.12 1.74 -7.50
CA GLY G 119 56.50 2.11 -7.11
C GLY G 119 57.56 1.43 -7.95
N GLN G 120 57.16 0.59 -8.91
CA GLN G 120 58.08 -0.15 -9.82
C GLN G 120 58.23 0.61 -11.13
N PRO G 121 59.30 0.34 -11.91
CA PRO G 121 59.48 1.01 -13.20
C PRO G 121 58.49 0.53 -14.29
N LYS G 122 58.08 1.45 -15.16
CA LYS G 122 57.14 1.22 -16.30
C LYS G 122 57.64 0.06 -17.20
N ASN G 123 58.96 -0.11 -17.33
CA ASN G 123 59.50 -1.18 -18.21
C ASN G 123 59.10 -2.57 -17.69
N LYS G 124 58.54 -2.75 -16.50
CA LYS G 124 58.13 -4.07 -15.96
C LYS G 124 56.65 -4.35 -16.24
N ILE G 125 55.94 -3.40 -16.86
CA ILE G 125 54.56 -3.63 -17.38
C ILE G 125 54.69 -4.43 -18.68
N THR G 126 54.06 -5.62 -18.72
CA THR G 126 54.14 -6.59 -19.84
C THR G 126 52.83 -6.64 -20.64
N HIS G 127 51.70 -6.29 -20.02
CA HIS G 127 50.36 -6.33 -20.65
C HIS G 127 49.63 -5.01 -20.37
N LEU G 128 48.81 -4.58 -21.32
CA LEU G 128 47.89 -3.42 -21.19
C LEU G 128 46.50 -3.86 -21.63
N ILE G 129 45.54 -3.83 -20.72
CA ILE G 129 44.09 -3.97 -21.04
C ILE G 129 43.48 -2.57 -20.94
N PHE G 130 42.92 -2.09 -22.04
CA PHE G 130 42.34 -0.73 -22.14
C PHE G 130 40.91 -0.87 -22.64
N SER G 131 39.96 -0.46 -21.80
CA SER G 131 38.51 -0.37 -22.10
C SER G 131 38.14 1.09 -22.27
N SER G 132 37.56 1.45 -23.42
CA SER G 132 37.00 2.79 -23.68
C SER G 132 35.71 2.64 -24.49
N THR G 133 34.68 3.40 -24.14
CA THR G 133 33.48 3.60 -24.98
C THR G 133 33.88 4.34 -26.27
N SER G 134 34.76 5.34 -26.12
CA SER G 134 35.01 6.45 -27.08
C SER G 134 36.33 6.27 -27.84
N GLY G 135 36.52 7.10 -28.88
CA GLY G 135 37.76 7.24 -29.64
C GLY G 135 38.09 5.99 -30.43
N ILE G 136 37.11 5.44 -31.18
CA ILE G 136 37.34 4.23 -32.01
C ILE G 136 38.16 4.64 -33.23
N GLU G 137 39.39 4.14 -33.30
CA GLU G 137 40.41 4.58 -34.29
C GLU G 137 41.46 3.48 -34.40
N LYS G 138 42.17 3.46 -35.52
CA LYS G 138 43.36 2.60 -35.77
C LYS G 138 44.53 3.51 -36.12
N PRO G 139 45.68 3.41 -35.41
CA PRO G 139 45.82 2.56 -34.23
C PRO G 139 44.95 3.08 -33.07
N GLY G 140 44.66 2.21 -32.11
CA GLY G 140 43.71 2.50 -31.02
C GLY G 140 44.31 3.33 -29.91
N VAL G 141 43.46 3.77 -28.98
CA VAL G 141 43.85 4.56 -27.79
C VAL G 141 44.84 3.77 -26.92
N ASP G 142 44.83 2.44 -27.02
CA ASP G 142 45.83 1.57 -26.35
C ASP G 142 47.24 1.92 -26.85
N CYS G 143 47.44 2.07 -28.16
CA CYS G 143 48.74 2.46 -28.77
C CYS G 143 49.08 3.90 -28.35
N HIS G 144 48.10 4.81 -28.40
CA HIS G 144 48.29 6.22 -27.99
C HIS G 144 48.80 6.24 -26.55
N LEU G 145 48.22 5.41 -25.67
CA LEU G 145 48.60 5.36 -24.24
C LEU G 145 50.04 4.86 -24.12
N VAL G 146 50.44 3.88 -24.91
CA VAL G 146 51.83 3.33 -24.88
C VAL G 146 52.82 4.49 -25.12
N HIS G 147 52.55 5.34 -26.11
CA HIS G 147 53.45 6.47 -26.47
C HIS G 147 53.38 7.58 -25.42
N LEU G 148 52.20 7.85 -24.86
CA LEU G 148 52.03 8.91 -23.81
C LEU G 148 52.78 8.52 -22.54
N LEU G 149 52.71 7.26 -22.12
CA LEU G 149 53.33 6.79 -20.85
C LEU G 149 54.79 6.41 -21.07
N GLY G 150 55.21 6.22 -22.32
CA GLY G 150 56.51 5.62 -22.65
C GLY G 150 56.59 4.19 -22.13
N LEU G 151 55.52 3.41 -22.29
CA LEU G 151 55.49 1.97 -21.96
C LEU G 151 56.38 1.22 -22.96
N PRO G 152 56.85 0.01 -22.63
CA PRO G 152 57.60 -0.80 -23.58
C PRO G 152 56.77 -1.02 -24.85
N LEU G 153 57.41 -0.95 -26.01
CA LEU G 153 56.73 -1.17 -27.32
C LEU G 153 56.28 -2.62 -27.46
N SER G 154 56.84 -3.52 -26.63
CA SER G 154 56.58 -4.99 -26.66
C SER G 154 55.41 -5.34 -25.74
N VAL G 155 54.74 -4.36 -25.13
CA VAL G 155 53.60 -4.60 -24.20
C VAL G 155 52.46 -5.26 -25.01
N ASN G 156 51.91 -6.35 -24.47
CA ASN G 156 50.77 -7.11 -25.04
C ASN G 156 49.46 -6.38 -24.76
N ARG G 157 48.81 -5.89 -25.81
CA ARG G 157 47.64 -4.98 -25.67
C ARG G 157 46.34 -5.75 -25.94
N VAL G 158 45.33 -5.47 -25.12
CA VAL G 158 43.92 -5.88 -25.35
C VAL G 158 43.10 -4.60 -25.34
N MET G 159 42.61 -4.18 -26.52
CA MET G 159 41.81 -2.95 -26.71
C MET G 159 40.35 -3.34 -26.81
N LEU G 160 39.57 -2.98 -25.79
CA LEU G 160 38.13 -3.29 -25.77
C LEU G 160 37.35 -2.01 -25.97
N TYR G 161 36.68 -1.90 -27.10
CA TYR G 161 35.90 -0.68 -27.43
C TYR G 161 34.40 -0.91 -27.26
N THR G 162 33.68 0.07 -26.72
CA THR G 162 32.19 0.06 -26.66
C THR G 162 31.59 -1.23 -26.13
N ILE G 163 31.74 -1.51 -24.84
CA ILE G 163 31.23 -2.76 -24.19
C ILE G 163 29.87 -2.53 -23.48
N GLY G 164 29.67 -1.48 -22.68
CA GLY G 164 30.71 -0.82 -21.86
C GLY G 164 30.42 -0.57 -20.39
N CYS G 165 29.23 -0.79 -19.87
CA CYS G 165 28.96 -0.41 -18.46
C CYS G 165 29.42 -1.53 -17.51
N HIS G 166 29.55 -2.75 -18.00
CA HIS G 166 30.03 -3.91 -17.21
C HIS G 166 31.52 -4.12 -17.50
N ALA G 167 32.13 -3.20 -18.24
CA ALA G 167 33.54 -3.32 -18.68
C ALA G 167 34.48 -3.40 -17.47
N GLY G 168 34.12 -2.80 -16.34
CA GLY G 168 34.91 -2.88 -15.09
C GLY G 168 35.15 -4.34 -14.71
N GLY G 169 34.09 -5.15 -14.77
CA GLY G 169 34.17 -6.60 -14.52
C GLY G 169 34.92 -7.32 -15.63
N THR G 170 34.68 -6.93 -16.88
CA THR G 170 35.31 -7.56 -18.08
C THR G 170 36.84 -7.47 -17.98
N VAL G 171 37.39 -6.27 -17.70
CA VAL G 171 38.86 -6.06 -17.71
C VAL G 171 39.50 -6.84 -16.55
N LEU G 172 38.83 -6.95 -15.41
CA LEU G 172 39.32 -7.75 -14.26
C LEU G 172 39.31 -9.24 -14.62
N ARG G 173 38.27 -9.69 -15.35
CA ARG G 173 38.15 -11.11 -15.77
C ARG G 173 39.32 -11.46 -16.69
N ILE G 174 39.65 -10.57 -17.63
CA ILE G 174 40.72 -10.80 -18.64
C ILE G 174 42.07 -10.67 -17.95
N ALA G 175 42.24 -9.66 -17.09
CA ALA G 175 43.49 -9.38 -16.37
C ALA G 175 43.89 -10.62 -15.54
N LYS G 176 42.91 -11.30 -14.93
CA LYS G 176 43.18 -12.48 -14.07
C LYS G 176 43.91 -13.54 -14.90
N ASP G 177 43.39 -13.89 -16.08
CA ASP G 177 43.93 -15.00 -16.92
C ASP G 177 45.29 -14.58 -17.51
N LEU G 178 45.46 -13.33 -17.91
CA LEU G 178 46.75 -12.82 -18.45
C LEU G 178 47.80 -12.85 -17.33
N ALA G 179 47.48 -12.32 -16.15
CA ALA G 179 48.40 -12.25 -14.99
C ALA G 179 48.79 -13.66 -14.54
N GLU G 180 47.84 -14.59 -14.52
CA GLU G 180 48.02 -15.92 -13.88
C GLU G 180 48.69 -16.90 -14.85
N ASN G 181 48.69 -16.63 -16.15
CA ASN G 181 49.25 -17.56 -17.17
C ASN G 181 50.66 -17.16 -17.60
N ASN G 182 51.14 -15.98 -17.19
CA ASN G 182 52.45 -15.43 -17.62
C ASN G 182 53.26 -15.05 -16.38
N VAL G 183 54.22 -15.90 -15.99
CA VAL G 183 55.03 -15.72 -14.74
C VAL G 183 55.79 -14.40 -14.86
N GLY G 184 55.72 -13.58 -13.82
CA GLY G 184 56.41 -12.26 -13.76
C GLY G 184 55.63 -11.17 -14.46
N SER G 185 54.48 -11.47 -15.06
CA SER G 185 53.69 -10.50 -15.85
C SER G 185 53.09 -9.45 -14.91
N ARG G 186 53.03 -8.19 -15.36
CA ARG G 186 52.37 -7.08 -14.63
C ARG G 186 51.43 -6.37 -15.60
N VAL G 187 50.13 -6.42 -15.32
CA VAL G 187 49.04 -5.98 -16.24
C VAL G 187 48.60 -4.58 -15.83
N LEU G 188 48.87 -3.58 -16.67
CA LEU G 188 48.24 -2.25 -16.56
C LEU G 188 46.82 -2.41 -17.12
N VAL G 189 45.82 -2.20 -16.26
CA VAL G 189 44.39 -2.20 -16.66
C VAL G 189 43.91 -0.75 -16.61
N VAL G 190 43.23 -0.29 -17.66
CA VAL G 190 42.71 1.10 -17.74
C VAL G 190 41.28 1.06 -18.27
N CYS G 191 40.36 1.69 -17.56
CA CYS G 191 39.03 2.10 -18.05
C CYS G 191 39.00 3.61 -18.13
N SER G 192 38.83 4.16 -19.32
CA SER G 192 38.85 5.62 -19.57
C SER G 192 37.55 6.00 -20.27
N GLU G 193 36.67 6.68 -19.54
CA GLU G 193 35.27 6.92 -19.96
C GLU G 193 34.99 8.42 -20.01
N LEU G 194 34.76 8.95 -21.21
CA LEU G 194 34.23 10.31 -21.45
C LEU G 194 32.82 10.17 -22.01
N THR G 195 31.95 11.13 -21.68
CA THR G 195 30.54 11.18 -22.18
C THR G 195 30.48 12.04 -23.44
N VAL G 196 31.61 12.41 -24.03
CA VAL G 196 31.67 13.27 -25.25
C VAL G 196 30.92 12.56 -26.38
N MET G 197 30.96 11.23 -26.45
CA MET G 197 30.41 10.44 -27.59
C MET G 197 28.87 10.36 -27.49
N THR G 198 28.29 10.47 -26.29
CA THR G 198 26.83 10.25 -26.04
C THR G 198 26.10 11.57 -25.74
N PHE G 199 26.81 12.62 -25.32
CA PHE G 199 26.17 13.90 -24.90
C PHE G 199 25.42 14.53 -26.07
N ARG G 200 24.16 14.88 -25.87
CA ARG G 200 23.34 15.60 -26.89
C ARG G 200 22.33 16.50 -26.19
N GLY G 201 21.77 17.44 -26.96
CA GLY G 201 20.71 18.36 -26.50
C GLY G 201 19.47 17.58 -26.08
N PRO G 202 18.62 18.18 -25.21
CA PRO G 202 17.45 17.46 -24.70
C PRO G 202 16.30 17.41 -25.71
N SER G 203 15.48 16.36 -25.65
CA SER G 203 14.27 16.18 -26.49
C SER G 203 13.15 15.54 -25.67
N GLU G 204 11.90 15.94 -25.92
CA GLU G 204 10.71 15.35 -25.27
C GLU G 204 10.51 13.92 -25.78
N THR G 205 11.17 13.55 -26.88
CA THR G 205 11.03 12.22 -27.54
C THR G 205 11.97 11.19 -26.90
N ASP G 206 12.84 11.58 -25.95
CA ASP G 206 13.99 10.75 -25.52
C ASP G 206 14.25 10.93 -24.01
N LEU G 207 13.51 10.21 -23.18
CA LEU G 207 13.73 10.21 -21.70
C LEU G 207 15.03 9.50 -21.39
N ALA G 208 15.38 8.40 -22.06
CA ALA G 208 16.62 7.63 -21.74
C ALA G 208 17.81 8.60 -21.72
N ASN G 209 17.84 9.53 -22.69
CA ASN G 209 18.98 10.47 -22.86
C ASN G 209 18.93 11.60 -21.83
N LEU G 210 17.75 12.01 -21.36
CA LEU G 210 17.60 12.94 -20.23
C LEU G 210 18.20 12.30 -18.98
N ILE G 211 17.80 11.05 -18.65
CA ILE G 211 18.38 10.28 -17.51
C ILE G 211 19.90 10.31 -17.71
N ARG G 212 20.38 9.90 -18.87
CA ARG G 212 21.83 9.74 -19.14
C ARG G 212 22.55 11.07 -18.83
N MET G 213 22.02 12.19 -19.33
CA MET G 213 22.68 13.51 -19.22
C MET G 213 22.66 13.98 -17.76
N GLY G 214 21.81 13.36 -16.91
CA GLY G 214 21.75 13.62 -15.47
C GLY G 214 22.72 12.76 -14.65
N ILE G 215 22.95 11.50 -15.02
CA ILE G 215 23.60 10.47 -14.16
C ILE G 215 25.09 10.32 -14.52
N PHE G 216 25.43 10.31 -15.81
CA PHE G 216 26.75 9.86 -16.33
C PHE G 216 27.77 10.99 -16.24
N GLY G 217 28.94 10.66 -15.69
CA GLY G 217 30.12 11.54 -15.61
C GLY G 217 31.34 10.89 -16.22
N ASP G 218 32.42 11.67 -16.35
CA ASP G 218 33.69 11.24 -16.96
C ASP G 218 34.65 10.80 -15.86
N GLY G 219 35.54 9.88 -16.18
CA GLY G 219 36.59 9.39 -15.27
C GLY G 219 37.41 8.29 -15.91
N ALA G 220 38.62 8.11 -15.40
CA ALA G 220 39.51 7.00 -15.79
C ALA G 220 40.08 6.37 -14.51
N ALA G 221 40.08 5.04 -14.45
CA ALA G 221 40.69 4.27 -13.35
C ALA G 221 41.71 3.31 -13.96
N ALA G 222 42.90 3.29 -13.39
CA ALA G 222 44.01 2.38 -13.81
C ALA G 222 44.41 1.53 -12.62
N LEU G 223 44.73 0.27 -12.86
CA LEU G 223 45.31 -0.57 -11.78
C LEU G 223 46.37 -1.51 -12.34
N ILE G 224 47.28 -1.94 -11.46
CA ILE G 224 48.39 -2.89 -11.78
C ILE G 224 47.98 -4.24 -11.18
N ILE G 225 47.83 -5.27 -12.02
CA ILE G 225 47.56 -6.67 -11.57
C ILE G 225 48.82 -7.50 -11.82
N GLY G 226 49.20 -8.31 -10.83
CA GLY G 226 50.19 -9.37 -10.98
C GLY G 226 49.88 -10.50 -10.02
N ALA G 227 50.18 -11.73 -10.42
CA ALA G 227 50.19 -12.91 -9.53
C ALA G 227 51.59 -13.00 -8.92
N ASP G 228 51.69 -13.61 -7.74
CA ASP G 228 52.95 -13.80 -6.99
C ASP G 228 53.69 -12.47 -6.89
N PRO G 229 53.12 -11.45 -6.22
CA PRO G 229 53.84 -10.20 -6.02
C PRO G 229 55.05 -10.46 -5.11
N ASP G 230 56.10 -9.65 -5.25
CA ASP G 230 57.26 -9.63 -4.32
C ASP G 230 56.85 -8.77 -3.12
N LEU G 231 56.54 -9.39 -1.99
CA LEU G 231 55.94 -8.68 -0.82
C LEU G 231 56.97 -7.77 -0.16
N SER G 232 58.25 -7.84 -0.53
CA SER G 232 59.31 -6.89 -0.12
C SER G 232 59.04 -5.49 -0.72
N ILE G 233 58.39 -5.39 -1.88
CA ILE G 233 58.27 -4.13 -2.67
C ILE G 233 56.83 -3.91 -3.20
N GLU G 234 56.02 -4.96 -3.30
CA GLU G 234 54.64 -4.88 -3.86
C GLU G 234 53.63 -5.23 -2.77
N LYS G 235 52.51 -4.50 -2.74
CA LYS G 235 51.46 -4.63 -1.69
C LYS G 235 50.13 -4.98 -2.34
N PRO G 236 49.70 -6.26 -2.28
CA PRO G 236 48.39 -6.63 -2.82
C PRO G 236 47.31 -5.89 -2.03
N ILE G 237 46.29 -5.38 -2.74
CA ILE G 237 45.12 -4.67 -2.16
C ILE G 237 43.92 -5.62 -2.16
N PHE G 238 43.70 -6.29 -3.30
CA PHE G 238 42.64 -7.32 -3.49
C PHE G 238 43.20 -8.44 -4.37
N GLU G 239 42.72 -9.66 -4.14
CA GLU G 239 42.98 -10.83 -5.01
C GLU G 239 41.71 -11.08 -5.82
N ILE G 240 41.86 -11.34 -7.12
CA ILE G 240 40.73 -11.73 -8.01
C ILE G 240 40.62 -13.25 -7.93
N PHE G 241 39.73 -13.74 -7.07
CA PHE G 241 39.55 -15.20 -6.83
C PHE G 241 38.94 -15.86 -8.07
N SER G 242 37.83 -15.34 -8.58
CA SER G 242 37.11 -15.92 -9.74
C SER G 242 36.39 -14.82 -10.51
N ALA G 243 36.10 -15.06 -11.77
CA ALA G 243 35.39 -14.12 -12.67
C ALA G 243 34.47 -14.91 -13.61
N SER G 244 33.18 -14.60 -13.56
CA SER G 244 32.13 -15.19 -14.43
C SER G 244 31.36 -14.07 -15.12
N GLN G 245 30.97 -14.31 -16.35
CA GLN G 245 30.03 -13.44 -17.11
C GLN G 245 28.74 -14.26 -17.36
N THR G 246 27.60 -13.61 -17.43
CA THR G 246 26.33 -14.28 -17.87
C THR G 246 25.46 -13.28 -18.62
N LEU G 247 24.69 -13.80 -19.56
CA LEU G 247 23.64 -13.06 -20.29
C LEU G 247 22.30 -13.40 -19.65
N VAL G 248 21.48 -12.37 -19.38
CA VAL G 248 20.10 -12.58 -18.88
C VAL G 248 19.24 -12.87 -20.10
N PRO G 249 18.51 -14.00 -20.13
CA PRO G 249 17.73 -14.39 -21.32
C PRO G 249 16.67 -13.34 -21.65
N ASN G 250 16.47 -13.06 -22.94
CA ASN G 250 15.37 -12.22 -23.47
C ASN G 250 15.48 -10.79 -22.90
N THR G 251 16.68 -10.21 -22.86
CA THR G 251 16.88 -8.85 -22.32
C THR G 251 17.80 -8.02 -23.22
N SER G 252 17.84 -8.30 -24.52
CA SER G 252 18.77 -7.63 -25.46
C SER G 252 18.29 -6.22 -25.79
N LYS G 253 16.99 -5.97 -25.69
CA LYS G 253 16.41 -4.65 -26.05
C LYS G 253 16.47 -3.73 -24.84
N ALA G 254 16.89 -4.22 -23.69
CA ALA G 254 16.81 -3.45 -22.43
C ALA G 254 17.91 -2.40 -22.31
N ILE G 255 19.11 -2.73 -22.73
CA ILE G 255 20.25 -1.76 -22.70
C ILE G 255 20.85 -1.73 -24.10
N ARG G 256 20.70 -0.61 -24.80
CA ARG G 256 20.97 -0.50 -26.27
C ARG G 256 21.81 0.74 -26.53
N GLY G 257 22.69 0.66 -27.53
CA GLY G 257 23.46 1.80 -28.04
C GLY G 257 24.09 1.44 -29.37
N ARG G 258 24.11 2.39 -30.30
CA ARG G 258 24.79 2.18 -31.60
C ARG G 258 25.65 3.41 -31.91
N VAL G 259 26.86 3.16 -32.41
CA VAL G 259 27.72 4.24 -32.97
C VAL G 259 27.08 4.69 -34.29
N LYS G 260 26.61 5.92 -34.34
CA LYS G 260 25.88 6.49 -35.50
C LYS G 260 26.50 7.84 -35.88
N GLU G 261 26.03 8.43 -36.97
CA GLU G 261 26.51 9.75 -37.45
C GLU G 261 26.26 10.80 -36.37
N MET G 262 25.24 10.59 -35.52
CA MET G 262 24.89 11.50 -34.39
C MET G 262 25.71 11.15 -33.12
N GLY G 263 26.67 10.23 -33.21
CA GLY G 263 27.43 9.75 -32.05
C GLY G 263 26.84 8.46 -31.51
N LEU G 264 27.16 8.12 -30.26
CA LEU G 264 26.64 6.88 -29.62
C LEU G 264 25.23 7.14 -29.09
N THR G 265 24.24 6.42 -29.60
CA THR G 265 22.85 6.44 -29.06
C THR G 265 22.84 5.66 -27.77
N PHE G 266 21.78 5.81 -26.98
CA PHE G 266 21.70 5.31 -25.59
C PHE G 266 20.24 5.03 -25.22
N TYR G 267 19.97 3.80 -24.80
CA TYR G 267 18.65 3.41 -24.26
C TYR G 267 18.87 2.45 -23.08
N VAL G 268 18.32 2.82 -21.92
CA VAL G 268 18.20 1.92 -20.73
C VAL G 268 16.72 1.82 -20.37
N ASP G 269 16.18 0.60 -20.36
CA ASP G 269 14.74 0.36 -20.08
C ASP G 269 14.49 0.61 -18.59
N LYS G 270 13.28 1.08 -18.25
CA LYS G 270 12.87 1.35 -16.85
C LYS G 270 12.86 0.05 -16.04
N MET G 271 12.84 -1.12 -16.70
CA MET G 271 12.76 -2.44 -16.01
C MET G 271 14.16 -2.94 -15.60
N VAL G 272 15.25 -2.24 -15.95
CA VAL G 272 16.63 -2.74 -15.75
C VAL G 272 16.90 -2.97 -14.26
N PRO G 273 16.52 -2.06 -13.34
CA PRO G 273 16.66 -2.32 -11.90
C PRO G 273 16.06 -3.68 -11.48
N THR G 274 14.81 -3.94 -11.87
CA THR G 274 14.07 -5.19 -11.57
C THR G 274 14.79 -6.39 -12.20
N LEU G 275 15.18 -6.30 -13.48
CA LEU G 275 15.86 -7.38 -14.22
C LEU G 275 17.12 -7.79 -13.49
N VAL G 276 17.94 -6.82 -13.07
CA VAL G 276 19.22 -7.07 -12.36
C VAL G 276 18.92 -7.74 -11.01
N ALA G 277 18.06 -7.11 -10.20
CA ALA G 277 17.70 -7.62 -8.86
C ALA G 277 17.11 -9.02 -8.98
N SER G 278 16.33 -9.28 -10.03
CA SER G 278 15.64 -10.58 -10.27
C SER G 278 16.64 -11.68 -10.62
N ASN G 279 17.88 -11.34 -11.05
CA ASN G 279 18.86 -12.33 -11.59
C ASN G 279 20.11 -12.42 -10.71
N ILE G 280 20.30 -11.48 -9.79
CA ILE G 280 21.59 -11.32 -9.06
C ILE G 280 21.86 -12.55 -8.18
N GLU G 281 20.83 -13.14 -7.59
CA GLU G 281 20.96 -14.31 -6.68
C GLU G 281 21.57 -15.51 -7.40
N GLN G 282 21.20 -15.81 -8.65
CA GLN G 282 21.81 -16.93 -9.43
C GLN G 282 23.32 -16.69 -9.56
N CYS G 283 23.72 -15.47 -9.96
CA CYS G 283 25.13 -15.06 -10.16
C CYS G 283 25.91 -15.25 -8.86
N LEU G 284 25.35 -14.76 -7.77
CA LEU G 284 25.90 -14.84 -6.39
C LEU G 284 26.07 -16.31 -5.98
N ASP G 285 25.08 -17.14 -6.28
CA ASP G 285 25.04 -18.57 -5.89
C ASP G 285 26.15 -19.31 -6.64
N LYS G 286 26.26 -19.09 -7.96
CA LYS G 286 27.31 -19.73 -8.79
C LYS G 286 28.70 -19.30 -8.30
N ALA G 287 28.87 -18.01 -7.96
CA ALA G 287 30.16 -17.42 -7.54
C ALA G 287 30.58 -17.95 -6.16
N PHE G 288 29.66 -18.10 -5.21
CA PHE G 288 29.99 -18.23 -3.76
C PHE G 288 29.69 -19.64 -3.20
N SER G 289 28.87 -20.46 -3.86
CA SER G 289 28.61 -21.86 -3.45
C SER G 289 29.91 -22.62 -3.28
N PRO G 290 30.88 -22.55 -4.24
CA PRO G 290 32.15 -23.24 -4.06
C PRO G 290 32.90 -22.85 -2.77
N LEU G 291 32.65 -21.66 -2.23
CA LEU G 291 33.29 -21.13 -1.00
C LEU G 291 32.43 -21.45 0.23
N GLY G 292 31.20 -21.89 0.04
CA GLY G 292 30.28 -22.12 1.17
C GLY G 292 29.73 -20.84 1.74
N ILE G 293 29.49 -19.84 0.90
CA ILE G 293 28.96 -18.53 1.36
C ILE G 293 27.54 -18.35 0.83
N ASN G 294 26.59 -18.05 1.71
CA ASN G 294 25.17 -17.87 1.34
C ASN G 294 24.67 -16.56 1.98
N ASP G 295 25.47 -16.00 2.88
CA ASP G 295 25.08 -14.76 3.60
C ASP G 295 25.67 -13.58 2.82
N TRP G 296 24.79 -12.81 2.19
CA TRP G 296 25.24 -11.68 1.32
C TRP G 296 25.62 -10.47 2.17
N ASN G 297 25.36 -10.51 3.46
CA ASN G 297 25.76 -9.43 4.40
C ASN G 297 27.16 -9.74 4.96
N SER G 298 27.72 -10.94 4.70
CA SER G 298 29.02 -11.39 5.24
C SER G 298 30.17 -11.08 4.27
N ILE G 299 29.87 -10.53 3.09
CA ILE G 299 30.87 -10.15 2.06
C ILE G 299 30.77 -8.64 1.80
N PHE G 300 31.87 -8.00 1.40
CA PHE G 300 31.86 -6.56 1.00
C PHE G 300 31.36 -6.47 -0.45
N TRP G 301 30.79 -5.32 -0.81
CA TRP G 301 29.97 -5.15 -2.04
C TRP G 301 30.52 -4.01 -2.91
N ILE G 302 30.78 -4.33 -4.19
CA ILE G 302 31.13 -3.35 -5.24
C ILE G 302 30.18 -3.57 -6.43
N PRO G 303 28.88 -3.23 -6.30
CA PRO G 303 27.96 -3.32 -7.45
C PRO G 303 28.05 -2.05 -8.30
N HIS G 304 28.06 -2.22 -9.62
CA HIS G 304 28.02 -1.07 -10.57
C HIS G 304 26.77 -0.25 -10.29
N PRO G 305 26.91 1.03 -9.91
CA PRO G 305 25.75 1.87 -9.61
C PRO G 305 25.19 2.54 -10.88
N GLY G 306 24.53 1.76 -11.74
CA GLY G 306 23.85 2.25 -12.95
C GLY G 306 22.99 3.45 -12.64
N GLY G 307 22.27 3.39 -11.52
CA GLY G 307 21.51 4.52 -10.95
C GLY G 307 21.12 4.23 -9.50
N PRO G 308 20.41 5.16 -8.82
CA PRO G 308 19.96 4.91 -7.46
C PRO G 308 18.95 3.75 -7.37
N ALA G 309 18.11 3.56 -8.40
CA ALA G 309 17.04 2.53 -8.43
C ALA G 309 17.65 1.13 -8.39
N ILE G 310 18.73 0.88 -9.14
CA ILE G 310 19.42 -0.45 -9.19
C ILE G 310 19.98 -0.78 -7.81
N LEU G 311 20.55 0.21 -7.10
CA LEU G 311 21.13 0.03 -5.75
C LEU G 311 19.99 -0.28 -4.77
N ALA G 312 18.90 0.48 -4.84
CA ALA G 312 17.69 0.29 -4.02
C ALA G 312 17.17 -1.15 -4.18
N GLU G 313 17.04 -1.62 -5.43
CA GLU G 313 16.44 -2.94 -5.76
C GLU G 313 17.36 -4.07 -5.25
N ILE G 314 18.68 -3.91 -5.38
CA ILE G 314 19.65 -4.94 -4.90
C ILE G 314 19.54 -5.02 -3.37
N GLU G 315 19.60 -3.88 -2.68
CA GLU G 315 19.47 -3.81 -1.20
C GLU G 315 18.20 -4.55 -0.77
N ALA G 316 17.06 -4.16 -1.36
CA ALA G 316 15.73 -4.71 -1.05
C ALA G 316 15.71 -6.22 -1.30
N LYS G 317 16.14 -6.66 -2.49
CA LYS G 317 16.04 -8.07 -2.92
C LYS G 317 16.91 -8.98 -2.04
N LEU G 318 18.14 -8.57 -1.74
CA LEU G 318 19.11 -9.40 -0.97
C LEU G 318 19.03 -9.07 0.53
N GLU G 319 18.19 -8.10 0.90
CA GLU G 319 17.99 -7.65 2.30
C GLU G 319 19.36 -7.33 2.91
N LEU G 320 20.13 -6.46 2.25
CA LEU G 320 21.46 -6.00 2.70
C LEU G 320 21.27 -5.00 3.84
N LYS G 321 22.14 -5.05 4.86
CA LYS G 321 22.09 -4.12 6.00
C LYS G 321 22.45 -2.74 5.47
N PRO G 322 21.99 -1.65 6.15
CA PRO G 322 22.35 -0.31 5.72
C PRO G 322 23.87 -0.09 5.87
N GLY G 323 24.47 0.42 4.82
CA GLY G 323 25.92 0.73 4.83
C GLY G 323 26.76 -0.32 4.14
N LYS G 324 26.22 -1.47 3.69
CA LYS G 324 26.94 -2.36 2.73
C LYS G 324 27.36 -1.59 1.46
N LEU G 325 26.51 -0.70 0.97
CA LEU G 325 26.71 0.00 -0.34
C LEU G 325 27.17 1.45 -0.12
N ARG G 326 27.72 1.78 1.05
CA ARG G 326 28.08 3.19 1.38
C ARG G 326 29.20 3.66 0.43
N ALA G 327 30.23 2.84 0.18
CA ALA G 327 31.35 3.17 -0.73
C ALA G 327 30.79 3.43 -2.14
N THR G 328 29.91 2.56 -2.63
CA THR G 328 29.29 2.64 -3.98
C THR G 328 28.49 3.95 -4.08
N ARG G 329 27.62 4.20 -3.11
CA ARG G 329 26.76 5.43 -3.04
C ARG G 329 27.67 6.67 -3.03
N HIS G 330 28.77 6.62 -2.27
CA HIS G 330 29.74 7.74 -2.17
C HIS G 330 30.26 8.09 -3.58
N VAL G 331 30.74 7.10 -4.33
CA VAL G 331 31.28 7.29 -5.70
C VAL G 331 30.16 7.80 -6.61
N LEU G 332 28.98 7.20 -6.56
CA LEU G 332 27.85 7.66 -7.42
C LEU G 332 27.57 9.13 -7.11
N SER G 333 27.59 9.52 -5.84
CA SER G 333 27.23 10.89 -5.40
C SER G 333 28.32 11.89 -5.83
N GLU G 334 29.59 11.46 -5.81
CA GLU G 334 30.76 12.38 -5.88
C GLU G 334 31.31 12.46 -7.31
N TYR G 335 31.02 11.48 -8.18
CA TYR G 335 31.55 11.41 -9.55
C TYR G 335 30.46 11.09 -10.58
N GLY G 336 29.29 10.64 -10.13
CA GLY G 336 28.25 10.11 -11.02
C GLY G 336 28.62 8.73 -11.55
N ASN G 337 27.85 8.25 -12.54
CA ASN G 337 28.09 6.97 -13.24
C ASN G 337 29.16 7.18 -14.30
N MET G 338 30.35 6.59 -14.12
CA MET G 338 31.49 6.71 -15.06
C MET G 338 31.63 5.38 -15.83
N SER G 339 30.49 4.72 -16.11
CA SER G 339 30.42 3.44 -16.85
C SER G 339 31.41 2.44 -16.25
N GLY G 340 32.18 1.72 -17.08
CA GLY G 340 33.08 0.64 -16.67
C GLY G 340 34.04 1.06 -15.55
N ALA G 341 34.46 2.32 -15.54
CA ALA G 341 35.45 2.87 -14.59
C ALA G 341 34.90 2.87 -13.17
N THR G 342 33.57 3.00 -13.02
CA THR G 342 32.92 3.28 -11.72
C THR G 342 33.33 2.25 -10.66
N VAL G 343 33.21 0.96 -10.94
CA VAL G 343 33.50 -0.11 -9.93
C VAL G 343 34.97 -0.03 -9.49
N LEU G 344 35.86 0.42 -10.39
CA LEU G 344 37.30 0.56 -10.06
C LEU G 344 37.51 1.77 -9.13
N PHE G 345 36.76 2.85 -9.33
CA PHE G 345 36.72 3.99 -8.38
C PHE G 345 36.24 3.50 -7.01
N ILE G 346 35.25 2.62 -6.99
CA ILE G 346 34.62 2.09 -5.75
C ILE G 346 35.63 1.19 -5.03
N LEU G 347 36.38 0.34 -5.76
CA LEU G 347 37.52 -0.43 -5.19
C LEU G 347 38.46 0.52 -4.46
N ASP G 348 38.82 1.63 -5.10
CA ASP G 348 39.75 2.63 -4.51
C ASP G 348 39.12 3.20 -3.23
N GLU G 349 37.86 3.67 -3.34
CA GLU G 349 37.11 4.21 -2.18
C GLU G 349 37.07 3.17 -1.06
N MET G 350 36.83 1.89 -1.37
CA MET G 350 36.65 0.89 -0.30
C MET G 350 37.96 0.64 0.46
N ARG G 351 39.08 0.46 -0.24
CA ARG G 351 40.39 0.23 0.42
C ARG G 351 40.78 1.48 1.24
N ARG G 352 40.48 2.68 0.74
CA ARG G 352 40.90 3.96 1.39
C ARG G 352 40.07 4.16 2.66
N ARG G 353 38.75 3.99 2.55
CA ARG G 353 37.81 4.07 3.70
C ARG G 353 38.23 3.03 4.75
N SER G 354 38.58 1.84 4.30
CA SER G 354 38.97 0.72 5.19
C SER G 354 40.16 1.12 6.04
N LYS G 355 41.18 1.72 5.43
CA LYS G 355 42.38 2.17 6.19
C LYS G 355 42.02 3.31 7.12
N LYS G 356 41.23 4.27 6.63
CA LYS G 356 40.90 5.48 7.42
C LYS G 356 40.07 5.11 8.66
N GLU G 357 39.30 4.01 8.60
CA GLU G 357 38.42 3.54 9.70
C GLU G 357 39.10 2.39 10.48
N GLY G 358 40.39 2.12 10.22
CA GLY G 358 41.18 1.10 10.92
C GLY G 358 40.49 -0.26 10.91
N LYS G 359 40.01 -0.69 9.74
CA LYS G 359 39.41 -2.04 9.56
C LYS G 359 40.55 -3.04 9.39
N GLY G 360 40.29 -4.33 9.67
CA GLY G 360 41.30 -5.40 9.65
C GLY G 360 41.70 -5.82 8.24
N THR G 361 40.86 -5.50 7.24
CA THR G 361 41.11 -5.84 5.81
C THR G 361 40.79 -4.64 4.92
N THR G 362 41.22 -4.72 3.66
CA THR G 362 41.00 -3.70 2.61
C THR G 362 39.53 -3.71 2.18
N GLY G 363 38.78 -4.75 2.55
CA GLY G 363 37.37 -4.95 2.20
C GLY G 363 36.48 -4.75 3.41
N ASP G 364 36.61 -3.60 4.07
CA ASP G 364 35.70 -3.16 5.15
C ASP G 364 35.78 -4.13 6.34
N GLY G 365 36.93 -4.80 6.52
CA GLY G 365 37.16 -5.75 7.62
C GLY G 365 36.75 -7.17 7.27
N LEU G 366 36.05 -7.38 6.16
CA LEU G 366 35.59 -8.71 5.69
C LEU G 366 36.65 -9.34 4.79
N GLU G 367 36.62 -10.67 4.65
CA GLU G 367 37.61 -11.45 3.88
C GLU G 367 37.20 -11.49 2.41
N TRP G 368 35.93 -11.79 2.13
CA TRP G 368 35.39 -12.02 0.77
C TRP G 368 34.53 -10.84 0.33
N GLY G 369 34.52 -10.58 -0.96
CA GLY G 369 33.78 -9.48 -1.59
C GLY G 369 33.30 -9.87 -2.97
N VAL G 370 32.24 -9.22 -3.43
CA VAL G 370 31.73 -9.39 -4.81
C VAL G 370 31.83 -8.03 -5.49
N LEU G 371 32.33 -8.02 -6.73
CA LEU G 371 32.27 -6.86 -7.65
C LEU G 371 31.40 -7.31 -8.83
N MET G 372 30.43 -6.48 -9.21
CA MET G 372 29.46 -6.83 -10.28
C MET G 372 29.34 -5.68 -11.27
N GLY G 373 29.45 -6.00 -12.56
CA GLY G 373 29.12 -5.10 -13.66
C GLY G 373 27.78 -5.48 -14.24
N PHE G 374 26.95 -4.48 -14.54
CA PHE G 374 25.64 -4.61 -15.24
C PHE G 374 25.73 -3.78 -16.51
N GLY G 375 25.46 -4.38 -17.67
CA GLY G 375 25.57 -3.65 -18.95
C GLY G 375 24.76 -4.30 -20.06
N PRO G 376 25.03 -3.87 -21.32
CA PRO G 376 24.29 -4.39 -22.47
C PRO G 376 24.36 -5.91 -22.52
N GLY G 377 23.25 -6.56 -22.87
CA GLY G 377 23.14 -8.04 -22.93
C GLY G 377 21.71 -8.53 -22.72
N VAL G 378 21.14 -8.33 -21.53
CA VAL G 378 21.80 -7.70 -20.39
C VAL G 378 22.88 -8.64 -19.84
N THR G 379 24.06 -8.08 -19.55
CA THR G 379 25.23 -8.83 -19.06
C THR G 379 25.46 -8.53 -17.58
N VAL G 380 25.71 -9.57 -16.79
CA VAL G 380 26.20 -9.47 -15.39
C VAL G 380 27.61 -10.06 -15.34
N GLU G 381 28.60 -9.23 -15.03
CA GLU G 381 29.98 -9.66 -14.71
C GLU G 381 30.06 -9.85 -13.19
N THR G 382 30.34 -11.06 -12.72
CA THR G 382 30.48 -11.38 -11.28
C THR G 382 31.93 -11.74 -10.98
N ILE G 383 32.61 -10.89 -10.20
CA ILE G 383 34.02 -11.12 -9.75
C ILE G 383 34.04 -11.32 -8.25
N VAL G 384 34.56 -12.46 -7.80
CA VAL G 384 34.81 -12.75 -6.35
C VAL G 384 36.19 -12.19 -6.01
N LEU G 385 36.21 -11.24 -5.07
CA LEU G 385 37.44 -10.57 -4.58
C LEU G 385 37.77 -11.11 -3.19
N ARG G 386 39.05 -11.23 -2.89
CA ARG G 386 39.56 -11.49 -1.55
C ARG G 386 40.31 -10.24 -1.06
N ALA G 387 39.89 -9.70 0.08
CA ALA G 387 40.56 -8.57 0.75
C ALA G 387 41.90 -9.05 1.36
N ILE G 388 42.78 -8.10 1.65
CA ILE G 388 44.13 -8.35 2.24
C ILE G 388 44.11 -7.80 3.67
N SER G 389 44.79 -8.47 4.60
CA SER G 389 44.93 -8.06 6.02
C SER G 389 45.78 -6.79 6.12
N VAL G 390 45.20 -5.74 6.71
CA VAL G 390 45.86 -4.45 7.07
C VAL G 390 46.36 -4.58 8.52
N VAL G 391 47.47 -3.95 8.86
CA VAL G 391 48.09 -3.99 10.23
C VAL G 391 48.59 -2.59 10.59
N ARG H 13 -39.75 34.83 -0.13
CA ARG H 13 -39.82 33.69 -1.12
C ARG H 13 -40.91 34.00 -2.16
N PRO H 14 -40.72 33.61 -3.44
CA PRO H 14 -41.74 33.81 -4.47
C PRO H 14 -42.94 32.86 -4.25
N HIS H 15 -44.14 33.30 -4.65
CA HIS H 15 -45.41 32.54 -4.50
C HIS H 15 -45.37 31.25 -5.32
N GLY H 16 -44.84 31.33 -6.55
CA GLY H 16 -45.12 30.37 -7.64
C GLY H 16 -44.04 29.31 -7.79
N LEU H 17 -44.22 28.44 -8.79
CA LEU H 17 -43.30 27.32 -9.12
C LEU H 17 -42.14 27.85 -9.95
N ALA H 18 -40.97 27.22 -9.80
CA ALA H 18 -39.78 27.45 -10.64
C ALA H 18 -40.15 27.10 -12.08
N SER H 19 -39.98 28.05 -13.00
CA SER H 19 -40.42 27.94 -14.41
C SER H 19 -39.22 28.04 -15.35
N ILE H 20 -39.14 27.15 -16.33
CA ILE H 20 -38.20 27.25 -17.47
C ILE H 20 -38.70 28.38 -18.36
N LEU H 21 -37.90 29.44 -18.52
CA LEU H 21 -38.29 30.69 -19.21
C LEU H 21 -37.67 30.76 -20.61
N ALA H 22 -36.66 29.93 -20.89
CA ALA H 22 -35.91 29.93 -22.17
C ALA H 22 -35.08 28.66 -22.26
N ILE H 23 -34.90 28.13 -23.47
CA ILE H 23 -34.05 26.94 -23.72
C ILE H 23 -33.19 27.20 -24.96
N GLY H 24 -31.87 27.13 -24.78
CA GLY H 24 -30.90 27.20 -25.89
C GLY H 24 -30.11 25.92 -25.97
N THR H 25 -29.71 25.53 -27.18
CA THR H 25 -28.88 24.34 -27.42
C THR H 25 -27.77 24.68 -28.40
N ALA H 26 -26.70 23.89 -28.38
CA ALA H 26 -25.55 24.02 -29.28
C ALA H 26 -24.90 22.64 -29.41
N ASN H 27 -24.26 22.39 -30.56
CA ASN H 27 -23.51 21.13 -30.81
C ASN H 27 -22.20 21.51 -31.49
N PRO H 28 -21.14 20.69 -31.36
CA PRO H 28 -19.95 20.84 -32.20
C PRO H 28 -20.36 20.93 -33.68
N SER H 29 -19.60 21.68 -34.48
CA SER H 29 -19.97 21.99 -35.88
C SER H 29 -19.78 20.77 -36.78
N ASN H 30 -18.96 19.78 -36.37
CA ASN H 30 -18.67 18.57 -37.18
C ASN H 30 -19.76 17.51 -36.99
N CYS H 31 -20.38 17.10 -38.10
CA CYS H 31 -21.55 16.18 -38.14
C CYS H 31 -21.11 14.83 -38.70
N PHE H 32 -21.42 13.73 -38.01
CA PHE H 32 -21.07 12.35 -38.41
C PHE H 32 -22.34 11.53 -38.67
N ASN H 33 -22.56 11.19 -39.93
CA ASN H 33 -23.67 10.32 -40.37
C ASN H 33 -23.38 8.90 -39.89
N GLN H 34 -24.37 8.23 -39.30
CA GLN H 34 -24.22 6.89 -38.70
C GLN H 34 -23.84 5.88 -39.79
N ASP H 35 -24.37 6.02 -41.00
CA ASP H 35 -24.09 5.08 -42.12
C ASP H 35 -22.57 5.00 -42.36
N GLU H 36 -21.85 6.12 -42.25
CA GLU H 36 -20.39 6.20 -42.54
C GLU H 36 -19.53 6.02 -41.27
N PHE H 37 -20.13 5.92 -40.09
CA PHE H 37 -19.39 6.03 -38.81
C PHE H 37 -18.56 4.78 -38.54
N PRO H 38 -19.07 3.54 -38.76
CA PRO H 38 -18.23 2.36 -38.58
C PRO H 38 -16.94 2.39 -39.37
N ASP H 39 -17.01 2.81 -40.64
CA ASP H 39 -15.86 2.92 -41.56
C ASP H 39 -14.92 3.98 -41.01
N TYR H 40 -15.45 5.16 -40.65
CA TYR H 40 -14.67 6.32 -40.14
C TYR H 40 -13.96 5.94 -38.85
N SER H 41 -14.71 5.48 -37.84
CA SER H 41 -14.20 5.24 -36.46
C SER H 41 -13.12 4.15 -36.50
N PHE H 42 -13.33 3.07 -37.25
CA PHE H 42 -12.37 1.94 -37.30
C PHE H 42 -11.13 2.32 -38.11
N ARG H 43 -11.22 3.33 -38.99
CA ARG H 43 -10.05 3.79 -39.78
C ARG H 43 -9.17 4.71 -38.92
N VAL H 44 -9.75 5.69 -38.24
CA VAL H 44 -8.99 6.72 -37.46
C VAL H 44 -8.46 6.09 -36.17
N THR H 45 -9.02 4.97 -35.71
CA THR H 45 -8.49 4.19 -34.55
C THR H 45 -7.60 3.04 -35.04
N LYS H 46 -7.28 3.01 -36.35
CA LYS H 46 -6.31 2.05 -36.95
C LYS H 46 -6.67 0.62 -36.55
N SER H 47 -7.93 0.25 -36.75
CA SER H 47 -8.55 -1.02 -36.27
C SER H 47 -9.25 -1.79 -37.39
N GLU H 48 -8.82 -1.59 -38.64
CA GLU H 48 -9.46 -2.26 -39.80
C GLU H 48 -9.20 -3.77 -39.77
N HIS H 49 -8.19 -4.23 -39.01
CA HIS H 49 -7.84 -5.66 -38.89
C HIS H 49 -8.79 -6.39 -37.93
N LEU H 50 -9.60 -5.64 -37.16
CA LEU H 50 -10.61 -6.22 -36.25
C LEU H 50 -11.92 -6.38 -37.02
N THR H 51 -11.90 -7.19 -38.06
CA THR H 51 -12.95 -7.31 -39.12
C THR H 51 -14.25 -7.81 -38.47
N SER H 52 -14.12 -8.83 -37.63
CA SER H 52 -15.22 -9.45 -36.86
C SER H 52 -15.87 -8.38 -35.96
N LEU H 53 -15.07 -7.60 -35.25
CA LEU H 53 -15.53 -6.53 -34.33
C LEU H 53 -16.15 -5.36 -35.09
N LYS H 54 -15.61 -5.01 -36.26
CA LYS H 54 -16.15 -3.92 -37.13
C LYS H 54 -17.57 -4.32 -37.59
N ASP H 55 -17.76 -5.60 -37.93
CA ASP H 55 -19.06 -6.18 -38.34
C ASP H 55 -20.06 -6.00 -37.18
N LYS H 56 -19.65 -6.38 -35.97
CA LYS H 56 -20.46 -6.26 -34.73
C LYS H 56 -20.86 -4.80 -34.55
N PHE H 57 -19.96 -3.86 -34.83
CA PHE H 57 -20.17 -2.41 -34.62
C PHE H 57 -21.15 -1.86 -35.67
N LYS H 58 -21.07 -2.32 -36.92
CA LYS H 58 -22.00 -1.92 -37.99
C LYS H 58 -23.43 -2.28 -37.56
N ARG H 59 -23.61 -3.50 -37.06
CA ARG H 59 -24.91 -4.03 -36.57
C ARG H 59 -25.40 -3.14 -35.42
N ILE H 60 -24.52 -2.81 -34.48
CA ILE H 60 -24.84 -1.92 -33.32
C ILE H 60 -25.35 -0.59 -33.87
N CYS H 61 -24.66 -0.02 -34.86
CA CYS H 61 -25.01 1.30 -35.46
C CYS H 61 -26.36 1.20 -36.19
N GLU H 62 -26.65 0.09 -36.87
CA GLU H 62 -27.92 -0.06 -37.64
C GLU H 62 -29.12 -0.29 -36.72
N ARG H 63 -28.91 -0.77 -35.49
CA ARG H 63 -30.00 -0.94 -34.50
C ARG H 63 -30.09 0.28 -33.56
N SER H 64 -29.14 1.21 -33.63
CA SER H 64 -29.01 2.34 -32.65
C SER H 64 -30.20 3.29 -32.76
N THR H 65 -30.81 3.39 -33.95
CA THR H 65 -31.83 4.41 -34.35
C THR H 65 -31.20 5.80 -34.35
N VAL H 66 -29.87 5.89 -34.27
CA VAL H 66 -29.12 7.17 -34.37
C VAL H 66 -28.74 7.36 -35.84
N ARG H 67 -29.13 8.49 -36.43
CA ARG H 67 -28.90 8.81 -37.86
C ARG H 67 -27.69 9.72 -37.99
N LYS H 68 -27.60 10.75 -37.14
CA LYS H 68 -26.44 11.68 -37.07
C LYS H 68 -26.04 11.91 -35.61
N ARG H 69 -24.79 12.31 -35.41
CA ARG H 69 -24.28 12.88 -34.13
C ARG H 69 -23.33 14.01 -34.48
N TYR H 70 -23.19 14.97 -33.55
CA TYR H 70 -22.17 16.02 -33.61
C TYR H 70 -21.07 15.66 -32.61
N LEU H 71 -19.84 15.63 -33.07
CA LEU H 71 -18.66 15.29 -32.23
C LEU H 71 -17.62 16.38 -32.36
N HIS H 72 -17.03 16.79 -31.25
CA HIS H 72 -15.85 17.69 -31.24
C HIS H 72 -14.62 16.95 -31.78
N LEU H 73 -14.43 15.67 -31.41
CA LEU H 73 -13.29 14.84 -31.89
C LEU H 73 -13.37 14.68 -33.41
N THR H 74 -12.45 15.31 -34.14
CA THR H 74 -12.25 15.16 -35.59
C THR H 74 -11.01 14.31 -35.85
N GLU H 75 -10.73 13.95 -37.08
CA GLU H 75 -9.54 13.15 -37.45
C GLU H 75 -8.26 13.94 -37.18
N GLU H 76 -8.32 15.27 -37.32
CA GLU H 76 -7.14 16.13 -37.12
C GLU H 76 -6.80 16.20 -35.64
N LEU H 77 -7.82 16.21 -34.78
CA LEU H 77 -7.58 16.24 -33.32
C LEU H 77 -6.98 14.91 -32.88
N LEU H 78 -7.39 13.82 -33.51
CA LEU H 78 -6.84 12.47 -33.21
C LEU H 78 -5.41 12.37 -33.74
N GLN H 79 -5.09 13.07 -34.82
CA GLN H 79 -3.73 13.13 -35.43
C GLN H 79 -2.82 13.94 -34.50
N GLU H 80 -3.37 14.98 -33.85
CA GLU H 80 -2.62 15.85 -32.90
C GLU H 80 -2.51 15.16 -31.53
N TYR H 81 -3.46 14.28 -31.19
CA TYR H 81 -3.52 13.56 -29.89
C TYR H 81 -3.73 12.07 -30.14
N PRO H 82 -2.75 11.36 -30.74
CA PRO H 82 -2.97 9.97 -31.16
C PRO H 82 -3.24 9.01 -29.99
N SER H 83 -2.92 9.39 -28.75
CA SER H 83 -3.21 8.58 -27.53
C SER H 83 -4.72 8.35 -27.40
N ILE H 84 -5.54 9.33 -27.79
CA ILE H 84 -7.03 9.26 -27.68
C ILE H 84 -7.57 8.17 -28.63
N ALA H 85 -6.89 7.92 -29.76
CA ALA H 85 -7.31 6.96 -30.80
C ALA H 85 -7.00 5.51 -30.38
N THR H 86 -6.17 5.30 -29.36
CA THR H 86 -5.87 3.94 -28.84
C THR H 86 -7.00 3.50 -27.90
N TYR H 87 -6.95 2.26 -27.41
CA TYR H 87 -7.93 1.73 -26.44
C TYR H 87 -7.55 2.17 -25.03
N ASP H 88 -6.26 2.10 -24.72
CA ASP H 88 -5.74 1.76 -23.37
C ASP H 88 -4.67 2.76 -22.93
N ALA H 89 -4.02 3.47 -23.86
CA ALA H 89 -2.79 4.25 -23.61
C ALA H 89 -3.12 5.48 -22.75
N PRO H 90 -2.16 5.96 -21.93
CA PRO H 90 -2.34 7.19 -21.17
C PRO H 90 -2.79 8.33 -22.11
N SER H 91 -3.96 8.91 -21.84
CA SER H 91 -4.59 9.92 -22.73
C SER H 91 -5.30 11.03 -21.95
N LEU H 92 -5.38 10.94 -20.62
CA LEU H 92 -6.23 11.88 -19.83
C LEU H 92 -5.72 13.32 -20.01
N ASP H 93 -4.40 13.52 -20.01
CA ASP H 93 -3.80 14.89 -20.12
C ASP H 93 -4.28 15.54 -21.42
N ALA H 94 -4.20 14.80 -22.54
CA ALA H 94 -4.66 15.25 -23.88
C ALA H 94 -6.15 15.59 -23.81
N ARG H 95 -6.97 14.65 -23.33
CA ARG H 95 -8.45 14.82 -23.24
C ARG H 95 -8.77 16.07 -22.42
N GLN H 96 -8.13 16.22 -21.24
CA GLN H 96 -8.34 17.35 -20.32
C GLN H 96 -7.98 18.67 -21.03
N GLU H 97 -6.87 18.70 -21.76
CA GLU H 97 -6.38 19.89 -22.49
C GLU H 97 -7.46 20.36 -23.47
N ILE H 98 -8.13 19.41 -24.13
CA ILE H 98 -9.21 19.71 -25.14
C ILE H 98 -10.46 20.20 -24.39
N GLU H 99 -10.86 19.54 -23.32
CA GLU H 99 -12.23 19.67 -22.75
C GLU H 99 -12.34 20.88 -21.81
N VAL H 100 -11.29 21.21 -21.06
CA VAL H 100 -11.31 22.40 -20.16
C VAL H 100 -11.51 23.65 -21.02
N ALA H 101 -11.04 23.64 -22.26
CA ALA H 101 -11.26 24.73 -23.26
C ALA H 101 -12.67 24.62 -23.86
N GLU H 102 -13.06 23.43 -24.31
CA GLU H 102 -14.21 23.26 -25.25
C GLU H 102 -15.54 23.15 -24.50
N VAL H 103 -15.58 22.51 -23.33
CA VAL H 103 -16.83 22.34 -22.54
C VAL H 103 -17.42 23.72 -22.25
N PRO H 104 -16.63 24.72 -21.74
CA PRO H 104 -17.17 26.05 -21.50
C PRO H 104 -17.61 26.77 -22.78
N LYS H 105 -16.88 26.58 -23.89
CA LYS H 105 -17.15 27.29 -25.17
C LYS H 105 -18.50 26.84 -25.72
N LEU H 106 -18.75 25.53 -25.74
CA LEU H 106 -20.03 24.96 -26.21
C LEU H 106 -21.14 25.39 -25.25
N ALA H 107 -20.87 25.38 -23.94
CA ALA H 107 -21.80 25.83 -22.89
C ALA H 107 -22.19 27.29 -23.17
N ALA H 108 -21.22 28.12 -23.54
CA ALA H 108 -21.41 29.57 -23.78
C ALA H 108 -22.35 29.76 -24.98
N ARG H 109 -22.18 28.93 -26.03
CA ARG H 109 -23.01 29.01 -27.27
CA ARG H 109 -23.01 29.03 -27.25
C ARG H 109 -24.47 28.74 -26.90
N ALA H 110 -24.71 27.66 -26.15
CA ALA H 110 -26.05 27.26 -25.68
C ALA H 110 -26.62 28.33 -24.73
N ALA H 111 -25.82 28.84 -23.80
CA ALA H 111 -26.27 29.85 -22.82
C ALA H 111 -26.65 31.15 -23.54
N SER H 112 -25.87 31.54 -24.56
CA SER H 112 -26.12 32.76 -25.39
C SER H 112 -27.50 32.66 -26.04
N ARG H 113 -27.82 31.52 -26.63
CA ARG H 113 -29.11 31.22 -27.30
C ARG H 113 -30.24 31.35 -26.26
N ALA H 114 -30.04 30.77 -25.06
CA ALA H 114 -31.01 30.77 -23.96
C ALA H 114 -31.24 32.21 -23.49
N ILE H 115 -30.16 32.97 -23.29
CA ILE H 115 -30.24 34.37 -22.78
C ILE H 115 -30.91 35.27 -23.83
N GLU H 116 -30.68 35.02 -25.12
CA GLU H 116 -31.27 35.83 -26.22
C GLU H 116 -32.78 35.59 -26.27
N GLU H 117 -33.22 34.33 -26.19
CA GLU H 117 -34.67 33.98 -26.15
C GLU H 117 -35.29 34.61 -24.91
N TRP H 118 -34.66 34.45 -23.74
CA TRP H 118 -35.09 35.04 -22.45
C TRP H 118 -35.33 36.54 -22.65
N GLY H 119 -34.37 37.23 -23.28
CA GLY H 119 -34.48 38.64 -23.69
C GLY H 119 -34.05 39.61 -22.61
N GLN H 120 -33.68 39.13 -21.43
CA GLN H 120 -33.29 39.97 -20.28
C GLN H 120 -31.77 40.11 -20.22
N PRO H 121 -31.24 41.13 -19.52
CA PRO H 121 -29.79 41.32 -19.40
C PRO H 121 -29.13 40.27 -18.49
N LYS H 122 -27.88 39.90 -18.83
CA LYS H 122 -27.01 38.98 -18.06
C LYS H 122 -26.88 39.42 -16.59
N ASN H 123 -26.90 40.74 -16.33
CA ASN H 123 -26.94 41.36 -14.98
C ASN H 123 -27.84 40.60 -14.01
N LYS H 124 -28.98 40.13 -14.51
CA LYS H 124 -30.11 39.61 -13.69
C LYS H 124 -30.01 38.11 -13.46
N ILE H 125 -29.01 37.44 -14.05
CA ILE H 125 -28.66 36.03 -13.72
C ILE H 125 -27.93 36.03 -12.37
N THR H 126 -28.48 35.33 -11.37
CA THR H 126 -28.01 35.31 -9.96
C THR H 126 -27.36 33.97 -9.62
N HIS H 127 -27.74 32.89 -10.30
CA HIS H 127 -27.24 31.51 -10.05
C HIS H 127 -26.83 30.86 -11.38
N LEU H 128 -25.80 30.02 -11.33
CA LEU H 128 -25.35 29.17 -12.45
C LEU H 128 -25.20 27.73 -11.94
N ILE H 129 -26.00 26.82 -12.48
CA ILE H 129 -25.80 25.35 -12.31
C ILE H 129 -25.19 24.82 -13.60
N PHE H 130 -24.00 24.22 -13.50
CA PHE H 130 -23.24 23.71 -14.65
C PHE H 130 -22.90 22.24 -14.37
N SER H 131 -23.44 21.35 -15.22
CA SER H 131 -23.16 19.90 -15.22
C SER H 131 -22.26 19.57 -16.42
N SER H 132 -21.10 18.96 -16.18
CA SER H 132 -20.20 18.43 -17.24
C SER H 132 -19.59 17.11 -16.79
N THR H 133 -19.54 16.13 -17.68
CA THR H 133 -18.76 14.88 -17.50
C THR H 133 -17.27 15.24 -17.49
N SER H 134 -16.86 16.17 -18.35
CA SER H 134 -15.47 16.42 -18.81
C SER H 134 -14.87 17.67 -18.18
N GLY H 135 -13.55 17.86 -18.36
CA GLY H 135 -12.81 19.08 -18.02
C GLY H 135 -12.76 19.30 -16.52
N ILE H 136 -12.41 18.26 -15.74
CA ILE H 136 -12.32 18.39 -14.26
C ILE H 136 -11.04 19.18 -13.94
N GLU H 137 -11.22 20.38 -13.39
CA GLU H 137 -10.13 21.36 -13.20
C GLU H 137 -10.59 22.35 -12.12
N LYS H 138 -9.63 22.99 -11.48
CA LYS H 138 -9.84 24.11 -10.52
C LYS H 138 -9.05 25.30 -11.02
N PRO H 139 -9.66 26.49 -11.22
CA PRO H 139 -11.10 26.66 -11.13
C PRO H 139 -11.84 25.89 -12.23
N GLY H 140 -13.11 25.61 -12.01
CA GLY H 140 -13.93 24.73 -12.86
C GLY H 140 -14.44 25.43 -14.09
N VAL H 141 -15.03 24.65 -15.01
CA VAL H 141 -15.65 25.13 -16.27
C VAL H 141 -16.79 26.11 -15.95
N ASP H 142 -17.39 26.04 -14.76
CA ASP H 142 -18.39 27.03 -14.29
C ASP H 142 -17.76 28.43 -14.26
N CYS H 143 -16.54 28.56 -13.71
CA CYS H 143 -15.80 29.85 -13.66
C CYS H 143 -15.42 30.27 -15.07
N HIS H 144 -14.93 29.35 -15.89
CA HIS H 144 -14.56 29.62 -17.31
C HIS H 144 -15.78 30.20 -18.02
N LEU H 145 -16.96 29.62 -17.80
CA LEU H 145 -18.21 30.05 -18.45
C LEU H 145 -18.54 31.47 -17.99
N VAL H 146 -18.37 31.79 -16.71
CA VAL H 146 -18.67 33.15 -16.18
C VAL H 146 -17.85 34.18 -16.99
N HIS H 147 -16.57 33.90 -17.23
CA HIS H 147 -15.67 34.86 -17.92
C HIS H 147 -16.00 34.89 -19.42
N LEU H 148 -16.35 33.75 -20.03
CA LEU H 148 -16.71 33.68 -21.48
C LEU H 148 -18.00 34.47 -21.73
N LEU H 149 -19.01 34.35 -20.88
CA LEU H 149 -20.33 35.01 -21.08
C LEU H 149 -20.32 36.43 -20.54
N GLY H 150 -19.33 36.78 -19.71
CA GLY H 150 -19.34 38.04 -18.95
C GLY H 150 -20.52 38.07 -17.99
N LEU H 151 -20.79 36.96 -17.29
CA LEU H 151 -21.80 36.89 -16.21
C LEU H 151 -21.30 37.70 -15.02
N PRO H 152 -22.20 38.15 -14.11
CA PRO H 152 -21.76 38.85 -12.90
C PRO H 152 -20.81 37.95 -12.11
N LEU H 153 -19.75 38.53 -11.54
CA LEU H 153 -18.75 37.79 -10.73
C LEU H 153 -19.39 37.30 -9.42
N SER H 154 -20.54 37.86 -9.04
CA SER H 154 -21.30 37.52 -7.80
C SER H 154 -22.27 36.36 -8.03
N VAL H 155 -22.29 35.78 -9.22
CA VAL H 155 -23.24 34.66 -9.54
C VAL H 155 -22.90 33.47 -8.64
N ASN H 156 -23.92 32.89 -8.02
CA ASN H 156 -23.84 31.68 -7.14
C ASN H 156 -23.74 30.44 -8.01
N ARG H 157 -22.60 29.74 -7.93
CA ARG H 157 -22.28 28.61 -8.85
C ARG H 157 -22.48 27.27 -8.14
N VAL H 158 -23.07 26.30 -8.85
CA VAL H 158 -23.08 24.87 -8.48
C VAL H 158 -22.45 24.10 -9.64
N MET H 159 -21.23 23.60 -9.45
CA MET H 159 -20.45 22.85 -10.47
C MET H 159 -20.59 21.35 -10.18
N LEU H 160 -21.33 20.65 -11.03
CA LEU H 160 -21.55 19.19 -10.90
C LEU H 160 -20.71 18.45 -11.93
N TYR H 161 -19.62 17.85 -11.49
CA TYR H 161 -18.73 17.12 -12.40
C TYR H 161 -18.97 15.62 -12.34
N THR H 162 -19.01 14.95 -13.49
CA THR H 162 -19.05 13.46 -13.58
C THR H 162 -20.23 12.83 -12.85
N ILE H 163 -21.46 13.23 -13.18
CA ILE H 163 -22.69 12.73 -12.50
C ILE H 163 -23.20 11.56 -13.32
N GLY H 164 -23.27 11.79 -14.62
CA GLY H 164 -23.71 10.76 -15.56
C GLY H 164 -24.88 11.19 -16.42
N CYS H 165 -25.64 10.23 -16.90
CA CYS H 165 -26.73 10.53 -17.85
C CYS H 165 -28.01 10.95 -17.14
N HIS H 166 -28.03 10.98 -15.80
CA HIS H 166 -29.26 11.50 -15.14
C HIS H 166 -29.12 12.99 -14.79
N ALA H 167 -28.00 13.63 -15.14
CA ALA H 167 -27.65 15.02 -14.74
C ALA H 167 -28.73 16.01 -15.21
N GLY H 168 -29.41 15.74 -16.32
CA GLY H 168 -30.51 16.57 -16.82
C GLY H 168 -31.57 16.75 -15.76
N GLY H 169 -31.95 15.66 -15.09
CA GLY H 169 -32.91 15.68 -13.97
C GLY H 169 -32.31 16.33 -12.73
N THR H 170 -31.04 16.06 -12.46
CA THR H 170 -30.31 16.60 -11.28
C THR H 170 -30.33 18.13 -11.30
N VAL H 171 -29.96 18.75 -12.42
CA VAL H 171 -29.83 20.24 -12.52
C VAL H 171 -31.22 20.88 -12.39
N LEU H 172 -32.26 20.25 -12.92
CA LEU H 172 -33.66 20.75 -12.78
C LEU H 172 -34.10 20.64 -11.31
N ARG H 173 -33.72 19.56 -10.63
CA ARG H 173 -34.07 19.35 -9.20
C ARG H 173 -33.44 20.46 -8.36
N ILE H 174 -32.18 20.78 -8.62
CA ILE H 174 -31.40 21.78 -7.84
C ILE H 174 -31.91 23.19 -8.22
N ALA H 175 -32.14 23.43 -9.51
CA ALA H 175 -32.62 24.73 -10.03
C ALA H 175 -33.94 25.09 -9.36
N LYS H 176 -34.82 24.11 -9.15
CA LYS H 176 -36.15 24.35 -8.53
C LYS H 176 -35.96 25.01 -7.15
N ASP H 177 -35.11 24.42 -6.30
CA ASP H 177 -34.94 24.86 -4.89
C ASP H 177 -34.20 26.21 -4.88
N LEU H 178 -33.23 26.42 -5.75
CA LEU H 178 -32.49 27.71 -5.84
C LEU H 178 -33.45 28.81 -6.30
N ALA H 179 -34.21 28.57 -7.37
CA ALA H 179 -35.16 29.55 -7.94
C ALA H 179 -36.24 29.89 -6.92
N GLU H 180 -36.75 28.90 -6.19
CA GLU H 180 -37.97 29.04 -5.36
C GLU H 180 -37.61 29.61 -3.98
N ASN H 181 -36.36 29.56 -3.56
CA ASN H 181 -35.95 30.01 -2.21
C ASN H 181 -35.34 31.43 -2.24
N ASN H 182 -35.08 31.98 -3.42
CA ASN H 182 -34.40 33.30 -3.58
C ASN H 182 -35.27 34.20 -4.47
N VAL H 183 -35.96 35.16 -3.86
CA VAL H 183 -36.92 36.05 -4.57
C VAL H 183 -36.13 36.84 -5.63
N GLY H 184 -36.65 36.86 -6.86
CA GLY H 184 -36.03 37.60 -7.98
C GLY H 184 -34.91 36.84 -8.65
N SER H 185 -34.55 35.64 -8.14
CA SER H 185 -33.40 34.86 -8.64
C SER H 185 -33.71 34.34 -10.05
N ARG H 186 -32.68 34.32 -10.91
CA ARG H 186 -32.77 33.74 -12.27
C ARG H 186 -31.59 32.78 -12.45
N VAL H 187 -31.88 31.49 -12.65
CA VAL H 187 -30.88 30.40 -12.64
C VAL H 187 -30.54 30.07 -14.09
N LEU H 188 -29.30 30.34 -14.51
CA LEU H 188 -28.74 29.78 -15.75
C LEU H 188 -28.34 28.32 -15.44
N VAL H 189 -29.00 27.37 -16.10
CA VAL H 189 -28.68 25.92 -15.99
C VAL H 189 -28.01 25.52 -17.29
N VAL H 190 -26.88 24.80 -17.21
CA VAL H 190 -26.12 24.35 -18.41
C VAL H 190 -25.70 22.90 -18.20
N CYS H 191 -26.02 22.05 -19.17
CA CYS H 191 -25.40 20.70 -19.35
C CYS H 191 -24.56 20.75 -20.63
N SER H 192 -23.26 20.54 -20.51
CA SER H 192 -22.32 20.60 -21.65
C SER H 192 -21.54 19.30 -21.70
N GLU H 193 -21.84 18.48 -22.70
CA GLU H 193 -21.37 17.08 -22.78
C GLU H 193 -20.58 16.89 -24.08
N LEU H 194 -19.27 16.64 -23.95
CA LEU H 194 -18.41 16.14 -25.03
C LEU H 194 -18.02 14.70 -24.71
N THR H 195 -17.85 13.88 -25.74
CA THR H 195 -17.42 12.46 -25.63
C THR H 195 -15.89 12.37 -25.75
N VAL H 196 -15.17 13.50 -25.70
CA VAL H 196 -13.69 13.53 -25.82
C VAL H 196 -13.08 12.70 -24.67
N MET H 197 -13.71 12.69 -23.49
CA MET H 197 -13.14 12.04 -22.29
C MET H 197 -13.29 10.51 -22.35
N THR H 198 -14.29 10.00 -23.08
CA THR H 198 -14.66 8.56 -23.08
C THR H 198 -14.30 7.89 -24.41
N PHE H 199 -14.10 8.64 -25.49
CA PHE H 199 -13.84 8.06 -26.83
C PHE H 199 -12.54 7.28 -26.81
N ARG H 200 -12.56 6.02 -27.27
CA ARG H 200 -11.36 5.18 -27.39
C ARG H 200 -11.53 4.20 -28.55
N GLY H 201 -10.42 3.63 -29.00
CA GLY H 201 -10.37 2.57 -30.02
C GLY H 201 -11.17 1.36 -29.59
N PRO H 202 -11.67 0.55 -30.55
CA PRO H 202 -12.49 -0.62 -30.22
C PRO H 202 -11.63 -1.79 -29.74
N SER H 203 -12.18 -2.63 -28.87
CA SER H 203 -11.57 -3.89 -28.37
C SER H 203 -12.61 -5.00 -28.26
N GLU H 204 -12.20 -6.24 -28.54
CA GLU H 204 -13.08 -7.42 -28.45
C GLU H 204 -13.39 -7.71 -26.98
N THR H 205 -12.65 -7.09 -26.05
CA THR H 205 -12.81 -7.29 -24.58
C THR H 205 -13.87 -6.35 -24.01
N ASP H 206 -14.48 -5.46 -24.80
CA ASP H 206 -15.24 -4.28 -24.29
C ASP H 206 -16.42 -3.94 -25.22
N LEU H 207 -17.52 -4.68 -25.08
CA LEU H 207 -18.80 -4.46 -25.82
C LEU H 207 -19.40 -3.11 -25.39
N ALA H 208 -19.38 -2.79 -24.08
CA ALA H 208 -20.01 -1.58 -23.54
C ALA H 208 -19.48 -0.36 -24.29
N ASN H 209 -18.18 -0.34 -24.61
CA ASN H 209 -17.53 0.81 -25.26
C ASN H 209 -17.83 0.84 -26.77
N LEU H 210 -18.05 -0.32 -27.41
CA LEU H 210 -18.59 -0.37 -28.79
C LEU H 210 -19.97 0.29 -28.82
N ILE H 211 -20.88 -0.13 -27.94
CA ILE H 211 -22.24 0.47 -27.83
C ILE H 211 -22.05 1.99 -27.66
N ARG H 212 -21.23 2.40 -26.70
CA ARG H 212 -21.02 3.83 -26.36
C ARG H 212 -20.58 4.59 -27.61
N MET H 213 -19.61 4.07 -28.36
CA MET H 213 -19.03 4.78 -29.54
C MET H 213 -20.06 4.82 -30.68
N GLY H 214 -21.13 4.02 -30.59
CA GLY H 214 -22.25 4.02 -31.54
C GLY H 214 -23.35 5.01 -31.17
N ILE H 215 -23.65 5.19 -29.88
CA ILE H 215 -24.89 5.86 -29.39
C ILE H 215 -24.61 7.33 -29.01
N PHE H 216 -23.50 7.59 -28.34
CA PHE H 216 -23.24 8.87 -27.63
C PHE H 216 -22.70 9.94 -28.58
N GLY H 217 -23.32 11.12 -28.51
CA GLY H 217 -22.90 12.33 -29.26
C GLY H 217 -22.68 13.51 -28.32
N ASP H 218 -22.17 14.61 -28.86
CA ASP H 218 -21.83 15.84 -28.11
C ASP H 218 -22.98 16.83 -28.25
N GLY H 219 -23.15 17.66 -27.23
CA GLY H 219 -24.16 18.73 -27.20
C GLY H 219 -24.16 19.47 -25.88
N ALA H 220 -24.66 20.69 -25.89
CA ALA H 220 -24.87 21.52 -24.69
C ALA H 220 -26.28 22.11 -24.76
N ALA H 221 -27.00 22.08 -23.64
CA ALA H 221 -28.33 22.69 -23.50
C ALA H 221 -28.28 23.63 -22.30
N ALA H 222 -28.77 24.85 -22.47
CA ALA H 222 -28.85 25.87 -21.41
C ALA H 222 -30.31 26.29 -21.24
N LEU H 223 -30.73 26.56 -20.02
CA LEU H 223 -32.07 27.14 -19.81
C LEU H 223 -32.04 28.13 -18.65
N ILE H 224 -32.98 29.06 -18.66
CA ILE H 224 -33.19 30.09 -17.60
C ILE H 224 -34.39 29.64 -16.76
N ILE H 225 -34.20 29.40 -15.47
CA ILE H 225 -35.30 29.09 -14.52
C ILE H 225 -35.47 30.30 -13.59
N GLY H 226 -36.72 30.69 -13.37
CA GLY H 226 -37.12 31.62 -12.31
C GLY H 226 -38.51 31.30 -11.82
N ALA H 227 -38.78 31.54 -10.54
CA ALA H 227 -40.14 31.54 -9.98
C ALA H 227 -40.73 32.95 -10.16
N ASP H 228 -42.05 33.04 -10.22
CA ASP H 228 -42.79 34.35 -10.33
C ASP H 228 -42.19 35.16 -11.47
N PRO H 229 -42.26 34.68 -12.72
CA PRO H 229 -41.77 35.47 -13.86
C PRO H 229 -42.66 36.72 -14.00
N ASP H 230 -42.12 37.79 -14.55
CA ASP H 230 -42.88 38.99 -14.99
C ASP H 230 -43.45 38.68 -16.37
N LEU H 231 -44.76 38.40 -16.44
CA LEU H 231 -45.41 37.88 -17.68
C LEU H 231 -45.47 38.97 -18.76
N SER H 232 -45.16 40.22 -18.43
CA SER H 232 -45.03 41.32 -19.42
C SER H 232 -43.77 41.12 -20.29
N ILE H 233 -42.74 40.40 -19.79
CA ILE H 233 -41.42 40.29 -20.48
C ILE H 233 -40.90 38.84 -20.49
N GLU H 234 -41.38 37.97 -19.60
CA GLU H 234 -40.88 36.58 -19.47
C GLU H 234 -42.01 35.60 -19.77
N LYS H 235 -41.70 34.51 -20.48
CA LYS H 235 -42.70 33.54 -21.00
C LYS H 235 -42.39 32.15 -20.45
N PRO H 236 -43.09 31.68 -19.41
CA PRO H 236 -42.85 30.34 -18.89
C PRO H 236 -43.16 29.32 -20.01
N ILE H 237 -42.32 28.30 -20.14
CA ILE H 237 -42.48 27.18 -21.12
C ILE H 237 -42.99 25.95 -20.37
N PHE H 238 -42.37 25.64 -19.22
CA PHE H 238 -42.73 24.54 -18.31
C PHE H 238 -42.52 25.00 -16.88
N GLU H 239 -43.35 24.49 -15.97
CA GLU H 239 -43.18 24.67 -14.50
C GLU H 239 -42.63 23.36 -13.95
N ILE H 240 -41.63 23.43 -13.07
CA ILE H 240 -41.07 22.25 -12.36
C ILE H 240 -41.90 22.07 -11.09
N PHE H 241 -42.90 21.19 -11.15
CA PHE H 241 -43.88 20.99 -10.04
C PHE H 241 -43.17 20.27 -8.89
N SER H 242 -42.48 19.17 -9.16
CA SER H 242 -41.77 18.37 -8.11
C SER H 242 -40.55 17.68 -8.72
N ALA H 243 -39.60 17.31 -7.89
CA ALA H 243 -38.33 16.67 -8.30
C ALA H 243 -37.91 15.67 -7.22
N SER H 244 -37.79 14.40 -7.59
CA SER H 244 -37.34 13.29 -6.71
C SER H 244 -36.19 12.55 -7.37
N GLN H 245 -35.24 12.10 -6.56
CA GLN H 245 -34.18 11.17 -6.99
C GLN H 245 -34.37 9.86 -6.22
N THR H 246 -34.03 8.73 -6.84
CA THR H 246 -34.04 7.43 -6.14
C THR H 246 -32.92 6.55 -6.69
N LEU H 247 -32.44 5.63 -5.86
CA LEU H 247 -31.53 4.52 -6.28
C LEU H 247 -32.40 3.29 -6.53
N VAL H 248 -32.16 2.59 -7.62
CA VAL H 248 -32.69 1.22 -7.86
C VAL H 248 -31.88 0.27 -7.00
N PRO H 249 -32.54 -0.53 -6.11
CA PRO H 249 -31.82 -1.33 -5.12
C PRO H 249 -30.91 -2.34 -5.82
N ASN H 250 -29.69 -2.51 -5.30
CA ASN H 250 -28.73 -3.58 -5.69
C ASN H 250 -28.39 -3.47 -7.18
N THR H 251 -28.08 -2.27 -7.68
CA THR H 251 -27.76 -2.03 -9.12
C THR H 251 -26.52 -1.13 -9.22
N SER H 252 -25.62 -1.17 -8.24
CA SER H 252 -24.42 -0.30 -8.16
C SER H 252 -23.38 -0.58 -9.24
N LYS H 253 -23.34 -1.78 -9.79
CA LYS H 253 -22.27 -2.13 -10.75
C LYS H 253 -22.89 -2.28 -12.14
N ALA H 254 -24.12 -1.81 -12.31
CA ALA H 254 -24.88 -1.90 -13.59
C ALA H 254 -24.49 -0.76 -14.53
N ILE H 255 -24.19 0.44 -14.00
CA ILE H 255 -23.67 1.60 -14.79
C ILE H 255 -22.44 2.13 -14.07
N ARG H 256 -21.26 1.99 -14.68
CA ARG H 256 -19.94 2.21 -14.04
C ARG H 256 -19.08 3.10 -14.93
N GLY H 257 -18.26 3.93 -14.32
CA GLY H 257 -17.24 4.74 -15.01
C GLY H 257 -16.24 5.27 -14.00
N ARG H 258 -14.97 5.28 -14.35
CA ARG H 258 -13.93 5.90 -13.50
C ARG H 258 -13.04 6.80 -14.34
N VAL H 259 -12.69 7.97 -13.82
CA VAL H 259 -11.64 8.84 -14.42
C VAL H 259 -10.30 8.15 -14.16
N LYS H 260 -9.64 7.71 -15.22
CA LYS H 260 -8.37 6.96 -15.17
C LYS H 260 -7.35 7.62 -16.11
N GLU H 261 -6.11 7.11 -16.11
CA GLU H 261 -5.03 7.63 -16.98
C GLU H 261 -5.46 7.47 -18.45
N MET H 262 -6.34 6.50 -18.75
CA MET H 262 -6.87 6.26 -20.10
C MET H 262 -8.10 7.14 -20.40
N GLY H 263 -8.46 8.05 -19.50
CA GLY H 263 -9.69 8.86 -19.60
C GLY H 263 -10.82 8.23 -18.81
N LEU H 264 -12.07 8.59 -19.12
CA LEU H 264 -13.26 8.05 -18.41
C LEU H 264 -13.61 6.69 -18.99
N THR H 265 -13.54 5.63 -18.18
CA THR H 265 -14.02 4.28 -18.57
C THR H 265 -15.55 4.31 -18.53
N PHE H 266 -16.18 3.30 -19.10
CA PHE H 266 -17.64 3.24 -19.35
C PHE H 266 -18.11 1.79 -19.38
N TYR H 267 -19.09 1.47 -18.55
CA TYR H 267 -19.79 0.17 -18.55
C TYR H 267 -21.28 0.41 -18.29
N VAL H 268 -22.10 -0.05 -19.22
CA VAL H 268 -23.58 -0.17 -19.07
C VAL H 268 -23.93 -1.65 -19.25
N ASP H 269 -24.57 -2.25 -18.27
CA ASP H 269 -24.97 -3.68 -18.28
C ASP H 269 -26.12 -3.84 -19.29
N LYS H 270 -26.21 -4.99 -19.95
CA LYS H 270 -27.28 -5.31 -20.93
C LYS H 270 -28.64 -5.32 -20.23
N MET H 271 -28.67 -5.44 -18.89
CA MET H 271 -29.93 -5.58 -18.10
C MET H 271 -30.48 -4.19 -17.73
N VAL H 272 -29.79 -3.10 -18.05
CA VAL H 272 -30.17 -1.72 -17.60
C VAL H 272 -31.58 -1.39 -18.10
N PRO H 273 -31.95 -1.65 -19.37
CA PRO H 273 -33.33 -1.45 -19.83
C PRO H 273 -34.37 -2.08 -18.89
N THR H 274 -34.22 -3.36 -18.56
CA THR H 274 -35.12 -4.13 -17.66
C THR H 274 -35.12 -3.52 -16.25
N LEU H 275 -33.93 -3.21 -15.70
CA LEU H 275 -33.78 -2.63 -14.34
C LEU H 275 -34.59 -1.33 -14.24
N VAL H 276 -34.45 -0.46 -15.23
CA VAL H 276 -35.16 0.86 -15.26
C VAL H 276 -36.67 0.61 -15.40
N ALA H 277 -37.09 -0.16 -16.39
CA ALA H 277 -38.52 -0.49 -16.65
C ALA H 277 -39.12 -1.16 -15.41
N SER H 278 -38.36 -1.99 -14.71
CA SER H 278 -38.81 -2.74 -13.49
C SER H 278 -39.02 -1.78 -12.30
N ASN H 279 -38.45 -0.56 -12.33
CA ASN H 279 -38.48 0.39 -11.18
C ASN H 279 -39.30 1.65 -11.50
N ILE H 280 -39.60 1.90 -12.77
CA ILE H 280 -40.14 3.20 -13.25
C ILE H 280 -41.54 3.43 -12.65
N GLU H 281 -42.36 2.40 -12.46
CA GLU H 281 -43.76 2.60 -11.98
C GLU H 281 -43.79 3.09 -10.54
N GLN H 282 -42.87 2.62 -9.69
CA GLN H 282 -42.79 3.16 -8.31
C GLN H 282 -42.52 4.66 -8.35
N CYS H 283 -41.54 5.08 -9.16
CA CYS H 283 -41.15 6.51 -9.35
C CYS H 283 -42.37 7.33 -9.82
N LEU H 284 -43.06 6.81 -10.82
CA LEU H 284 -44.28 7.41 -11.43
C LEU H 284 -45.39 7.51 -10.38
N ASP H 285 -45.56 6.48 -9.56
CA ASP H 285 -46.61 6.40 -8.51
C ASP H 285 -46.33 7.45 -7.43
N LYS H 286 -45.10 7.54 -6.96
CA LYS H 286 -44.67 8.54 -5.95
C LYS H 286 -44.88 9.96 -6.51
N ALA H 287 -44.53 10.18 -7.77
CA ALA H 287 -44.57 11.50 -8.44
C ALA H 287 -46.03 11.96 -8.67
N PHE H 288 -46.92 11.05 -9.07
CA PHE H 288 -48.25 11.40 -9.66
C PHE H 288 -49.44 11.06 -8.74
N SER H 289 -49.28 10.21 -7.73
CA SER H 289 -50.34 9.94 -6.71
C SER H 289 -50.83 11.24 -6.10
N PRO H 290 -49.96 12.18 -5.67
CA PRO H 290 -50.44 13.46 -5.13
C PRO H 290 -51.35 14.23 -6.09
N LEU H 291 -51.22 14.01 -7.40
CA LEU H 291 -52.02 14.69 -8.45
C LEU H 291 -53.26 13.86 -8.80
N GLY H 292 -53.41 12.66 -8.21
CA GLY H 292 -54.45 11.69 -8.56
C GLY H 292 -54.35 11.24 -10.02
N ILE H 293 -53.13 11.14 -10.56
CA ILE H 293 -52.89 10.70 -11.97
C ILE H 293 -52.31 9.29 -11.96
N ASN H 294 -52.79 8.49 -12.91
CA ASN H 294 -52.82 7.01 -12.87
C ASN H 294 -52.50 6.47 -14.27
N ASP H 295 -52.99 7.18 -15.30
CA ASP H 295 -52.92 6.82 -16.74
C ASP H 295 -51.67 7.47 -17.34
N TRP H 296 -50.64 6.67 -17.62
CA TRP H 296 -49.32 7.14 -18.11
C TRP H 296 -49.42 7.61 -19.56
N ASN H 297 -50.54 7.38 -20.22
CA ASN H 297 -50.80 7.90 -21.59
C ASN H 297 -51.42 9.30 -21.51
N SER H 298 -51.80 9.78 -20.32
CA SER H 298 -52.50 11.08 -20.11
C SER H 298 -51.50 12.20 -19.81
N ILE H 299 -50.20 11.88 -19.70
CA ILE H 299 -49.11 12.87 -19.42
C ILE H 299 -48.13 12.83 -20.59
N PHE H 300 -47.44 13.95 -20.88
CA PHE H 300 -46.37 13.98 -21.90
C PHE H 300 -45.08 13.44 -21.28
N TRP H 301 -44.19 12.90 -22.12
CA TRP H 301 -43.04 12.05 -21.72
C TRP H 301 -41.72 12.62 -22.22
N ILE H 302 -40.79 12.82 -21.30
CA ILE H 302 -39.37 13.18 -21.58
C ILE H 302 -38.47 12.17 -20.86
N PRO H 303 -38.42 10.89 -21.29
CA PRO H 303 -37.50 9.92 -20.70
C PRO H 303 -36.11 10.04 -21.35
N HIS H 304 -35.06 9.98 -20.55
CA HIS H 304 -33.67 9.95 -21.06
C HIS H 304 -33.51 8.76 -21.99
N PRO H 305 -33.20 8.98 -23.28
CA PRO H 305 -33.03 7.88 -24.22
C PRO H 305 -31.62 7.29 -24.19
N GLY H 306 -31.29 6.54 -23.14
CA GLY H 306 -30.00 5.84 -22.99
C GLY H 306 -29.66 5.06 -24.25
N GLY H 307 -30.66 4.39 -24.82
CA GLY H 307 -30.59 3.73 -26.14
C GLY H 307 -32.00 3.33 -26.60
N PRO H 308 -32.14 2.68 -27.76
CA PRO H 308 -33.45 2.23 -28.22
C PRO H 308 -34.08 1.18 -27.28
N ALA H 309 -33.28 0.31 -26.65
CA ALA H 309 -33.77 -0.79 -25.78
C ALA H 309 -34.51 -0.23 -24.55
N ILE H 310 -33.96 0.83 -23.93
CA ILE H 310 -34.57 1.46 -22.71
C ILE H 310 -35.92 2.05 -23.08
N LEU H 311 -36.03 2.68 -24.26
CA LEU H 311 -37.31 3.30 -24.75
C LEU H 311 -38.32 2.19 -25.03
N ALA H 312 -37.89 1.11 -25.69
CA ALA H 312 -38.70 -0.09 -25.99
C ALA H 312 -39.27 -0.65 -24.69
N GLU H 313 -38.44 -0.82 -23.66
CA GLU H 313 -38.83 -1.47 -22.37
C GLU H 313 -39.82 -0.58 -21.61
N ILE H 314 -39.62 0.75 -21.64
CA ILE H 314 -40.54 1.70 -20.97
C ILE H 314 -41.91 1.63 -21.67
N GLU H 315 -41.92 1.73 -23.01
CA GLU H 315 -43.16 1.64 -23.83
C GLU H 315 -43.91 0.36 -23.46
N ALA H 316 -43.22 -0.78 -23.53
CA ALA H 316 -43.79 -2.12 -23.26
C ALA H 316 -44.34 -2.17 -21.84
N LYS H 317 -43.54 -1.79 -20.84
CA LYS H 317 -43.90 -1.93 -19.40
C LYS H 317 -45.11 -1.07 -19.06
N LEU H 318 -45.15 0.19 -19.52
CA LEU H 318 -46.21 1.17 -19.17
C LEU H 318 -47.32 1.16 -20.23
N GLU H 319 -47.17 0.34 -21.27
CA GLU H 319 -48.15 0.21 -22.39
C GLU H 319 -48.45 1.61 -22.95
N LEU H 320 -47.43 2.37 -23.32
CA LEU H 320 -47.57 3.74 -23.89
C LEU H 320 -47.98 3.63 -25.34
N LYS H 321 -48.86 4.53 -25.80
CA LYS H 321 -49.30 4.61 -27.21
C LYS H 321 -48.09 4.95 -28.08
N PRO H 322 -48.12 4.60 -29.39
CA PRO H 322 -46.96 4.77 -30.25
C PRO H 322 -46.34 6.17 -30.37
N GLY H 323 -47.11 7.25 -30.19
CA GLY H 323 -46.61 8.61 -30.42
C GLY H 323 -46.01 9.30 -29.19
N LYS H 324 -46.14 8.71 -27.99
CA LYS H 324 -45.77 9.38 -26.72
C LYS H 324 -44.29 9.79 -26.73
N LEU H 325 -43.42 8.95 -27.30
CA LEU H 325 -41.94 9.12 -27.23
C LEU H 325 -41.40 9.66 -28.57
N ARG H 326 -42.24 10.25 -29.42
CA ARG H 326 -41.80 10.72 -30.76
C ARG H 326 -40.75 11.83 -30.61
N ALA H 327 -40.95 12.80 -29.70
CA ALA H 327 -39.99 13.90 -29.45
C ALA H 327 -38.64 13.32 -29.01
N THR H 328 -38.67 12.37 -28.07
CA THR H 328 -37.45 11.70 -27.50
C THR H 328 -36.72 10.96 -28.63
N ARG H 329 -37.44 10.14 -29.38
CA ARG H 329 -36.90 9.36 -30.54
C ARG H 329 -36.28 10.32 -31.55
N HIS H 330 -36.94 11.44 -31.83
CA HIS H 330 -36.44 12.47 -32.78
C HIS H 330 -35.05 12.94 -32.35
N VAL H 331 -34.89 13.34 -31.07
CA VAL H 331 -33.60 13.83 -30.52
C VAL H 331 -32.58 12.70 -30.56
N LEU H 332 -32.94 11.49 -30.15
CA LEU H 332 -32.00 10.34 -30.17
C LEU H 332 -31.53 10.14 -31.62
N SER H 333 -32.43 10.26 -32.59
CA SER H 333 -32.14 9.97 -34.01
C SER H 333 -31.24 11.07 -34.59
N GLU H 334 -31.44 12.32 -34.17
CA GLU H 334 -30.88 13.52 -34.84
C GLU H 334 -29.59 13.97 -34.15
N TYR H 335 -29.35 13.60 -32.90
CA TYR H 335 -28.17 14.07 -32.11
C TYR H 335 -27.48 12.91 -31.37
N GLY H 336 -28.12 11.74 -31.28
CA GLY H 336 -27.66 10.64 -30.43
C GLY H 336 -27.89 10.93 -28.96
N ASN H 337 -27.29 10.11 -28.09
CA ASN H 337 -27.33 10.27 -26.62
C ASN H 337 -26.27 11.30 -26.21
N MET H 338 -26.70 12.47 -25.74
CA MET H 338 -25.80 13.56 -25.30
C MET H 338 -25.79 13.62 -23.77
N SER H 339 -25.91 12.46 -23.13
CA SER H 339 -25.92 12.28 -21.65
C SER H 339 -26.94 13.25 -21.03
N GLY H 340 -26.57 13.95 -19.95
CA GLY H 340 -27.47 14.82 -19.17
C GLY H 340 -28.19 15.84 -20.04
N ALA H 341 -27.55 16.32 -21.11
CA ALA H 341 -28.08 17.39 -21.99
C ALA H 341 -29.32 16.88 -22.73
N THR H 342 -29.41 15.57 -22.99
CA THR H 342 -30.40 14.99 -23.92
C THR H 342 -31.83 15.42 -23.54
N VAL H 343 -32.24 15.22 -22.29
CA VAL H 343 -33.64 15.51 -21.86
C VAL H 343 -33.94 17.00 -22.04
N LEU H 344 -32.93 17.87 -21.94
CA LEU H 344 -33.10 19.33 -22.13
C LEU H 344 -33.31 19.62 -23.64
N PHE H 345 -32.60 18.92 -24.51
CA PHE H 345 -32.85 18.98 -25.98
C PHE H 345 -34.28 18.55 -26.28
N ILE H 346 -34.75 17.51 -25.57
CA ILE H 346 -36.12 16.92 -25.77
C ILE H 346 -37.17 17.92 -25.28
N LEU H 347 -36.95 18.59 -24.15
CA LEU H 347 -37.81 19.72 -23.69
C LEU H 347 -37.95 20.73 -24.82
N ASP H 348 -36.84 21.12 -25.44
CA ASP H 348 -36.83 22.12 -26.55
C ASP H 348 -37.66 21.56 -27.71
N GLU H 349 -37.42 20.32 -28.13
CA GLU H 349 -38.22 19.67 -29.18
C GLU H 349 -39.70 19.61 -28.80
N MET H 350 -40.02 19.24 -27.56
CA MET H 350 -41.42 19.06 -27.13
C MET H 350 -42.21 20.36 -27.31
N ARG H 351 -41.64 21.48 -26.91
CA ARG H 351 -42.34 22.78 -26.96
C ARG H 351 -42.42 23.32 -28.40
N ARG H 352 -41.42 23.06 -29.22
CA ARG H 352 -41.37 23.59 -30.60
C ARG H 352 -42.31 22.76 -31.45
N ARG H 353 -42.27 21.44 -31.30
CA ARG H 353 -43.22 20.54 -32.00
C ARG H 353 -44.65 20.93 -31.62
N SER H 354 -44.88 21.21 -30.35
CA SER H 354 -46.22 21.57 -29.81
C SER H 354 -46.73 22.82 -30.54
N LYS H 355 -45.89 23.85 -30.67
CA LYS H 355 -46.27 25.11 -31.37
C LYS H 355 -46.51 24.81 -32.86
N LYS H 356 -45.63 24.04 -33.49
CA LYS H 356 -45.68 23.75 -34.95
C LYS H 356 -46.94 22.93 -35.30
N GLU H 357 -47.45 22.13 -34.36
CA GLU H 357 -48.65 21.27 -34.56
C GLU H 357 -49.91 21.93 -33.95
N GLY H 358 -49.81 23.20 -33.53
CA GLY H 358 -50.93 23.98 -32.97
C GLY H 358 -51.61 23.26 -31.82
N LYS H 359 -50.84 22.71 -30.88
CA LYS H 359 -51.36 22.06 -29.66
C LYS H 359 -51.70 23.15 -28.64
N GLY H 360 -52.60 22.86 -27.70
CA GLY H 360 -53.10 23.82 -26.71
C GLY H 360 -52.10 24.13 -25.61
N THR H 361 -51.08 23.29 -25.42
CA THR H 361 -50.03 23.46 -24.38
C THR H 361 -48.65 23.17 -24.97
N THR H 362 -47.60 23.53 -24.25
CA THR H 362 -46.17 23.30 -24.60
C THR H 362 -45.84 21.82 -24.45
N GLY H 363 -46.70 21.05 -23.79
CA GLY H 363 -46.53 19.61 -23.55
C GLY H 363 -47.48 18.77 -24.39
N ASP H 364 -47.44 18.97 -25.69
CA ASP H 364 -48.17 18.13 -26.68
C ASP H 364 -49.69 18.24 -26.44
N GLY H 365 -50.16 19.36 -25.89
CA GLY H 365 -51.59 19.59 -25.61
C GLY H 365 -52.02 19.12 -24.24
N LEU H 366 -51.16 18.35 -23.54
CA LEU H 366 -51.45 17.81 -22.20
C LEU H 366 -50.97 18.79 -21.14
N GLU H 367 -51.52 18.69 -19.93
CA GLU H 367 -51.23 19.64 -18.81
C GLU H 367 -50.00 19.16 -18.05
N TRP H 368 -49.94 17.87 -17.73
CA TRP H 368 -48.88 17.27 -16.88
C TRP H 368 -47.93 16.42 -17.72
N GLY H 369 -46.67 16.40 -17.29
CA GLY H 369 -45.59 15.65 -17.97
C GLY H 369 -44.58 15.14 -16.99
N VAL H 370 -43.87 14.10 -17.36
CA VAL H 370 -42.78 13.52 -16.55
C VAL H 370 -41.50 13.64 -17.38
N LEU H 371 -40.43 14.10 -16.74
CA LEU H 371 -39.04 14.04 -17.27
C LEU H 371 -38.26 13.10 -16.35
N MET H 372 -37.55 12.15 -16.92
CA MET H 372 -36.79 11.13 -16.14
C MET H 372 -35.37 11.03 -16.66
N GLY H 373 -34.41 11.11 -15.74
CA GLY H 373 -32.99 10.79 -15.97
C GLY H 373 -32.68 9.41 -15.43
N PHE H 374 -31.94 8.61 -16.21
CA PHE H 374 -31.42 7.28 -15.82
C PHE H 374 -29.90 7.32 -15.89
N GLY H 375 -29.21 6.99 -14.82
CA GLY H 375 -27.74 7.05 -14.79
C GLY H 375 -27.11 6.16 -13.73
N PRO H 376 -25.82 6.36 -13.44
CA PRO H 376 -25.10 5.55 -12.46
C PRO H 376 -25.83 5.54 -11.11
N GLY H 377 -25.89 4.38 -10.45
CA GLY H 377 -26.61 4.20 -9.18
C GLY H 377 -27.08 2.76 -8.95
N VAL H 378 -28.01 2.27 -9.78
CA VAL H 378 -28.63 3.02 -10.86
C VAL H 378 -29.57 4.08 -10.27
N THR H 379 -29.50 5.29 -10.80
CA THR H 379 -30.29 6.46 -10.32
C THR H 379 -31.41 6.79 -11.30
N VAL H 380 -32.61 7.03 -10.78
CA VAL H 380 -33.76 7.61 -11.53
C VAL H 380 -34.06 8.98 -10.95
N GLU H 381 -33.88 10.02 -11.76
CA GLU H 381 -34.36 11.39 -11.47
C GLU H 381 -35.75 11.53 -12.06
N THR H 382 -36.76 11.79 -11.23
CA THR H 382 -38.18 11.95 -11.66
C THR H 382 -38.60 13.40 -11.43
N ILE H 383 -38.88 14.13 -12.52
CA ILE H 383 -39.34 15.54 -12.46
C ILE H 383 -40.75 15.61 -13.03
N VAL H 384 -41.72 16.10 -12.24
CA VAL H 384 -43.10 16.38 -12.72
C VAL H 384 -43.10 17.81 -13.29
N LEU H 385 -43.42 17.92 -14.58
CA LEU H 385 -43.51 19.20 -15.30
C LEU H 385 -44.99 19.55 -15.51
N ARG H 386 -45.29 20.84 -15.45
CA ARG H 386 -46.59 21.39 -15.87
C ARG H 386 -46.36 22.20 -17.15
N ALA H 387 -47.07 21.86 -18.22
CA ALA H 387 -47.06 22.62 -19.49
C ALA H 387 -47.78 23.96 -19.30
N ILE H 388 -47.54 24.88 -20.22
CA ILE H 388 -48.14 26.23 -20.25
C ILE H 388 -49.10 26.28 -21.44
N SER H 389 -50.25 26.95 -21.28
CA SER H 389 -51.30 27.12 -22.32
C SER H 389 -50.77 28.06 -23.41
N VAL H 390 -50.74 27.57 -24.65
CA VAL H 390 -50.38 28.32 -25.89
C VAL H 390 -51.68 28.84 -26.49
N VAL H 391 -51.63 29.95 -27.23
CA VAL H 391 -52.82 30.59 -27.87
C VAL H 391 -52.48 30.90 -29.33
S SO4 I . 58.49 -8.40 -11.15
O1 SO4 I . 58.43 -9.84 -11.27
O2 SO4 I . 59.82 -7.95 -11.52
O3 SO4 I . 57.54 -7.81 -12.05
O4 SO4 I . 58.20 -8.00 -9.80
#